data_6ZGF
#
_entry.id   6ZGF
#
_cell.length_a   1.00
_cell.length_b   1.00
_cell.length_c   1.00
_cell.angle_alpha   90.00
_cell.angle_beta   90.00
_cell.angle_gamma   90.00
#
_symmetry.space_group_name_H-M   'P 1'
#
loop_
_entity.id
_entity.type
_entity.pdbx_description
1 polymer 'Spike glycoprotein'
2 branched 2-acetamido-2-deoxy-beta-D-glucopyranose-(1-4)-2-acetamido-2-deoxy-beta-D-glucopyranose
3 branched 2-acetamido-2-deoxy-beta-D-glucopyranose-(1-4)-[alpha-L-fucopyranose-(1-6)]2-acetamido-2-deoxy-beta-D-glucopyranose
4 branched beta-D-mannopyranose-(1-4)-2-acetamido-2-deoxy-beta-D-glucopyranose-(1-4)-2-acetamido-2-deoxy-beta-D-glucopyranose
5 branched alpha-L-fucopyranose-(1-6)-2-acetamido-2-deoxy-beta-D-glucopyranose
6 non-polymer 2-acetamido-2-deoxy-beta-D-glucopyranose
#
_entity_poly.entity_id   1
_entity_poly.type   'polypeptide(L)'
_entity_poly.pdbx_seq_one_letter_code
;MGILPSPGMPALLSLVSLLSVLLMGCVAETGMFVFLVLLPLVSSQCVNLTTRTQLPPAYTNSSTRGVYYPDKVFRSSVLH
LTQDLFLPFFSNVTWFHAIHVSGTNGIKRFDNPVLPFNDGVYFASTEKSNIIRGWIFGTTLDSKTQSLLIVNNATNVVIK
VCEFQFCNDPFLGVYYHKNNKSWMESEFRVYSSANNCTFEYVSQPFLMDLEGKQGNFKNLREFVFKNIDGYFKIYSKHTP
INLVRDLPPGFSALEPLVDLPIGINITRFQTLLALHRSYLTPGDSSSGWTAGAAAYYVGYLQPRTFLLKYNENGTITDAV
DCALDPLSETKCTLKSFTVEKGIYQTSNFRVQPTDSIVRFPNITNLCPFGEVFNATTFASVYAWNRKRISNCVADYSVLY
NSTSFSTFKCYGVSPTKLNDLCFTNVYADSFVITGDEVRQIAPGQTGKIADYNYKLPDDFTGCVIAWNSKHIDAKEGGNF
NYLYRLFRKANLKPFERDISTEIYQAGSKPCNGQTGLNCYYPLYRYGFYPTDGVGHQPYRVVVLSFELLNAPATVCGPKK
STNLVKNKCVNFNFNGLTGTGVLTESNKKFLPFQQFGRDIADTTDAVRDPQTLEILDITPCSFGGVSVITPGTNTSNQVA
VLYQDVNCTEVPVAIHADQLTPTWRVYSTGSNVFQTRAGCLIGAEHVNNSYECDIPIGAGICASYQTQTNSRSVASQSII
AYTMSLGAENSVAYSNNSIAIPTNFTISVTTEILPVSMTKTSVDCTMYICGDSTECSNLLLQYGSFCTQLNRALTGIAVE
QDKNTQEVFAQVKQIYKTPPIKDFGGFNFSQILPDPSKPSKRSFIEDLLFNKVTLADAGFIKQYGDCLGDIAARDLICAQ
KFNGLTVLPPLLTDEMIAQYTSALLAGTITSGWTFGAGAALQIPFAMQMAYRFNGIGVTQNVLYENQKLIANQFNSAIGK
IQDSLSSTASALGKLQDVVNQNAQALNTLVKQLSSNFGAISSVLNDILSRLDPPEAEVQIDRLITGRLQSLQTYVTQQLI
RAAEIRASANLAATKMSECVLGQSKRVDFCGKGYHLMSFPQSAPHGVVFLHVTYVPAQEKNFTTAPAICHDGKAHFPREG
VFVSNGTHWFVTQRNFYEPQIITTDNTFVSGSCDVVIGIVNNTVYDPLQPELDSFKEELDKYFKNHTSPDVDLGDISGIN
ASVVNIQKEIDRLNEVAKNLNESLIDLQELGKYEQSGRENLYFQGGGGSGYIPEAPRDGQAYVRKDGEWVLLSTFLGHHH
HHH
;
_entity_poly.pdbx_strand_id   A,B,C
#
loop_
_chem_comp.id
_chem_comp.type
_chem_comp.name
_chem_comp.formula
BMA D-saccharide, beta linking beta-D-mannopyranose 'C6 H12 O6'
FUC L-saccharide, alpha linking alpha-L-fucopyranose 'C6 H12 O5'
NAG D-saccharide, beta linking 2-acetamido-2-deoxy-beta-D-glucopyranose 'C8 H15 N O6'
#
# COMPACT_ATOMS: atom_id res chain seq x y z
N GLN A 45 11.86 -10.14 73.64
CA GLN A 45 13.03 -10.78 73.06
C GLN A 45 13.90 -9.79 72.32
N CYS A 46 13.44 -8.55 72.24
CA CYS A 46 14.18 -7.49 71.56
C CYS A 46 14.15 -6.21 72.39
N VAL A 47 15.12 -5.35 72.12
CA VAL A 47 15.34 -4.14 72.89
C VAL A 47 15.27 -2.93 71.95
N ASN A 48 15.14 -1.75 72.55
CA ASN A 48 15.13 -0.50 71.81
C ASN A 48 16.47 0.21 71.98
N LEU A 49 17.07 0.64 70.88
CA LEU A 49 18.35 1.34 70.94
C LEU A 49 18.14 2.84 71.01
N THR A 53 18.90 13.23 67.77
CA THR A 53 20.30 13.00 67.43
C THR A 53 20.45 12.76 65.93
N GLN A 54 19.34 12.42 65.28
CA GLN A 54 19.37 12.15 63.85
C GLN A 54 19.59 13.45 63.07
N LEU A 55 20.10 13.29 61.85
CA LEU A 55 20.38 14.40 60.96
C LEU A 55 19.69 14.18 59.63
N PRO A 56 19.33 15.25 58.93
CA PRO A 56 18.72 15.10 57.61
C PRO A 56 19.68 14.45 56.64
N PRO A 57 19.29 13.35 56.00
CA PRO A 57 20.22 12.64 55.12
C PRO A 57 20.57 13.47 53.89
N ALA A 58 21.79 13.28 53.41
CA ALA A 58 22.27 13.98 52.24
C ALA A 58 21.76 13.28 50.98
N TYR A 59 22.05 13.89 49.83
CA TYR A 59 21.56 13.40 48.55
C TYR A 59 22.70 13.32 47.56
N THR A 60 22.52 12.48 46.54
CA THR A 60 23.45 12.41 45.43
C THR A 60 22.67 12.03 44.18
N ASN A 61 23.39 11.68 43.13
CA ASN A 61 22.83 11.36 41.80
C ASN A 61 23.35 10.00 41.33
N SER A 62 22.47 9.14 40.87
CA SER A 62 22.89 7.91 40.23
C SER A 62 23.17 8.24 38.78
N SER A 63 24.45 8.43 38.48
CA SER A 63 24.83 9.01 37.19
C SER A 63 24.28 8.21 36.03
N THR A 64 24.77 6.99 35.83
CA THR A 64 24.22 6.13 34.80
C THR A 64 24.09 4.70 35.30
N ARG A 65 23.70 4.53 36.56
CA ARG A 65 23.60 3.22 37.19
C ARG A 65 22.16 2.77 37.23
N GLY A 66 21.98 1.48 37.49
CA GLY A 66 20.66 0.93 37.75
C GLY A 66 19.92 0.36 36.56
N VAL A 67 20.61 -0.18 35.56
CA VAL A 67 19.93 -0.77 34.42
C VAL A 67 19.86 -2.27 34.62
N TYR A 68 18.66 -2.83 34.49
CA TYR A 68 18.43 -4.26 34.63
C TYR A 68 17.86 -4.79 33.32
N TYR A 69 17.53 -6.08 33.31
CA TYR A 69 16.95 -6.71 32.14
C TYR A 69 15.43 -6.63 32.23
N PRO A 70 14.76 -5.96 31.29
CA PRO A 70 13.30 -5.77 31.46
C PRO A 70 12.50 -7.06 31.40
N ASP A 71 12.86 -7.97 30.50
CA ASP A 71 12.09 -9.21 30.32
C ASP A 71 13.05 -10.38 30.17
N LYS A 72 12.48 -11.58 30.04
CA LYS A 72 13.23 -12.81 30.05
C LYS A 72 13.59 -13.30 28.65
N VAL A 73 13.21 -12.56 27.60
CA VAL A 73 13.56 -12.97 26.25
C VAL A 73 15.06 -12.82 26.03
N PHE A 74 15.56 -13.53 25.01
CA PHE A 74 16.97 -13.55 24.67
C PHE A 74 17.17 -12.80 23.36
N ARG A 75 18.00 -11.76 23.39
CA ARG A 75 18.31 -10.97 22.21
C ARG A 75 19.82 -10.81 22.10
N SER A 76 20.34 -10.96 20.89
CA SER A 76 21.78 -10.88 20.65
C SER A 76 22.07 -9.91 19.51
N SER A 77 23.01 -9.00 19.75
CA SER A 77 23.49 -8.06 18.74
C SER A 77 22.36 -7.27 18.11
N VAL A 78 21.68 -6.47 18.93
CA VAL A 78 20.54 -5.67 18.47
C VAL A 78 20.42 -4.42 19.34
N LEU A 79 19.81 -3.40 18.77
CA LEU A 79 19.42 -2.19 19.49
C LEU A 79 17.92 -2.25 19.73
N HIS A 80 17.50 -2.13 20.99
CA HIS A 80 16.11 -2.35 21.36
C HIS A 80 15.55 -1.13 22.08
N LEU A 81 14.37 -0.71 21.66
CA LEU A 81 13.69 0.44 22.27
C LEU A 81 12.59 -0.09 23.18
N THR A 82 12.76 0.09 24.49
CA THR A 82 11.85 -0.47 25.47
C THR A 82 11.17 0.63 26.26
N GLN A 83 9.97 0.32 26.77
CA GLN A 83 9.24 1.21 27.66
C GLN A 83 8.87 0.42 28.91
N ASP A 84 9.43 0.81 30.05
CA ASP A 84 9.28 -0.01 31.25
C ASP A 84 9.65 0.85 32.46
N LEU A 85 9.70 0.23 33.63
CA LEU A 85 10.06 0.92 34.86
C LEU A 85 11.58 0.88 35.00
N PHE A 86 12.21 2.04 34.89
CA PHE A 86 13.66 2.15 34.97
C PHE A 86 14.03 3.24 35.96
N LEU A 87 15.30 3.25 36.35
CA LEU A 87 15.83 4.32 37.19
C LEU A 87 16.39 5.41 36.29
N PRO A 88 15.82 6.61 36.29
CA PRO A 88 16.31 7.65 35.39
C PRO A 88 17.73 8.06 35.70
N PHE A 89 18.45 8.45 34.66
CA PHE A 89 19.85 8.85 34.81
C PHE A 89 19.95 10.18 35.54
N PHE A 90 20.99 10.37 36.33
CA PHE A 90 21.24 11.63 37.06
C PHE A 90 20.08 11.94 37.95
N SER A 91 19.51 10.89 38.56
CA SER A 91 18.32 11.04 39.44
C SER A 91 18.72 11.09 40.91
N ASN A 92 17.87 11.68 41.75
CA ASN A 92 18.15 11.88 43.19
C ASN A 92 18.08 10.60 44.01
N VAL A 93 19.21 10.18 44.57
CA VAL A 93 19.25 9.07 45.51
C VAL A 93 19.55 9.63 46.89
N THR A 94 18.90 9.02 47.89
CA THR A 94 19.08 9.43 49.28
C THR A 94 20.21 8.62 49.88
N TRP A 95 21.17 9.30 50.51
CA TRP A 95 22.36 8.68 51.08
C TRP A 95 22.20 8.65 52.59
N PHE A 96 22.15 7.46 53.18
CA PHE A 96 21.74 7.43 54.59
C PHE A 96 22.92 7.46 55.56
N HIS A 97 23.80 6.47 55.51
CA HIS A 97 24.89 6.45 56.47
C HIS A 97 26.09 5.64 55.99
N ARG A 109 26.94 5.16 62.51
CA ARG A 109 25.58 5.51 62.90
C ARG A 109 24.58 4.64 62.14
N PHE A 110 23.50 4.24 62.82
CA PHE A 110 22.60 3.25 62.24
C PHE A 110 21.41 3.87 61.51
N ASP A 111 20.53 4.57 62.23
CA ASP A 111 19.38 5.27 61.67
C ASP A 111 18.62 4.43 60.65
N ASN A 112 17.99 3.37 61.14
CA ASN A 112 17.13 2.52 60.31
C ASN A 112 15.72 3.07 60.20
N PRO A 113 15.36 3.73 59.10
CA PRO A 113 13.98 4.16 58.92
C PRO A 113 13.17 3.18 58.08
N VAL A 114 11.85 3.26 58.14
CA VAL A 114 11.00 2.55 57.20
C VAL A 114 10.70 3.48 56.03
N LEU A 115 10.92 2.97 54.81
CA LEU A 115 10.86 3.81 53.64
C LEU A 115 9.81 3.30 52.66
N PRO A 116 9.25 4.18 51.84
CA PRO A 116 8.27 3.72 50.86
C PRO A 116 8.89 2.83 49.79
N PHE A 117 8.02 2.06 49.14
CA PHE A 117 8.39 1.11 48.09
C PHE A 117 7.47 1.40 46.91
N ASN A 118 7.88 2.33 46.05
CA ASN A 118 7.05 2.75 44.93
C ASN A 118 7.54 2.04 43.67
N ASP A 119 6.79 1.02 43.23
CA ASP A 119 6.97 0.40 41.93
C ASP A 119 8.28 -0.36 41.78
N GLY A 120 9.12 -0.30 42.79
CA GLY A 120 10.44 -0.91 42.71
C GLY A 120 11.44 -0.03 43.40
N VAL A 121 12.61 -0.60 43.67
CA VAL A 121 13.63 0.12 44.44
C VAL A 121 15.02 -0.30 43.96
N TYR A 122 15.88 0.69 43.75
CA TYR A 122 17.31 0.48 43.53
C TYR A 122 18.03 0.76 44.84
N PHE A 123 18.78 -0.24 45.32
CA PHE A 123 19.44 -0.17 46.62
C PHE A 123 20.92 -0.46 46.41
N ALA A 124 21.78 0.44 46.85
CA ALA A 124 23.21 0.27 46.65
C ALA A 124 23.95 0.43 47.97
N SER A 125 24.93 -0.42 48.19
CA SER A 125 25.67 -0.41 49.44
C SER A 125 27.16 -0.54 49.19
N THR A 126 27.93 0.26 49.91
CA THR A 126 29.39 0.16 49.92
C THR A 126 29.82 -0.18 51.34
N GLU A 127 30.67 -1.18 51.48
CA GLU A 127 30.99 -1.72 52.80
C GLU A 127 32.36 -2.36 52.78
N LYS A 128 32.88 -2.62 53.98
CA LYS A 128 34.14 -3.33 54.14
C LYS A 128 34.10 -4.47 55.16
N SER A 129 33.05 -4.55 55.98
CA SER A 129 33.03 -5.54 57.05
C SER A 129 31.68 -6.25 57.21
N ASN A 130 30.87 -6.30 56.15
CA ASN A 130 29.61 -7.04 56.16
C ASN A 130 28.67 -6.54 57.27
N ILE A 131 28.26 -5.28 57.14
CA ILE A 131 27.28 -4.74 58.08
C ILE A 131 25.86 -5.01 57.58
N ILE A 132 25.59 -4.71 56.31
CA ILE A 132 24.27 -4.94 55.75
C ILE A 132 24.03 -6.44 55.63
N ARG A 133 22.87 -6.88 56.12
CA ARG A 133 22.58 -8.31 56.19
C ARG A 133 21.40 -8.73 55.34
N GLY A 134 20.29 -8.01 55.39
CA GLY A 134 19.14 -8.39 54.62
C GLY A 134 18.03 -7.37 54.77
N TRP A 135 16.84 -7.75 54.33
CA TRP A 135 15.72 -6.82 54.27
C TRP A 135 14.42 -7.48 54.74
N ILE A 136 13.46 -6.63 55.06
CA ILE A 136 12.08 -7.04 55.32
C ILE A 136 11.16 -6.14 54.51
N PHE A 137 10.15 -6.76 53.90
CA PHE A 137 9.20 -6.06 53.04
C PHE A 137 7.79 -6.38 53.51
N GLY A 138 6.90 -5.39 53.44
CA GLY A 138 5.52 -5.65 53.84
C GLY A 138 4.66 -4.42 53.67
N THR A 139 3.52 -4.42 54.36
CA THR A 139 2.60 -3.28 54.36
C THR A 139 2.51 -2.63 55.73
N THR A 140 2.17 -3.40 56.77
CA THR A 140 2.09 -2.87 58.12
C THR A 140 3.19 -3.40 59.03
N LEU A 141 3.80 -4.53 58.70
CA LEU A 141 4.89 -5.10 59.48
C LEU A 141 4.46 -5.29 60.93
N ASP A 142 3.21 -5.70 61.14
CA ASP A 142 2.61 -5.68 62.46
C ASP A 142 1.75 -6.91 62.73
N SER A 143 2.12 -8.06 62.16
CA SER A 143 1.53 -9.36 62.46
C SER A 143 0.04 -9.45 62.11
N LYS A 144 -0.51 -8.45 61.43
CA LYS A 144 -1.86 -8.55 60.90
C LYS A 144 -1.89 -8.85 59.42
N THR A 145 -0.74 -8.80 58.75
CA THR A 145 -0.62 -9.13 57.35
C THR A 145 0.63 -9.97 57.17
N GLN A 146 0.85 -10.45 55.95
CA GLN A 146 2.02 -11.24 55.65
C GLN A 146 3.19 -10.34 55.25
N SER A 147 4.40 -10.79 55.59
CA SER A 147 5.62 -10.04 55.34
C SER A 147 6.67 -10.98 54.77
N LEU A 148 7.59 -10.42 54.00
CA LEU A 148 8.69 -11.18 53.41
C LEU A 148 9.98 -10.82 54.13
N LEU A 149 10.75 -11.82 54.51
CA LEU A 149 12.00 -11.62 55.24
C LEU A 149 13.13 -12.33 54.51
N ILE A 150 14.20 -11.59 54.20
CA ILE A 150 15.38 -12.14 53.54
C ILE A 150 16.58 -11.84 54.42
N VAL A 151 17.24 -12.90 54.91
CA VAL A 151 18.34 -12.78 55.85
C VAL A 151 19.50 -13.65 55.36
N ASN A 152 20.71 -13.25 55.76
CA ASN A 152 21.95 -13.96 55.40
C ASN A 152 22.77 -14.10 56.68
N ASN A 153 22.70 -15.25 57.33
CA ASN A 153 23.20 -15.39 58.71
C ASN A 153 24.61 -15.95 58.65
N ALA A 154 25.40 -15.45 57.70
CA ALA A 154 26.80 -15.78 57.48
C ALA A 154 27.02 -17.17 56.90
N THR A 155 25.96 -17.95 56.73
CA THR A 155 26.16 -19.30 56.13
C THR A 155 25.16 -19.49 54.98
N ASN A 156 23.90 -19.14 55.21
CA ASN A 156 22.83 -19.49 54.28
C ASN A 156 22.06 -18.23 53.89
N VAL A 157 21.07 -18.42 53.03
CA VAL A 157 20.13 -17.38 52.65
C VAL A 157 18.75 -17.88 53.06
N VAL A 158 18.12 -17.20 54.01
CA VAL A 158 16.81 -17.57 54.52
C VAL A 158 15.78 -16.60 53.93
N ILE A 159 14.75 -17.16 53.30
CA ILE A 159 13.66 -16.38 52.72
C ILE A 159 12.37 -16.94 53.29
N LYS A 160 11.57 -16.09 53.93
CA LYS A 160 10.35 -16.56 54.57
C LYS A 160 9.21 -15.60 54.31
N VAL A 161 8.10 -16.13 53.81
CA VAL A 161 6.84 -15.41 53.73
C VAL A 161 5.94 -16.02 54.79
N CYS A 162 5.64 -15.23 55.82
CA CYS A 162 5.00 -15.67 57.05
C CYS A 162 4.21 -14.49 57.60
N GLU A 163 3.87 -14.55 58.89
CA GLU A 163 3.20 -13.44 59.57
C GLU A 163 4.00 -13.11 60.83
N PHE A 164 5.00 -12.25 60.67
CA PHE A 164 5.87 -11.90 61.78
C PHE A 164 5.34 -10.72 62.55
N GLN A 165 5.66 -10.68 63.85
CA GLN A 165 5.44 -9.51 64.68
C GLN A 165 6.82 -8.87 64.88
N PHE A 166 7.15 -7.93 64.00
CA PHE A 166 8.50 -7.39 63.97
C PHE A 166 8.75 -6.44 65.13
N CYS A 167 9.99 -6.46 65.62
CA CYS A 167 10.42 -5.50 66.61
C CYS A 167 10.62 -4.13 65.98
N ASN A 168 10.64 -3.10 66.81
CA ASN A 168 10.67 -1.73 66.30
C ASN A 168 11.97 -1.45 65.55
N ASP A 169 13.10 -1.97 66.04
CA ASP A 169 14.40 -1.76 65.42
C ASP A 169 15.10 -3.10 65.27
N PRO A 170 14.81 -3.83 64.20
CA PRO A 170 15.45 -5.14 64.00
C PRO A 170 16.94 -5.02 63.77
N PHE A 171 17.67 -6.05 64.20
CA PHE A 171 19.09 -6.15 63.95
C PHE A 171 19.57 -7.54 64.35
N LEU A 172 20.52 -8.07 63.58
CA LEU A 172 21.19 -9.30 63.96
C LEU A 172 22.28 -8.97 64.97
N GLY A 173 23.06 -9.95 65.39
CA GLY A 173 24.07 -9.69 66.40
C GLY A 173 25.41 -10.35 66.15
N VAL A 174 26.48 -9.58 66.30
CA VAL A 174 27.85 -10.08 66.21
C VAL A 174 28.65 -9.48 67.36
N TYR A 175 29.44 -10.31 68.02
CA TYR A 175 30.29 -9.84 69.11
C TYR A 175 31.71 -10.37 68.95
N TRP A 183 33.43 -14.53 69.44
CA TRP A 183 33.02 -13.91 68.20
C TRP A 183 32.22 -14.86 67.32
N MET A 184 31.42 -15.72 67.95
CA MET A 184 30.67 -16.71 67.17
C MET A 184 29.40 -16.11 66.59
N GLU A 185 28.45 -15.73 67.45
CA GLU A 185 27.15 -15.20 67.03
C GLU A 185 26.36 -14.86 68.29
N SER A 186 25.35 -14.01 68.11
CA SER A 186 24.43 -13.65 69.19
C SER A 186 23.30 -12.80 68.62
N GLU A 187 22.31 -12.52 69.47
CA GLU A 187 21.37 -11.41 69.30
C GLU A 187 20.61 -11.49 67.97
N PHE A 188 19.77 -12.51 67.86
CA PHE A 188 18.84 -12.63 66.73
CA PHE A 188 18.84 -12.64 66.74
C PHE A 188 17.52 -11.97 67.11
N ARG A 189 17.61 -10.64 67.25
CA ARG A 189 16.48 -9.82 67.78
C ARG A 189 15.72 -9.20 66.59
N VAL A 190 15.20 -10.03 65.69
CA VAL A 190 14.47 -9.52 64.54
C VAL A 190 12.98 -9.42 64.85
N TYR A 191 12.35 -10.56 65.14
CA TYR A 191 10.93 -10.61 65.41
C TYR A 191 10.66 -11.24 66.77
N SER A 192 9.38 -11.44 67.06
CA SER A 192 8.94 -12.10 68.28
C SER A 192 8.26 -13.44 68.04
N SER A 193 7.43 -13.55 67.00
CA SER A 193 6.74 -14.79 66.71
C SER A 193 6.29 -14.79 65.25
N ALA A 194 6.26 -15.99 64.67
CA ALA A 194 5.79 -16.20 63.31
C ALA A 194 4.74 -17.30 63.31
N ASN A 195 3.66 -17.11 62.54
CA ASN A 195 2.49 -17.95 62.69
C ASN A 195 2.18 -18.83 61.47
N ASN A 196 2.08 -18.25 60.27
CA ASN A 196 1.40 -18.99 59.17
C ASN A 196 2.35 -19.49 58.08
N CYS A 197 3.36 -18.76 57.73
CA CYS A 197 4.53 -19.23 56.98
C CYS A 197 4.13 -20.04 55.74
N THR A 198 3.54 -19.32 54.79
CA THR A 198 3.18 -19.95 53.52
C THR A 198 4.38 -20.26 52.64
N PHE A 199 5.51 -19.55 52.80
CA PHE A 199 6.63 -19.79 51.89
C PHE A 199 7.93 -19.86 52.66
N GLU A 200 8.77 -20.82 52.29
CA GLU A 200 10.04 -21.06 52.97
C GLU A 200 11.10 -21.44 51.94
N TYR A 201 12.29 -20.86 52.07
CA TYR A 201 13.34 -21.05 51.09
C TYR A 201 14.68 -20.91 51.80
N VAL A 202 15.54 -21.93 51.66
CA VAL A 202 16.87 -21.90 52.26
C VAL A 202 17.89 -22.20 51.17
N SER A 203 19.15 -21.90 51.46
CA SER A 203 20.26 -22.25 50.58
C SER A 203 21.52 -22.34 51.43
N GLN A 204 21.92 -23.57 51.77
CA GLN A 204 23.13 -23.78 52.54
C GLN A 204 24.33 -23.92 51.60
N PHE A 217 36.76 1.19 51.68
CA PHE A 217 35.67 0.43 51.08
C PHE A 217 36.16 -0.31 49.85
N LYS A 218 35.87 -1.61 49.79
CA LYS A 218 36.38 -2.46 48.71
C LYS A 218 35.29 -3.12 47.88
N ASN A 219 34.04 -3.11 48.32
CA ASN A 219 32.97 -3.79 47.61
C ASN A 219 31.78 -2.86 47.41
N LEU A 220 31.20 -2.94 46.21
CA LEU A 220 29.96 -2.24 45.88
C LEU A 220 28.94 -3.27 45.47
N ARG A 221 27.79 -3.25 46.17
CA ARG A 221 26.69 -4.23 45.90
C ARG A 221 25.43 -3.45 45.48
N GLU A 222 24.86 -3.79 44.33
CA GLU A 222 23.69 -3.11 43.79
C GLU A 222 22.57 -4.11 43.61
N PHE A 223 21.35 -3.70 43.97
CA PHE A 223 20.17 -4.55 43.85
C PHE A 223 19.02 -3.73 43.30
N VAL A 224 18.17 -4.40 42.52
CA VAL A 224 16.89 -3.84 42.10
C VAL A 224 15.80 -4.81 42.49
N PHE A 225 14.80 -4.31 43.22
CA PHE A 225 13.66 -5.09 43.66
C PHE A 225 12.42 -4.65 42.91
N LYS A 226 11.66 -5.61 42.39
CA LYS A 226 10.35 -5.36 41.80
C LYS A 226 9.40 -6.45 42.26
N ASN A 227 8.10 -6.19 42.18
CA ASN A 227 7.13 -7.28 42.30
C ASN A 227 5.93 -6.98 41.44
N ILE A 228 5.61 -7.93 40.55
CA ILE A 228 4.51 -7.79 39.61
C ILE A 228 3.90 -9.16 39.36
N ASP A 229 2.57 -9.19 39.24
CA ASP A 229 1.82 -10.41 38.95
C ASP A 229 2.20 -11.54 39.91
N GLY A 230 2.37 -11.19 41.17
CA GLY A 230 2.65 -12.19 42.18
C GLY A 230 4.07 -12.71 42.21
N TYR A 231 4.98 -12.15 41.42
CA TYR A 231 6.38 -12.55 41.43
C TYR A 231 7.21 -11.41 42.01
N PHE A 232 8.09 -11.74 42.94
CA PHE A 232 9.06 -10.82 43.49
C PHE A 232 10.40 -11.09 42.81
N LYS A 233 10.89 -10.12 42.04
CA LYS A 233 12.07 -10.29 41.22
C LYS A 233 13.21 -9.46 41.79
N ILE A 234 14.36 -10.10 41.96
CA ILE A 234 15.56 -9.44 42.47
C ILE A 234 16.66 -9.57 41.44
N TYR A 235 17.22 -8.43 41.05
CA TYR A 235 18.40 -8.35 40.18
C TYR A 235 19.56 -7.78 40.99
N SER A 236 20.78 -8.21 40.69
CA SER A 236 21.90 -7.80 41.52
C SER A 236 23.18 -7.73 40.72
N LYS A 237 24.15 -6.98 41.26
CA LYS A 237 25.50 -6.93 40.74
C LYS A 237 26.47 -6.64 41.87
N HIS A 238 27.71 -7.08 41.70
CA HIS A 238 28.73 -7.03 42.74
C HIS A 238 30.07 -6.67 42.10
N THR A 239 30.58 -5.48 42.39
CA THR A 239 31.81 -5.02 41.75
C THR A 239 32.80 -4.53 42.79
N PRO A 240 34.10 -4.67 42.54
CA PRO A 240 35.10 -4.11 43.46
C PRO A 240 35.41 -2.67 43.15
N ILE A 241 35.52 -1.85 44.20
CA ILE A 241 35.78 -0.43 44.08
C ILE A 241 36.86 -0.05 45.08
N ASN A 242 37.45 1.13 44.86
CA ASN A 242 38.50 1.61 45.75
C ASN A 242 38.21 3.03 46.24
N LEU A 243 37.52 3.83 45.42
CA LEU A 243 37.10 5.15 45.87
C LEU A 243 36.16 5.00 47.06
N VAL A 244 36.39 5.80 48.10
CA VAL A 244 35.83 5.45 49.41
C VAL A 244 34.46 6.06 49.66
N ARG A 245 34.38 7.38 49.81
CA ARG A 245 33.20 8.00 50.40
C ARG A 245 32.28 8.63 49.35
N ASP A 246 31.76 7.80 48.44
CA ASP A 246 30.64 8.18 47.58
C ASP A 246 30.29 7.02 46.67
N LEU A 247 29.10 7.10 46.09
CA LEU A 247 28.69 6.18 45.03
C LEU A 247 29.44 6.55 43.76
N PRO A 248 30.27 5.67 43.21
CA PRO A 248 31.08 6.06 42.07
C PRO A 248 30.22 6.30 40.85
N PRO A 249 30.61 7.24 39.98
CA PRO A 249 29.98 7.32 38.66
C PRO A 249 30.43 6.18 37.76
N GLY A 250 29.56 5.82 36.83
CA GLY A 250 29.88 4.72 35.92
C GLY A 250 28.62 4.19 35.27
N PHE A 251 28.69 2.94 34.84
CA PHE A 251 27.58 2.26 34.18
C PHE A 251 27.53 0.82 34.67
N SER A 252 26.33 0.36 35.02
CA SER A 252 26.16 -0.99 35.53
C SER A 252 24.88 -1.61 34.95
N ALA A 253 24.98 -2.89 34.58
CA ALA A 253 23.84 -3.67 34.10
C ALA A 253 23.71 -4.89 35.01
N LEU A 254 22.60 -4.97 35.74
CA LEU A 254 22.43 -5.97 36.77
C LEU A 254 21.79 -7.23 36.18
N GLU A 255 22.38 -8.39 36.48
CA GLU A 255 21.90 -9.67 36.01
C GLU A 255 20.78 -10.19 36.92
N PRO A 256 19.83 -10.96 36.38
CA PRO A 256 18.77 -11.51 37.22
C PRO A 256 19.34 -12.42 38.30
N LEU A 257 18.76 -12.33 39.50
CA LEU A 257 19.20 -13.14 40.61
C LEU A 257 18.14 -14.15 41.05
N VAL A 258 16.95 -13.69 41.43
CA VAL A 258 15.88 -14.61 41.84
C VAL A 258 14.52 -14.09 41.36
N ASP A 259 13.55 -14.99 41.37
CA ASP A 259 12.17 -14.70 40.98
C ASP A 259 11.28 -15.60 41.82
N LEU A 260 10.78 -15.07 42.94
CA LEU A 260 10.04 -15.86 43.93
C LEU A 260 8.55 -15.67 43.77
N PRO A 261 7.75 -16.74 43.71
CA PRO A 261 6.28 -16.59 43.66
C PRO A 261 5.64 -16.46 45.04
N ILE A 262 5.75 -15.28 45.63
CA ILE A 262 5.27 -15.06 47.00
C ILE A 262 3.84 -14.56 47.02
N GLY A 263 3.46 -13.70 46.08
CA GLY A 263 2.08 -13.24 45.96
C GLY A 263 1.54 -12.41 47.11
N ILE A 264 2.32 -11.45 47.61
CA ILE A 264 1.83 -10.57 48.67
C ILE A 264 1.82 -9.13 48.19
N ASN A 265 1.26 -8.26 49.05
CA ASN A 265 1.20 -6.81 48.76
C ASN A 265 2.35 -6.16 49.55
N ILE A 266 3.12 -5.29 48.90
CA ILE A 266 4.28 -4.64 49.52
C ILE A 266 4.15 -3.14 49.35
N THR A 267 4.34 -2.39 50.44
CA THR A 267 4.34 -0.94 50.40
C THR A 267 5.50 -0.30 51.14
N ARG A 268 6.13 -0.99 52.09
CA ARG A 268 7.23 -0.44 52.86
C ARG A 268 8.28 -1.52 53.05
N PHE A 269 9.50 -1.10 53.35
CA PHE A 269 10.58 -2.04 53.57
C PHE A 269 11.61 -1.42 54.51
N GLN A 270 12.51 -2.27 55.00
CA GLN A 270 13.50 -1.87 55.99
C GLN A 270 14.68 -2.82 55.92
N THR A 271 15.84 -2.35 56.34
CA THR A 271 17.07 -3.11 56.26
C THR A 271 17.55 -3.53 57.64
N LEU A 272 18.26 -4.66 57.70
CA LEU A 272 18.75 -5.23 58.93
C LEU A 272 20.26 -5.04 59.02
N LEU A 273 20.73 -4.51 60.13
CA LEU A 273 22.15 -4.26 60.35
C LEU A 273 22.70 -5.25 61.37
N ALA A 274 23.96 -5.64 61.18
CA ALA A 274 24.64 -6.58 62.06
C ALA A 274 25.57 -5.81 62.98
N LEU A 275 25.18 -5.67 64.24
CA LEU A 275 25.91 -4.81 65.16
C LEU A 275 27.17 -5.49 65.69
N HIS A 276 28.05 -4.68 66.28
CA HIS A 276 29.31 -5.14 66.86
C HIS A 276 29.39 -4.63 68.30
N ARG A 277 29.04 -5.49 69.24
CA ARG A 277 29.21 -5.17 70.67
C ARG A 277 29.09 -6.43 71.51
N ALA A 293 31.66 0.70 59.79
CA ALA A 293 30.59 1.54 59.28
C ALA A 293 30.42 1.34 57.77
N ALA A 294 29.20 1.51 57.29
CA ALA A 294 28.90 1.34 55.88
C ALA A 294 27.70 2.22 55.53
N ALA A 295 27.49 2.41 54.23
CA ALA A 295 26.50 3.34 53.73
C ALA A 295 25.57 2.65 52.74
N TYR A 296 24.36 3.17 52.62
CA TYR A 296 23.48 2.73 51.54
C TYR A 296 22.75 3.93 50.94
N TYR A 297 22.49 3.80 49.64
CA TYR A 297 21.82 4.80 48.82
C TYR A 297 20.56 4.17 48.27
N VAL A 298 19.46 4.90 48.34
CA VAL A 298 18.14 4.41 47.94
C VAL A 298 17.60 5.31 46.84
N GLY A 299 17.14 4.69 45.75
CA GLY A 299 16.48 5.43 44.69
C GLY A 299 15.29 4.63 44.19
N TYR A 300 14.36 5.33 43.54
CA TYR A 300 13.10 4.72 43.13
C TYR A 300 12.96 4.67 41.62
N LEU A 301 12.26 3.66 41.15
CA LEU A 301 12.03 3.43 39.73
C LEU A 301 10.81 4.21 39.25
N GLN A 302 10.86 4.62 37.99
CA GLN A 302 9.79 5.39 37.37
C GLN A 302 9.65 4.95 35.92
N PRO A 303 8.47 5.13 35.32
CA PRO A 303 8.24 4.67 33.95
C PRO A 303 8.98 5.53 32.94
N ARG A 304 9.79 4.90 32.10
CA ARG A 304 10.64 5.59 31.14
C ARG A 304 10.81 4.74 29.89
N THR A 305 11.20 5.40 28.81
CA THR A 305 11.59 4.75 27.57
C THR A 305 13.11 4.79 27.45
N PHE A 306 13.71 3.63 27.24
CA PHE A 306 15.15 3.48 27.13
C PHE A 306 15.52 2.89 25.78
N LEU A 307 16.74 3.18 25.34
CA LEU A 307 17.34 2.52 24.18
C LEU A 307 18.50 1.67 24.68
N LEU A 308 18.46 0.37 24.40
CA LEU A 308 19.43 -0.57 24.96
C LEU A 308 20.24 -1.20 23.84
N LYS A 309 21.49 -1.52 24.16
CA LYS A 309 22.40 -2.19 23.23
C LYS A 309 22.77 -3.54 23.80
N TYR A 310 22.61 -4.59 22.99
CA TYR A 310 22.84 -5.96 23.43
C TYR A 310 24.12 -6.51 22.81
N ASN A 311 24.96 -7.09 23.64
CA ASN A 311 26.22 -7.68 23.22
C ASN A 311 25.97 -9.01 22.51
N GLU A 312 27.06 -9.65 22.08
CA GLU A 312 26.94 -10.99 21.52
C GLU A 312 26.46 -11.99 22.57
N ASN A 313 26.98 -11.89 23.79
CA ASN A 313 26.56 -12.73 24.89
C ASN A 313 25.26 -12.28 25.54
N GLY A 314 24.52 -11.39 24.88
CA GLY A 314 23.27 -10.83 25.41
C GLY A 314 23.48 -10.17 26.76
N THR A 315 24.59 -9.45 26.89
CA THR A 315 24.86 -8.63 28.06
C THR A 315 24.70 -7.17 27.65
N ILE A 316 23.83 -6.44 28.35
CA ILE A 316 23.59 -5.05 27.98
C ILE A 316 24.86 -4.25 28.21
N THR A 317 25.35 -3.63 27.14
CA THR A 317 26.62 -2.90 27.17
C THR A 317 26.43 -1.39 27.22
N ASP A 318 25.34 -0.87 26.65
CA ASP A 318 25.09 0.57 26.68
C ASP A 318 23.59 0.83 26.72
N ALA A 319 23.24 2.02 27.20
CA ALA A 319 21.85 2.41 27.31
C ALA A 319 21.75 3.93 27.23
N VAL A 320 20.62 4.39 26.71
CA VAL A 320 20.33 5.81 26.54
C VAL A 320 18.96 6.09 27.16
N ASP A 321 18.93 7.05 28.08
CA ASP A 321 17.68 7.53 28.67
C ASP A 321 17.14 8.65 27.79
N CYS A 322 15.98 8.43 27.21
CA CYS A 322 15.51 9.26 26.11
C CYS A 322 14.72 10.48 26.56
N ALA A 323 14.67 10.75 27.85
CA ALA A 323 13.99 11.94 28.37
C ALA A 323 14.94 12.84 29.15
N LEU A 324 16.24 12.75 28.89
CA LEU A 324 17.23 13.49 29.67
C LEU A 324 17.50 14.87 29.08
N ASP A 325 17.95 14.92 27.83
CA ASP A 325 18.28 16.18 27.17
C ASP A 325 17.99 16.04 25.69
N PRO A 326 18.10 17.11 24.88
CA PRO A 326 17.81 16.96 23.45
C PRO A 326 18.70 15.99 22.71
N LEU A 327 19.98 15.87 23.08
CA LEU A 327 20.85 14.92 22.41
C LEU A 327 20.37 13.49 22.61
N SER A 328 19.90 13.17 23.82
CA SER A 328 19.37 11.84 24.07
C SER A 328 18.11 11.60 23.26
N GLU A 329 17.26 12.60 23.14
CA GLU A 329 16.03 12.45 22.37
C GLU A 329 16.32 12.24 20.89
N THR A 330 17.32 12.93 20.34
CA THR A 330 17.64 12.70 18.94
C THR A 330 18.39 11.39 18.72
N LYS A 331 19.16 10.91 19.70
CA LYS A 331 19.67 9.55 19.61
C LYS A 331 18.55 8.53 19.60
N CYS A 332 17.53 8.75 20.43
CA CYS A 332 16.39 7.85 20.48
C CYS A 332 15.60 7.85 19.18
N THR A 333 15.41 9.04 18.59
CA THR A 333 14.60 9.12 17.38
C THR A 333 15.23 8.36 16.23
N LEU A 334 16.54 8.45 16.08
CA LEU A 334 17.23 7.78 14.98
C LEU A 334 17.57 6.33 15.29
N LYS A 335 17.42 5.90 16.54
CA LYS A 335 17.83 4.57 16.99
C LYS A 335 19.30 4.32 16.68
N SER A 336 20.15 5.17 17.26
CA SER A 336 21.59 5.04 17.09
C SER A 336 22.27 5.74 18.26
N PHE A 337 23.54 5.39 18.46
CA PHE A 337 24.36 5.99 19.51
C PHE A 337 25.28 7.08 18.99
N THR A 338 25.24 7.37 17.69
CA THR A 338 26.06 8.41 17.09
C THR A 338 25.24 9.21 16.11
N VAL A 339 25.57 10.49 15.95
CA VAL A 339 24.90 11.39 15.02
C VAL A 339 25.94 12.28 14.36
N GLU A 340 25.75 12.55 13.07
CA GLU A 340 26.59 13.48 12.33
C GLU A 340 25.92 14.85 12.28
N LYS A 341 26.55 15.79 11.58
CA LYS A 341 26.01 17.14 11.50
C LYS A 341 24.65 17.15 10.79
N GLY A 342 23.73 17.96 11.30
CA GLY A 342 22.41 18.01 10.72
C GLY A 342 21.47 18.84 11.58
N ILE A 343 20.19 18.74 11.25
CA ILE A 343 19.15 19.54 11.88
C ILE A 343 18.19 18.68 12.70
N TYR A 344 17.81 17.50 12.19
CA TYR A 344 17.24 16.43 13.02
C TYR A 344 15.97 16.86 13.77
N GLN A 345 14.87 16.92 12.99
CA GLN A 345 13.54 17.17 13.60
C GLN A 345 13.29 15.95 14.49
N THR A 346 12.90 16.18 15.74
CA THR A 346 12.80 15.10 16.73
C THR A 346 11.35 14.85 17.13
N SER A 347 11.16 13.75 17.86
CA SER A 347 9.87 13.33 18.39
C SER A 347 9.76 13.74 19.87
N ASN A 348 8.69 13.28 20.51
CA ASN A 348 8.39 13.67 21.89
C ASN A 348 8.62 12.50 22.83
N PHE A 349 9.65 12.60 23.67
CA PHE A 349 9.90 11.64 24.74
C PHE A 349 10.04 12.31 26.10
N ARG A 350 9.70 13.60 26.21
CA ARG A 350 10.15 14.39 27.35
C ARG A 350 9.08 14.64 28.41
N VAL A 351 7.80 14.40 28.11
CA VAL A 351 6.71 14.70 29.04
C VAL A 351 5.91 13.43 29.28
N GLN A 352 5.70 13.09 30.55
CA GLN A 352 4.88 11.95 30.93
C GLN A 352 3.72 12.42 31.81
N PRO A 353 2.48 12.05 31.51
CA PRO A 353 1.37 12.40 32.39
C PRO A 353 1.56 11.80 33.77
N THR A 354 1.15 12.54 34.80
CA THR A 354 1.39 12.16 36.17
C THR A 354 0.11 11.83 36.93
N ASP A 355 -0.84 12.76 36.99
CA ASP A 355 -2.04 12.59 37.80
C ASP A 355 -3.18 12.03 36.98
N SER A 356 -4.21 11.57 37.68
CA SER A 356 -5.42 11.06 37.06
C SER A 356 -6.63 11.54 37.86
N ILE A 357 -7.50 12.28 37.20
CA ILE A 357 -8.66 12.88 37.88
C ILE A 357 -9.93 12.23 37.37
N VAL A 358 -10.93 12.18 38.24
CA VAL A 358 -12.23 11.60 37.94
C VAL A 358 -13.30 12.62 38.31
N ARG A 359 -14.29 12.81 37.43
CA ARG A 359 -15.39 13.71 37.70
C ARG A 359 -16.71 13.04 37.33
N PHE A 360 -17.53 12.77 38.33
CA PHE A 360 -18.84 12.14 38.19
C PHE A 360 -19.91 13.02 38.80
N PRO A 361 -21.15 12.95 38.34
CA PRO A 361 -22.20 13.81 38.88
C PRO A 361 -22.63 13.36 40.27
N ASN A 362 -23.38 14.19 40.98
CA ASN A 362 -23.67 13.89 42.40
C ASN A 362 -24.93 13.02 42.52
N ILE A 363 -24.82 11.71 42.36
CA ILE A 363 -25.84 10.69 42.54
C ILE A 363 -25.50 9.90 43.78
N THR A 364 -26.48 9.71 44.66
CA THR A 364 -26.22 9.08 45.95
C THR A 364 -27.01 7.79 46.17
N ASN A 365 -28.31 7.78 45.89
CA ASN A 365 -29.11 6.61 46.16
C ASN A 365 -28.71 5.45 45.26
N LEU A 366 -28.71 4.25 45.81
CA LEU A 366 -28.30 3.08 45.06
C LEU A 366 -29.47 2.55 44.21
N CYS A 367 -29.13 1.66 43.30
CA CYS A 367 -30.11 1.16 42.35
C CYS A 367 -31.01 0.11 43.02
N PRO A 368 -32.24 -0.04 42.55
CA PRO A 368 -33.15 -1.03 43.15
C PRO A 368 -32.87 -2.45 42.66
N PHE A 369 -31.67 -2.94 42.94
CA PHE A 369 -31.32 -4.33 42.69
C PHE A 369 -31.73 -5.11 43.93
N GLY A 370 -32.92 -5.69 43.87
CA GLY A 370 -33.51 -6.33 45.03
C GLY A 370 -35.01 -6.15 45.01
N GLU A 371 -35.48 -5.15 44.26
CA GLU A 371 -36.89 -5.06 43.90
C GLU A 371 -37.15 -5.51 42.48
N VAL A 372 -36.11 -5.61 41.66
CA VAL A 372 -36.17 -6.24 40.35
C VAL A 372 -35.37 -7.53 40.31
N PHE A 373 -35.03 -8.08 41.48
CA PHE A 373 -34.21 -9.28 41.52
C PHE A 373 -34.76 -10.36 42.44
N ASN A 374 -35.66 -10.02 43.37
CA ASN A 374 -36.37 -11.07 44.10
C ASN A 374 -37.86 -11.03 43.82
N ALA A 375 -38.52 -9.89 44.01
CA ALA A 375 -39.72 -9.56 43.25
C ALA A 375 -40.71 -10.72 43.11
N THR A 376 -41.37 -11.09 44.21
CA THR A 376 -42.00 -12.39 44.40
C THR A 376 -42.53 -13.07 43.13
N THR A 377 -43.23 -12.34 42.27
CA THR A 377 -43.72 -12.91 41.02
C THR A 377 -43.08 -12.21 39.83
N PHE A 378 -42.54 -12.99 38.90
CA PHE A 378 -41.98 -12.49 37.66
C PHE A 378 -43.06 -12.51 36.58
N ALA A 379 -42.68 -12.33 35.33
CA ALA A 379 -43.62 -12.24 34.22
C ALA A 379 -43.42 -13.41 33.27
N SER A 380 -44.50 -13.75 32.57
CA SER A 380 -44.44 -14.80 31.56
C SER A 380 -43.56 -14.36 30.40
N VAL A 381 -42.94 -15.34 29.73
CA VAL A 381 -41.99 -15.00 28.68
C VAL A 381 -42.68 -14.35 27.49
N TYR A 382 -43.90 -14.79 27.17
CA TYR A 382 -44.59 -14.24 26.01
C TYR A 382 -45.14 -12.84 26.27
N ALA A 383 -45.20 -12.42 27.52
CA ALA A 383 -45.65 -11.08 27.91
C ALA A 383 -44.64 -10.44 28.85
N TRP A 384 -43.37 -10.50 28.46
CA TRP A 384 -42.26 -10.10 29.31
C TRP A 384 -42.40 -8.67 29.79
N ASN A 385 -41.68 -8.33 30.84
CA ASN A 385 -41.86 -7.05 31.51
C ASN A 385 -40.67 -6.14 31.25
N ARG A 386 -40.93 -4.89 30.89
CA ARG A 386 -39.89 -3.90 30.61
C ARG A 386 -40.03 -2.73 31.57
N LYS A 387 -38.92 -2.32 32.16
CA LYS A 387 -38.93 -1.26 33.17
C LYS A 387 -37.72 -0.36 32.98
N ARG A 388 -37.92 0.94 33.17
CA ARG A 388 -36.85 1.92 33.04
C ARG A 388 -36.13 2.13 34.36
N ILE A 389 -34.84 2.41 34.30
CA ILE A 389 -34.00 2.62 35.48
C ILE A 389 -33.31 3.98 35.33
N SER A 390 -33.44 4.83 36.34
CA SER A 390 -32.85 6.16 36.28
C SER A 390 -32.45 6.63 37.67
N ASN A 391 -31.49 7.56 37.70
CA ASN A 391 -30.97 8.14 38.95
C ASN A 391 -30.43 7.07 39.88
N CYS A 392 -29.37 6.41 39.44
CA CYS A 392 -28.84 5.25 40.15
C CYS A 392 -27.33 5.35 40.29
N VAL A 393 -26.82 4.77 41.37
CA VAL A 393 -25.44 4.34 41.46
C VAL A 393 -25.48 2.83 41.31
N ALA A 394 -25.23 2.36 40.09
CA ALA A 394 -25.39 0.95 39.76
C ALA A 394 -24.27 0.13 40.37
N ASP A 395 -24.47 -0.32 41.60
CA ASP A 395 -23.52 -1.17 42.30
C ASP A 395 -23.95 -2.62 42.19
N TYR A 396 -23.13 -3.44 41.54
CA TYR A 396 -23.42 -4.85 41.44
C TYR A 396 -22.94 -5.64 42.64
N SER A 397 -22.20 -5.01 43.55
CA SER A 397 -21.59 -5.72 44.67
C SER A 397 -22.53 -5.94 45.84
N VAL A 398 -23.76 -5.46 45.77
CA VAL A 398 -24.71 -5.64 46.86
C VAL A 398 -25.52 -6.90 46.61
N LEU A 399 -25.13 -7.67 45.59
CA LEU A 399 -25.81 -8.91 45.24
C LEU A 399 -24.92 -10.13 45.41
N TYR A 400 -23.75 -9.98 46.02
CA TYR A 400 -22.84 -11.11 46.13
C TYR A 400 -23.36 -12.17 47.09
N ASN A 401 -24.05 -11.76 48.14
CA ASN A 401 -24.47 -12.66 49.25
C ASN A 401 -25.93 -13.05 49.08
N SER A 402 -26.56 -12.75 47.96
CA SER A 402 -27.94 -13.14 47.75
C SER A 402 -28.11 -14.11 46.59
N THR A 403 -27.66 -13.74 45.40
CA THR A 403 -27.87 -14.56 44.21
C THR A 403 -26.55 -15.03 43.65
N SER A 404 -26.60 -16.18 42.97
CA SER A 404 -25.45 -16.74 42.28
C SER A 404 -25.85 -16.95 40.83
N PHE A 405 -25.39 -16.06 39.96
CA PHE A 405 -25.82 -16.09 38.57
C PHE A 405 -25.13 -17.23 37.84
N SER A 406 -25.93 -18.07 37.18
CA SER A 406 -25.38 -19.10 36.32
C SER A 406 -24.88 -18.54 35.01
N THR A 407 -25.37 -17.38 34.61
CA THR A 407 -25.03 -16.77 33.32
C THR A 407 -25.00 -15.27 33.48
N PHE A 408 -23.88 -14.66 33.09
CA PHE A 408 -23.68 -13.23 33.10
C PHE A 408 -22.85 -12.89 31.88
N LYS A 409 -23.49 -12.33 30.84
CA LYS A 409 -22.82 -12.14 29.55
C LYS A 409 -23.10 -10.73 29.03
N CYS A 410 -22.04 -9.94 28.89
CA CYS A 410 -22.14 -8.57 28.39
C CYS A 410 -21.59 -8.52 26.97
N TYR A 411 -22.20 -7.67 26.13
CA TYR A 411 -21.98 -7.75 24.69
C TYR A 411 -21.29 -6.54 24.09
N GLY A 412 -21.68 -5.32 24.45
CA GLY A 412 -21.05 -4.18 23.83
C GLY A 412 -19.93 -3.57 24.65
N VAL A 413 -19.71 -4.09 25.85
CA VAL A 413 -18.75 -3.57 26.80
C VAL A 413 -17.97 -4.73 27.40
N SER A 414 -17.11 -4.41 28.36
CA SER A 414 -16.36 -5.41 29.09
C SER A 414 -16.80 -5.44 30.54
N PRO A 415 -16.94 -6.63 31.13
CA PRO A 415 -17.46 -6.71 32.51
C PRO A 415 -16.56 -6.04 33.54
N THR A 416 -15.28 -5.83 33.24
CA THR A 416 -14.37 -5.18 34.16
C THR A 416 -14.38 -3.67 34.02
N LYS A 417 -15.18 -3.11 33.13
CA LYS A 417 -15.23 -1.66 32.90
C LYS A 417 -16.62 -1.10 33.17
N LEU A 418 -17.44 -1.82 33.92
CA LEU A 418 -18.76 -1.34 34.29
C LEU A 418 -18.74 -0.45 35.52
N ASN A 419 -17.63 -0.41 36.26
CA ASN A 419 -17.50 0.44 37.42
C ASN A 419 -16.97 1.82 37.08
N ASP A 420 -16.63 2.07 35.83
CA ASP A 420 -16.05 3.34 35.41
C ASP A 420 -16.93 4.10 34.44
N LEU A 421 -18.07 3.57 34.06
CA LEU A 421 -18.91 4.14 33.02
C LEU A 421 -20.16 4.75 33.63
N CYS A 422 -20.59 5.89 33.09
CA CYS A 422 -21.93 6.39 33.31
C CYS A 422 -22.75 6.16 32.04
N PHE A 423 -23.96 5.64 32.22
CA PHE A 423 -24.86 5.39 31.11
C PHE A 423 -25.93 6.47 31.07
N THR A 424 -26.55 6.63 29.91
CA THR A 424 -27.58 7.64 29.72
C THR A 424 -28.99 7.10 29.89
N ASN A 425 -29.26 5.91 29.35
CA ASN A 425 -30.58 5.31 29.43
C ASN A 425 -30.41 3.82 29.69
N VAL A 426 -31.18 3.28 30.63
CA VAL A 426 -31.09 1.87 31.00
C VAL A 426 -32.49 1.30 31.14
N TYR A 427 -32.74 0.16 30.50
CA TYR A 427 -33.97 -0.60 30.64
C TYR A 427 -33.66 -1.96 31.24
N ALA A 428 -34.72 -2.69 31.60
CA ALA A 428 -34.57 -4.03 32.13
C ALA A 428 -35.79 -4.85 31.72
N ASP A 429 -35.56 -5.93 30.98
CA ASP A 429 -36.60 -6.88 30.63
C ASP A 429 -36.46 -8.13 31.47
N SER A 430 -37.54 -8.55 32.09
CA SER A 430 -37.52 -9.71 32.98
C SER A 430 -38.59 -10.69 32.56
N PHE A 431 -38.27 -11.98 32.71
CA PHE A 431 -39.22 -13.06 32.47
C PHE A 431 -38.65 -14.36 33.04
N VAL A 432 -39.39 -15.45 32.85
CA VAL A 432 -39.03 -16.76 33.38
C VAL A 432 -39.15 -17.79 32.26
N ILE A 433 -38.12 -18.61 32.10
CA ILE A 433 -38.09 -19.67 31.09
C ILE A 433 -37.55 -20.94 31.71
N THR A 434 -37.35 -21.95 30.88
CA THR A 434 -36.85 -23.25 31.30
C THR A 434 -35.32 -23.27 31.20
N GLY A 435 -34.70 -24.16 31.96
CA GLY A 435 -33.26 -24.15 32.09
C GLY A 435 -32.52 -24.35 30.77
N ASP A 436 -33.07 -25.15 29.87
CA ASP A 436 -32.40 -25.44 28.61
C ASP A 436 -32.57 -24.36 27.56
N GLU A 437 -33.46 -23.40 27.79
CA GLU A 437 -33.72 -22.34 26.82
C GLU A 437 -32.98 -21.05 27.16
N VAL A 438 -32.07 -21.09 28.13
CA VAL A 438 -31.27 -19.90 28.45
C VAL A 438 -30.18 -19.68 27.41
N ARG A 439 -29.87 -20.67 26.60
CA ARG A 439 -28.89 -20.49 25.53
C ARG A 439 -29.45 -19.73 24.35
N GLN A 440 -30.78 -19.62 24.25
CA GLN A 440 -31.41 -18.91 23.14
C GLN A 440 -31.53 -17.42 23.38
N ILE A 441 -31.17 -16.93 24.56
CA ILE A 441 -31.23 -15.48 24.84
C ILE A 441 -29.86 -14.95 24.45
N ALA A 442 -29.69 -14.70 23.15
CA ALA A 442 -28.44 -14.21 22.60
C ALA A 442 -28.71 -13.68 21.21
N PRO A 443 -27.92 -12.73 20.72
CA PRO A 443 -28.12 -12.23 19.35
C PRO A 443 -27.76 -13.30 18.34
N GLY A 444 -28.69 -13.58 17.43
CA GLY A 444 -28.45 -14.53 16.36
C GLY A 444 -28.90 -15.95 16.60
N GLN A 445 -29.58 -16.22 17.71
CA GLN A 445 -30.01 -17.58 18.02
C GLN A 445 -31.38 -17.87 17.41
N THR A 446 -31.72 -19.15 17.39
CA THR A 446 -33.01 -19.60 16.89
C THR A 446 -33.51 -20.75 17.75
N GLY A 447 -34.79 -20.99 17.68
CA GLY A 447 -35.42 -22.02 18.47
C GLY A 447 -36.89 -21.70 18.68
N LYS A 448 -37.38 -21.95 19.89
CA LYS A 448 -38.76 -21.65 20.21
C LYS A 448 -38.90 -20.31 20.92
N ILE A 449 -38.02 -20.01 21.86
CA ILE A 449 -38.07 -18.74 22.58
C ILE A 449 -37.67 -17.60 21.67
N ALA A 450 -36.61 -17.77 20.89
CA ALA A 450 -36.09 -16.68 20.07
C ALA A 450 -36.90 -16.44 18.80
N ASP A 451 -37.80 -17.35 18.45
CA ASP A 451 -38.60 -17.21 17.23
C ASP A 451 -40.00 -16.65 17.50
N TYR A 452 -40.61 -17.01 18.62
CA TYR A 452 -42.00 -16.67 18.88
C TYR A 452 -42.23 -15.86 20.14
N ASN A 453 -41.25 -15.77 21.04
CA ASN A 453 -41.48 -15.14 22.33
C ASN A 453 -40.63 -13.90 22.57
N TYR A 454 -39.31 -13.99 22.42
CA TYR A 454 -38.43 -12.87 22.76
C TYR A 454 -37.22 -12.89 21.84
N LYS A 455 -36.96 -11.79 21.16
CA LYS A 455 -35.87 -11.70 20.20
C LYS A 455 -34.98 -10.50 20.49
N LEU A 456 -33.66 -10.68 20.33
CA LEU A 456 -32.64 -9.66 20.54
C LEU A 456 -32.06 -9.18 19.21
N PRO A 457 -31.71 -7.90 19.09
CA PRO A 457 -31.14 -7.40 17.84
C PRO A 457 -29.72 -7.91 17.64
N ASP A 458 -29.23 -7.73 16.41
CA ASP A 458 -27.86 -8.12 16.10
C ASP A 458 -26.85 -7.16 16.72
N ASP A 459 -27.13 -5.86 16.65
CA ASP A 459 -26.26 -4.83 17.23
C ASP A 459 -26.82 -4.45 18.59
N PHE A 460 -26.59 -5.30 19.57
CA PHE A 460 -27.13 -5.15 20.91
C PHE A 460 -26.00 -4.85 21.88
N THR A 461 -26.16 -3.79 22.67
CA THR A 461 -25.19 -3.40 23.68
C THR A 461 -25.87 -3.50 25.04
N GLY A 462 -25.39 -4.41 25.88
CA GLY A 462 -26.04 -4.67 27.15
C GLY A 462 -25.51 -5.96 27.74
N CYS A 463 -26.21 -6.44 28.77
CA CYS A 463 -25.83 -7.66 29.46
C CYS A 463 -27.07 -8.51 29.67
N VAL A 464 -26.88 -9.83 29.74
CA VAL A 464 -27.95 -10.77 30.04
C VAL A 464 -27.55 -11.58 31.26
N ILE A 465 -28.47 -11.68 32.22
CA ILE A 465 -28.23 -12.31 33.51
C ILE A 465 -29.32 -13.36 33.73
N ALA A 466 -28.92 -14.53 34.20
CA ALA A 466 -29.89 -15.59 34.49
C ALA A 466 -29.53 -16.28 35.79
N TRP A 467 -30.56 -16.75 36.50
CA TRP A 467 -30.28 -17.56 37.69
C TRP A 467 -31.40 -18.54 37.95
N ASN A 468 -31.04 -19.68 38.56
CA ASN A 468 -31.98 -20.75 38.86
C ASN A 468 -32.83 -20.39 40.06
N SER A 469 -34.13 -20.66 39.96
CA SER A 469 -35.07 -20.30 41.02
C SER A 469 -36.03 -21.45 41.31
N LYS A 470 -35.49 -22.66 41.47
CA LYS A 470 -36.35 -23.79 41.81
C LYS A 470 -36.97 -23.65 43.20
N HIS A 471 -36.36 -22.86 44.08
CA HIS A 471 -36.85 -22.73 45.44
C HIS A 471 -37.99 -21.73 45.59
N ILE A 472 -38.27 -20.93 44.57
CA ILE A 472 -39.26 -19.87 44.69
C ILE A 472 -40.40 -20.09 43.70
N ASP A 473 -40.09 -20.73 42.57
CA ASP A 473 -41.06 -20.89 41.50
C ASP A 473 -41.66 -22.28 41.40
N ALA A 474 -41.13 -23.26 42.12
CA ALA A 474 -41.61 -24.63 42.06
C ALA A 474 -42.40 -24.94 43.33
N LYS A 475 -43.52 -25.64 43.17
CA LYS A 475 -44.39 -26.01 44.28
C LYS A 475 -44.68 -27.51 44.22
N GLU A 476 -45.43 -27.99 45.21
CA GLU A 476 -45.69 -29.42 45.30
C GLU A 476 -46.58 -29.90 44.16
N GLY A 477 -47.79 -29.36 44.07
CA GLY A 477 -48.68 -29.73 42.99
C GLY A 477 -48.41 -28.96 41.72
N GLY A 478 -47.14 -28.71 41.42
CA GLY A 478 -46.78 -27.96 40.23
C GLY A 478 -47.04 -26.48 40.36
N ASN A 479 -46.51 -25.70 39.43
CA ASN A 479 -46.72 -24.25 39.38
C ASN A 479 -47.12 -23.90 37.96
N PHE A 480 -48.42 -24.00 37.67
CA PHE A 480 -48.93 -23.77 36.31
C PHE A 480 -49.35 -22.31 36.14
N ASN A 481 -48.42 -21.41 36.39
CA ASN A 481 -48.70 -19.98 36.30
C ASN A 481 -47.91 -19.25 35.23
N TYR A 482 -46.95 -19.90 34.59
CA TYR A 482 -46.17 -19.30 33.51
C TYR A 482 -46.51 -19.97 32.20
N LEU A 483 -46.76 -19.16 31.17
CA LEU A 483 -47.14 -19.64 29.86
C LEU A 483 -46.06 -19.30 28.84
N TYR A 484 -46.24 -19.84 27.63
CA TYR A 484 -45.37 -19.51 26.50
C TYR A 484 -46.15 -19.77 25.22
N ARG A 485 -45.65 -19.19 24.13
CA ARG A 485 -46.28 -19.29 22.82
C ARG A 485 -45.57 -20.34 21.98
N LEU A 486 -46.34 -21.22 21.35
CA LEU A 486 -45.80 -22.33 20.60
C LEU A 486 -46.03 -22.25 19.11
N PHE A 487 -47.15 -21.68 18.66
CA PHE A 487 -47.47 -21.56 17.25
C PHE A 487 -47.60 -20.10 16.88
N ARG A 488 -46.91 -19.69 15.83
CA ARG A 488 -47.08 -18.35 15.27
C ARG A 488 -46.95 -18.43 13.77
N LYS A 489 -47.57 -17.47 13.09
CA LYS A 489 -47.59 -17.50 11.62
C LYS A 489 -46.24 -17.09 11.04
N ALA A 490 -45.52 -16.20 11.72
CA ALA A 490 -44.22 -15.73 11.25
C ALA A 490 -43.36 -15.34 12.44
N ASN A 491 -42.06 -15.27 12.21
CA ASN A 491 -41.11 -14.97 13.27
C ASN A 491 -41.26 -13.54 13.76
N LEU A 492 -40.88 -13.32 15.00
CA LEU A 492 -40.91 -11.99 15.58
C LEU A 492 -39.80 -11.11 14.99
N LYS A 493 -39.90 -9.83 15.28
CA LYS A 493 -38.85 -8.86 15.04
C LYS A 493 -38.26 -8.42 16.38
N PRO A 494 -37.04 -7.89 16.40
CA PRO A 494 -36.39 -7.61 17.67
C PRO A 494 -37.23 -6.71 18.57
N PHE A 495 -37.30 -7.10 19.85
CA PHE A 495 -38.01 -6.34 20.89
C PHE A 495 -39.48 -6.12 20.54
N GLU A 496 -40.12 -7.12 19.96
CA GLU A 496 -41.54 -7.11 19.67
C GLU A 496 -42.26 -8.02 20.67
N ARG A 497 -43.52 -7.67 20.94
CA ARG A 497 -44.35 -8.48 21.87
C ARG A 497 -45.64 -8.86 21.16
N ASP A 498 -46.18 -10.06 21.45
CA ASP A 498 -47.39 -10.56 20.80
C ASP A 498 -48.23 -11.28 21.86
N ILE A 499 -49.28 -10.61 22.34
CA ILE A 499 -50.11 -11.16 23.40
C ILE A 499 -51.45 -11.67 22.88
N SER A 500 -51.61 -11.78 21.56
CA SER A 500 -52.88 -12.23 21.01
C SER A 500 -53.11 -13.70 21.32
N THR A 501 -54.40 -14.08 21.34
CA THR A 501 -54.80 -15.46 21.67
C THR A 501 -55.81 -15.97 20.67
N GLU A 502 -55.55 -15.79 19.38
CA GLU A 502 -56.42 -16.32 18.34
C GLU A 502 -56.21 -17.82 18.22
N ILE A 503 -56.86 -18.45 17.24
CA ILE A 503 -56.77 -19.88 17.04
C ILE A 503 -55.90 -20.11 15.82
N TYR A 504 -54.73 -20.70 16.04
CA TYR A 504 -53.78 -20.93 14.95
C TYR A 504 -54.32 -21.99 14.00
N GLN A 505 -54.34 -21.66 12.71
CA GLN A 505 -54.86 -22.55 11.68
C GLN A 505 -53.69 -23.25 11.00
N ALA A 506 -53.49 -24.54 11.30
CA ALA A 506 -52.39 -25.30 10.74
C ALA A 506 -52.78 -26.09 9.49
N GLY A 507 -54.08 -26.32 9.27
CA GLY A 507 -54.51 -27.10 8.13
C GLY A 507 -54.92 -26.24 6.94
N SER A 508 -56.10 -26.51 6.38
CA SER A 508 -56.60 -25.76 5.24
C SER A 508 -57.90 -25.01 5.55
N LYS A 509 -58.90 -25.71 6.08
CA LYS A 509 -60.19 -25.09 6.32
C LYS A 509 -60.09 -24.05 7.45
N PRO A 510 -60.86 -22.97 7.37
CA PRO A 510 -60.83 -21.95 8.42
C PRO A 510 -61.30 -22.51 9.76
N CYS A 511 -60.77 -21.95 10.83
CA CYS A 511 -61.08 -22.42 12.17
C CYS A 511 -62.28 -21.70 12.78
N ASN A 512 -62.26 -20.37 12.79
CA ASN A 512 -63.27 -19.52 13.42
C ASN A 512 -63.66 -20.06 14.80
N GLY A 513 -62.68 -20.07 15.69
CA GLY A 513 -62.87 -20.69 16.98
C GLY A 513 -62.92 -22.19 16.81
N GLN A 514 -63.44 -22.86 17.83
CA GLN A 514 -63.77 -24.29 17.75
C GLN A 514 -62.53 -25.11 17.38
N THR A 515 -61.61 -25.17 18.34
CA THR A 515 -60.32 -25.80 18.09
C THR A 515 -60.48 -27.29 17.87
N GLY A 516 -60.56 -27.69 16.61
CA GLY A 516 -60.86 -29.07 16.27
C GLY A 516 -59.65 -29.90 15.88
N LEU A 517 -59.56 -30.27 14.60
CA LEU A 517 -58.53 -31.22 14.18
C LEU A 517 -57.21 -30.52 13.89
N ASN A 518 -57.22 -29.53 13.02
CA ASN A 518 -56.02 -28.78 12.65
C ASN A 518 -56.12 -27.33 13.09
N CYS A 519 -56.71 -27.10 14.26
CA CYS A 519 -56.77 -25.78 14.87
C CYS A 519 -56.30 -25.91 16.32
N TYR A 520 -55.35 -25.06 16.70
CA TYR A 520 -54.74 -25.15 18.02
C TYR A 520 -54.83 -23.82 18.75
N TYR A 521 -54.97 -23.90 20.06
CA TYR A 521 -54.77 -22.75 20.91
C TYR A 521 -53.27 -22.53 21.09
N PRO A 522 -52.75 -21.31 20.88
CA PRO A 522 -51.31 -21.12 20.72
C PRO A 522 -50.49 -20.94 21.99
N LEU A 523 -51.11 -20.96 23.17
CA LEU A 523 -50.40 -20.74 24.42
C LEU A 523 -50.45 -21.98 25.29
N TYR A 524 -49.29 -22.37 25.83
CA TYR A 524 -49.19 -23.57 26.65
C TYR A 524 -48.49 -23.25 27.97
N ARG A 525 -48.76 -24.07 28.97
CA ARG A 525 -48.34 -23.80 30.34
C ARG A 525 -47.11 -24.60 30.72
N TYR A 526 -46.17 -23.94 31.38
CA TYR A 526 -45.04 -24.61 32.01
C TYR A 526 -45.50 -25.29 33.29
N GLY A 527 -45.02 -26.51 33.51
CA GLY A 527 -45.28 -27.18 34.76
C GLY A 527 -44.01 -27.43 35.55
N PHE A 528 -43.84 -26.74 36.66
CA PHE A 528 -42.59 -26.75 37.42
C PHE A 528 -42.80 -27.52 38.71
N TYR A 529 -42.33 -28.75 38.74
CA TYR A 529 -42.33 -29.60 39.92
C TYR A 529 -40.96 -29.57 40.60
N PRO A 530 -40.88 -29.80 41.90
CA PRO A 530 -39.59 -29.70 42.59
C PRO A 530 -38.70 -30.92 42.44
N THR A 531 -39.08 -31.90 41.62
CA THR A 531 -38.27 -33.08 41.37
C THR A 531 -37.79 -33.15 39.93
N ASP A 532 -37.85 -32.04 39.20
CA ASP A 532 -37.47 -32.03 37.80
C ASP A 532 -35.96 -32.13 37.64
N GLY A 533 -35.55 -32.65 36.49
CA GLY A 533 -34.16 -32.57 36.12
C GLY A 533 -33.77 -31.15 35.77
N VAL A 534 -32.47 -30.88 35.85
CA VAL A 534 -31.97 -29.51 35.68
C VAL A 534 -32.30 -28.94 34.32
N GLY A 535 -32.69 -29.76 33.36
CA GLY A 535 -32.99 -29.26 32.03
C GLY A 535 -34.30 -28.51 31.91
N HIS A 536 -35.27 -28.80 32.79
CA HIS A 536 -36.57 -28.13 32.75
C HIS A 536 -36.98 -27.71 34.15
N GLN A 537 -36.08 -27.05 34.85
CA GLN A 537 -36.35 -26.30 36.07
C GLN A 537 -36.47 -24.81 35.74
N PRO A 538 -37.16 -24.02 36.57
CA PRO A 538 -37.37 -22.62 36.22
C PRO A 538 -36.10 -21.79 36.36
N TYR A 539 -35.94 -20.84 35.44
CA TYR A 539 -34.84 -19.89 35.46
C TYR A 539 -35.39 -18.50 35.24
N ARG A 540 -34.90 -17.54 36.02
CA ARG A 540 -35.29 -16.15 35.90
C ARG A 540 -34.24 -15.41 35.10
N VAL A 541 -34.67 -14.61 34.12
CA VAL A 541 -33.79 -13.93 33.19
C VAL A 541 -34.08 -12.45 33.21
N VAL A 542 -33.02 -11.63 33.28
CA VAL A 542 -33.08 -10.18 33.22
C VAL A 542 -32.09 -9.70 32.17
N VAL A 543 -32.55 -8.85 31.26
CA VAL A 543 -31.73 -8.32 30.17
C VAL A 543 -31.64 -6.81 30.31
N LEU A 544 -30.43 -6.29 30.45
CA LEU A 544 -30.17 -4.87 30.59
C LEU A 544 -29.61 -4.33 29.29
N SER A 545 -30.19 -3.24 28.80
CA SER A 545 -29.78 -2.62 27.54
C SER A 545 -29.58 -1.13 27.76
N PHE A 546 -28.31 -0.72 27.67
CA PHE A 546 -27.98 0.69 27.95
C PHE A 546 -27.34 1.35 26.73
N GLU A 547 -27.31 2.69 26.73
CA GLU A 547 -26.73 3.46 25.65
C GLU A 547 -25.88 4.59 26.21
N LEU A 548 -24.88 5.01 25.45
CA LEU A 548 -23.99 6.10 25.81
C LEU A 548 -23.97 7.09 24.66
N LEU A 549 -24.40 8.33 24.91
CA LEU A 549 -24.45 9.34 23.87
C LEU A 549 -24.40 10.72 24.52
N ASN A 550 -24.38 11.75 23.68
CA ASN A 550 -24.14 13.12 24.11
C ASN A 550 -25.37 13.67 24.84
N ALA A 551 -25.44 13.37 26.13
CA ALA A 551 -26.57 13.77 26.96
C ALA A 551 -26.17 13.60 28.42
N PRO A 552 -26.91 14.20 29.35
CA PRO A 552 -26.59 14.01 30.77
C PRO A 552 -26.70 12.55 31.20
N ALA A 553 -25.84 12.16 32.13
CA ALA A 553 -25.86 10.80 32.63
C ALA A 553 -26.91 10.63 33.71
N THR A 554 -27.64 9.52 33.65
CA THR A 554 -28.67 9.23 34.63
C THR A 554 -28.19 8.23 35.68
N VAL A 555 -27.74 7.05 35.26
CA VAL A 555 -27.25 6.02 36.17
C VAL A 555 -25.77 5.84 35.92
N CYS A 556 -24.97 5.86 36.99
CA CYS A 556 -23.53 5.78 36.85
C CYS A 556 -22.95 4.79 37.85
N GLY A 557 -21.70 4.43 37.64
CA GLY A 557 -21.04 3.43 38.45
C GLY A 557 -20.53 3.99 39.76
N PRO A 558 -20.07 3.09 40.63
CA PRO A 558 -19.62 3.48 41.97
C PRO A 558 -18.15 3.85 42.03
N LYS A 559 -17.78 4.94 41.36
CA LYS A 559 -16.41 5.45 41.38
C LYS A 559 -16.40 6.80 42.06
N LYS A 560 -15.42 7.02 42.93
CA LYS A 560 -15.37 8.24 43.71
C LYS A 560 -14.67 9.34 42.91
N SER A 561 -15.25 10.54 42.92
CA SER A 561 -14.68 11.68 42.24
C SER A 561 -13.51 12.24 43.03
N THR A 562 -12.79 13.18 42.40
CA THR A 562 -11.65 13.82 43.04
C THR A 562 -11.52 15.25 42.52
N ASN A 563 -10.41 15.90 42.84
CA ASN A 563 -10.24 17.31 42.56
C ASN A 563 -9.81 17.55 41.12
N LEU A 564 -10.04 18.78 40.66
CA LEU A 564 -9.74 19.17 39.30
C LEU A 564 -8.37 19.86 39.25
N VAL A 565 -7.51 19.40 38.34
CA VAL A 565 -6.16 19.93 38.18
C VAL A 565 -6.07 20.56 36.80
N LYS A 566 -5.71 21.83 36.75
CA LYS A 566 -5.73 22.61 35.52
C LYS A 566 -4.31 23.03 35.14
N ASN A 567 -4.09 23.15 33.82
CA ASN A 567 -2.81 23.57 33.26
C ASN A 567 -1.70 22.58 33.57
N LYS A 568 -2.02 21.28 33.44
CA LYS A 568 -1.06 20.22 33.65
C LYS A 568 -1.42 19.04 32.78
N CYS A 569 -0.44 18.18 32.53
CA CYS A 569 -0.68 16.97 31.74
C CYS A 569 -1.19 15.88 32.67
N VAL A 570 -2.48 15.55 32.54
CA VAL A 570 -3.13 14.58 33.39
C VAL A 570 -3.99 13.65 32.53
N ASN A 571 -4.25 12.47 33.08
CA ASN A 571 -5.34 11.63 32.58
C ASN A 571 -6.62 12.07 33.25
N PHE A 572 -7.71 12.10 32.50
CA PHE A 572 -8.98 12.55 33.03
C PHE A 572 -10.08 11.56 32.65
N ASN A 573 -11.09 11.49 33.52
CA ASN A 573 -12.24 10.63 33.33
C ASN A 573 -13.48 11.45 33.64
N PHE A 574 -14.11 12.01 32.60
CA PHE A 574 -15.32 12.82 32.74
C PHE A 574 -16.51 12.00 32.29
N ASN A 575 -17.35 11.58 33.24
CA ASN A 575 -18.57 10.83 32.95
C ASN A 575 -18.29 9.58 32.13
N GLY A 576 -17.20 8.89 32.47
CA GLY A 576 -16.85 7.69 31.74
C GLY A 576 -16.16 7.93 30.42
N LEU A 577 -15.80 9.17 30.12
CA LEU A 577 -15.06 9.53 28.93
C LEU A 577 -13.61 9.78 29.36
N THR A 578 -12.71 8.90 28.94
CA THR A 578 -11.33 8.96 29.36
C THR A 578 -10.48 9.69 28.33
N GLY A 579 -9.37 10.24 28.80
CA GLY A 579 -8.47 10.92 27.89
C GLY A 579 -7.21 11.38 28.61
N THR A 580 -6.30 11.95 27.83
CA THR A 580 -5.05 12.50 28.33
C THR A 580 -4.83 13.88 27.75
N GLY A 581 -4.31 14.80 28.55
CA GLY A 581 -4.00 16.10 28.01
C GLY A 581 -3.94 17.16 29.09
N VAL A 582 -4.07 18.41 28.65
CA VAL A 582 -3.99 19.59 29.50
C VAL A 582 -5.37 20.23 29.56
N LEU A 583 -5.84 20.50 30.77
CA LEU A 583 -7.16 21.07 30.98
C LEU A 583 -7.02 22.55 31.32
N THR A 584 -7.63 23.41 30.51
CA THR A 584 -7.63 24.84 30.72
C THR A 584 -9.05 25.37 30.49
N GLU A 585 -9.31 26.54 31.03
CA GLU A 585 -10.62 27.15 30.87
C GLU A 585 -10.80 27.65 29.43
N SER A 586 -12.05 27.78 29.01
CA SER A 586 -12.34 28.21 27.65
C SER A 586 -13.68 28.94 27.64
N ASN A 587 -14.17 29.23 26.44
CA ASN A 587 -15.39 30.03 26.26
C ASN A 587 -16.36 29.43 25.25
N LYS A 588 -16.13 28.21 24.78
CA LYS A 588 -16.97 27.64 23.75
C LYS A 588 -18.33 27.26 24.34
N LYS A 589 -19.26 28.22 24.36
CA LYS A 589 -20.55 27.99 24.99
C LYS A 589 -21.30 26.86 24.27
N PHE A 590 -21.81 25.92 25.06
CA PHE A 590 -22.46 24.72 24.56
C PHE A 590 -23.97 24.91 24.49
N LEU A 591 -24.65 23.87 24.03
CA LEU A 591 -26.09 23.78 24.16
C LEU A 591 -26.45 23.36 25.59
N PRO A 592 -27.70 23.53 26.01
CA PRO A 592 -28.06 23.17 27.39
C PRO A 592 -27.77 21.71 27.73
N PHE A 593 -27.98 20.79 26.80
CA PHE A 593 -27.78 19.37 27.07
C PHE A 593 -26.40 18.87 26.72
N GLN A 594 -25.69 19.57 25.84
CA GLN A 594 -24.43 19.07 25.31
C GLN A 594 -23.42 18.82 26.42
N GLN A 595 -22.72 17.69 26.32
CA GLN A 595 -21.72 17.32 27.30
C GLN A 595 -20.29 17.54 26.82
N PHE A 596 -19.99 17.17 25.57
CA PHE A 596 -18.67 17.39 25.02
C PHE A 596 -18.80 17.81 23.56
N GLY A 597 -17.74 18.40 23.04
CA GLY A 597 -17.68 18.78 21.64
C GLY A 597 -16.38 18.35 21.02
N ARG A 598 -16.48 17.79 19.81
CA ARG A 598 -15.33 17.32 19.05
C ARG A 598 -14.89 18.38 18.06
N ASP A 599 -13.92 18.01 17.23
CA ASP A 599 -13.43 18.91 16.17
C ASP A 599 -13.47 18.20 14.82
N ILE A 600 -12.84 18.79 13.81
CA ILE A 600 -12.92 18.22 12.46
C ILE A 600 -12.24 16.85 12.40
N ALA A 601 -11.19 16.64 13.18
CA ALA A 601 -10.48 15.36 13.16
C ALA A 601 -11.18 14.28 13.97
N ASP A 602 -12.41 14.51 14.41
CA ASP A 602 -13.18 13.57 15.23
C ASP A 602 -12.41 13.17 16.49
N THR A 603 -11.83 14.16 17.15
CA THR A 603 -11.20 13.99 18.45
C THR A 603 -11.82 15.00 19.40
N THR A 604 -11.99 14.58 20.66
CA THR A 604 -12.64 15.44 21.62
C THR A 604 -11.85 16.73 21.82
N ASP A 605 -12.56 17.85 21.80
CA ASP A 605 -11.95 19.18 21.88
C ASP A 605 -12.33 19.93 23.14
N ALA A 606 -13.58 19.84 23.58
CA ALA A 606 -13.99 20.50 24.81
C ALA A 606 -14.93 19.58 25.57
N VAL A 607 -14.97 19.75 26.89
CA VAL A 607 -15.78 18.91 27.76
C VAL A 607 -16.39 19.79 28.85
N ARG A 608 -17.50 19.32 29.41
CA ARG A 608 -18.21 20.04 30.47
C ARG A 608 -17.99 19.33 31.79
N ASP A 609 -17.61 20.09 32.81
CA ASP A 609 -17.44 19.54 34.14
C ASP A 609 -18.80 19.14 34.72
N PRO A 610 -18.96 17.92 35.22
CA PRO A 610 -20.28 17.48 35.66
C PRO A 610 -20.76 18.14 36.94
N GLN A 611 -19.86 18.35 37.91
CA GLN A 611 -20.29 18.86 39.21
C GLN A 611 -20.51 20.36 39.18
N THR A 612 -19.58 21.11 38.62
CA THR A 612 -19.73 22.55 38.41
C THR A 612 -19.80 22.79 36.91
N LEU A 613 -20.97 23.21 36.42
CA LEU A 613 -21.26 23.16 34.99
C LEU A 613 -20.44 24.25 34.28
N GLU A 614 -19.15 23.97 34.14
CA GLU A 614 -18.18 24.89 33.56
C GLU A 614 -17.44 24.21 32.43
N ILE A 615 -17.32 24.91 31.30
CA ILE A 615 -16.68 24.34 30.12
C ILE A 615 -15.18 24.37 30.29
N LEU A 616 -14.52 23.31 29.82
CA LEU A 616 -13.07 23.23 29.72
C LEU A 616 -12.71 22.75 28.32
N ASP A 617 -11.44 22.89 27.95
CA ASP A 617 -11.00 22.39 26.66
C ASP A 617 -9.66 21.68 26.81
N ILE A 618 -9.38 20.80 25.86
CA ILE A 618 -8.28 19.84 25.96
C ILE A 618 -7.30 20.11 24.82
N THR A 619 -6.04 20.29 25.16
CA THR A 619 -4.97 20.45 24.20
C THR A 619 -3.93 19.36 24.39
N PRO A 620 -3.20 18.99 23.33
CA PRO A 620 -2.23 17.90 23.46
C PRO A 620 -1.09 18.26 24.40
N CYS A 621 -0.51 17.22 24.99
CA CYS A 621 0.67 17.38 25.84
C CYS A 621 1.94 17.56 25.03
N SER A 622 1.94 17.21 23.76
CA SER A 622 3.15 17.12 22.96
C SER A 622 3.33 18.38 22.12
N PHE A 623 4.54 18.93 22.16
CA PHE A 623 4.94 19.99 21.24
C PHE A 623 5.75 19.34 20.13
N GLY A 624 5.31 19.51 18.89
CA GLY A 624 5.88 18.78 17.78
C GLY A 624 6.56 19.64 16.74
N GLY A 625 7.32 20.64 17.17
CA GLY A 625 8.04 21.49 16.25
C GLY A 625 9.45 21.80 16.70
N VAL A 626 10.10 20.86 17.39
CA VAL A 626 11.41 21.07 17.98
C VAL A 626 12.46 20.40 17.11
N SER A 627 13.56 21.11 16.84
CA SER A 627 14.66 20.59 16.03
C SER A 627 15.98 20.83 16.75
N VAL A 628 16.92 19.92 16.58
CA VAL A 628 18.16 19.92 17.36
C VAL A 628 19.33 20.11 16.40
N ILE A 629 19.98 21.28 16.49
CA ILE A 629 21.19 21.56 15.72
C ILE A 629 22.38 20.96 16.46
N THR A 630 23.12 20.09 15.80
CA THR A 630 24.25 19.45 16.42
C THR A 630 25.42 19.35 15.44
N PRO A 631 26.65 19.57 15.90
CA PRO A 631 27.81 19.08 15.16
C PRO A 631 27.91 17.57 15.32
N GLY A 632 28.98 16.96 14.82
CA GLY A 632 29.15 15.54 15.03
C GLY A 632 29.21 15.21 16.51
N THR A 633 28.52 14.14 16.93
CA THR A 633 28.60 13.69 18.35
C THR A 633 30.03 13.23 18.65
N ASN A 634 30.79 12.85 17.62
CA ASN A 634 32.25 12.55 17.72
C ASN A 634 33.03 13.77 18.18
N THR A 635 32.79 14.94 17.62
CA THR A 635 33.58 16.16 17.92
C THR A 635 33.23 16.66 19.32
N SER A 636 31.94 16.74 19.66
CA SER A 636 31.47 17.42 20.85
C SER A 636 30.05 16.97 21.17
N ASN A 637 29.62 17.26 22.39
CA ASN A 637 28.30 16.89 22.89
C ASN A 637 27.43 18.11 23.16
N GLN A 638 27.57 19.16 22.36
CA GLN A 638 26.78 20.37 22.51
C GLN A 638 25.72 20.44 21.41
N VAL A 639 24.57 20.99 21.76
CA VAL A 639 23.46 21.14 20.83
C VAL A 639 22.84 22.52 20.99
N ALA A 640 22.05 22.90 19.99
CA ALA A 640 21.16 24.05 20.08
C ALA A 640 19.77 23.58 19.71
N VAL A 641 18.76 24.30 20.18
CA VAL A 641 17.37 23.87 20.03
C VAL A 641 16.60 24.96 19.31
N LEU A 642 15.81 24.57 18.32
CA LEU A 642 14.95 25.49 17.57
C LEU A 642 13.50 25.10 17.81
N TYR A 643 12.70 26.05 18.29
CA TYR A 643 11.27 25.86 18.47
C TYR A 643 10.57 26.56 17.31
N GLN A 644 9.65 25.84 16.66
CA GLN A 644 9.30 26.15 15.28
C GLN A 644 8.56 27.49 15.15
N ASP A 645 7.43 27.62 15.82
CA ASP A 645 6.58 28.79 15.59
C ASP A 645 6.11 29.38 16.91
N VAL A 646 7.04 29.60 17.84
CA VAL A 646 6.71 30.19 19.13
C VAL A 646 7.55 31.41 19.35
N ASN A 647 7.06 32.32 20.18
CA ASN A 647 7.85 33.44 20.65
C ASN A 647 9.02 32.94 21.51
N CYS A 648 9.90 33.85 21.86
CA CYS A 648 10.98 33.52 22.78
C CYS A 648 10.62 33.76 24.24
N THR A 649 9.40 34.21 24.51
CA THR A 649 8.92 34.36 25.87
C THR A 649 7.80 33.39 26.21
N GLU A 650 7.37 32.57 25.24
CA GLU A 650 6.32 31.58 25.47
C GLU A 650 6.85 30.16 25.33
N VAL A 651 8.17 29.99 25.25
CA VAL A 651 8.77 28.66 25.24
C VAL A 651 8.50 27.95 26.57
N PRO A 652 8.69 28.59 27.73
CA PRO A 652 8.42 27.87 28.98
C PRO A 652 7.01 27.35 29.10
N VAL A 653 6.03 28.03 28.50
CA VAL A 653 4.65 27.59 28.61
C VAL A 653 4.25 26.65 27.48
N ALA A 654 4.88 26.76 26.32
CA ALA A 654 4.51 25.92 25.18
C ALA A 654 5.00 24.50 25.34
N ILE A 655 6.19 24.29 25.92
CA ILE A 655 6.73 22.96 26.11
C ILE A 655 6.50 22.42 27.51
N HIS A 656 5.78 23.16 28.35
CA HIS A 656 5.56 22.80 29.75
C HIS A 656 6.88 22.64 30.47
N ALA A 657 7.63 23.75 30.54
CA ALA A 657 8.95 23.72 31.14
C ALA A 657 8.87 23.82 32.66
N ASP A 658 8.05 22.97 33.26
CA ASP A 658 8.03 22.82 34.71
C ASP A 658 7.89 21.37 35.15
N GLN A 659 7.57 20.46 34.22
CA GLN A 659 7.56 19.03 34.48
C GLN A 659 8.74 18.31 33.84
N LEU A 660 9.68 19.06 33.27
CA LEU A 660 10.84 18.48 32.61
C LEU A 660 12.00 18.35 33.58
N THR A 661 12.98 17.54 33.20
CA THR A 661 14.17 17.37 33.99
C THR A 661 14.98 18.67 34.00
N PRO A 662 15.78 18.90 35.05
CA PRO A 662 16.59 20.13 35.08
C PRO A 662 17.58 20.24 33.94
N THR A 663 17.95 19.13 33.30
CA THR A 663 18.81 19.19 32.11
C THR A 663 18.07 19.69 30.89
N TRP A 664 16.79 19.34 30.75
CA TRP A 664 15.97 19.89 29.66
C TRP A 664 15.57 21.32 29.93
N ARG A 665 15.67 21.78 31.17
CA ARG A 665 15.21 23.11 31.54
C ARG A 665 16.26 24.19 31.34
N VAL A 666 17.46 23.82 30.87
CA VAL A 666 18.46 24.80 30.47
C VAL A 666 18.27 25.26 29.05
N TYR A 667 17.55 24.50 28.23
CA TYR A 667 17.24 24.87 26.85
C TYR A 667 15.89 25.53 26.73
N SER A 668 15.49 26.27 27.76
CA SER A 668 14.26 27.05 27.69
C SER A 668 14.40 28.41 28.36
N THR A 669 15.59 28.81 28.77
CA THR A 669 15.80 30.03 29.53
C THR A 669 16.61 31.02 28.69
N GLY A 670 16.93 32.16 29.29
CA GLY A 670 17.50 33.28 28.58
C GLY A 670 19.01 33.27 28.50
N SER A 671 19.56 34.46 28.22
CA SER A 671 20.99 34.76 28.08
C SER A 671 21.55 34.23 26.76
N ASN A 672 20.78 33.43 26.03
CA ASN A 672 21.15 33.01 24.69
C ASN A 672 19.98 32.95 23.73
N VAL A 673 18.79 33.39 24.14
CA VAL A 673 17.63 33.33 23.25
C VAL A 673 17.88 34.21 22.04
N PHE A 674 17.42 33.74 20.89
CA PHE A 674 17.60 34.48 19.64
C PHE A 674 16.35 34.28 18.79
N GLN A 675 15.66 35.38 18.49
CA GLN A 675 14.39 35.32 17.76
C GLN A 675 14.67 35.42 16.27
N THR A 676 14.69 34.28 15.60
CA THR A 676 14.76 34.25 14.15
C THR A 676 13.34 34.37 13.59
N ARG A 677 13.22 34.33 12.27
CA ARG A 677 11.91 34.35 11.63
C ARG A 677 11.33 32.96 11.46
N ALA A 678 12.05 31.92 11.90
CA ALA A 678 11.58 30.55 11.81
C ALA A 678 11.42 29.91 13.18
N GLY A 679 11.31 30.71 14.24
CA GLY A 679 11.10 30.21 15.58
C GLY A 679 12.03 30.88 16.55
N CYS A 680 12.26 30.22 17.68
CA CYS A 680 13.20 30.70 18.70
C CYS A 680 14.38 29.74 18.76
N LEU A 681 15.58 30.29 18.79
CA LEU A 681 16.81 29.50 18.81
C LEU A 681 17.49 29.70 20.16
N ILE A 682 17.77 28.60 20.85
CA ILE A 682 18.35 28.64 22.19
C ILE A 682 19.59 27.74 22.22
N GLY A 683 20.71 28.30 22.66
CA GLY A 683 21.96 27.57 22.74
C GLY A 683 23.01 27.99 21.75
N ALA A 684 22.76 28.99 20.91
CA ALA A 684 23.68 29.42 19.89
C ALA A 684 24.04 30.89 20.06
N GLU A 685 25.31 31.21 19.90
CA GLU A 685 25.81 32.57 20.03
C GLU A 685 25.63 33.32 18.72
N HIS A 686 25.04 34.50 18.78
CA HIS A 686 24.69 35.25 17.58
C HIS A 686 25.81 36.22 17.23
N VAL A 687 26.42 36.02 16.07
CA VAL A 687 27.44 36.92 15.57
C VAL A 687 26.83 37.82 14.50
N ASN A 688 27.54 38.89 14.14
CA ASN A 688 26.98 39.89 13.19
C ASN A 688 27.70 39.83 11.83
N ASN A 689 28.61 38.88 11.62
CA ASN A 689 29.27 38.74 10.34
C ASN A 689 28.37 37.93 9.40
N SER A 690 28.91 37.52 8.25
CA SER A 690 28.19 36.70 7.31
C SER A 690 29.18 35.78 6.60
N TYR A 691 29.06 34.49 6.85
CA TYR A 691 29.91 33.48 6.25
C TYR A 691 29.09 32.61 5.31
N GLU A 692 29.71 31.58 4.76
CA GLU A 692 28.97 30.62 3.96
C GLU A 692 28.19 29.67 4.87
N CYS A 693 27.11 29.12 4.33
CA CYS A 693 26.25 28.26 5.12
C CYS A 693 26.97 26.96 5.44
N ASP A 694 26.88 26.53 6.70
CA ASP A 694 27.47 25.27 7.14
C ASP A 694 26.39 24.27 7.56
N ILE A 695 25.52 24.66 8.48
CA ILE A 695 24.34 23.86 8.83
C ILE A 695 23.13 24.74 8.57
N PRO A 696 22.31 24.45 7.56
CA PRO A 696 21.19 25.32 7.24
C PRO A 696 20.09 25.20 8.29
N ILE A 697 19.69 26.32 8.86
CA ILE A 697 18.58 26.35 9.82
C ILE A 697 17.32 26.74 9.06
N GLY A 698 17.32 27.91 8.44
CA GLY A 698 16.19 28.28 7.63
C GLY A 698 15.93 29.77 7.70
N ALA A 699 15.05 30.23 6.79
CA ALA A 699 14.66 31.64 6.70
C ALA A 699 15.87 32.56 6.62
N GLY A 700 16.96 32.08 6.02
CA GLY A 700 18.15 32.87 5.84
C GLY A 700 19.18 32.77 6.94
N ILE A 701 18.97 31.90 7.93
CA ILE A 701 19.87 31.76 9.06
C ILE A 701 20.56 30.41 8.96
N CYS A 702 21.88 30.42 9.10
CA CYS A 702 22.72 29.24 9.14
C CYS A 702 23.46 29.18 10.46
N ALA A 703 24.11 28.04 10.74
CA ALA A 703 24.81 27.84 12.00
C ALA A 703 26.06 27.00 11.77
N SER A 704 27.05 27.21 12.64
CA SER A 704 28.32 26.49 12.52
C SER A 704 28.94 26.34 13.90
N TYR A 705 30.05 25.61 13.95
CA TYR A 705 30.74 25.28 15.18
C TYR A 705 32.15 25.86 15.11
N GLN A 706 32.35 27.02 15.74
CA GLN A 706 33.58 27.76 15.60
C GLN A 706 34.37 27.76 16.90
N THR A 707 35.59 28.31 16.82
CA THR A 707 36.57 28.23 17.89
C THR A 707 37.00 29.61 18.39
N GLN A 708 36.02 30.48 18.67
CA GLN A 708 36.27 31.82 19.18
C GLN A 708 37.33 31.88 20.27
N SER A 716 36.01 28.28 24.53
CA SER A 716 36.90 28.12 23.40
C SER A 716 36.13 27.79 22.12
N GLN A 717 35.32 26.73 22.18
CA GLN A 717 34.51 26.28 21.06
C GLN A 717 33.05 26.51 21.37
N SER A 718 32.29 26.94 20.36
CA SER A 718 30.87 27.19 20.56
C SER A 718 30.15 27.15 19.22
N ILE A 719 28.83 27.02 19.30
CA ILE A 719 27.96 27.03 18.13
C ILE A 719 27.50 28.46 17.91
N ILE A 720 27.72 28.99 16.70
CA ILE A 720 27.33 30.34 16.36
C ILE A 720 26.31 30.31 15.23
N ALA A 721 25.32 31.19 15.32
CA ALA A 721 24.31 31.34 14.29
C ALA A 721 24.46 32.69 13.62
N TYR A 722 24.30 32.73 12.31
CA TYR A 722 24.55 33.94 11.55
C TYR A 722 23.66 33.96 10.32
N THR A 723 23.75 35.06 9.56
CA THR A 723 22.99 35.25 8.34
C THR A 723 23.90 34.97 7.14
N MET A 724 23.48 34.05 6.28
CA MET A 724 24.33 33.64 5.16
C MET A 724 24.51 34.79 4.17
N SER A 725 25.65 34.78 3.50
CA SER A 725 26.01 35.81 2.53
C SER A 725 25.80 35.29 1.13
N LEU A 726 25.26 36.15 0.26
CA LEU A 726 24.97 35.74 -1.11
C LEU A 726 26.25 35.63 -1.94
N GLY A 727 27.20 36.53 -1.71
CA GLY A 727 28.44 36.50 -2.46
C GLY A 727 29.26 37.74 -2.19
N ALA A 728 30.25 37.96 -3.04
CA ALA A 728 31.13 39.11 -2.92
C ALA A 728 30.56 40.27 -3.71
N GLU A 729 30.38 41.41 -3.04
CA GLU A 729 29.84 42.59 -3.72
C GLU A 729 30.79 43.07 -4.80
N ASN A 730 30.23 43.59 -5.89
CA ASN A 730 31.03 44.03 -7.01
C ASN A 730 30.26 45.09 -7.79
N SER A 731 31.00 45.89 -8.55
CA SER A 731 30.41 46.92 -9.38
C SER A 731 31.22 47.07 -10.66
N VAL A 732 30.56 47.52 -11.71
CA VAL A 732 31.15 47.60 -13.05
C VAL A 732 30.98 49.01 -13.59
N ALA A 733 32.07 49.58 -14.10
CA ALA A 733 32.11 50.98 -14.53
C ALA A 733 31.49 51.09 -15.92
N TYR A 734 30.30 51.66 -15.99
CA TYR A 734 29.57 51.78 -17.25
C TYR A 734 29.62 53.21 -17.77
N SER A 735 29.76 53.34 -19.07
CA SER A 735 29.74 54.64 -19.75
C SER A 735 29.34 54.40 -21.20
N ASN A 736 28.95 55.48 -21.87
CA ASN A 736 28.43 55.36 -23.23
C ASN A 736 29.51 55.45 -24.31
N ASN A 737 30.78 55.62 -23.94
CA ASN A 737 31.85 55.60 -24.92
C ASN A 737 33.07 54.87 -24.35
N SER A 738 32.87 53.73 -23.71
CA SER A 738 33.97 53.04 -23.07
C SER A 738 33.76 51.54 -23.10
N ILE A 739 34.76 50.81 -23.61
CA ILE A 739 34.74 49.35 -23.62
C ILE A 739 35.97 48.84 -22.89
N ALA A 740 35.96 47.53 -22.61
CA ALA A 740 37.09 46.83 -22.03
C ALA A 740 37.34 45.56 -22.82
N ILE A 741 38.60 45.31 -23.15
CA ILE A 741 38.96 44.20 -24.02
C ILE A 741 40.08 43.38 -23.38
N PRO A 742 39.98 42.05 -23.38
CA PRO A 742 41.06 41.24 -22.81
C PRO A 742 42.29 41.23 -23.70
N THR A 743 43.45 41.04 -23.06
CA THR A 743 44.73 41.01 -23.75
C THR A 743 45.45 39.68 -23.64
N ASN A 744 45.03 38.76 -22.80
CA ASN A 744 45.69 37.43 -22.66
C ASN A 744 44.56 36.48 -22.34
N PHE A 745 44.83 35.21 -22.15
CA PHE A 745 43.79 34.20 -21.97
C PHE A 745 44.27 33.14 -20.98
N THR A 746 43.45 32.11 -20.82
CA THR A 746 43.72 31.03 -19.88
C THR A 746 43.02 29.78 -20.39
N ILE A 747 43.67 28.63 -20.21
CA ILE A 747 43.10 27.34 -20.53
C ILE A 747 42.73 26.66 -19.22
N SER A 748 41.48 26.25 -19.09
CA SER A 748 40.99 25.69 -17.83
C SER A 748 40.36 24.32 -18.09
N VAL A 749 40.72 23.34 -17.27
CA VAL A 749 40.18 21.99 -17.36
C VAL A 749 39.31 21.73 -16.13
N THR A 750 38.07 21.33 -16.37
CA THR A 750 37.06 21.15 -15.34
C THR A 750 36.50 19.73 -15.39
N THR A 751 35.83 19.33 -14.31
CA THR A 751 35.36 17.97 -14.13
C THR A 751 33.85 17.95 -13.89
N GLU A 752 33.17 16.98 -14.50
CA GLU A 752 31.75 16.77 -14.25
C GLU A 752 31.47 15.29 -14.07
N ILE A 753 30.65 14.94 -13.07
CA ILE A 753 30.42 13.54 -12.70
C ILE A 753 28.93 13.25 -12.78
N LEU A 754 28.57 12.14 -13.41
CA LEU A 754 27.16 11.79 -13.66
C LEU A 754 26.86 10.31 -13.42
N PRO A 755 25.83 9.98 -12.64
CA PRO A 755 25.40 8.58 -12.54
C PRO A 755 24.78 8.10 -13.84
N VAL A 756 24.96 6.80 -14.12
CA VAL A 756 24.40 6.22 -15.34
C VAL A 756 23.49 5.05 -15.03
N SER A 757 23.77 4.32 -13.95
CA SER A 757 23.02 3.09 -13.69
C SER A 757 23.10 2.74 -12.21
N MET A 758 22.22 1.84 -11.80
CA MET A 758 22.21 1.32 -10.43
C MET A 758 22.17 -0.19 -10.43
N THR A 759 22.08 -0.80 -9.24
CA THR A 759 22.16 -2.23 -9.12
C THR A 759 20.86 -2.90 -9.55
N LYS A 760 20.97 -4.14 -10.01
CA LYS A 760 19.85 -4.95 -10.45
C LYS A 760 19.59 -6.03 -9.43
N THR A 761 18.34 -6.15 -8.98
CA THR A 761 17.99 -7.11 -7.93
C THR A 761 16.83 -7.98 -8.39
N SER A 762 16.63 -9.06 -7.65
CA SER A 762 15.51 -9.97 -7.84
C SER A 762 15.10 -10.52 -6.49
N VAL A 763 13.80 -10.74 -6.32
CA VAL A 763 13.22 -11.17 -5.05
C VAL A 763 12.42 -12.44 -5.28
N ASP A 764 12.61 -13.42 -4.40
CA ASP A 764 11.79 -14.62 -4.38
C ASP A 764 10.66 -14.40 -3.39
N CYS A 765 9.42 -14.43 -3.89
CA CYS A 765 8.27 -14.11 -3.05
C CYS A 765 8.08 -15.14 -1.95
N THR A 766 8.05 -16.42 -2.31
CA THR A 766 7.76 -17.47 -1.34
C THR A 766 8.87 -17.60 -0.31
N MET A 767 10.12 -17.48 -0.72
CA MET A 767 11.22 -17.63 0.23
C MET A 767 11.25 -16.46 1.21
N TYR A 768 10.88 -15.26 0.78
CA TYR A 768 10.85 -14.15 1.71
C TYR A 768 9.66 -14.23 2.65
N ILE A 769 8.49 -14.62 2.14
CA ILE A 769 7.28 -14.61 2.97
C ILE A 769 7.22 -15.85 3.85
N CYS A 770 7.21 -17.03 3.23
CA CYS A 770 6.99 -18.27 3.97
C CYS A 770 8.30 -18.91 4.44
N GLY A 771 9.28 -19.07 3.56
CA GLY A 771 10.55 -19.62 3.98
C GLY A 771 10.56 -21.12 4.21
N ASP A 772 10.42 -21.90 3.13
CA ASP A 772 10.47 -23.36 3.14
C ASP A 772 9.51 -23.96 4.17
N SER A 773 8.33 -23.39 4.27
CA SER A 773 7.24 -23.94 5.07
C SER A 773 6.14 -24.44 4.15
N THR A 774 5.51 -25.55 4.51
CA THR A 774 4.45 -26.12 3.71
C THR A 774 3.07 -25.72 4.19
N GLU A 775 2.90 -25.46 5.49
CA GLU A 775 1.65 -24.87 5.97
C GLU A 775 1.47 -23.49 5.38
N CYS A 776 2.47 -22.63 5.49
CA CYS A 776 2.59 -21.46 4.65
C CYS A 776 2.93 -21.90 3.23
N SER A 777 2.82 -20.96 2.28
CA SER A 777 3.02 -21.25 0.86
C SER A 777 1.96 -22.19 0.31
N ASN A 778 1.09 -22.67 1.18
CA ASN A 778 -0.18 -23.27 0.78
C ASN A 778 -1.35 -22.40 1.21
N LEU A 779 -1.18 -21.61 2.26
CA LEU A 779 -2.03 -20.46 2.56
C LEU A 779 -1.72 -19.27 1.66
N LEU A 780 -0.46 -19.12 1.26
CA LEU A 780 -0.09 -18.13 0.25
C LEU A 780 -0.27 -18.69 -1.15
N LEU A 781 -1.44 -19.25 -1.41
CA LEU A 781 -1.88 -19.61 -2.73
C LEU A 781 -3.32 -19.20 -2.95
N GLN A 782 -4.06 -18.96 -1.87
CA GLN A 782 -5.39 -18.38 -1.91
C GLN A 782 -5.35 -16.86 -1.90
N TYR A 783 -4.19 -16.26 -1.65
CA TYR A 783 -3.97 -14.87 -2.00
C TYR A 783 -3.81 -14.75 -3.51
N GLY A 784 -3.75 -13.50 -3.98
CA GLY A 784 -3.76 -13.27 -5.41
C GLY A 784 -2.43 -13.35 -6.10
N SER A 785 -2.32 -12.67 -7.24
CA SER A 785 -1.09 -12.66 -8.05
C SER A 785 -0.27 -11.42 -7.70
N PHE A 786 0.17 -11.38 -6.45
CA PHE A 786 1.02 -10.29 -5.97
C PHE A 786 2.48 -10.69 -5.95
N CYS A 787 2.86 -11.69 -6.75
CA CYS A 787 4.23 -12.14 -6.83
C CYS A 787 4.76 -12.28 -8.24
N THR A 788 3.90 -12.39 -9.24
CA THR A 788 4.31 -12.22 -10.62
C THR A 788 4.37 -10.76 -11.02
N GLN A 789 3.46 -9.95 -10.47
CA GLN A 789 3.44 -8.52 -10.77
C GLN A 789 4.61 -7.79 -10.15
N LEU A 790 5.21 -8.33 -9.09
CA LEU A 790 6.43 -7.74 -8.53
C LEU A 790 7.64 -8.04 -9.40
N ASN A 791 7.76 -9.27 -9.87
CA ASN A 791 8.90 -9.67 -10.68
C ASN A 791 8.79 -9.21 -12.11
N ARG A 792 7.61 -8.76 -12.55
CA ARG A 792 7.55 -8.03 -13.82
C ARG A 792 8.18 -6.66 -13.68
N ALA A 793 7.84 -5.93 -12.61
CA ALA A 793 8.37 -4.59 -12.41
C ALA A 793 9.87 -4.63 -12.15
N LEU A 794 10.34 -5.54 -11.30
CA LEU A 794 11.76 -5.61 -11.02
C LEU A 794 12.57 -5.99 -12.24
N THR A 795 12.07 -6.86 -13.11
CA THR A 795 12.77 -7.17 -14.35
C THR A 795 12.73 -6.01 -15.34
N GLY A 796 11.63 -5.26 -15.40
CA GLY A 796 11.62 -4.05 -16.18
C GLY A 796 12.65 -3.05 -15.72
N ILE A 797 12.87 -2.95 -14.41
CA ILE A 797 13.94 -2.09 -13.90
C ILE A 797 15.30 -2.66 -14.28
N ALA A 798 15.49 -3.97 -14.11
CA ALA A 798 16.81 -4.56 -14.28
C ALA A 798 17.28 -4.49 -15.73
N VAL A 799 16.40 -4.75 -16.69
CA VAL A 799 16.82 -4.78 -18.09
C VAL A 799 17.02 -3.39 -18.69
N GLU A 800 16.61 -2.33 -17.98
CA GLU A 800 16.79 -0.97 -18.46
C GLU A 800 18.15 -0.41 -18.11
N GLN A 801 18.76 -0.93 -17.03
CA GLN A 801 20.07 -0.44 -16.62
C GLN A 801 21.16 -0.80 -17.61
N ASP A 802 20.91 -1.75 -18.51
CA ASP A 802 21.84 -2.06 -19.58
C ASP A 802 21.64 -1.18 -20.80
N LYS A 803 20.40 -0.83 -21.13
CA LYS A 803 20.17 0.19 -22.13
C LYS A 803 20.77 1.53 -21.72
N ASN A 804 20.74 1.84 -20.42
CA ASN A 804 21.37 3.05 -19.93
C ASN A 804 22.84 3.12 -20.32
N THR A 805 23.57 2.03 -20.12
CA THR A 805 24.99 2.02 -20.45
C THR A 805 25.23 1.95 -21.95
N GLN A 806 24.42 1.18 -22.67
CA GLN A 806 24.56 1.10 -24.11
C GLN A 806 24.34 2.44 -24.79
N GLU A 807 23.51 3.29 -24.19
CA GLU A 807 23.19 4.62 -24.79
C GLU A 807 24.39 5.56 -24.61
N VAL A 808 25.02 5.55 -23.43
CA VAL A 808 26.10 6.50 -23.16
C VAL A 808 27.39 6.06 -23.84
N PHE A 809 27.76 4.79 -23.69
CA PHE A 809 29.12 4.43 -24.08
C PHE A 809 29.22 3.89 -25.50
N ALA A 810 28.23 3.13 -25.97
CA ALA A 810 28.31 2.58 -27.32
C ALA A 810 27.84 3.59 -28.35
N GLN A 811 28.44 4.78 -28.35
CA GLN A 811 28.06 5.80 -29.33
C GLN A 811 28.55 5.45 -30.72
N VAL A 812 29.80 5.01 -30.83
CA VAL A 812 30.39 4.57 -32.09
C VAL A 812 30.89 3.15 -31.92
N LYS A 813 30.65 2.32 -32.93
CA LYS A 813 30.97 0.90 -32.88
C LYS A 813 32.05 0.53 -33.89
N GLN A 814 33.06 1.36 -34.00
CA GLN A 814 34.31 1.02 -34.66
C GLN A 814 35.43 1.29 -33.66
N ILE A 815 36.07 0.22 -33.19
CA ILE A 815 37.02 0.36 -32.09
C ILE A 815 38.34 0.88 -32.64
N TYR A 816 38.50 2.21 -32.65
CA TYR A 816 39.77 2.80 -33.06
C TYR A 816 40.83 2.50 -32.02
N LYS A 817 42.07 2.37 -32.48
CA LYS A 817 43.18 1.98 -31.64
C LYS A 817 44.04 3.19 -31.32
N THR A 818 44.47 3.30 -30.06
CA THR A 818 45.34 4.44 -29.65
C THR A 818 46.66 4.36 -30.42
N PRO A 819 47.03 5.39 -31.21
CA PRO A 819 48.27 5.36 -31.99
C PRO A 819 49.48 5.42 -31.05
N PRO A 820 50.64 4.80 -31.40
CA PRO A 820 51.84 4.93 -30.58
C PRO A 820 52.00 6.44 -30.34
N ILE A 821 52.05 6.87 -29.08
CA ILE A 821 52.05 8.34 -28.78
C ILE A 821 53.09 9.04 -29.66
N LYS A 822 52.66 9.86 -30.62
CA LYS A 822 53.58 10.66 -31.41
C LYS A 822 53.51 12.07 -30.85
N ASP A 823 54.11 13.01 -31.57
CA ASP A 823 54.02 14.42 -31.20
C ASP A 823 52.63 14.95 -31.56
N PHE A 824 51.96 15.56 -30.58
CA PHE A 824 50.67 16.20 -30.79
C PHE A 824 50.78 17.71 -30.69
N GLY A 825 51.89 18.26 -31.16
CA GLY A 825 52.12 19.69 -31.12
C GLY A 825 52.66 20.21 -29.81
N GLY A 826 52.82 19.34 -28.80
CA GLY A 826 53.27 19.77 -27.50
C GLY A 826 52.32 19.40 -26.39
N PHE A 827 51.22 18.74 -26.75
CA PHE A 827 50.22 18.29 -25.79
C PHE A 827 50.58 16.88 -25.32
N ASN A 828 50.38 16.59 -24.04
CA ASN A 828 50.80 15.30 -23.43
C ASN A 828 49.57 14.63 -22.85
N PHE A 829 48.96 13.76 -23.61
CA PHE A 829 47.80 12.98 -23.18
C PHE A 829 48.24 11.66 -22.54
N SER A 830 49.10 11.71 -21.54
CA SER A 830 49.59 10.47 -20.96
C SER A 830 48.73 10.00 -19.79
N GLN A 831 48.24 10.92 -18.97
CA GLN A 831 47.45 10.53 -17.80
C GLN A 831 46.04 10.09 -18.16
N ILE A 832 45.61 10.26 -19.40
CA ILE A 832 44.26 9.84 -19.77
C ILE A 832 44.24 8.72 -20.79
N LEU A 833 45.28 8.53 -21.59
CA LEU A 833 45.34 7.37 -22.45
C LEU A 833 45.74 6.14 -21.66
N PRO A 834 45.21 4.97 -22.02
CA PRO A 834 45.48 3.76 -21.22
C PRO A 834 46.95 3.39 -21.24
N ASP A 835 47.42 2.82 -20.13
CA ASP A 835 48.79 2.34 -20.04
C ASP A 835 48.83 0.84 -20.22
N PRO A 836 49.84 0.30 -20.91
CA PRO A 836 49.89 -1.15 -21.12
C PRO A 836 49.98 -1.96 -19.83
N SER A 837 50.62 -1.41 -18.79
CA SER A 837 50.91 -2.18 -17.59
C SER A 837 49.86 -2.02 -16.49
N LYS A 838 49.05 -0.98 -16.53
CA LYS A 838 48.04 -0.79 -15.49
C LYS A 838 46.97 -1.88 -15.60
N PRO A 839 46.35 -2.25 -14.47
CA PRO A 839 45.36 -3.33 -14.50
C PRO A 839 44.17 -3.00 -15.38
N SER A 840 43.71 -4.00 -16.14
CA SER A 840 42.52 -3.91 -16.98
C SER A 840 42.62 -2.73 -17.95
N LYS A 841 43.84 -2.43 -18.38
CA LYS A 841 44.15 -1.41 -19.38
C LYS A 841 43.33 -0.13 -19.20
N ARG A 842 43.29 0.37 -17.97
CA ARG A 842 42.65 1.64 -17.69
C ARG A 842 43.70 2.67 -17.30
N SER A 843 43.37 3.93 -17.52
CA SER A 843 44.33 5.02 -17.43
C SER A 843 44.62 5.39 -15.98
N PHE A 844 45.51 6.37 -15.81
CA PHE A 844 45.88 6.83 -14.48
C PHE A 844 44.71 7.47 -13.77
N ILE A 845 43.99 8.35 -14.47
CA ILE A 845 42.87 9.07 -13.85
C ILE A 845 41.77 8.10 -13.46
N GLU A 846 41.48 7.12 -14.31
CA GLU A 846 40.46 6.13 -13.95
C GLU A 846 40.90 5.30 -12.75
N ASP A 847 42.19 5.00 -12.65
CA ASP A 847 42.71 4.29 -11.49
C ASP A 847 42.53 5.12 -10.22
N LEU A 848 42.75 6.43 -10.30
CA LEU A 848 42.45 7.30 -9.17
C LEU A 848 40.97 7.27 -8.83
N LEU A 849 40.11 7.23 -9.85
CA LEU A 849 38.67 7.34 -9.61
C LEU A 849 38.08 6.06 -9.02
N PHE A 850 38.61 4.89 -9.38
CA PHE A 850 37.99 3.66 -8.94
C PHE A 850 38.27 3.37 -7.47
N ASN A 851 39.35 3.94 -6.91
CA ASN A 851 39.69 3.64 -5.52
C ASN A 851 38.79 4.40 -4.55
N LYS A 852 38.39 5.62 -4.90
CA LYS A 852 37.67 6.45 -3.95
C LYS A 852 36.30 5.87 -3.61
N VAL A 853 35.58 5.37 -4.62
CA VAL A 853 34.23 4.86 -4.42
C VAL A 853 34.30 3.43 -3.90
N THR A 854 33.75 3.20 -2.72
CA THR A 854 33.79 1.90 -2.06
C THR A 854 32.50 1.16 -2.33
N LEU A 855 32.55 0.18 -3.23
CA LEU A 855 31.37 -0.62 -3.57
C LEU A 855 31.04 -1.60 -2.45
N LYS A 862 29.96 -12.80 -2.70
CA LYS A 862 30.31 -13.91 -1.82
C LYS A 862 29.88 -15.25 -2.41
N GLN A 863 30.84 -16.13 -2.60
CA GLN A 863 30.53 -17.47 -3.11
C GLN A 863 29.70 -18.24 -2.11
N TYR A 864 28.88 -19.15 -2.61
CA TYR A 864 28.03 -19.96 -1.74
C TYR A 864 28.85 -20.85 -0.82
N GLY A 865 30.12 -21.08 -1.15
CA GLY A 865 30.98 -21.81 -0.23
C GLY A 865 31.35 -21.00 1.01
N ASP A 866 31.25 -19.68 0.93
CA ASP A 866 31.60 -18.84 2.07
C ASP A 866 30.42 -18.61 3.01
N CYS A 867 29.21 -18.52 2.49
CA CYS A 867 28.06 -18.31 3.36
C CYS A 867 27.80 -19.54 4.24
N LEU A 868 28.12 -20.72 3.74
CA LEU A 868 27.95 -21.95 4.52
C LEU A 868 28.95 -22.02 5.65
N ASP A 875 27.25 -12.64 8.55
CA ASP A 875 27.19 -11.23 8.16
C ASP A 875 25.81 -10.87 7.64
N LEU A 876 25.73 -9.82 6.83
CA LEU A 876 24.46 -9.30 6.36
C LEU A 876 24.15 -9.67 4.92
N ILE A 877 25.14 -10.09 4.13
CA ILE A 877 24.87 -10.55 2.77
C ILE A 877 24.30 -11.96 2.77
N CYS A 878 24.82 -12.83 3.62
CA CYS A 878 24.27 -14.18 3.71
C CYS A 878 22.92 -14.18 4.41
N ALA A 879 22.65 -13.20 5.26
CA ALA A 879 21.34 -13.11 5.89
C ALA A 879 20.27 -12.71 4.90
N GLN A 880 20.61 -11.94 3.87
CA GLN A 880 19.67 -11.58 2.84
C GLN A 880 19.70 -12.52 1.64
N LYS A 881 20.72 -13.35 1.52
CA LYS A 881 20.73 -14.35 0.46
C LYS A 881 19.83 -15.52 0.79
N PHE A 882 19.68 -15.86 2.08
CA PHE A 882 18.80 -16.94 2.50
C PHE A 882 17.34 -16.55 2.50
N ASN A 883 17.01 -15.27 2.45
CA ASN A 883 15.64 -14.79 2.46
C ASN A 883 15.14 -14.40 1.08
N GLY A 884 15.86 -14.77 0.02
CA GLY A 884 15.35 -14.64 -1.32
C GLY A 884 15.85 -13.44 -2.10
N LEU A 885 16.63 -12.56 -1.48
CA LEU A 885 17.07 -11.33 -2.13
C LEU A 885 18.39 -11.57 -2.85
N THR A 886 18.40 -11.36 -4.17
CA THR A 886 19.57 -11.64 -4.99
C THR A 886 19.94 -10.42 -5.80
N VAL A 887 21.24 -10.23 -6.02
CA VAL A 887 21.77 -9.11 -6.80
C VAL A 887 22.41 -9.67 -8.06
N LEU A 888 21.87 -9.27 -9.22
CA LEU A 888 22.34 -9.74 -10.50
C LEU A 888 23.56 -8.97 -10.97
N PRO A 889 24.38 -9.56 -11.85
CA PRO A 889 25.58 -8.86 -12.33
C PRO A 889 25.28 -8.07 -13.59
N PRO A 890 25.95 -6.93 -13.79
CA PRO A 890 25.74 -6.16 -15.01
C PRO A 890 26.27 -6.86 -16.24
N LEU A 891 25.68 -6.54 -17.39
CA LEU A 891 26.03 -7.23 -18.63
C LEU A 891 27.40 -6.80 -19.14
N LEU A 892 27.67 -5.50 -19.13
CA LEU A 892 28.92 -4.96 -19.69
C LEU A 892 29.90 -4.75 -18.55
N THR A 893 30.96 -5.55 -18.53
CA THR A 893 31.90 -5.51 -17.41
C THR A 893 32.73 -4.22 -17.44
N ASP A 894 33.55 -4.05 -16.40
CA ASP A 894 34.36 -2.85 -16.27
C ASP A 894 35.55 -2.83 -17.22
N GLU A 895 35.88 -3.94 -17.87
CA GLU A 895 36.93 -3.95 -18.88
C GLU A 895 36.39 -3.71 -20.27
N MET A 896 35.09 -3.88 -20.49
CA MET A 896 34.48 -3.58 -21.77
C MET A 896 34.05 -2.14 -21.89
N ILE A 897 34.03 -1.40 -20.79
CA ILE A 897 33.68 0.02 -20.83
C ILE A 897 34.92 0.88 -21.04
N ALA A 898 36.03 0.50 -20.42
CA ALA A 898 37.29 1.16 -20.68
C ALA A 898 37.73 1.06 -22.13
N GLN A 899 37.38 -0.02 -22.83
CA GLN A 899 37.70 -0.14 -24.25
C GLN A 899 36.84 0.76 -25.12
N TYR A 900 35.58 0.99 -24.74
CA TYR A 900 34.78 2.00 -25.42
C TYR A 900 35.34 3.39 -25.19
N THR A 901 35.70 3.69 -23.94
CA THR A 901 36.22 5.01 -23.60
C THR A 901 37.56 5.29 -24.27
N SER A 902 38.44 4.30 -24.34
CA SER A 902 39.74 4.49 -24.98
C SER A 902 39.63 4.65 -26.49
N ALA A 903 38.50 4.28 -27.09
CA ALA A 903 38.27 4.52 -28.51
C ALA A 903 37.58 5.85 -28.76
N LEU A 904 36.63 6.23 -27.90
CA LEU A 904 36.09 7.58 -27.98
C LEU A 904 37.18 8.62 -27.77
N LEU A 905 38.13 8.36 -26.89
CA LEU A 905 39.22 9.27 -26.59
C LEU A 905 40.38 9.17 -27.56
N ALA A 906 40.43 8.12 -28.39
CA ALA A 906 41.48 7.98 -29.40
C ALA A 906 41.00 8.29 -30.80
N GLY A 907 39.71 8.46 -31.01
CA GLY A 907 39.25 8.95 -32.30
C GLY A 907 39.27 10.47 -32.35
N THR A 908 39.09 11.11 -31.20
CA THR A 908 38.94 12.55 -31.16
C THR A 908 40.26 13.30 -31.12
N ILE A 909 41.33 12.69 -30.61
CA ILE A 909 42.65 13.33 -30.66
C ILE A 909 43.37 13.03 -31.95
N THR A 910 42.79 12.24 -32.83
CA THR A 910 43.37 11.90 -34.12
C THR A 910 42.60 12.46 -35.29
N SER A 911 41.27 12.31 -35.30
CA SER A 911 40.45 12.79 -36.41
C SER A 911 39.71 14.07 -36.11
N GLY A 912 39.26 14.26 -34.88
CA GLY A 912 38.56 15.48 -34.50
C GLY A 912 37.07 15.26 -34.38
N TRP A 913 36.29 16.14 -34.99
CA TRP A 913 34.84 16.08 -34.94
C TRP A 913 34.26 15.25 -36.07
N THR A 914 35.10 14.68 -36.94
CA THR A 914 34.66 14.07 -38.19
C THR A 914 34.29 12.61 -38.06
N PHE A 915 34.59 11.96 -36.94
CA PHE A 915 34.29 10.55 -36.78
C PHE A 915 32.96 10.31 -36.10
N GLY A 916 32.25 11.36 -35.70
CA GLY A 916 30.92 11.22 -35.16
C GLY A 916 29.88 11.60 -36.19
N ALA A 917 30.31 11.71 -37.45
CA ALA A 917 29.42 12.07 -38.53
C ALA A 917 29.66 11.24 -39.79
N GLY A 918 30.41 10.15 -39.69
CA GLY A 918 30.77 9.37 -40.85
C GLY A 918 32.10 8.67 -40.67
N ALA A 919 32.94 8.70 -41.69
CA ALA A 919 34.25 8.07 -41.62
C ALA A 919 35.23 8.98 -40.91
N ALA A 920 36.24 8.37 -40.30
CA ALA A 920 37.27 9.14 -39.61
C ALA A 920 38.28 9.68 -40.61
N LEU A 921 38.59 10.97 -40.50
CA LEU A 921 39.53 11.64 -41.38
C LEU A 921 40.61 12.29 -40.51
N GLN A 922 41.86 11.87 -40.70
CA GLN A 922 42.93 12.36 -39.83
C GLN A 922 43.24 13.82 -40.13
N ILE A 923 43.86 14.48 -39.15
CA ILE A 923 44.23 15.89 -39.28
C ILE A 923 45.25 16.21 -38.18
N PRO A 924 46.28 17.01 -38.46
CA PRO A 924 47.23 17.36 -37.40
C PRO A 924 46.55 18.06 -36.25
N PHE A 925 47.04 17.82 -35.03
CA PHE A 925 46.33 18.30 -33.85
C PHE A 925 46.33 19.82 -33.78
N ALA A 926 47.44 20.47 -34.14
CA ALA A 926 47.47 21.92 -34.10
C ALA A 926 46.46 22.53 -35.07
N MET A 927 46.32 21.94 -36.25
CA MET A 927 45.36 22.40 -37.24
C MET A 927 43.92 22.06 -36.87
N GLN A 928 43.71 21.25 -35.84
CA GLN A 928 42.40 21.03 -35.27
C GLN A 928 42.10 22.04 -34.15
N MET A 929 43.08 22.29 -33.29
CA MET A 929 42.90 23.31 -32.26
C MET A 929 42.75 24.69 -32.88
N ALA A 930 43.34 24.93 -34.05
CA ALA A 930 43.15 26.21 -34.73
C ALA A 930 41.70 26.41 -35.14
N TYR A 931 41.06 25.37 -35.67
CA TYR A 931 39.66 25.50 -36.06
C TYR A 931 38.77 25.63 -34.83
N ARG A 932 39.12 24.92 -33.76
CA ARG A 932 38.35 25.05 -32.53
C ARG A 932 38.46 26.46 -31.95
N PHE A 933 39.65 27.07 -32.03
CA PHE A 933 39.78 28.48 -31.66
C PHE A 933 38.95 29.37 -32.57
N ASN A 934 38.99 29.13 -33.87
CA ASN A 934 38.23 29.91 -34.82
C ASN A 934 36.73 29.77 -34.62
N GLY A 935 36.28 28.71 -33.94
CA GLY A 935 34.87 28.56 -33.67
C GLY A 935 34.32 29.33 -32.50
N ILE A 936 35.18 29.89 -31.63
CA ILE A 936 34.74 30.67 -30.50
C ILE A 936 34.92 32.16 -30.71
N GLY A 937 35.43 32.58 -31.88
CA GLY A 937 35.57 33.98 -32.18
C GLY A 937 36.97 34.41 -32.53
N VAL A 938 37.96 33.86 -31.84
CA VAL A 938 39.36 34.25 -32.06
C VAL A 938 39.83 33.70 -33.40
N THR A 939 40.99 34.15 -33.86
CA THR A 939 41.49 33.76 -35.17
C THR A 939 42.64 32.78 -35.03
N GLN A 940 43.15 32.31 -36.18
CA GLN A 940 44.11 31.22 -36.18
C GLN A 940 45.49 31.67 -35.72
N ASN A 941 45.93 32.86 -36.15
CA ASN A 941 47.28 33.29 -35.83
C ASN A 941 47.49 33.40 -34.33
N VAL A 942 46.42 33.64 -33.57
CA VAL A 942 46.55 33.71 -32.12
C VAL A 942 47.00 32.37 -31.53
N LEU A 943 46.54 31.25 -32.11
CA LEU A 943 47.04 29.96 -31.67
C LEU A 943 48.39 29.64 -32.29
N TYR A 944 48.53 29.91 -33.59
CA TYR A 944 49.75 29.50 -34.28
C TYR A 944 50.98 30.24 -33.79
N GLU A 945 50.80 31.37 -33.11
CA GLU A 945 51.98 32.17 -32.65
C GLU A 945 52.21 31.93 -31.16
N ASN A 946 51.24 31.34 -30.44
CA ASN A 946 51.34 31.13 -29.01
C ASN A 946 51.18 29.65 -28.67
N GLN A 947 51.77 28.76 -29.47
CA GLN A 947 51.48 27.35 -29.32
C GLN A 947 52.12 26.77 -28.07
N LYS A 948 53.36 27.13 -27.78
CA LYS A 948 54.04 26.57 -26.62
C LYS A 948 53.36 26.97 -25.32
N LEU A 949 52.93 28.22 -25.22
CA LEU A 949 52.27 28.68 -24.00
C LEU A 949 50.97 27.91 -23.75
N ILE A 950 50.19 27.69 -24.81
CA ILE A 950 48.92 26.98 -24.65
C ILE A 950 49.16 25.51 -24.33
N ALA A 951 50.15 24.90 -24.97
CA ALA A 951 50.48 23.52 -24.63
C ALA A 951 50.90 23.40 -23.18
N ASN A 952 51.73 24.32 -22.69
CA ASN A 952 52.14 24.27 -21.30
C ASN A 952 50.98 24.50 -20.35
N GLN A 953 50.06 25.42 -20.68
CA GLN A 953 48.90 25.63 -19.83
C GLN A 953 48.01 24.39 -19.75
N PHE A 954 47.77 23.73 -20.88
CA PHE A 954 46.97 22.51 -20.84
C PHE A 954 47.67 21.41 -20.04
N ASN A 955 48.97 21.25 -20.24
CA ASN A 955 49.69 20.19 -19.52
C ASN A 955 49.75 20.47 -18.03
N SER A 956 49.81 21.73 -17.62
CA SER A 956 49.80 22.07 -16.22
C SER A 956 48.41 22.05 -15.61
N ALA A 957 47.36 22.17 -16.42
CA ALA A 957 46.00 22.03 -15.93
C ALA A 957 45.56 20.58 -15.81
N ILE A 958 46.10 19.69 -16.64
CA ILE A 958 45.79 18.27 -16.47
C ILE A 958 46.46 17.72 -15.21
N GLY A 959 47.61 18.27 -14.83
CA GLY A 959 48.33 17.77 -13.68
C GLY A 959 47.86 18.34 -12.36
N LYS A 960 46.69 18.96 -12.37
CA LYS A 960 46.06 19.45 -11.15
C LYS A 960 44.78 18.71 -10.81
N ILE A 961 44.09 18.15 -11.81
CA ILE A 961 42.91 17.33 -11.56
C ILE A 961 43.27 16.12 -10.73
N GLN A 962 44.38 15.45 -11.08
CA GLN A 962 44.79 14.27 -10.34
C GLN A 962 45.19 14.61 -8.92
N ASP A 963 45.85 15.76 -8.73
CA ASP A 963 46.18 16.18 -7.37
C ASP A 963 44.93 16.48 -6.56
N SER A 964 43.91 17.08 -7.19
CA SER A 964 42.65 17.29 -6.50
C SER A 964 42.00 15.97 -6.12
N LEU A 965 42.03 14.97 -7.02
CA LEU A 965 41.41 13.69 -6.74
C LEU A 965 42.16 12.88 -5.69
N SER A 966 43.42 13.21 -5.40
CA SER A 966 44.21 12.39 -4.50
C SER A 966 44.09 12.82 -3.03
N SER A 967 43.56 14.00 -2.76
CA SER A 967 43.47 14.49 -1.38
C SER A 967 42.12 15.14 -1.11
N THR A 968 41.04 14.52 -1.59
CA THR A 968 39.69 15.02 -1.33
C THR A 968 38.75 13.84 -1.32
N ALA A 969 38.32 13.42 -0.13
CA ALA A 969 37.49 12.22 0.00
C ALA A 969 36.15 12.39 -0.69
N SER A 970 35.49 13.54 -0.48
CA SER A 970 34.16 13.76 -1.04
C SER A 970 34.24 14.30 -2.46
N ALA A 971 34.98 13.60 -3.32
CA ALA A 971 35.08 13.99 -4.72
C ALA A 971 33.91 13.44 -5.52
N LEU A 972 33.71 12.12 -5.47
CA LEU A 972 32.62 11.47 -6.20
C LEU A 972 31.46 11.24 -5.24
N GLY A 973 30.74 12.32 -4.95
CA GLY A 973 29.67 12.26 -3.99
C GLY A 973 28.35 11.80 -4.58
N LYS A 974 28.14 12.03 -5.87
CA LYS A 974 26.92 11.58 -6.50
C LYS A 974 26.92 10.08 -6.75
N LEU A 975 28.10 9.50 -6.99
CA LEU A 975 28.22 8.08 -7.31
C LEU A 975 28.26 7.19 -6.09
N GLN A 976 28.45 7.75 -4.90
CA GLN A 976 28.41 6.97 -3.67
C GLN A 976 27.02 6.90 -3.08
N ASP A 977 26.19 7.91 -3.31
CA ASP A 977 24.83 7.94 -2.80
C ASP A 977 23.88 7.10 -3.62
N VAL A 978 24.34 6.45 -4.69
CA VAL A 978 23.50 5.53 -5.43
C VAL A 978 23.82 4.12 -4.96
N VAL A 979 25.02 3.92 -4.44
CA VAL A 979 25.38 2.61 -3.89
C VAL A 979 25.07 2.51 -2.41
N ASN A 980 24.91 3.65 -1.72
CA ASN A 980 24.47 3.60 -0.33
C ASN A 980 22.98 3.28 -0.22
N GLN A 981 22.17 3.91 -1.06
CA GLN A 981 20.72 3.74 -0.95
C GLN A 981 20.27 2.34 -1.36
N ASN A 982 20.89 1.77 -2.39
CA ASN A 982 20.51 0.44 -2.84
C ASN A 982 20.95 -0.65 -1.87
N ALA A 983 21.84 -0.33 -0.92
CA ALA A 983 22.15 -1.23 0.18
C ALA A 983 21.25 -0.98 1.38
N GLN A 984 20.92 0.29 1.62
CA GLN A 984 20.00 0.62 2.71
C GLN A 984 18.64 -0.01 2.50
N ALA A 985 18.14 -0.02 1.27
CA ALA A 985 16.84 -0.61 1.01
C ALA A 985 16.83 -2.11 1.29
N LEU A 986 17.83 -2.83 0.80
CA LEU A 986 17.91 -4.27 1.04
C LEU A 986 18.21 -4.60 2.50
N ASN A 987 18.84 -3.70 3.25
CA ASN A 987 19.02 -3.93 4.67
C ASN A 987 17.76 -3.67 5.48
N THR A 988 16.96 -2.67 5.09
CA THR A 988 15.65 -2.47 5.69
C THR A 988 14.68 -3.60 5.40
N LEU A 989 14.71 -4.15 4.18
CA LEU A 989 13.83 -5.24 3.82
C LEU A 989 14.06 -6.49 4.66
N VAL A 990 15.26 -6.69 5.18
CA VAL A 990 15.55 -7.84 6.03
C VAL A 990 15.26 -7.54 7.49
N LYS A 991 15.57 -6.33 7.96
CA LYS A 991 15.19 -5.93 9.30
C LYS A 991 13.68 -5.90 9.50
N GLN A 992 12.91 -5.79 8.42
CA GLN A 992 11.46 -5.79 8.50
C GLN A 992 10.87 -7.16 8.80
N LEU A 993 11.69 -8.18 8.96
CA LEU A 993 11.20 -9.53 9.26
C LEU A 993 11.11 -9.81 10.74
N SER A 994 11.40 -8.82 11.59
CA SER A 994 11.26 -8.96 13.03
C SER A 994 9.93 -8.42 13.54
N SER A 995 9.06 -7.96 12.65
CA SER A 995 7.81 -7.31 13.03
C SER A 995 6.68 -8.33 13.02
N ASN A 996 5.91 -8.37 14.09
CA ASN A 996 4.68 -9.13 14.14
C ASN A 996 3.52 -8.16 13.96
N PHE A 997 2.91 -8.18 12.78
CA PHE A 997 1.91 -7.19 12.41
C PHE A 997 0.57 -7.49 13.09
N GLY A 998 0.61 -7.47 14.42
CA GLY A 998 -0.53 -7.83 15.23
C GLY A 998 -0.62 -9.30 15.60
N ALA A 999 0.25 -10.14 15.04
CA ALA A 999 0.23 -11.56 15.39
C ALA A 999 0.80 -11.76 16.78
N ILE A 1000 0.71 -13.00 17.27
CA ILE A 1000 1.21 -13.30 18.60
C ILE A 1000 2.72 -13.32 18.62
N SER A 1001 3.36 -13.62 17.49
CA SER A 1001 4.81 -13.64 17.40
C SER A 1001 5.22 -13.37 15.97
N SER A 1002 6.46 -12.95 15.79
CA SER A 1002 7.01 -12.70 14.47
C SER A 1002 7.70 -13.91 13.87
N VAL A 1003 7.90 -14.97 14.64
CA VAL A 1003 8.55 -16.18 14.16
C VAL A 1003 7.47 -17.15 13.70
N LEU A 1004 7.65 -17.69 12.50
CA LEU A 1004 6.62 -18.54 11.91
C LEU A 1004 6.64 -19.96 12.44
N ASN A 1005 7.71 -20.38 13.12
CA ASN A 1005 7.78 -21.72 13.68
C ASN A 1005 7.29 -21.79 15.11
N ASP A 1006 7.08 -20.65 15.77
CA ASP A 1006 6.46 -20.62 17.09
C ASP A 1006 4.96 -20.46 17.02
N ILE A 1007 4.41 -20.21 15.84
CA ILE A 1007 2.97 -20.24 15.67
C ILE A 1007 2.51 -21.62 15.21
N LEU A 1008 3.30 -22.30 14.39
CA LEU A 1008 2.95 -23.62 13.90
C LEU A 1008 3.26 -24.72 14.90
N SER A 1009 3.96 -24.43 15.98
CA SER A 1009 4.29 -25.43 16.99
C SER A 1009 3.45 -25.30 18.24
N ARG A 1010 2.57 -24.31 18.32
CA ARG A 1010 1.74 -24.08 19.49
C ARG A 1010 0.26 -24.00 19.20
N LEU A 1011 -0.15 -23.86 17.93
CA LEU A 1011 -1.54 -23.75 17.56
C LEU A 1011 -1.86 -24.71 16.43
N ASP A 1012 -3.10 -25.16 16.38
CA ASP A 1012 -3.61 -26.05 15.34
C ASP A 1012 -4.17 -25.22 14.18
N PRO A 1013 -4.25 -25.81 12.98
CA PRO A 1013 -4.46 -25.01 11.76
C PRO A 1013 -5.57 -23.99 11.86
N PRO A 1014 -6.78 -24.34 12.33
CA PRO A 1014 -7.84 -23.32 12.36
C PRO A 1014 -7.50 -22.14 13.25
N GLU A 1015 -6.74 -22.36 14.33
CA GLU A 1015 -6.31 -21.28 15.21
C GLU A 1015 -5.01 -20.63 14.77
N ALA A 1016 -4.30 -21.22 13.81
CA ALA A 1016 -3.04 -20.66 13.33
C ALA A 1016 -3.22 -19.80 12.09
N GLU A 1017 -4.24 -20.11 11.29
CA GLU A 1017 -4.48 -19.39 10.04
C GLU A 1017 -4.88 -17.94 10.27
N VAL A 1018 -5.23 -17.58 11.50
CA VAL A 1018 -5.54 -16.19 11.79
C VAL A 1018 -4.28 -15.36 12.02
N GLN A 1019 -3.22 -15.97 12.55
CA GLN A 1019 -1.95 -15.29 12.70
C GLN A 1019 -1.09 -15.35 11.44
N ILE A 1020 -1.12 -16.49 10.75
CA ILE A 1020 -0.39 -16.61 9.50
C ILE A 1020 -0.93 -15.62 8.47
N ASP A 1021 -2.24 -15.40 8.44
CA ASP A 1021 -2.83 -14.46 7.50
C ASP A 1021 -2.58 -13.01 7.88
N ARG A 1022 -2.15 -12.73 9.11
CA ARG A 1022 -1.68 -11.40 9.45
C ARG A 1022 -0.22 -11.20 9.07
N LEU A 1023 0.62 -12.21 9.30
CA LEU A 1023 2.02 -12.11 8.88
C LEU A 1023 2.14 -12.02 7.36
N ILE A 1024 1.33 -12.78 6.62
CA ILE A 1024 1.39 -12.71 5.16
C ILE A 1024 1.04 -11.31 4.67
N THR A 1025 -0.05 -10.75 5.19
CA THR A 1025 -0.48 -9.42 4.77
C THR A 1025 0.55 -8.37 5.14
N GLY A 1026 1.18 -8.49 6.30
CA GLY A 1026 2.19 -7.53 6.68
C GLY A 1026 3.48 -7.65 5.92
N ARG A 1027 3.81 -8.86 5.46
CA ARG A 1027 5.05 -9.06 4.72
C ARG A 1027 4.91 -8.82 3.23
N LEU A 1028 3.70 -8.79 2.69
CA LEU A 1028 3.51 -8.32 1.32
C LEU A 1028 3.63 -6.81 1.18
N GLN A 1029 3.25 -6.06 2.20
CA GLN A 1029 3.30 -4.60 2.12
C GLN A 1029 4.73 -4.11 2.02
N SER A 1030 5.65 -4.76 2.72
CA SER A 1030 7.06 -4.36 2.65
C SER A 1030 7.63 -4.57 1.25
N LEU A 1031 7.31 -5.70 0.63
CA LEU A 1031 7.75 -5.93 -0.74
C LEU A 1031 7.17 -4.90 -1.68
N GLN A 1032 5.89 -4.57 -1.53
CA GLN A 1032 5.29 -3.58 -2.43
C GLN A 1032 5.92 -2.21 -2.25
N THR A 1033 6.19 -1.81 -1.00
CA THR A 1033 6.85 -0.54 -0.77
C THR A 1033 8.24 -0.51 -1.40
N TYR A 1034 9.00 -1.59 -1.23
CA TYR A 1034 10.33 -1.67 -1.83
C TYR A 1034 10.25 -1.52 -3.35
N VAL A 1035 9.31 -2.22 -3.99
CA VAL A 1035 9.21 -2.15 -5.44
C VAL A 1035 8.83 -0.75 -5.89
N THR A 1036 7.89 -0.10 -5.19
CA THR A 1036 7.50 1.25 -5.58
C THR A 1036 8.67 2.23 -5.47
N GLN A 1037 9.43 2.15 -4.38
CA GLN A 1037 10.58 3.04 -4.25
C GLN A 1037 11.64 2.78 -5.30
N GLN A 1038 11.90 1.52 -5.65
CA GLN A 1038 12.84 1.23 -6.72
C GLN A 1038 12.36 1.78 -8.06
N LEU A 1039 11.06 1.63 -8.36
CA LEU A 1039 10.51 2.22 -9.57
C LEU A 1039 10.67 3.73 -9.60
N ILE A 1040 10.53 4.38 -8.45
CA ILE A 1040 10.71 5.83 -8.40
C ILE A 1040 12.16 6.27 -8.59
N ARG A 1041 13.13 5.50 -8.06
CA ARG A 1041 14.52 5.89 -8.24
C ARG A 1041 15.06 5.59 -9.65
N ALA A 1042 14.57 4.53 -10.28
CA ALA A 1042 14.97 4.23 -11.64
C ALA A 1042 14.65 5.37 -12.60
N ALA A 1043 13.58 6.13 -12.36
CA ALA A 1043 13.20 7.24 -13.21
C ALA A 1043 14.13 8.43 -13.11
N GLU A 1044 14.84 8.59 -12.00
CA GLU A 1044 15.90 9.60 -11.92
C GLU A 1044 17.20 9.12 -12.53
N ILE A 1045 17.55 7.86 -12.30
CA ILE A 1045 18.76 7.34 -12.94
C ILE A 1045 18.62 7.39 -14.45
N ARG A 1046 17.43 7.13 -14.98
CA ARG A 1046 17.20 7.19 -16.42
C ARG A 1046 17.41 8.61 -16.95
N ALA A 1047 16.93 9.62 -16.22
CA ALA A 1047 17.11 11.00 -16.67
C ALA A 1047 18.58 11.39 -16.67
N SER A 1048 19.33 10.97 -15.63
CA SER A 1048 20.76 11.24 -15.63
C SER A 1048 21.48 10.53 -16.77
N ALA A 1049 21.09 9.30 -17.11
CA ALA A 1049 21.68 8.62 -18.24
C ALA A 1049 21.38 9.34 -19.56
N ASN A 1050 20.16 9.83 -19.74
CA ASN A 1050 19.86 10.59 -20.95
C ASN A 1050 20.65 11.89 -21.04
N LEU A 1051 20.81 12.59 -19.92
CA LEU A 1051 21.64 13.80 -19.92
C LEU A 1051 23.08 13.46 -20.27
N ALA A 1052 23.62 12.39 -19.70
CA ALA A 1052 24.98 11.99 -20.02
C ALA A 1052 25.14 11.58 -21.48
N ALA A 1053 24.15 10.93 -22.07
CA ALA A 1053 24.22 10.60 -23.48
C ALA A 1053 24.22 11.84 -24.37
N THR A 1054 23.35 12.80 -24.08
CA THR A 1054 23.36 14.04 -24.84
C THR A 1054 24.68 14.78 -24.69
N LYS A 1055 25.21 14.85 -23.47
CA LYS A 1055 26.49 15.50 -23.24
C LYS A 1055 27.64 14.79 -23.93
N MET A 1056 27.62 13.46 -24.00
CA MET A 1056 28.63 12.74 -24.77
C MET A 1056 28.51 13.04 -26.26
N SER A 1057 27.30 13.10 -26.78
CA SER A 1057 27.13 13.38 -28.21
C SER A 1057 27.56 14.77 -28.58
N GLU A 1058 27.32 15.76 -27.73
CA GLU A 1058 27.54 17.16 -28.11
C GLU A 1058 28.85 17.75 -27.62
N CYS A 1059 29.30 17.43 -26.41
CA CYS A 1059 30.56 18.00 -25.94
C CYS A 1059 31.78 17.22 -26.42
N VAL A 1060 31.67 15.91 -26.58
CA VAL A 1060 32.83 15.09 -26.95
C VAL A 1060 32.94 14.90 -28.45
N LEU A 1061 31.84 14.54 -29.11
CA LEU A 1061 31.88 14.29 -30.55
C LEU A 1061 31.75 15.56 -31.38
N GLY A 1062 31.60 16.72 -30.74
CA GLY A 1062 31.49 17.97 -31.46
C GLY A 1062 32.03 19.15 -30.68
N GLN A 1063 31.44 20.32 -30.87
CA GLN A 1063 31.77 21.51 -30.09
C GLN A 1063 30.52 22.34 -29.96
N SER A 1064 30.06 22.54 -28.73
CA SER A 1064 28.76 23.14 -28.50
C SER A 1064 28.86 24.66 -28.35
N LYS A 1065 27.85 25.36 -28.86
CA LYS A 1065 27.69 26.78 -28.65
C LYS A 1065 26.81 27.09 -27.44
N ARG A 1066 26.16 26.09 -26.85
CA ARG A 1066 25.29 26.32 -25.71
C ARG A 1066 26.11 26.75 -24.51
N VAL A 1067 25.64 27.78 -23.81
CA VAL A 1067 26.41 28.40 -22.74
C VAL A 1067 26.31 27.54 -21.49
N ASP A 1068 27.45 27.31 -20.85
CA ASP A 1068 27.59 26.56 -19.59
C ASP A 1068 27.11 25.13 -19.68
N PHE A 1069 26.92 24.61 -20.90
CA PHE A 1069 26.55 23.21 -21.05
C PHE A 1069 27.76 22.29 -20.88
N CYS A 1070 28.92 22.70 -21.40
CA CYS A 1070 30.11 21.89 -21.29
C CYS A 1070 31.22 22.63 -20.55
N GLY A 1071 30.89 23.27 -19.43
CA GLY A 1071 31.89 23.88 -18.58
C GLY A 1071 31.62 25.36 -18.37
N LYS A 1072 32.64 26.06 -17.90
CA LYS A 1072 32.59 27.50 -17.66
C LYS A 1072 33.57 28.18 -18.60
N GLY A 1073 33.07 29.09 -19.44
CA GLY A 1073 33.88 29.77 -20.42
C GLY A 1073 33.41 29.45 -21.84
N TYR A 1074 34.37 29.35 -22.75
CA TYR A 1074 34.12 28.97 -24.13
C TYR A 1074 34.66 27.58 -24.37
N HIS A 1075 33.84 26.71 -24.94
CA HIS A 1075 34.16 25.30 -25.04
C HIS A 1075 35.11 25.03 -26.18
N LEU A 1076 36.13 24.21 -25.92
CA LEU A 1076 37.07 23.76 -26.94
C LEU A 1076 36.94 22.27 -27.20
N MET A 1077 37.08 21.43 -26.17
CA MET A 1077 36.97 19.98 -26.34
C MET A 1077 36.68 19.34 -25.00
N SER A 1078 36.37 18.05 -25.04
CA SER A 1078 36.12 17.28 -23.82
C SER A 1078 36.69 15.88 -23.98
N PHE A 1079 36.97 15.25 -22.86
CA PHE A 1079 37.48 13.88 -22.83
C PHE A 1079 36.69 13.08 -21.80
N PRO A 1080 36.21 11.90 -22.14
CA PRO A 1080 35.48 11.08 -21.17
C PRO A 1080 36.37 10.10 -20.42
N GLN A 1081 35.97 9.81 -19.19
CA GLN A 1081 36.57 8.78 -18.37
C GLN A 1081 35.46 8.01 -17.69
N SER A 1082 35.69 6.73 -17.44
CA SER A 1082 34.68 5.88 -16.85
C SER A 1082 34.91 5.77 -15.35
N ALA A 1083 33.82 5.87 -14.59
CA ALA A 1083 33.80 5.69 -13.15
C ALA A 1083 32.74 4.66 -12.81
N PRO A 1084 32.88 3.96 -11.69
CA PRO A 1084 31.92 2.90 -11.36
C PRO A 1084 30.51 3.43 -11.24
N HIS A 1085 29.61 2.90 -12.05
CA HIS A 1085 28.21 3.32 -12.12
C HIS A 1085 28.07 4.76 -12.57
N GLY A 1086 28.97 5.25 -13.43
CA GLY A 1086 28.87 6.64 -13.82
C GLY A 1086 29.86 6.99 -14.92
N VAL A 1087 29.96 8.29 -15.16
CA VAL A 1087 30.84 8.85 -16.18
C VAL A 1087 31.41 10.16 -15.66
N VAL A 1088 32.61 10.50 -16.13
CA VAL A 1088 33.29 11.74 -15.74
C VAL A 1088 33.80 12.42 -17.00
N PHE A 1089 33.41 13.67 -17.20
CA PHE A 1089 33.85 14.46 -18.34
C PHE A 1089 34.89 15.47 -17.89
N LEU A 1090 35.96 15.58 -18.66
CA LEU A 1090 36.99 16.60 -18.49
C LEU A 1090 36.81 17.62 -19.61
N HIS A 1091 36.32 18.81 -19.26
CA HIS A 1091 36.05 19.87 -20.21
C HIS A 1091 37.22 20.83 -20.28
N VAL A 1092 37.59 21.25 -21.49
CA VAL A 1092 38.64 22.24 -21.70
C VAL A 1092 37.99 23.51 -22.21
N THR A 1093 38.29 24.64 -21.56
CA THR A 1093 37.63 25.89 -21.88
C THR A 1093 38.65 27.02 -21.95
N TYR A 1094 38.28 28.04 -22.73
CA TYR A 1094 39.08 29.23 -22.98
C TYR A 1094 38.47 30.38 -22.18
N VAL A 1095 39.24 30.95 -21.26
CA VAL A 1095 38.77 32.02 -20.38
C VAL A 1095 39.57 33.27 -20.68
N PRO A 1096 38.94 34.39 -21.02
CA PRO A 1096 39.69 35.65 -21.18
C PRO A 1096 40.31 36.11 -19.87
N ALA A 1097 41.25 37.02 -19.99
CA ALA A 1097 42.20 37.34 -18.92
C ALA A 1097 42.39 38.84 -18.88
N GLN A 1098 43.50 39.27 -18.27
CA GLN A 1098 43.80 40.67 -17.98
C GLN A 1098 43.41 41.59 -19.11
N GLU A 1099 42.51 42.54 -18.82
CA GLU A 1099 41.89 43.38 -19.84
C GLU A 1099 42.26 44.83 -19.65
N LYS A 1100 41.91 45.65 -20.64
CA LYS A 1100 42.25 47.06 -20.64
C LYS A 1100 41.05 47.89 -21.08
N ASN A 1101 41.04 49.16 -20.68
CA ASN A 1101 40.00 50.11 -21.03
C ASN A 1101 40.33 50.80 -22.35
N PHE A 1102 39.30 51.11 -23.13
CA PHE A 1102 39.45 51.85 -24.37
C PHE A 1102 38.21 52.68 -24.63
N THR A 1103 38.37 53.67 -25.51
CA THR A 1103 37.28 54.52 -25.96
C THR A 1103 36.77 54.03 -27.30
N THR A 1104 35.45 53.97 -27.45
CA THR A 1104 34.85 53.30 -28.60
C THR A 1104 33.88 54.23 -29.32
N ALA A 1105 33.60 53.89 -30.58
CA ALA A 1105 32.65 54.59 -31.42
C ALA A 1105 31.87 53.59 -32.24
N PRO A 1106 30.65 53.93 -32.64
CA PRO A 1106 29.86 53.03 -33.49
C PRO A 1106 30.27 53.04 -34.96
N ALA A 1107 30.69 54.19 -35.48
CA ALA A 1107 31.00 54.32 -36.89
C ALA A 1107 32.09 55.37 -37.10
N ILE A 1108 32.56 55.46 -38.33
CA ILE A 1108 33.58 56.42 -38.74
C ILE A 1108 33.03 57.24 -39.91
N CYS A 1109 33.11 58.56 -39.81
CA CYS A 1109 32.67 59.45 -40.88
C CYS A 1109 33.90 59.98 -41.59
N HIS A 1110 34.15 59.47 -42.80
CA HIS A 1110 35.37 59.86 -43.51
C HIS A 1110 35.19 61.19 -44.24
N ASP A 1111 34.34 61.23 -45.27
CA ASP A 1111 34.14 62.45 -46.03
C ASP A 1111 32.70 62.62 -46.50
N GLY A 1112 31.74 61.97 -45.86
CA GLY A 1112 30.38 61.97 -46.35
C GLY A 1112 29.84 60.56 -46.42
N LYS A 1113 30.54 59.62 -45.80
CA LYS A 1113 30.13 58.23 -45.73
C LYS A 1113 30.34 57.74 -44.31
N ALA A 1114 29.70 56.61 -43.99
CA ALA A 1114 29.79 56.00 -42.67
C ALA A 1114 30.32 54.58 -42.83
N HIS A 1115 31.51 54.32 -42.29
CA HIS A 1115 32.15 53.02 -42.40
C HIS A 1115 31.91 52.22 -41.12
N PHE A 1116 31.46 50.99 -41.27
CA PHE A 1116 31.22 50.07 -40.16
C PHE A 1116 32.20 48.90 -40.24
N PRO A 1117 32.62 48.35 -39.10
CA PRO A 1117 33.60 47.27 -39.13
C PRO A 1117 33.00 45.94 -39.55
N ARG A 1118 33.77 45.17 -40.32
CA ARG A 1118 33.29 43.87 -40.76
C ARG A 1118 33.15 42.90 -39.60
N GLU A 1119 34.19 42.76 -38.79
CA GLU A 1119 34.20 41.79 -37.70
C GLU A 1119 34.31 42.45 -36.34
N GLY A 1120 35.36 43.26 -36.10
CA GLY A 1120 35.67 43.69 -34.76
C GLY A 1120 34.99 44.95 -34.29
N VAL A 1121 35.72 45.76 -33.52
CA VAL A 1121 35.23 47.00 -32.95
C VAL A 1121 36.27 48.09 -33.19
N PHE A 1122 35.83 49.34 -33.06
CA PHE A 1122 36.70 50.51 -33.17
C PHE A 1122 37.17 50.91 -31.78
N VAL A 1123 38.49 51.10 -31.62
CA VAL A 1123 39.05 51.50 -30.34
C VAL A 1123 40.02 52.65 -30.55
N SER A 1124 40.36 53.32 -29.46
CA SER A 1124 41.31 54.42 -29.48
C SER A 1124 42.25 54.33 -28.30
N ASN A 1125 43.53 54.53 -28.59
CA ASN A 1125 44.60 54.57 -27.56
C ASN A 1125 44.84 56.00 -27.11
N GLY A 1126 43.84 56.87 -27.29
CA GLY A 1126 43.95 58.26 -26.87
C GLY A 1126 44.06 59.23 -28.03
N THR A 1127 44.85 58.88 -29.04
CA THR A 1127 45.07 59.78 -30.17
C THR A 1127 45.00 59.10 -31.53
N HIS A 1128 44.94 57.77 -31.59
CA HIS A 1128 44.80 57.05 -32.85
C HIS A 1128 43.62 56.09 -32.74
N TRP A 1129 43.08 55.70 -33.89
CA TRP A 1129 41.95 54.79 -33.95
C TRP A 1129 42.35 53.51 -34.67
N PHE A 1130 42.04 52.37 -34.06
CA PHE A 1130 42.33 51.06 -34.61
C PHE A 1130 41.06 50.22 -34.62
N VAL A 1131 41.15 49.06 -35.28
CA VAL A 1131 40.09 48.07 -35.30
C VAL A 1131 40.64 46.79 -34.69
N THR A 1132 39.91 46.23 -33.74
CA THR A 1132 40.33 44.98 -33.10
C THR A 1132 39.25 43.93 -33.24
N GLN A 1133 39.61 42.70 -32.89
CA GLN A 1133 38.63 41.64 -32.67
C GLN A 1133 38.21 41.69 -31.21
N ARG A 1134 36.94 41.39 -30.95
CA ARG A 1134 36.35 41.73 -29.66
C ARG A 1134 36.82 40.83 -28.52
N ASN A 1135 37.41 39.67 -28.80
CA ASN A 1135 37.78 38.72 -27.77
C ASN A 1135 39.27 38.65 -27.52
N PHE A 1136 40.06 39.53 -28.14
CA PHE A 1136 41.51 39.54 -27.96
C PHE A 1136 42.07 40.82 -28.55
N TYR A 1137 42.88 41.55 -27.78
CA TYR A 1137 43.37 42.85 -28.22
C TYR A 1137 44.48 42.63 -29.25
N GLU A 1138 44.18 42.89 -30.52
CA GLU A 1138 45.16 42.81 -31.60
C GLU A 1138 44.84 43.89 -32.61
N PRO A 1139 45.39 45.08 -32.46
CA PRO A 1139 44.95 46.23 -33.26
C PRO A 1139 45.49 46.18 -34.69
N GLN A 1140 44.78 46.89 -35.56
CA GLN A 1140 45.14 47.02 -36.97
C GLN A 1140 44.83 48.44 -37.42
N ILE A 1141 44.85 48.66 -38.73
CA ILE A 1141 44.67 49.99 -39.32
C ILE A 1141 43.35 50.00 -40.08
N ILE A 1142 42.58 51.06 -39.89
CA ILE A 1142 41.27 51.17 -40.52
C ILE A 1142 41.46 51.37 -42.02
N THR A 1143 41.07 50.38 -42.82
CA THR A 1143 41.13 50.50 -44.27
C THR A 1143 39.77 50.18 -44.88
N THR A 1144 39.72 50.04 -46.20
CA THR A 1144 38.48 49.71 -46.89
C THR A 1144 38.23 48.22 -46.97
N ASP A 1145 39.13 47.38 -46.46
CA ASP A 1145 38.87 45.95 -46.35
C ASP A 1145 38.72 45.50 -44.90
N ASN A 1146 38.60 46.44 -43.98
CA ASN A 1146 38.13 46.17 -42.62
C ASN A 1146 36.71 46.66 -42.41
N THR A 1147 36.19 47.50 -43.30
CA THR A 1147 34.95 48.22 -43.11
C THR A 1147 34.07 48.09 -44.35
N PHE A 1148 32.84 48.55 -44.21
CA PHE A 1148 31.92 48.67 -45.34
C PHE A 1148 31.09 49.94 -45.17
N VAL A 1149 30.63 50.47 -46.28
CA VAL A 1149 30.00 51.79 -46.31
C VAL A 1149 28.49 51.63 -46.38
N SER A 1150 27.78 52.49 -45.65
CA SER A 1150 26.32 52.50 -45.69
C SER A 1150 25.81 53.85 -45.20
N GLY A 1151 25.22 54.63 -46.09
CA GLY A 1151 24.53 55.84 -45.68
C GLY A 1151 25.43 57.05 -45.53
N SER A 1152 24.96 58.00 -44.72
CA SER A 1152 25.66 59.25 -44.49
C SER A 1152 25.76 59.51 -42.99
N CYS A 1153 26.48 60.57 -42.64
CA CYS A 1153 26.84 60.85 -41.25
C CYS A 1153 25.82 61.73 -40.54
N ASP A 1154 24.55 61.33 -40.54
CA ASP A 1154 23.54 62.05 -39.79
C ASP A 1154 22.60 61.17 -38.98
N VAL A 1155 22.46 59.90 -39.34
CA VAL A 1155 21.56 59.01 -38.61
C VAL A 1155 22.27 58.34 -37.44
N VAL A 1156 23.55 57.99 -37.60
CA VAL A 1156 24.29 57.37 -36.51
C VAL A 1156 24.57 58.42 -35.44
N ILE A 1157 24.32 58.05 -34.18
CA ILE A 1157 24.30 59.01 -33.08
C ILE A 1157 25.71 59.45 -32.73
N GLY A 1158 26.56 58.52 -32.30
CA GLY A 1158 27.89 58.87 -31.86
C GLY A 1158 28.98 58.64 -32.89
N ILE A 1159 28.87 59.26 -34.05
CA ILE A 1159 29.81 59.04 -35.14
C ILE A 1159 30.95 60.04 -35.02
N VAL A 1160 32.17 59.56 -35.25
CA VAL A 1160 33.37 60.37 -35.09
C VAL A 1160 34.03 60.59 -36.44
N ASN A 1161 35.02 61.45 -36.46
CA ASN A 1161 35.63 61.76 -37.77
C ASN A 1161 37.06 61.30 -37.71
N ASN A 1162 37.48 60.60 -38.72
CA ASN A 1162 38.82 60.06 -38.84
C ASN A 1162 39.12 59.83 -40.32
N THR A 1163 40.19 59.11 -40.61
CA THR A 1163 40.59 58.82 -41.97
C THR A 1163 40.59 57.32 -42.20
N VAL A 1164 40.31 56.92 -43.44
CA VAL A 1164 40.35 55.55 -43.88
C VAL A 1164 41.37 55.43 -45.01
N TYR A 1165 42.32 54.52 -44.87
CA TYR A 1165 43.45 54.43 -45.78
C TYR A 1165 43.11 53.47 -46.92
N ASP A 1166 43.11 53.99 -48.14
CA ASP A 1166 42.89 53.15 -49.31
C ASP A 1166 44.12 52.28 -49.54
N PRO A 1167 43.96 50.96 -49.67
CA PRO A 1167 45.15 50.08 -49.76
C PRO A 1167 45.88 50.16 -51.08
N LEU A 1168 45.20 50.45 -52.19
CA LEU A 1168 45.83 50.44 -53.50
C LEU A 1168 46.08 51.84 -54.06
N GLN A 1169 45.91 52.88 -53.25
CA GLN A 1169 46.11 54.23 -53.73
C GLN A 1169 47.59 54.58 -53.88
N PRO A 1170 48.48 54.13 -52.98
CA PRO A 1170 49.92 54.34 -53.24
C PRO A 1170 50.39 53.81 -54.58
N GLU A 1171 49.86 52.67 -55.03
CA GLU A 1171 50.30 52.07 -56.27
C GLU A 1171 49.76 52.84 -57.48
N GLN B 45 -71.85 3.31 22.24
CA GLN B 45 -71.31 4.58 22.74
C GLN B 45 -70.86 5.49 21.61
N CYS B 46 -70.94 4.98 20.39
CA CYS B 46 -70.54 5.75 19.21
C CYS B 46 -71.56 5.56 18.09
N VAL B 47 -71.57 6.52 17.17
CA VAL B 47 -72.55 6.59 16.11
C VAL B 47 -71.82 6.59 14.78
N ASN B 48 -72.57 6.34 13.71
CA ASN B 48 -72.06 6.36 12.34
C ASN B 48 -72.52 7.64 11.66
N LEU B 49 -71.60 8.34 11.03
CA LEU B 49 -71.91 9.57 10.31
C LEU B 49 -72.22 9.30 8.85
N THR B 53 -70.85 9.99 -1.96
CA THR B 53 -70.67 11.43 -1.82
C THR B 53 -69.18 11.77 -1.83
N GLN B 54 -68.36 10.76 -1.59
CA GLN B 54 -66.92 10.97 -1.56
C GLN B 54 -66.39 11.24 -2.97
N LEU B 55 -65.24 11.89 -3.04
CA LEU B 55 -64.59 12.23 -4.29
C LEU B 55 -63.16 11.72 -4.29
N PRO B 56 -62.61 11.39 -5.45
CA PRO B 56 -61.21 10.96 -5.52
C PRO B 56 -60.28 12.06 -5.06
N PRO B 57 -59.43 11.80 -4.07
CA PRO B 57 -58.56 12.86 -3.55
C PRO B 57 -57.54 13.32 -4.58
N ALA B 58 -57.20 14.60 -4.50
CA ALA B 58 -56.22 15.17 -5.40
C ALA B 58 -54.81 14.86 -4.92
N TYR B 59 -53.82 15.25 -5.72
CA TYR B 59 -52.43 14.94 -5.44
C TYR B 59 -51.59 16.21 -5.55
N THR B 60 -50.43 16.18 -4.90
CA THR B 60 -49.45 17.25 -5.03
C THR B 60 -48.08 16.64 -4.86
N ASN B 61 -47.07 17.50 -4.70
CA ASN B 61 -45.65 17.11 -4.60
C ASN B 61 -45.03 17.74 -3.35
N SER B 62 -44.34 16.96 -2.57
CA SER B 62 -43.56 17.51 -1.47
C SER B 62 -42.22 17.94 -2.05
N SER B 63 -42.12 19.25 -2.32
CA SER B 63 -41.01 19.76 -3.12
C SER B 63 -39.67 19.38 -2.51
N THR B 64 -39.35 19.94 -1.35
CA THR B 64 -38.12 19.56 -0.66
C THR B 64 -38.36 19.44 0.84
N ARG B 65 -39.52 18.92 1.22
CA ARG B 65 -39.89 18.79 2.61
C ARG B 65 -39.68 17.36 3.10
N GLY B 66 -39.69 17.21 4.42
CA GLY B 66 -39.69 15.91 5.04
C GLY B 66 -38.34 15.33 5.42
N VAL B 67 -37.37 16.16 5.75
CA VAL B 67 -36.06 15.66 6.15
C VAL B 67 -35.99 15.63 7.68
N TYR B 68 -35.62 14.47 8.22
CA TYR B 68 -35.50 14.30 9.67
C TYR B 68 -34.06 13.92 9.98
N TYR B 69 -33.80 13.63 11.26
CA TYR B 69 -32.46 13.24 11.69
C TYR B 69 -32.37 11.72 11.67
N PRO B 70 -31.49 11.13 10.86
CA PRO B 70 -31.49 9.66 10.73
C PRO B 70 -31.12 8.94 12.00
N ASP B 71 -30.14 9.43 12.75
CA ASP B 71 -29.66 8.75 13.95
C ASP B 71 -29.44 9.77 15.06
N LYS B 72 -29.05 9.27 16.23
CA LYS B 72 -28.94 10.07 17.44
C LYS B 72 -27.53 10.61 17.68
N VAL B 73 -26.58 10.33 16.78
CA VAL B 73 -25.24 10.85 16.94
C VAL B 73 -25.23 12.36 16.73
N PHE B 74 -24.19 13.02 17.24
CA PHE B 74 -24.04 14.46 17.16
C PHE B 74 -22.90 14.78 16.20
N ARG B 75 -23.20 15.56 15.16
CA ARG B 75 -22.22 15.97 14.17
C ARG B 75 -22.33 17.47 13.95
N SER B 76 -21.19 18.15 13.89
CA SER B 76 -21.15 19.60 13.75
C SER B 76 -20.24 19.98 12.59
N SER B 77 -20.74 20.84 11.71
CA SER B 77 -19.97 21.41 10.60
C SER B 77 -19.34 20.32 9.74
N VAL B 78 -20.18 19.51 9.11
CA VAL B 78 -19.73 18.40 8.27
C VAL B 78 -20.77 18.13 7.19
N LEU B 79 -20.31 17.54 6.09
CA LEU B 79 -21.16 17.02 5.04
C LEU B 79 -21.19 15.50 5.17
N HIS B 80 -22.38 14.93 5.28
CA HIS B 80 -22.54 13.52 5.59
C HIS B 80 -23.37 12.83 4.52
N LEU B 81 -22.88 11.68 4.06
CA LEU B 81 -23.58 10.89 3.04
C LEU B 81 -24.25 9.71 3.75
N THR B 82 -25.58 9.71 3.78
CA THR B 82 -26.33 8.72 4.53
C THR B 82 -27.20 7.89 3.59
N GLN B 83 -27.49 6.66 4.01
CA GLN B 83 -28.42 5.79 3.30
C GLN B 83 -29.46 5.31 4.30
N ASP B 84 -30.71 5.70 4.10
CA ASP B 84 -31.74 5.44 5.10
C ASP B 84 -33.10 5.63 4.46
N LEU B 85 -34.15 5.56 5.27
CA LEU B 85 -35.51 5.75 4.79
C LEU B 85 -35.84 7.23 4.82
N PHE B 86 -36.01 7.82 3.64
CA PHE B 86 -36.29 9.24 3.51
C PHE B 86 -37.48 9.44 2.59
N LEU B 87 -38.04 10.65 2.63
CA LEU B 87 -39.09 11.04 1.71
C LEU B 87 -38.46 11.65 0.47
N PRO B 88 -38.60 11.04 -0.70
CA PRO B 88 -37.94 11.58 -1.90
C PRO B 88 -38.50 12.94 -2.27
N PHE B 89 -37.63 13.76 -2.85
CA PHE B 89 -38.02 15.10 -3.24
C PHE B 89 -38.97 15.06 -4.44
N PHE B 90 -39.90 15.99 -4.52
CA PHE B 90 -40.86 16.10 -5.63
C PHE B 90 -41.63 14.82 -5.76
N SER B 91 -41.98 14.23 -4.61
CA SER B 91 -42.72 12.94 -4.59
C SER B 91 -44.22 13.15 -4.39
N ASN B 92 -45.03 12.19 -4.82
CA ASN B 92 -46.51 12.29 -4.77
C ASN B 92 -47.09 12.16 -3.37
N VAL B 93 -47.71 13.23 -2.89
CA VAL B 93 -48.44 13.22 -1.64
C VAL B 93 -49.93 13.31 -1.96
N THR B 94 -50.72 12.59 -1.18
CA THR B 94 -52.17 12.57 -1.35
C THR B 94 -52.77 13.66 -0.47
N TRP B 95 -53.62 14.49 -1.06
CA TRP B 95 -54.22 15.64 -0.38
C TRP B 95 -55.68 15.30 -0.09
N PHE B 96 -56.05 15.22 1.19
CA PHE B 96 -57.36 14.65 1.46
C PHE B 96 -58.47 15.71 1.57
N HIS B 97 -58.38 16.62 2.52
CA HIS B 97 -59.44 17.60 2.68
C HIS B 97 -59.01 18.87 3.37
N ARG B 109 -65.40 18.95 4.93
CA ARG B 109 -65.68 17.54 4.69
C ARG B 109 -64.67 16.68 5.43
N PHE B 110 -65.11 15.54 5.97
CA PHE B 110 -64.27 14.76 6.87
C PHE B 110 -63.50 13.65 6.15
N ASP B 111 -64.22 12.66 5.61
CA ASP B 111 -63.65 11.54 4.84
C ASP B 111 -62.40 10.96 5.52
N ASN B 112 -62.63 10.31 6.66
CA ASN B 112 -61.57 9.60 7.38
C ASN B 112 -61.38 8.20 6.84
N PRO B 113 -60.36 7.94 6.02
CA PRO B 113 -60.08 6.57 5.59
C PRO B 113 -58.99 5.92 6.44
N VAL B 114 -58.90 4.59 6.40
CA VAL B 114 -57.76 3.89 6.95
C VAL B 114 -56.73 3.70 5.85
N LEU B 115 -55.49 4.09 6.14
CA LEU B 115 -54.46 4.14 5.10
C LEU B 115 -53.30 3.24 5.47
N PRO B 116 -52.56 2.74 4.49
CA PRO B 116 -51.40 1.90 4.79
C PRO B 116 -50.29 2.69 5.47
N PHE B 117 -49.42 1.95 6.15
CA PHE B 117 -48.28 2.47 6.89
C PHE B 117 -47.06 1.69 6.43
N ASN B 118 -46.42 2.16 5.36
CA ASN B 118 -45.29 1.47 4.77
C ASN B 118 -44.00 2.12 5.23
N ASP B 119 -43.32 1.49 6.18
CA ASP B 119 -41.95 1.84 6.57
C ASP B 119 -41.86 3.20 7.26
N GLY B 120 -42.95 3.91 7.36
CA GLY B 120 -42.94 5.24 7.91
C GLY B 120 -43.90 6.12 7.14
N VAL B 121 -44.21 7.28 7.72
CA VAL B 121 -45.20 8.15 7.12
C VAL B 121 -44.84 9.61 7.42
N TYR B 122 -44.91 10.45 6.39
CA TYR B 122 -44.85 11.90 6.54
C TYR B 122 -46.27 12.45 6.47
N PHE B 123 -46.66 13.17 7.51
CA PHE B 123 -48.03 13.66 7.65
C PHE B 123 -47.97 15.17 7.87
N ALA B 124 -48.65 15.93 7.03
CA ALA B 124 -48.61 17.38 7.13
C ALA B 124 -50.01 17.95 7.19
N SER B 125 -50.22 18.93 8.05
CA SER B 125 -51.54 19.51 8.23
C SER B 125 -51.45 21.02 8.28
N THR B 126 -52.39 21.68 7.60
CA THR B 126 -52.57 23.12 7.66
C THR B 126 -53.95 23.39 8.23
N GLU B 127 -54.03 24.27 9.23
CA GLU B 127 -55.27 24.44 9.97
C GLU B 127 -55.33 25.83 10.57
N LYS B 128 -56.53 26.22 11.01
CA LYS B 128 -56.72 27.47 11.71
C LYS B 128 -57.52 27.36 13.00
N SER B 129 -58.19 26.21 13.25
CA SER B 129 -59.06 26.11 14.41
C SER B 129 -58.93 24.79 15.16
N ASN B 130 -57.78 24.12 15.06
CA ASN B 130 -57.50 22.90 15.81
C ASN B 130 -58.55 21.81 15.52
N ILE B 131 -58.59 21.35 14.28
CA ILE B 131 -59.47 20.25 13.92
C ILE B 131 -58.76 18.92 14.14
N ILE B 132 -57.53 18.79 13.63
CA ILE B 132 -56.78 17.56 13.79
C ILE B 132 -56.39 17.39 15.25
N ARG B 133 -56.64 16.22 15.80
CA ARG B 133 -56.44 15.98 17.23
C ARG B 133 -55.38 14.93 17.52
N GLY B 134 -55.41 13.80 16.84
CA GLY B 134 -54.45 12.75 17.12
C GLY B 134 -54.62 11.59 16.16
N TRP B 135 -53.98 10.48 16.49
CA TRP B 135 -53.94 9.34 15.59
C TRP B 135 -54.12 8.03 16.34
N ILE B 136 -54.46 6.99 15.58
CA ILE B 136 -54.47 5.62 16.06
C ILE B 136 -53.70 4.76 15.06
N PHE B 137 -52.87 3.86 15.58
CA PHE B 137 -52.03 2.98 14.78
C PHE B 137 -52.26 1.54 15.20
N GLY B 138 -52.25 0.62 14.24
CA GLY B 138 -52.42 -0.77 14.58
C GLY B 138 -52.34 -1.66 13.36
N THR B 139 -52.88 -2.87 13.51
CA THR B 139 -52.95 -3.82 12.40
C THR B 139 -54.39 -4.11 12.00
N THR B 140 -55.23 -4.55 12.94
CA THR B 140 -56.63 -4.81 12.65
C THR B 140 -57.57 -3.82 13.30
N LEU B 141 -57.13 -3.12 14.35
CA LEU B 141 -57.95 -2.10 15.02
C LEU B 141 -59.29 -2.69 15.47
N ASP B 142 -59.25 -3.94 15.93
CA ASP B 142 -60.48 -4.70 16.15
C ASP B 142 -60.43 -5.52 17.43
N SER B 143 -59.72 -5.05 18.45
CA SER B 143 -59.73 -5.62 19.79
C SER B 143 -59.18 -7.03 19.86
N LYS B 144 -58.61 -7.54 18.77
CA LYS B 144 -57.92 -8.82 18.82
C LYS B 144 -56.41 -8.66 18.86
N THR B 145 -55.91 -7.44 18.67
CA THR B 145 -54.49 -7.13 18.75
C THR B 145 -54.33 -5.83 19.52
N GLN B 146 -53.09 -5.45 19.77
CA GLN B 146 -52.81 -4.21 20.48
C GLN B 146 -52.72 -3.05 19.50
N SER B 147 -53.14 -1.88 19.96
CA SER B 147 -53.16 -0.67 19.16
C SER B 147 -52.59 0.48 19.97
N LEU B 148 -52.05 1.47 19.28
CA LEU B 148 -51.49 2.67 19.89
C LEU B 148 -52.40 3.84 19.62
N LEU B 149 -52.72 4.61 20.67
CA LEU B 149 -53.62 5.75 20.57
C LEU B 149 -52.92 6.98 21.12
N ILE B 150 -52.88 8.05 20.31
CA ILE B 150 -52.30 9.33 20.71
C ILE B 150 -53.36 10.39 20.54
N VAL B 151 -53.75 11.03 21.64
CA VAL B 151 -54.82 12.01 21.67
C VAL B 151 -54.35 13.25 22.41
N ASN B 152 -54.96 14.39 22.06
CA ASN B 152 -54.65 15.69 22.67
C ASN B 152 -55.98 16.36 23.01
N ASN B 153 -56.42 16.26 24.25
CA ASN B 153 -57.81 16.59 24.61
C ASN B 153 -57.83 18.02 25.13
N ALA B 154 -57.09 18.90 24.45
CA ALA B 154 -57.00 20.33 24.71
C ALA B 154 -56.23 20.68 25.97
N THR B 155 -55.79 19.68 26.74
CA THR B 155 -55.01 20.01 27.96
C THR B 155 -53.73 19.17 27.98
N ASN B 156 -53.84 17.87 27.70
CA ASN B 156 -52.75 16.94 27.90
C ASN B 156 -52.47 16.18 26.62
N VAL B 157 -51.48 15.30 26.68
CA VAL B 157 -51.16 14.37 25.61
C VAL B 157 -51.31 12.97 26.21
N VAL B 158 -52.26 12.19 25.70
CA VAL B 158 -52.53 10.85 26.19
C VAL B 158 -52.00 9.86 25.17
N ILE B 159 -51.16 8.95 25.63
CA ILE B 159 -50.58 7.90 24.80
C ILE B 159 -50.87 6.57 25.47
N LYS B 160 -51.54 5.67 24.76
CA LYS B 160 -51.93 4.41 25.35
C LYS B 160 -51.70 3.26 24.39
N VAL B 161 -50.98 2.24 24.85
CA VAL B 161 -50.86 0.97 24.15
C VAL B 161 -51.69 -0.02 24.96
N CYS B 162 -52.78 -0.47 24.36
CA CYS B 162 -53.83 -1.24 25.01
C CYS B 162 -54.46 -2.15 23.97
N GLU B 163 -55.67 -2.63 24.25
CA GLU B 163 -56.44 -3.42 23.29
C GLU B 163 -57.82 -2.81 23.16
N PHE B 164 -57.95 -1.83 22.27
CA PHE B 164 -59.19 -1.11 22.09
C PHE B 164 -60.08 -1.79 21.07
N GLN B 165 -61.38 -1.63 21.24
CA GLN B 165 -62.37 -1.99 20.24
C GLN B 165 -62.84 -0.69 19.61
N PHE B 166 -62.19 -0.28 18.52
CA PHE B 166 -62.41 1.03 17.96
C PHE B 166 -63.74 1.10 17.22
N CYS B 167 -64.37 2.27 17.28
CA CYS B 167 -65.56 2.53 16.50
C CYS B 167 -65.19 2.75 15.03
N ASN B 168 -66.17 2.62 14.16
CA ASN B 168 -65.90 2.66 12.73
C ASN B 168 -65.38 4.03 12.29
N ASP B 169 -65.92 5.10 12.86
CA ASP B 169 -65.52 6.47 12.52
C ASP B 169 -65.23 7.23 13.80
N PRO B 170 -64.03 7.11 14.35
CA PRO B 170 -63.70 7.81 15.59
C PRO B 170 -63.68 9.32 15.40
N PHE B 171 -64.03 10.03 16.46
CA PHE B 171 -63.95 11.49 16.49
C PHE B 171 -64.15 11.96 17.92
N LEU B 172 -63.45 13.02 18.29
CA LEU B 172 -63.70 13.70 19.56
C LEU B 172 -64.88 14.65 19.36
N GLY B 173 -65.22 15.40 20.40
CA GLY B 173 -66.37 16.27 20.28
C GLY B 173 -66.20 17.67 20.86
N VAL B 174 -66.62 18.67 20.11
CA VAL B 174 -66.61 20.07 20.55
C VAL B 174 -67.93 20.70 20.14
N TYR B 175 -68.54 21.44 21.05
CA TYR B 175 -69.80 22.13 20.75
C TYR B 175 -69.74 23.57 21.22
N TRP B 183 -69.75 25.40 25.36
CA TRP B 183 -68.57 25.12 24.54
C TRP B 183 -67.46 24.48 25.35
N MET B 184 -67.83 23.64 26.33
CA MET B 184 -66.81 23.04 27.19
C MET B 184 -66.17 21.82 26.53
N GLU B 185 -66.96 20.76 26.32
CA GLU B 185 -66.48 19.50 25.75
C GLU B 185 -67.66 18.55 25.65
N SER B 186 -67.50 17.52 24.81
CA SER B 186 -68.50 16.47 24.65
C SER B 186 -67.93 15.38 23.75
N GLU B 187 -68.69 14.29 23.64
CA GLU B 187 -68.59 13.33 22.53
C GLU B 187 -67.18 12.73 22.40
N PHE B 188 -66.80 11.96 23.41
CA PHE B 188 -65.56 11.18 23.35
CA PHE B 188 -65.57 11.18 23.37
C PHE B 188 -65.86 9.79 22.79
N ARG B 189 -66.24 9.80 21.52
CA ARG B 189 -66.74 8.59 20.81
C ARG B 189 -65.60 7.95 20.02
N VAL B 190 -64.51 7.58 20.70
CA VAL B 190 -63.37 6.97 20.01
C VAL B 190 -63.50 5.46 20.01
N TYR B 191 -63.52 4.85 21.19
CA TYR B 191 -63.59 3.40 21.32
C TYR B 191 -64.79 3.01 22.18
N SER B 192 -64.88 1.71 22.46
CA SER B 192 -65.91 1.15 23.33
C SER B 192 -65.36 0.56 24.62
N SER B 193 -64.23 -0.13 24.57
CA SER B 193 -63.64 -0.72 25.75
C SER B 193 -62.17 -0.99 25.52
N ALA B 194 -61.39 -0.90 26.60
CA ALA B 194 -59.96 -1.19 26.59
C ALA B 194 -59.66 -2.19 27.70
N ASN B 195 -58.80 -3.17 27.39
CA ASN B 195 -58.65 -4.32 28.27
C ASN B 195 -57.28 -4.43 28.94
N ASN B 196 -56.18 -4.42 28.17
CA ASN B 196 -54.90 -4.92 28.72
C ASN B 196 -53.87 -3.83 29.01
N CYS B 197 -53.77 -2.82 28.21
CA CYS B 197 -53.11 -1.54 28.53
C CYS B 197 -51.72 -1.76 29.12
N THR B 198 -50.83 -2.26 28.27
CA THR B 198 -49.44 -2.43 28.68
C THR B 198 -48.68 -1.12 28.80
N PHE B 199 -49.10 -0.04 28.12
CA PHE B 199 -48.31 1.18 28.16
C PHE B 199 -49.21 2.38 28.33
N GLU B 200 -48.81 3.30 29.20
CA GLU B 200 -49.58 4.49 29.52
C GLU B 200 -48.65 5.68 29.70
N TYR B 201 -49.03 6.81 29.12
CA TYR B 201 -48.17 7.99 29.12
C TYR B 201 -49.05 9.23 29.08
N VAL B 202 -48.86 10.13 30.03
CA VAL B 202 -49.62 11.38 30.07
C VAL B 202 -48.63 12.54 30.17
N SER B 203 -49.12 13.74 29.88
CA SER B 203 -48.34 14.96 30.06
C SER B 203 -49.32 16.11 30.27
N GLN B 204 -49.50 16.53 31.52
CA GLN B 204 -50.38 17.64 31.84
C GLN B 204 -49.58 18.94 31.79
N PHE B 217 -55.40 30.17 6.78
CA PHE B 217 -54.55 29.19 7.45
C PHE B 217 -53.27 29.87 7.96
N LYS B 218 -52.96 29.64 9.24
CA LYS B 218 -51.84 30.30 9.88
C LYS B 218 -50.77 29.36 10.42
N ASN B 219 -51.05 28.07 10.50
CA ASN B 219 -50.11 27.12 11.08
C ASN B 219 -49.91 25.92 10.16
N LEU B 220 -48.66 25.50 10.04
CA LEU B 220 -48.29 24.29 9.32
C LEU B 220 -47.59 23.36 10.29
N ARG B 221 -48.14 22.13 10.42
CA ARG B 221 -47.58 21.12 11.36
C ARG B 221 -47.13 19.90 10.56
N GLU B 222 -45.87 19.48 10.71
CA GLU B 222 -45.31 18.36 9.97
C GLU B 222 -44.83 17.30 10.96
N PHE B 223 -45.10 16.03 10.64
CA PHE B 223 -44.69 14.92 11.48
C PHE B 223 -44.13 13.81 10.60
N VAL B 224 -43.16 13.08 11.15
CA VAL B 224 -42.67 11.85 10.55
C VAL B 224 -42.77 10.77 11.60
N PHE B 225 -43.42 9.66 11.26
CA PHE B 225 -43.58 8.51 12.14
C PHE B 225 -42.76 7.34 11.59
N LYS B 226 -42.00 6.70 12.47
CA LYS B 226 -41.30 5.47 12.16
C LYS B 226 -41.45 4.51 13.33
N ASN B 227 -41.26 3.23 13.09
CA ASN B 227 -41.07 2.30 14.20
C ASN B 227 -40.12 1.19 13.78
N ILE B 228 -39.06 1.03 14.58
CA ILE B 228 -38.02 0.04 14.30
C ILE B 228 -37.47 -0.48 15.63
N ASP B 229 -37.19 -1.78 15.66
CA ASP B 229 -36.60 -2.43 16.83
C ASP B 229 -37.39 -2.12 18.10
N GLY B 230 -38.71 -2.12 17.97
CA GLY B 230 -39.57 -1.92 19.11
C GLY B 230 -39.70 -0.49 19.60
N TYR B 231 -39.12 0.48 18.90
CA TYR B 231 -39.26 1.88 19.25
C TYR B 231 -40.11 2.59 18.21
N PHE B 232 -41.08 3.37 18.68
CA PHE B 232 -41.89 4.22 17.84
C PHE B 232 -41.35 5.64 17.96
N LYS B 233 -40.81 6.17 16.87
CA LYS B 233 -40.13 7.45 16.87
C LYS B 233 -40.98 8.47 16.13
N ILE B 234 -41.18 9.63 16.76
CA ILE B 234 -41.94 10.73 16.17
C ILE B 234 -41.05 11.95 16.09
N TYR B 235 -40.92 12.50 14.90
CA TYR B 235 -40.24 13.77 14.64
C TYR B 235 -41.27 14.80 14.19
N SER B 236 -41.07 16.06 14.54
CA SER B 236 -42.09 17.05 14.25
C SER B 236 -41.48 18.42 14.01
N LYS B 237 -42.26 19.29 13.35
CA LYS B 237 -41.92 20.69 13.17
C LYS B 237 -43.20 21.49 13.06
N HIS B 238 -43.12 22.76 13.44
CA HIS B 238 -44.28 23.65 13.54
C HIS B 238 -43.87 25.04 13.05
N THR B 239 -44.41 25.46 11.91
CA THR B 239 -44.03 26.74 11.33
C THR B 239 -45.26 27.56 11.00
N PRO B 240 -45.15 28.90 11.06
CA PRO B 240 -46.27 29.75 10.66
C PRO B 240 -46.25 30.03 9.16
N ILE B 241 -47.42 29.98 8.54
CA ILE B 241 -47.56 30.19 7.11
C ILE B 241 -48.75 31.12 6.87
N ASN B 242 -48.80 31.69 5.67
CA ASN B 242 -49.88 32.60 5.31
C ASN B 242 -50.56 32.19 4.01
N LEU B 243 -49.81 31.57 3.10
CA LEU B 243 -50.42 31.03 1.88
C LEU B 243 -51.44 29.97 2.26
N VAL B 244 -52.61 30.04 1.64
CA VAL B 244 -53.76 29.34 2.22
C VAL B 244 -53.94 27.92 1.70
N ARG B 245 -54.30 27.77 0.42
CA ARG B 245 -54.82 26.50 -0.06
C ARG B 245 -53.78 25.69 -0.84
N ASP B 246 -52.69 25.31 -0.16
CA ASP B 246 -51.77 24.31 -0.67
C ASP B 246 -50.63 24.11 0.33
N LEU B 247 -49.93 22.99 0.17
CA LEU B 247 -48.70 22.76 0.91
C LEU B 247 -47.61 23.64 0.31
N PRO B 248 -47.03 24.56 1.07
CA PRO B 248 -46.08 25.49 0.48
C PRO B 248 -44.82 24.78 0.05
N PRO B 249 -44.17 25.23 -1.02
CA PRO B 249 -42.82 24.76 -1.32
C PRO B 249 -41.81 25.36 -0.36
N GLY B 250 -40.73 24.64 -0.14
CA GLY B 250 -39.70 25.10 0.78
C GLY B 250 -38.81 23.95 1.22
N PHE B 251 -38.19 24.14 2.38
CA PHE B 251 -37.30 23.15 2.96
C PHE B 251 -37.52 23.09 4.46
N SER B 252 -37.64 21.89 5.01
CA SER B 252 -37.89 21.70 6.43
C SER B 252 -37.07 20.55 6.97
N ALA B 253 -36.51 20.74 8.16
CA ALA B 253 -35.76 19.70 8.87
C ALA B 253 -36.42 19.51 10.23
N LEU B 254 -36.99 18.33 10.46
CA LEU B 254 -37.81 18.08 11.63
C LEU B 254 -36.96 17.56 12.78
N GLU B 255 -37.12 18.17 13.96
CA GLU B 255 -36.38 17.80 15.16
C GLU B 255 -37.05 16.60 15.85
N PRO B 256 -36.27 15.76 16.53
CA PRO B 256 -36.86 14.63 17.25
C PRO B 256 -37.85 15.11 18.31
N LEU B 257 -38.95 14.38 18.44
CA LEU B 257 -39.97 14.73 19.42
C LEU B 257 -40.10 13.66 20.50
N VAL B 258 -40.40 12.41 20.15
CA VAL B 258 -40.50 11.34 21.15
C VAL B 258 -39.95 10.04 20.58
N ASP B 259 -39.69 9.11 21.49
CA ASP B 259 -39.19 7.78 21.18
C ASP B 259 -39.76 6.82 22.22
N LEU B 260 -40.87 6.17 21.91
CA LEU B 260 -41.61 5.36 22.86
C LEU B 260 -41.29 3.89 22.68
N PRO B 261 -40.96 3.14 23.74
CA PRO B 261 -40.75 1.69 23.62
C PRO B 261 -42.04 0.88 23.74
N ILE B 262 -42.83 0.87 22.67
CA ILE B 262 -44.13 0.22 22.71
C ILE B 262 -44.06 -1.22 22.24
N GLY B 263 -43.24 -1.52 21.25
CA GLY B 263 -43.02 -2.89 20.80
C GLY B 263 -44.21 -3.61 20.19
N ILE B 264 -44.96 -2.94 19.31
CA ILE B 264 -46.08 -3.59 18.65
C ILE B 264 -45.85 -3.62 17.15
N ASN B 265 -46.76 -4.31 16.45
CA ASN B 265 -46.71 -4.38 14.96
C ASN B 265 -47.73 -3.38 14.43
N ILE B 266 -47.35 -2.56 13.45
CA ILE B 266 -48.20 -1.53 12.89
C ILE B 266 -48.26 -1.70 11.38
N THR B 267 -49.48 -1.66 10.83
CA THR B 267 -49.68 -1.73 9.39
C THR B 267 -50.67 -0.69 8.86
N ARG B 268 -51.56 -0.17 9.69
CA ARG B 268 -52.53 0.82 9.25
C ARG B 268 -52.68 1.89 10.33
N PHE B 269 -53.20 3.04 9.93
CA PHE B 269 -53.40 4.14 10.87
C PHE B 269 -54.54 5.00 10.40
N GLN B 270 -55.00 5.87 11.30
CA GLN B 270 -56.16 6.72 11.04
C GLN B 270 -56.09 7.93 11.95
N THR B 271 -56.73 9.02 11.53
CA THR B 271 -56.67 10.29 12.25
C THR B 271 -58.01 10.61 12.87
N LEU B 272 -57.96 11.35 13.98
CA LEU B 272 -59.14 11.72 14.74
C LEU B 272 -59.44 13.19 14.53
N LEU B 273 -60.70 13.50 14.20
CA LEU B 273 -61.12 14.87 13.95
C LEU B 273 -62.02 15.34 15.08
N ALA B 274 -61.93 16.63 15.41
CA ALA B 274 -62.73 17.23 16.48
C ALA B 274 -63.87 18.02 15.85
N LEU B 275 -65.07 17.47 15.93
CA LEU B 275 -66.22 18.04 15.23
C LEU B 275 -66.77 19.26 15.96
N HIS B 276 -67.60 20.02 15.23
CA HIS B 276 -68.25 21.22 15.76
C HIS B 276 -69.74 21.10 15.50
N ARG B 277 -70.49 20.68 16.52
CA ARG B 277 -71.95 20.66 16.44
C ARG B 277 -72.56 20.50 17.83
N ALA B 293 -62.61 24.16 8.76
CA ALA B 293 -62.10 23.11 7.87
C ALA B 293 -60.58 23.14 7.81
N ALA B 294 -59.98 21.98 7.59
CA ALA B 294 -58.53 21.86 7.51
C ALA B 294 -58.18 20.68 6.62
N ALA B 295 -56.92 20.62 6.21
CA ALA B 295 -56.45 19.65 5.23
C ALA B 295 -55.26 18.88 5.78
N TYR B 296 -55.06 17.67 5.27
CA TYR B 296 -53.83 16.95 5.53
C TYR B 296 -53.34 16.25 4.27
N TYR B 297 -52.02 16.15 4.19
CA TYR B 297 -51.31 15.55 3.08
C TYR B 297 -50.50 14.39 3.63
N VAL B 298 -50.56 13.25 2.95
CA VAL B 298 -49.91 12.03 3.39
C VAL B 298 -48.92 11.58 2.34
N GLY B 299 -47.69 11.29 2.76
CA GLY B 299 -46.69 10.71 1.88
C GLY B 299 -45.91 9.63 2.60
N TYR B 300 -45.29 8.76 1.83
CA TYR B 300 -44.63 7.59 2.38
C TYR B 300 -43.12 7.65 2.18
N LEU B 301 -42.40 7.04 3.12
CA LEU B 301 -40.94 6.99 3.11
C LEU B 301 -40.45 5.82 2.29
N GLN B 302 -39.30 6.00 1.65
CA GLN B 302 -38.68 4.99 0.82
C GLN B 302 -37.17 5.04 1.01
N PRO B 303 -36.46 3.92 0.75
CA PRO B 303 -35.01 3.89 0.99
C PRO B 303 -34.26 4.70 -0.06
N ARG B 304 -33.44 5.64 0.41
CA ARG B 304 -32.73 6.57 -0.46
C ARG B 304 -31.39 6.92 0.18
N THR B 305 -30.49 7.42 -0.67
CA THR B 305 -29.21 7.98 -0.25
C THR B 305 -29.31 9.49 -0.35
N PHE B 306 -28.97 10.17 0.75
CA PHE B 306 -29.03 11.62 0.84
C PHE B 306 -27.66 12.17 1.20
N LEU B 307 -27.42 13.42 0.80
CA LEU B 307 -26.26 14.18 1.25
C LEU B 307 -26.75 15.32 2.13
N LEU B 308 -26.27 15.37 3.37
CA LEU B 308 -26.77 16.29 4.36
C LEU B 308 -25.67 17.26 4.79
N LYS B 309 -26.09 18.48 5.12
CA LYS B 309 -25.19 19.51 5.60
C LYS B 309 -25.57 19.88 7.02
N TYR B 310 -24.59 19.86 7.92
CA TYR B 310 -24.81 20.10 9.34
C TYR B 310 -24.28 21.46 9.75
N ASN B 311 -25.11 22.22 10.44
CA ASN B 311 -24.75 23.55 10.92
C ASN B 311 -23.82 23.45 12.12
N GLU B 312 -23.42 24.61 12.66
CA GLU B 312 -22.64 24.62 13.88
C GLU B 312 -23.44 24.05 15.05
N ASN B 313 -24.71 24.41 15.15
CA ASN B 313 -25.60 23.91 16.18
C ASN B 313 -26.15 22.52 15.87
N GLY B 314 -25.55 21.82 14.90
CA GLY B 314 -26.00 20.49 14.47
C GLY B 314 -27.46 20.51 14.04
N THR B 315 -27.85 21.57 13.33
CA THR B 315 -29.16 21.66 12.71
C THR B 315 -28.98 21.49 11.21
N ILE B 316 -29.67 20.51 10.63
CA ILE B 316 -29.52 20.25 9.20
C ILE B 316 -30.03 21.45 8.42
N THR B 317 -29.15 22.04 7.62
CA THR B 317 -29.46 23.25 6.88
C THR B 317 -29.73 23.00 5.39
N ASP B 318 -29.14 21.97 4.82
CA ASP B 318 -29.37 21.65 3.41
C ASP B 318 -29.26 20.15 3.20
N ALA B 319 -29.88 19.69 2.11
CA ALA B 319 -29.88 18.28 1.77
C ALA B 319 -30.03 18.12 0.27
N VAL B 320 -29.45 17.05 -0.25
CA VAL B 320 -29.49 16.72 -1.67
C VAL B 320 -29.96 15.28 -1.80
N ASP B 321 -31.02 15.09 -2.60
CA ASP B 321 -31.53 13.76 -2.94
C ASP B 321 -30.78 13.28 -4.19
N CYS B 322 -30.02 12.21 -4.04
CA CYS B 322 -29.02 11.85 -5.03
C CYS B 322 -29.57 10.96 -6.14
N ALA B 323 -30.88 10.73 -6.19
CA ALA B 323 -31.49 9.95 -7.26
C ALA B 323 -32.52 10.76 -8.04
N LEU B 324 -32.42 12.08 -8.02
CA LEU B 324 -33.43 12.93 -8.63
C LEU B 324 -33.12 13.21 -10.10
N ASP B 325 -31.97 13.81 -10.37
CA ASP B 325 -31.57 14.17 -11.73
C ASP B 325 -30.05 14.07 -11.84
N PRO B 326 -29.46 14.22 -13.03
CA PRO B 326 -27.99 14.11 -13.13
C PRO B 326 -27.23 15.12 -12.31
N LEU B 327 -27.73 16.35 -12.16
CA LEU B 327 -27.02 17.34 -11.36
C LEU B 327 -26.93 16.91 -9.90
N SER B 328 -27.99 16.31 -9.38
CA SER B 328 -27.95 15.81 -8.00
C SER B 328 -26.96 14.66 -7.87
N GLU B 329 -26.90 13.79 -8.87
CA GLU B 329 -25.97 12.67 -8.82
C GLU B 329 -24.52 13.14 -8.87
N THR B 330 -24.23 14.18 -9.65
CA THR B 330 -22.86 14.68 -9.68
C THR B 330 -22.52 15.51 -8.45
N LYS B 331 -23.50 16.16 -7.83
CA LYS B 331 -23.25 16.75 -6.52
C LYS B 331 -22.93 15.68 -5.49
N CYS B 332 -23.65 14.56 -5.54
CA CYS B 332 -23.41 13.45 -4.61
C CYS B 332 -22.03 12.83 -4.82
N THR B 333 -21.62 12.66 -6.08
CA THR B 333 -20.35 12.00 -6.36
C THR B 333 -19.18 12.80 -5.82
N LEU B 334 -19.21 14.11 -5.96
CA LEU B 334 -18.12 14.97 -5.51
C LEU B 334 -18.22 15.33 -4.03
N LYS B 335 -19.35 15.04 -3.39
CA LYS B 335 -19.63 15.45 -2.01
C LYS B 335 -19.48 16.97 -1.85
N SER B 336 -20.28 17.69 -2.61
CA SER B 336 -20.29 19.15 -2.55
C SER B 336 -21.62 19.66 -3.05
N PHE B 337 -21.93 20.90 -2.69
CA PHE B 337 -23.15 21.55 -3.13
C PHE B 337 -22.94 22.49 -4.31
N THR B 338 -21.72 22.60 -4.82
CA THR B 338 -21.41 23.44 -5.97
C THR B 338 -20.47 22.70 -6.91
N VAL B 339 -20.58 22.99 -8.19
CA VAL B 339 -19.72 22.41 -9.22
C VAL B 339 -19.36 23.48 -10.24
N GLU B 340 -18.12 23.44 -10.72
CA GLU B 340 -17.66 24.32 -11.78
C GLU B 340 -17.76 23.59 -13.12
N LYS B 341 -17.30 24.26 -14.19
CA LYS B 341 -17.38 23.68 -15.52
C LYS B 341 -16.51 22.42 -15.61
N GLY B 342 -17.04 21.41 -16.30
CA GLY B 342 -16.31 20.17 -16.43
C GLY B 342 -17.16 19.10 -17.08
N ILE B 343 -16.66 17.86 -17.00
CA ILE B 343 -17.29 16.72 -17.65
C ILE B 343 -17.82 15.71 -16.64
N TYR B 344 -17.08 15.45 -15.56
CA TYR B 344 -17.63 14.83 -14.36
C TYR B 344 -18.28 13.46 -14.63
N GLN B 345 -17.39 12.46 -14.78
CA GLN B 345 -17.85 11.06 -14.91
C GLN B 345 -18.50 10.76 -13.56
N THR B 346 -19.70 10.21 -13.55
CA THR B 346 -20.47 10.03 -12.33
C THR B 346 -20.64 8.56 -11.97
N SER B 347 -21.16 8.33 -10.76
CA SER B 347 -21.44 7.01 -10.23
C SER B 347 -22.93 6.69 -10.38
N ASN B 348 -23.36 5.58 -9.79
CA ASN B 348 -24.73 5.10 -9.94
C ASN B 348 -25.49 5.26 -8.63
N PHE B 349 -26.46 6.18 -8.60
CA PHE B 349 -27.37 6.34 -7.49
C PHE B 349 -28.83 6.29 -7.92
N ARG B 350 -29.12 5.88 -9.16
CA ARG B 350 -30.41 6.15 -9.75
C ARG B 350 -31.35 4.96 -9.79
N VAL B 351 -30.86 3.73 -9.59
CA VAL B 351 -31.69 2.53 -9.69
C VAL B 351 -31.61 1.75 -8.39
N GLN B 352 -32.76 1.40 -7.83
CA GLN B 352 -32.84 0.60 -6.62
C GLN B 352 -33.64 -0.67 -6.92
N PRO B 353 -33.12 -1.85 -6.58
CA PRO B 353 -33.90 -3.07 -6.75
C PRO B 353 -35.18 -3.03 -5.92
N THR B 354 -36.25 -3.59 -6.48
CA THR B 354 -37.57 -3.50 -5.86
C THR B 354 -38.10 -4.85 -5.39
N ASP B 355 -38.18 -5.83 -6.27
CA ASP B 355 -38.79 -7.12 -5.94
C ASP B 355 -37.75 -8.13 -5.50
N SER B 356 -38.23 -9.21 -4.91
CA SER B 356 -37.39 -10.32 -4.47
C SER B 356 -38.09 -11.63 -4.78
N ILE B 357 -37.47 -12.45 -5.61
CA ILE B 357 -38.07 -13.70 -6.05
C ILE B 357 -37.31 -14.88 -5.47
N VAL B 358 -38.03 -15.98 -5.27
CA VAL B 358 -37.48 -17.21 -4.71
C VAL B 358 -37.88 -18.35 -5.62
N ARG B 359 -36.92 -19.23 -5.93
CA ARG B 359 -37.20 -20.40 -6.76
C ARG B 359 -36.55 -21.62 -6.13
N PHE B 360 -37.39 -22.56 -5.68
CA PHE B 360 -36.96 -23.81 -5.05
C PHE B 360 -37.59 -24.98 -5.79
N PRO B 361 -36.95 -26.15 -5.77
CA PRO B 361 -37.50 -27.30 -6.50
C PRO B 361 -38.74 -27.87 -5.82
N ASN B 362 -39.46 -28.74 -6.50
CA ASN B 362 -40.77 -29.18 -5.95
C ASN B 362 -40.59 -30.40 -5.04
N ILE B 363 -40.23 -30.22 -3.78
CA ILE B 363 -40.10 -31.22 -2.73
C ILE B 363 -41.23 -30.99 -1.74
N THR B 364 -41.93 -32.07 -1.39
CA THR B 364 -43.12 -31.94 -0.56
C THR B 364 -43.01 -32.68 0.77
N ASN B 365 -42.59 -33.94 0.76
CA ASN B 365 -42.55 -34.72 1.99
C ASN B 365 -41.53 -34.16 2.96
N LEU B 366 -41.87 -34.17 4.24
CA LEU B 366 -40.99 -33.64 5.26
C LEU B 366 -39.94 -34.66 5.65
N CYS B 367 -38.93 -34.18 6.37
CA CYS B 367 -37.80 -35.02 6.73
C CYS B 367 -38.16 -35.94 7.90
N PRO B 368 -37.53 -37.10 7.99
CA PRO B 368 -37.83 -38.03 9.10
C PRO B 368 -37.15 -37.63 10.40
N PHE B 369 -37.49 -36.45 10.89
CA PHE B 369 -37.06 -36.01 12.22
C PHE B 369 -38.10 -36.54 13.21
N GLY B 370 -37.79 -37.68 13.80
CA GLY B 370 -38.74 -38.39 14.63
C GLY B 370 -38.57 -39.88 14.49
N GLU B 371 -37.95 -40.30 13.39
CA GLU B 371 -37.42 -41.66 13.28
C GLU B 371 -35.92 -41.71 13.48
N VAL B 372 -35.23 -40.58 13.42
CA VAL B 372 -33.84 -40.46 13.81
C VAL B 372 -33.70 -39.60 15.07
N PHE B 373 -34.79 -39.38 15.79
CA PHE B 373 -34.73 -38.52 16.96
C PHE B 373 -35.39 -39.13 18.19
N ASN B 374 -36.24 -40.15 18.04
CA ASN B 374 -36.69 -40.89 19.22
C ASN B 374 -36.24 -42.35 19.17
N ALA B 375 -36.51 -43.07 18.09
CA ALA B 375 -35.67 -44.19 17.65
C ALA B 375 -35.23 -45.10 18.80
N THR B 376 -36.16 -45.87 19.36
CA THR B 376 -36.06 -46.46 20.70
C THR B 376 -34.63 -46.81 21.16
N THR B 377 -33.82 -47.42 20.31
CA THR B 377 -32.44 -47.74 20.67
C THR B 377 -31.47 -46.99 19.77
N PHE B 378 -30.51 -46.31 20.37
CA PHE B 378 -29.45 -45.63 19.65
C PHE B 378 -28.26 -46.57 19.51
N ALA B 379 -27.10 -46.03 19.11
CA ALA B 379 -25.91 -46.83 18.86
C ALA B 379 -24.81 -46.48 19.83
N SER B 380 -23.94 -47.45 20.09
CA SER B 380 -22.79 -47.22 20.95
C SER B 380 -21.83 -46.23 20.29
N VAL B 381 -21.09 -45.49 21.12
CA VAL B 381 -20.25 -44.43 20.59
C VAL B 381 -19.11 -45.01 19.77
N TYR B 382 -18.56 -46.15 20.18
CA TYR B 382 -17.43 -46.73 19.45
C TYR B 382 -17.84 -47.36 18.13
N ALA B 383 -19.14 -47.59 17.93
CA ALA B 383 -19.67 -48.14 16.68
C ALA B 383 -20.83 -47.28 16.20
N TRP B 384 -20.60 -45.97 16.15
CA TRP B 384 -21.64 -44.99 15.89
C TRP B 384 -22.33 -45.25 14.55
N ASN B 385 -23.51 -44.68 14.39
CA ASN B 385 -24.35 -45.00 13.25
C ASN B 385 -24.40 -43.82 12.28
N ARG B 386 -24.22 -44.10 10.99
CA ARG B 386 -24.23 -43.07 9.96
C ARG B 386 -25.35 -43.37 8.96
N LYS B 387 -26.14 -42.36 8.63
CA LYS B 387 -27.30 -42.54 7.76
C LYS B 387 -27.42 -41.36 6.80
N ARG B 388 -27.80 -41.63 5.57
CA ARG B 388 -27.96 -40.59 4.55
C ARG B 388 -29.39 -40.06 4.55
N ILE B 389 -29.53 -38.77 4.24
CA ILE B 389 -30.82 -38.11 4.21
C ILE B 389 -31.00 -37.45 2.84
N SER B 390 -32.11 -37.74 2.17
CA SER B 390 -32.34 -37.22 0.83
C SER B 390 -33.83 -37.01 0.60
N ASN B 391 -34.14 -36.10 -0.33
CA ASN B 391 -35.50 -35.76 -0.71
C ASN B 391 -36.33 -35.29 0.50
N CYS B 392 -35.92 -34.16 1.05
CA CYS B 392 -36.48 -33.66 2.29
C CYS B 392 -36.82 -32.19 2.19
N VAL B 393 -37.85 -31.80 2.93
CA VAL B 393 -38.05 -30.42 3.34
C VAL B 393 -37.64 -30.36 4.80
N ALA B 394 -36.40 -29.94 5.05
CA ALA B 394 -35.82 -30.01 6.39
C ALA B 394 -36.43 -28.94 7.28
N ASP B 395 -37.53 -29.27 7.94
CA ASP B 395 -38.20 -28.36 8.85
C ASP B 395 -37.79 -28.72 10.28
N TYR B 396 -37.13 -27.78 10.96
CA TYR B 396 -36.76 -28.00 12.34
C TYR B 396 -37.86 -27.64 13.32
N SER B 397 -38.95 -27.05 12.84
CA SER B 397 -40.01 -26.54 13.70
C SER B 397 -41.00 -27.61 14.14
N VAL B 398 -40.84 -28.85 13.69
CA VAL B 398 -41.77 -29.91 14.08
C VAL B 398 -41.21 -30.62 15.30
N LEU B 399 -40.13 -30.09 15.87
CA LEU B 399 -39.50 -30.66 17.03
C LEU B 399 -39.58 -29.75 18.25
N TYR B 400 -40.35 -28.67 18.19
CA TYR B 400 -40.37 -27.72 19.31
C TYR B 400 -41.08 -28.31 20.52
N ASN B 401 -42.09 -29.14 20.31
CA ASN B 401 -42.96 -29.65 21.39
C ASN B 401 -42.55 -31.06 21.78
N SER B 402 -41.43 -31.56 21.30
CA SER B 402 -40.99 -32.90 21.69
C SER B 402 -39.67 -32.87 22.45
N THR B 403 -38.62 -32.31 21.87
CA THR B 403 -37.30 -32.33 22.47
C THR B 403 -36.84 -30.94 22.82
N SER B 404 -35.98 -30.85 23.84
CA SER B 404 -35.36 -29.60 24.25
C SER B 404 -33.85 -29.83 24.22
N PHE B 405 -33.21 -29.29 23.18
CA PHE B 405 -31.79 -29.54 22.98
C PHE B 405 -30.97 -28.73 23.97
N SER B 406 -30.08 -29.41 24.70
CA SER B 406 -29.14 -28.71 25.56
C SER B 406 -28.02 -28.08 24.77
N THR B 407 -27.75 -28.57 23.57
CA THR B 407 -26.64 -28.12 22.75
C THR B 407 -27.06 -28.15 21.30
N PHE B 408 -26.90 -27.02 20.62
CA PHE B 408 -27.18 -26.89 19.18
C PHE B 408 -26.14 -25.94 18.62
N LYS B 409 -25.15 -26.46 17.91
CA LYS B 409 -24.00 -25.67 17.50
C LYS B 409 -23.70 -25.93 16.03
N CYS B 410 -23.82 -24.89 15.19
CA CYS B 410 -23.54 -24.98 13.77
C CYS B 410 -22.22 -24.28 13.46
N TYR B 411 -21.48 -24.82 12.50
CA TYR B 411 -20.08 -24.42 12.32
C TYR B 411 -19.78 -23.73 11.02
N GLY B 412 -20.28 -24.20 9.89
CA GLY B 412 -19.95 -23.56 8.64
C GLY B 412 -20.98 -22.56 8.16
N VAL B 413 -22.11 -22.48 8.87
CA VAL B 413 -23.24 -21.66 8.49
C VAL B 413 -23.74 -20.91 9.72
N SER B 414 -24.83 -20.18 9.55
CA SER B 414 -25.48 -19.48 10.64
C SER B 414 -26.85 -20.09 10.94
N PRO B 415 -27.21 -20.26 12.21
CA PRO B 415 -28.47 -20.93 12.52
C PRO B 415 -29.70 -20.19 12.02
N THR B 416 -29.60 -18.90 11.74
CA THR B 416 -30.73 -18.14 11.22
C THR B 416 -30.85 -18.19 9.71
N LYS B 417 -29.95 -18.91 9.03
CA LYS B 417 -29.98 -18.99 7.58
C LYS B 417 -30.14 -20.42 7.10
N LEU B 418 -30.65 -21.30 7.95
CA LEU B 418 -30.94 -22.68 7.58
C LEU B 418 -32.29 -22.84 6.89
N ASN B 419 -33.16 -21.84 6.97
CA ASN B 419 -34.46 -21.87 6.33
C ASN B 419 -34.42 -21.38 4.88
N ASP B 420 -33.27 -20.89 4.42
CA ASP B 420 -33.15 -20.32 3.09
C ASP B 420 -32.21 -21.10 2.19
N LEU B 421 -31.61 -22.17 2.68
CA LEU B 421 -30.59 -22.91 1.96
C LEU B 421 -31.13 -24.25 1.49
N CYS B 422 -30.73 -24.65 0.29
CA CYS B 422 -30.86 -26.03 -0.15
C CYS B 422 -29.48 -26.68 -0.11
N PHE B 423 -29.41 -27.88 0.45
CA PHE B 423 -28.17 -28.63 0.53
C PHE B 423 -28.17 -29.73 -0.52
N THR B 424 -26.98 -30.22 -0.85
CA THR B 424 -26.84 -31.26 -1.86
C THR B 424 -26.74 -32.65 -1.26
N ASN B 425 -25.97 -32.80 -0.18
CA ASN B 425 -25.78 -34.09 0.46
C ASN B 425 -25.81 -33.90 1.96
N VAL B 426 -26.55 -34.75 2.68
CA VAL B 426 -26.68 -34.63 4.13
C VAL B 426 -26.55 -36.02 4.75
N TYR B 427 -25.70 -36.14 5.77
CA TYR B 427 -25.56 -37.34 6.56
C TYR B 427 -25.97 -37.04 8.00
N ALA B 428 -26.07 -38.11 8.79
CA ALA B 428 -26.38 -37.97 10.22
C ALA B 428 -25.69 -39.10 10.97
N ASP B 429 -24.81 -38.73 11.91
CA ASP B 429 -24.17 -39.68 12.81
C ASP B 429 -24.81 -39.58 14.18
N SER B 430 -25.20 -40.72 14.72
CA SER B 430 -25.89 -40.75 16.00
C SER B 430 -25.19 -41.72 16.94
N PHE B 431 -25.15 -41.37 18.22
CA PHE B 431 -24.62 -42.23 19.27
C PHE B 431 -25.04 -41.67 20.63
N VAL B 432 -24.58 -42.34 21.69
CA VAL B 432 -24.92 -42.00 23.06
C VAL B 432 -23.65 -41.93 23.89
N ILE B 433 -23.48 -40.85 24.65
CA ILE B 433 -22.32 -40.66 25.51
C ILE B 433 -22.80 -40.14 26.86
N THR B 434 -21.84 -39.80 27.72
CA THR B 434 -22.10 -39.29 29.05
C THR B 434 -22.18 -37.77 29.02
N GLY B 435 -22.86 -37.20 30.02
CA GLY B 435 -23.17 -35.79 30.00
C GLY B 435 -21.94 -34.89 29.95
N ASP B 436 -20.86 -35.30 30.60
CA ASP B 436 -19.67 -34.46 30.66
C ASP B 436 -18.79 -34.55 29.42
N GLU B 437 -19.06 -35.50 28.53
CA GLU B 437 -18.26 -35.69 27.33
C GLU B 437 -18.90 -35.05 26.10
N VAL B 438 -19.96 -34.26 26.28
CA VAL B 438 -20.56 -33.56 25.15
C VAL B 438 -19.73 -32.36 24.72
N ARG B 439 -18.80 -31.91 25.56
CA ARG B 439 -17.92 -30.82 25.18
C ARG B 439 -16.82 -31.27 24.24
N GLN B 440 -16.56 -32.57 24.14
CA GLN B 440 -15.53 -33.09 23.27
C GLN B 440 -15.99 -33.32 21.85
N ILE B 441 -17.27 -33.13 21.56
CA ILE B 441 -17.77 -33.27 20.18
C ILE B 441 -17.65 -31.90 19.55
N ALA B 442 -16.44 -31.59 19.09
CA ALA B 442 -16.15 -30.29 18.48
C ALA B 442 -14.84 -30.43 17.73
N PRO B 443 -14.62 -29.62 16.69
CA PRO B 443 -13.34 -29.67 15.97
C PRO B 443 -12.21 -29.15 16.84
N GLY B 444 -11.16 -29.95 17.00
CA GLY B 444 -9.99 -29.53 17.73
C GLY B 444 -9.94 -29.95 19.18
N GLN B 445 -10.88 -30.75 19.66
CA GLN B 445 -10.92 -31.15 21.05
C GLN B 445 -10.10 -32.42 21.27
N THR B 446 -9.82 -32.71 22.54
CA THR B 446 -9.09 -33.90 22.93
C THR B 446 -9.68 -34.45 24.21
N GLY B 447 -9.41 -35.71 24.47
CA GLY B 447 -9.94 -36.38 25.64
C GLY B 447 -10.00 -37.87 25.39
N LYS B 448 -11.09 -38.49 25.84
CA LYS B 448 -11.27 -39.92 25.64
C LYS B 448 -12.17 -40.21 24.45
N ILE B 449 -13.26 -39.44 24.29
CA ILE B 449 -14.15 -39.65 23.17
C ILE B 449 -13.51 -39.19 21.86
N ALA B 450 -12.85 -38.04 21.88
CA ALA B 450 -12.30 -37.47 20.66
C ALA B 450 -10.99 -38.13 20.23
N ASP B 451 -10.37 -38.95 21.08
CA ASP B 451 -9.12 -39.60 20.75
C ASP B 451 -9.29 -41.03 20.28
N TYR B 452 -10.25 -41.76 20.84
CA TYR B 452 -10.38 -43.19 20.58
C TYR B 452 -11.72 -43.61 20.01
N ASN B 453 -12.74 -42.75 20.04
CA ASN B 453 -14.07 -43.15 19.64
C ASN B 453 -14.62 -42.39 18.45
N TYR B 454 -14.63 -41.06 18.48
CA TYR B 454 -15.26 -40.28 17.42
C TYR B 454 -14.52 -38.98 17.26
N LYS B 455 -14.05 -38.68 16.04
CA LYS B 455 -13.27 -37.48 15.78
C LYS B 455 -13.86 -36.69 14.62
N LEU B 456 -13.85 -35.35 14.73
CA LEU B 456 -14.36 -34.41 13.74
C LEU B 456 -13.21 -33.70 13.03
N PRO B 457 -13.35 -33.40 11.75
CA PRO B 457 -12.29 -32.69 11.02
C PRO B 457 -12.17 -31.24 11.46
N ASP B 458 -11.07 -30.62 11.06
CA ASP B 458 -10.88 -29.21 11.37
C ASP B 458 -11.76 -28.32 10.50
N ASP B 459 -11.88 -28.64 9.22
CA ASP B 459 -12.71 -27.89 8.29
C ASP B 459 -14.05 -28.63 8.15
N PHE B 460 -14.89 -28.48 9.15
CA PHE B 460 -16.16 -29.19 9.24
C PHE B 460 -17.30 -28.20 9.08
N THR B 461 -18.22 -28.50 8.18
CA THR B 461 -19.42 -27.68 7.95
C THR B 461 -20.64 -28.51 8.29
N GLY B 462 -21.37 -28.09 9.32
CA GLY B 462 -22.47 -28.88 9.81
C GLY B 462 -22.91 -28.38 11.17
N CYS B 463 -23.75 -29.17 11.82
CA CYS B 463 -24.27 -28.82 13.13
C CYS B 463 -24.18 -30.05 14.04
N VAL B 464 -24.06 -29.81 15.34
CA VAL B 464 -24.05 -30.86 16.34
C VAL B 464 -25.16 -30.57 17.34
N ILE B 465 -25.97 -31.59 17.63
CA ILE B 465 -27.15 -31.49 18.46
C ILE B 465 -27.06 -32.55 19.56
N ALA B 466 -27.38 -32.16 20.79
CA ALA B 466 -27.36 -33.11 21.89
C ALA B 466 -28.57 -32.89 22.79
N TRP B 467 -29.05 -33.96 23.40
CA TRP B 467 -30.12 -33.80 24.38
C TRP B 467 -30.06 -34.91 25.42
N ASN B 468 -30.52 -34.57 26.63
CA ASN B 468 -30.52 -35.49 27.76
C ASN B 468 -31.65 -36.50 27.62
N SER B 469 -31.34 -37.76 27.91
CA SER B 469 -32.32 -38.83 27.76
C SER B 469 -32.28 -39.77 28.96
N LYS B 470 -32.31 -39.21 30.16
CA LYS B 470 -32.35 -40.05 31.36
C LYS B 470 -33.65 -40.83 31.47
N HIS B 471 -34.72 -40.38 30.82
CA HIS B 471 -36.02 -41.03 30.94
C HIS B 471 -36.18 -42.22 30.02
N ILE B 472 -35.28 -42.42 29.05
CA ILE B 472 -35.44 -43.46 28.05
C ILE B 472 -34.29 -44.45 28.12
N ASP B 473 -33.12 -43.98 28.56
CA ASP B 473 -31.92 -44.81 28.55
C ASP B 473 -31.53 -45.33 29.93
N ALA B 474 -32.13 -44.84 31.00
CA ALA B 474 -31.79 -45.28 32.35
C ALA B 474 -32.88 -46.19 32.89
N LYS B 475 -32.46 -47.25 33.57
CA LYS B 475 -33.37 -48.23 34.14
C LYS B 475 -33.03 -48.44 35.62
N GLU B 476 -33.82 -49.29 36.27
CA GLU B 476 -33.65 -49.49 37.71
C GLU B 476 -32.34 -50.22 38.00
N GLY B 477 -32.18 -51.43 37.48
CA GLY B 477 -30.95 -52.16 37.69
C GLY B 477 -29.87 -51.78 36.71
N GLY B 478 -29.79 -50.49 36.37
CA GLY B 478 -28.79 -50.02 35.44
C GLY B 478 -29.13 -50.35 34.01
N ASN B 479 -28.42 -49.75 33.06
CA ASN B 479 -28.58 -50.01 31.64
C ASN B 479 -27.19 -50.26 31.05
N PHE B 480 -26.73 -51.51 31.13
CA PHE B 480 -25.38 -51.86 30.69
C PHE B 480 -25.39 -52.32 29.23
N ASN B 481 -25.92 -51.46 28.36
CA ASN B 481 -26.03 -51.80 26.95
C ASN B 481 -25.19 -50.91 26.03
N TYR B 482 -24.58 -49.86 26.54
CA TYR B 482 -23.73 -48.98 25.75
C TYR B 482 -22.29 -49.13 26.18
N LEU B 483 -21.39 -49.30 25.23
CA LEU B 483 -19.97 -49.48 25.49
C LEU B 483 -19.17 -48.30 24.95
N TYR B 484 -17.89 -48.31 25.28
CA TYR B 484 -16.94 -47.34 24.75
C TYR B 484 -15.55 -47.94 24.80
N ARG B 485 -14.64 -47.33 24.04
CA ARG B 485 -13.27 -47.80 23.92
C ARG B 485 -12.36 -46.95 24.80
N LEU B 486 -11.50 -47.60 25.57
CA LEU B 486 -10.65 -46.92 26.54
C LEU B 486 -9.17 -46.97 26.20
N PHE B 487 -8.69 -48.04 25.60
CA PHE B 487 -7.28 -48.20 25.25
C PHE B 487 -7.15 -48.36 23.74
N ARG B 488 -6.27 -47.56 23.15
CA ARG B 488 -5.93 -47.71 21.74
C ARG B 488 -4.46 -47.41 21.56
N LYS B 489 -3.87 -47.98 20.51
CA LYS B 489 -2.44 -47.81 20.29
C LYS B 489 -2.11 -46.42 19.76
N ALA B 490 -3.02 -45.83 18.98
CA ALA B 490 -2.80 -44.51 18.41
C ALA B 490 -4.13 -43.82 18.21
N ASN B 491 -4.08 -42.50 18.07
CA ASN B 491 -5.29 -41.70 17.94
C ASN B 491 -5.98 -41.97 16.61
N LEU B 492 -7.30 -41.74 16.59
CA LEU B 492 -8.07 -41.91 15.39
C LEU B 492 -7.78 -40.78 14.41
N LYS B 493 -8.26 -40.96 13.18
CA LYS B 493 -8.32 -39.93 12.16
C LYS B 493 -9.77 -39.53 11.95
N PRO B 494 -10.03 -38.35 11.40
CA PRO B 494 -11.42 -37.88 11.32
C PRO B 494 -12.34 -38.85 10.61
N PHE B 495 -13.51 -39.06 11.21
CA PHE B 495 -14.56 -39.92 10.66
C PHE B 495 -14.08 -41.35 10.42
N GLU B 496 -13.26 -41.86 11.31
CA GLU B 496 -12.80 -43.24 11.28
C GLU B 496 -13.53 -44.04 12.36
N ARG B 497 -13.69 -45.34 12.09
CA ARG B 497 -14.37 -46.24 13.07
C ARG B 497 -13.44 -47.42 13.36
N ASP B 498 -13.45 -47.93 14.59
CA ASP B 498 -12.59 -49.04 15.01
C ASP B 498 -13.40 -49.96 15.90
N ILE B 499 -13.86 -51.09 15.37
CA ILE B 499 -14.70 -52.02 16.11
C ILE B 499 -13.92 -53.26 16.54
N SER B 500 -12.60 -53.26 16.44
CA SER B 500 -11.82 -54.42 16.81
C SER B 500 -11.86 -54.64 18.32
N THR B 501 -11.65 -55.89 18.73
CA THR B 501 -11.69 -56.27 20.14
C THR B 501 -10.49 -57.13 20.50
N GLU B 502 -9.30 -56.72 20.10
CA GLU B 502 -8.08 -57.44 20.46
C GLU B 502 -7.75 -57.16 21.92
N ILE B 503 -6.61 -57.65 22.38
CA ILE B 503 -6.17 -57.47 23.76
C ILE B 503 -5.06 -56.45 23.77
N TYR B 504 -5.32 -55.28 24.36
CA TYR B 504 -4.34 -54.21 24.38
C TYR B 504 -3.17 -54.59 25.26
N GLN B 505 -1.96 -54.47 24.72
CA GLN B 505 -0.73 -54.80 25.45
C GLN B 505 -0.10 -53.54 25.99
N ALA B 506 -0.21 -53.33 27.30
CA ALA B 506 0.33 -52.13 27.93
C ALA B 506 1.73 -52.34 28.50
N GLY B 507 2.14 -53.58 28.73
CA GLY B 507 3.45 -53.83 29.30
C GLY B 507 4.51 -54.14 28.27
N SER B 508 5.25 -55.23 28.47
CA SER B 508 6.31 -55.62 27.55
C SER B 508 6.05 -56.97 26.90
N LYS B 509 5.77 -58.01 27.69
CA LYS B 509 5.59 -59.34 27.14
C LYS B 509 4.31 -59.42 26.32
N PRO B 510 4.31 -60.23 25.26
CA PRO B 510 3.11 -60.36 24.43
C PRO B 510 1.96 -60.97 25.22
N CYS B 511 0.74 -60.60 24.83
CA CYS B 511 -0.47 -61.05 25.54
C CYS B 511 -1.01 -62.34 24.96
N ASN B 512 -1.25 -62.37 23.65
CA ASN B 512 -1.87 -63.50 22.94
C ASN B 512 -3.08 -64.02 23.71
N GLY B 513 -4.08 -63.16 23.84
CA GLY B 513 -5.22 -63.48 24.68
C GLY B 513 -4.79 -63.44 26.13
N GLN B 514 -5.62 -64.06 26.98
CA GLN B 514 -5.26 -64.30 28.38
C GLN B 514 -4.92 -63.00 29.10
N THR B 515 -5.97 -62.20 29.31
CA THR B 515 -5.79 -60.86 29.85
C THR B 515 -5.30 -60.93 31.29
N GLY B 516 -3.99 -60.84 31.48
CA GLY B 516 -3.39 -61.03 32.78
C GLY B 516 -3.03 -59.74 33.50
N LEU B 517 -1.73 -59.49 33.65
CA LEU B 517 -1.27 -58.38 34.49
C LEU B 517 -1.29 -57.06 33.72
N ASN B 518 -0.59 -57.01 32.60
CA ASN B 518 -0.52 -55.80 31.77
C ASN B 518 -1.17 -56.02 30.41
N CYS B 519 -2.27 -56.76 30.41
CA CYS B 519 -3.09 -56.95 29.20
C CYS B 519 -4.53 -56.66 29.56
N TYR B 520 -5.17 -55.80 28.78
CA TYR B 520 -6.52 -55.35 29.07
C TYR B 520 -7.44 -55.58 27.89
N TYR B 521 -8.70 -55.88 28.19
CA TYR B 521 -9.75 -55.83 27.19
C TYR B 521 -10.14 -54.37 26.98
N PRO B 522 -10.20 -53.90 25.74
CA PRO B 522 -10.26 -52.45 25.48
C PRO B 522 -11.64 -51.80 25.50
N LEU B 523 -12.71 -52.55 25.74
CA LEU B 523 -14.07 -52.01 25.71
C LEU B 523 -14.70 -52.11 27.09
N TYR B 524 -15.31 -51.02 27.54
CA TYR B 524 -15.93 -50.97 28.85
C TYR B 524 -17.35 -50.44 28.75
N ARG B 525 -18.17 -50.80 29.73
CA ARG B 525 -19.61 -50.56 29.69
C ARG B 525 -20.00 -49.34 30.52
N TYR B 526 -20.87 -48.52 29.95
CA TYR B 526 -21.53 -47.45 30.69
C TYR B 526 -22.62 -48.01 31.59
N GLY B 527 -22.68 -47.52 32.82
CA GLY B 527 -23.76 -47.91 33.70
C GLY B 527 -24.64 -46.73 34.06
N PHE B 528 -25.87 -46.72 33.55
CA PHE B 528 -26.76 -45.58 33.67
C PHE B 528 -27.88 -45.91 34.66
N TYR B 529 -27.77 -45.40 35.87
CA TYR B 529 -28.78 -45.49 36.90
C TYR B 529 -29.61 -44.23 36.95
N PRO B 530 -30.86 -44.29 37.40
CA PRO B 530 -31.73 -43.10 37.39
C PRO B 530 -31.49 -42.15 38.55
N THR B 531 -30.47 -42.38 39.38
CA THR B 531 -30.13 -41.50 40.48
C THR B 531 -28.77 -40.83 40.29
N ASP B 532 -28.24 -40.86 39.08
CA ASP B 532 -26.92 -40.32 38.82
C ASP B 532 -26.94 -38.80 38.85
N GLY B 533 -25.78 -38.22 39.18
CA GLY B 533 -25.60 -36.81 38.99
C GLY B 533 -25.55 -36.44 37.53
N VAL B 534 -25.84 -35.17 37.24
CA VAL B 534 -25.96 -34.72 35.86
C VAL B 534 -24.68 -34.90 35.06
N GLY B 535 -23.55 -35.14 35.73
CA GLY B 535 -22.30 -35.30 35.02
C GLY B 535 -22.15 -36.62 34.29
N HIS B 536 -22.83 -37.67 34.74
CA HIS B 536 -22.74 -38.98 34.10
C HIS B 536 -24.13 -39.58 33.93
N GLN B 537 -25.04 -38.79 33.38
CA GLN B 537 -26.31 -39.25 32.86
C GLN B 537 -26.23 -39.38 31.34
N PRO B 538 -27.08 -40.21 30.73
CA PRO B 538 -26.95 -40.43 29.28
C PRO B 538 -27.38 -39.22 28.46
N TYR B 539 -26.66 -39.00 27.37
CA TYR B 539 -26.97 -37.95 26.40
C TYR B 539 -26.92 -38.54 25.00
N ARG B 540 -27.90 -38.19 24.19
CA ARG B 540 -27.96 -38.63 22.80
C ARG B 540 -27.44 -37.50 21.91
N VAL B 541 -26.56 -37.86 20.98
CA VAL B 541 -25.87 -36.89 20.12
C VAL B 541 -26.10 -37.25 18.67
N VAL B 542 -26.44 -36.25 17.86
CA VAL B 542 -26.61 -36.36 16.42
C VAL B 542 -25.79 -35.27 15.75
N VAL B 543 -24.98 -35.65 14.76
CA VAL B 543 -24.11 -34.73 14.04
C VAL B 543 -24.51 -34.73 12.57
N LEU B 544 -24.89 -33.56 12.07
CA LEU B 544 -25.29 -33.40 10.68
C LEU B 544 -24.17 -32.70 9.91
N SER B 545 -23.81 -33.26 8.76
CA SER B 545 -22.73 -32.73 7.93
C SER B 545 -23.22 -32.63 6.50
N PHE B 546 -23.36 -31.38 6.05
CA PHE B 546 -23.90 -31.14 4.70
C PHE B 546 -22.90 -30.38 3.83
N GLU B 547 -23.12 -30.41 2.52
CA GLU B 547 -22.27 -29.73 1.55
C GLU B 547 -23.12 -29.02 0.51
N LEU B 548 -22.57 -27.94 -0.04
CA LEU B 548 -23.22 -27.15 -1.09
C LEU B 548 -22.25 -27.04 -2.26
N LEU B 549 -22.65 -27.55 -3.42
CA LEU B 549 -21.79 -27.51 -4.60
C LEU B 549 -22.67 -27.61 -5.84
N ASN B 550 -22.02 -27.53 -7.01
CA ASN B 550 -22.70 -27.40 -8.29
C ASN B 550 -23.33 -28.73 -8.68
N ALA B 551 -24.55 -28.95 -8.16
CA ALA B 551 -25.29 -30.18 -8.38
C ALA B 551 -26.73 -29.96 -7.98
N PRO B 552 -27.65 -30.83 -8.40
CA PRO B 552 -29.05 -30.67 -7.98
C PRO B 552 -29.21 -30.78 -6.48
N ALA B 553 -30.16 -30.02 -5.93
CA ALA B 553 -30.42 -30.03 -4.51
C ALA B 553 -31.32 -31.20 -4.14
N THR B 554 -30.98 -31.87 -3.04
CA THR B 554 -31.76 -33.01 -2.56
C THR B 554 -32.68 -32.61 -1.41
N VAL B 555 -32.14 -32.07 -0.33
CA VAL B 555 -32.92 -31.64 0.83
C VAL B 555 -32.84 -30.13 0.93
N CYS B 556 -33.98 -29.48 1.07
CA CYS B 556 -34.02 -28.02 1.10
C CYS B 556 -34.90 -27.53 2.23
N GLY B 557 -34.80 -26.24 2.51
CA GLY B 557 -35.52 -25.64 3.63
C GLY B 557 -36.95 -25.32 3.28
N PRO B 558 -37.70 -24.92 4.30
CA PRO B 558 -39.14 -24.67 4.14
C PRO B 558 -39.45 -23.22 3.75
N LYS B 559 -39.01 -22.83 2.56
CA LYS B 559 -39.29 -21.50 2.03
C LYS B 559 -40.18 -21.62 0.81
N LYS B 560 -41.20 -20.77 0.72
CA LYS B 560 -42.17 -20.86 -0.36
C LYS B 560 -41.66 -20.12 -1.58
N SER B 561 -41.79 -20.76 -2.75
CA SER B 561 -41.38 -20.16 -4.01
C SER B 561 -42.40 -19.13 -4.46
N THR B 562 -42.04 -18.37 -5.49
CA THR B 562 -42.91 -17.34 -6.04
C THR B 562 -42.64 -17.22 -7.54
N ASN B 563 -43.21 -16.17 -8.15
CA ASN B 563 -43.19 -16.03 -9.59
C ASN B 563 -41.88 -15.44 -10.08
N LEU B 564 -41.60 -15.67 -11.36
CA LEU B 564 -40.37 -15.21 -12.00
C LEU B 564 -40.61 -13.90 -12.71
N VAL B 565 -39.76 -12.91 -12.42
CA VAL B 565 -39.86 -11.57 -13.01
C VAL B 565 -38.63 -11.35 -13.87
N LYS B 566 -38.83 -11.04 -15.14
CA LYS B 566 -37.75 -10.93 -16.10
C LYS B 566 -37.63 -9.51 -16.62
N ASN B 567 -36.40 -9.13 -16.97
CA ASN B 567 -36.08 -7.81 -17.51
C ASN B 567 -36.36 -6.70 -16.49
N LYS B 568 -35.97 -6.96 -15.24
CA LYS B 568 -36.13 -5.97 -14.18
C LYS B 568 -35.03 -6.19 -13.16
N CYS B 569 -34.76 -5.14 -12.37
CA CYS B 569 -33.77 -5.23 -11.31
C CYS B 569 -34.43 -5.80 -10.07
N VAL B 570 -34.08 -7.05 -9.74
CA VAL B 570 -34.67 -7.76 -8.62
C VAL B 570 -33.57 -8.46 -7.84
N ASN B 571 -33.88 -8.74 -6.57
CA ASN B 571 -33.12 -9.72 -5.81
C ASN B 571 -33.69 -11.09 -6.09
N PHE B 572 -32.81 -12.08 -6.23
CA PHE B 572 -33.23 -13.42 -6.55
C PHE B 572 -32.57 -14.42 -5.62
N ASN B 573 -33.28 -15.53 -5.38
CA ASN B 573 -32.81 -16.61 -4.53
C ASN B 573 -33.09 -17.92 -5.27
N PHE B 574 -32.09 -18.44 -5.98
CA PHE B 574 -32.21 -19.69 -6.72
C PHE B 574 -31.47 -20.78 -5.96
N ASN B 575 -32.23 -21.71 -5.37
CA ASN B 575 -31.66 -22.85 -4.66
C ASN B 575 -30.69 -22.42 -3.56
N GLY B 576 -31.04 -21.35 -2.86
CA GLY B 576 -30.19 -20.86 -1.80
C GLY B 576 -29.01 -20.04 -2.28
N LEU B 577 -28.97 -19.70 -3.55
CA LEU B 577 -27.96 -18.82 -4.13
C LEU B 577 -28.61 -17.46 -4.34
N THR B 578 -28.17 -16.48 -3.57
CA THR B 578 -28.77 -15.15 -3.58
C THR B 578 -27.99 -14.22 -4.50
N GLY B 579 -28.67 -13.20 -4.98
CA GLY B 579 -28.01 -12.21 -5.83
C GLY B 579 -28.95 -11.09 -6.19
N THR B 580 -28.40 -10.12 -6.90
CA THR B 580 -29.14 -8.95 -7.38
C THR B 580 -28.83 -8.73 -8.85
N GLY B 581 -29.83 -8.36 -9.63
CA GLY B 581 -29.56 -8.02 -11.02
C GLY B 581 -30.79 -8.15 -11.87
N VAL B 582 -30.55 -8.29 -13.17
CA VAL B 582 -31.59 -8.35 -14.20
C VAL B 582 -31.58 -9.76 -14.78
N LEU B 583 -32.75 -10.39 -14.83
CA LEU B 583 -32.88 -11.74 -15.33
C LEU B 583 -33.48 -11.71 -16.74
N THR B 584 -32.74 -12.26 -17.70
CA THR B 584 -33.18 -12.35 -19.08
C THR B 584 -32.87 -13.74 -19.61
N GLU B 585 -33.57 -14.12 -20.67
CA GLU B 585 -33.33 -15.43 -21.27
C GLU B 585 -32.00 -15.44 -22.00
N SER B 586 -31.45 -16.64 -22.17
CA SER B 586 -30.15 -16.79 -22.81
C SER B 586 -30.09 -18.14 -23.50
N ASN B 587 -28.90 -18.50 -23.99
CA ASN B 587 -28.71 -19.72 -24.78
C ASN B 587 -27.50 -20.54 -24.34
N LYS B 588 -26.87 -20.19 -23.22
CA LYS B 588 -25.65 -20.88 -22.81
C LYS B 588 -26.00 -22.28 -22.31
N LYS B 589 -26.06 -23.24 -23.22
CA LYS B 589 -26.47 -24.59 -22.86
C LYS B 589 -25.49 -25.20 -21.86
N PHE B 590 -26.04 -25.77 -20.79
CA PHE B 590 -25.26 -26.30 -19.67
C PHE B 590 -25.04 -27.80 -19.85
N LEU B 591 -24.33 -28.37 -18.88
CA LEU B 591 -24.26 -29.81 -18.73
C LEU B 591 -25.55 -30.31 -18.07
N PRO B 592 -25.82 -31.62 -18.14
CA PRO B 592 -27.06 -32.12 -17.54
C PRO B 592 -27.19 -31.81 -16.06
N PHE B 593 -26.12 -31.87 -15.30
CA PHE B 593 -26.17 -31.65 -13.86
C PHE B 593 -25.91 -30.20 -13.46
N GLN B 594 -25.26 -29.42 -14.31
CA GLN B 594 -24.82 -28.09 -13.94
C GLN B 594 -25.99 -27.21 -13.53
N GLN B 595 -25.80 -26.46 -12.44
CA GLN B 595 -26.82 -25.56 -11.93
C GLN B 595 -26.56 -24.11 -12.26
N PHE B 596 -25.32 -23.65 -12.13
CA PHE B 596 -24.97 -22.28 -12.46
C PHE B 596 -23.62 -22.25 -13.13
N GLY B 597 -23.33 -21.15 -13.81
CA GLY B 597 -22.04 -20.94 -14.43
C GLY B 597 -21.52 -19.55 -14.14
N ARG B 598 -20.23 -19.49 -13.78
CA ARG B 598 -19.56 -18.24 -13.48
C ARG B 598 -18.82 -17.72 -14.71
N ASP B 599 -18.07 -16.64 -14.51
CA ASP B 599 -17.24 -16.08 -15.57
C ASP B 599 -15.80 -15.92 -15.10
N ILE B 600 -15.00 -15.19 -15.87
CA ILE B 600 -13.57 -15.08 -15.55
C ILE B 600 -13.37 -14.35 -14.23
N ALA B 601 -14.22 -13.38 -13.90
CA ALA B 601 -14.08 -12.63 -12.66
C ALA B 601 -14.61 -13.37 -11.44
N ASP B 602 -14.92 -14.66 -11.57
CA ASP B 602 -15.47 -15.47 -10.48
C ASP B 602 -16.73 -14.85 -9.89
N THR B 603 -17.61 -14.39 -10.77
CA THR B 603 -18.93 -13.92 -10.39
C THR B 603 -19.96 -14.70 -11.21
N THR B 604 -21.10 -14.99 -10.59
CA THR B 604 -22.11 -15.81 -11.26
C THR B 604 -22.61 -15.10 -12.51
N ASP B 605 -22.68 -15.85 -13.60
CA ASP B 605 -23.06 -15.31 -14.91
C ASP B 605 -24.38 -15.87 -15.43
N ALA B 606 -24.62 -17.16 -15.24
CA ALA B 606 -25.89 -17.74 -15.66
C ALA B 606 -26.36 -18.73 -14.61
N VAL B 607 -27.67 -18.93 -14.55
CA VAL B 607 -28.29 -19.80 -13.56
C VAL B 607 -29.42 -20.58 -14.22
N ARG B 608 -29.75 -21.73 -13.64
CA ARG B 608 -30.81 -22.59 -14.15
C ARG B 608 -32.02 -22.51 -13.24
N ASP B 609 -33.19 -22.29 -13.83
CA ASP B 609 -34.42 -22.25 -13.05
C ASP B 609 -34.74 -23.65 -12.54
N PRO B 610 -35.01 -23.82 -11.24
CA PRO B 610 -35.20 -25.17 -10.70
C PRO B 610 -36.51 -25.81 -11.12
N GLN B 611 -37.59 -25.06 -11.19
CA GLN B 611 -38.89 -25.66 -11.45
C GLN B 611 -39.09 -25.95 -12.93
N THR B 612 -38.78 -24.99 -13.80
CA THR B 612 -38.80 -25.17 -15.24
C THR B 612 -37.36 -25.07 -15.73
N LEU B 613 -36.81 -26.18 -16.20
CA LEU B 613 -35.36 -26.30 -16.40
C LEU B 613 -34.95 -25.45 -17.60
N GLU B 614 -34.93 -24.14 -17.38
CA GLU B 614 -34.64 -23.14 -18.40
C GLU B 614 -33.51 -22.25 -17.95
N ILE B 615 -32.55 -22.02 -18.83
CA ILE B 615 -31.37 -21.23 -18.50
C ILE B 615 -31.74 -19.75 -18.51
N LEU B 616 -31.18 -19.00 -17.58
CA LEU B 616 -31.26 -17.54 -17.53
C LEU B 616 -29.86 -17.00 -17.31
N ASP B 617 -29.68 -15.70 -17.54
CA ASP B 617 -28.39 -15.08 -17.28
C ASP B 617 -28.59 -13.74 -16.59
N ILE B 618 -27.54 -13.31 -15.89
CA ILE B 618 -27.62 -12.19 -14.95
C ILE B 618 -26.68 -11.10 -15.42
N THR B 619 -27.20 -9.89 -15.56
CA THR B 619 -26.42 -8.72 -15.92
C THR B 619 -26.56 -7.67 -14.83
N PRO B 620 -25.56 -6.80 -14.67
CA PRO B 620 -25.63 -5.80 -13.60
C PRO B 620 -26.75 -4.80 -13.82
N CYS B 621 -27.23 -4.26 -12.70
CA CYS B 621 -28.23 -3.19 -12.74
C CYS B 621 -27.64 -1.84 -13.09
N SER B 622 -26.33 -1.68 -12.96
CA SER B 622 -25.68 -0.37 -13.03
C SER B 622 -25.09 -0.15 -14.42
N PHE B 623 -25.37 1.02 -14.99
CA PHE B 623 -24.70 1.49 -16.19
C PHE B 623 -23.61 2.46 -15.76
N GLY B 624 -22.37 2.16 -16.13
CA GLY B 624 -21.25 2.90 -15.61
C GLY B 624 -20.45 3.65 -16.65
N GLY B 625 -21.14 4.31 -17.58
CA GLY B 625 -20.47 5.10 -18.58
C GLY B 625 -21.15 6.43 -18.84
N VAL B 626 -21.74 7.03 -17.81
CA VAL B 626 -22.53 8.25 -17.95
C VAL B 626 -21.69 9.43 -17.46
N SER B 627 -21.68 10.52 -18.23
CA SER B 627 -20.95 11.72 -17.88
C SER B 627 -21.85 12.94 -18.03
N VAL B 628 -21.66 13.93 -17.18
CA VAL B 628 -22.57 15.07 -17.08
C VAL B 628 -21.83 16.35 -17.46
N ILE B 629 -22.18 16.92 -18.60
CA ILE B 629 -21.62 18.19 -19.05
C ILE B 629 -22.40 19.31 -18.36
N THR B 630 -21.70 20.16 -17.62
CA THR B 630 -22.35 21.24 -16.92
C THR B 630 -21.53 22.52 -17.01
N PRO B 631 -22.17 23.67 -17.18
CA PRO B 631 -21.50 24.94 -16.84
C PRO B 631 -21.43 25.09 -15.33
N GLY B 632 -20.97 26.23 -14.84
CA GLY B 632 -20.97 26.43 -13.40
C GLY B 632 -22.37 26.33 -12.83
N THR B 633 -22.51 25.65 -11.69
CA THR B 633 -23.83 25.58 -11.01
C THR B 633 -24.23 26.98 -10.54
N ASN B 634 -23.26 27.87 -10.36
CA ASN B 634 -23.50 29.31 -10.08
C ASN B 634 -24.25 29.99 -11.22
N THR B 635 -23.86 29.76 -12.46
CA THR B 635 -24.46 30.46 -13.63
C THR B 635 -25.86 29.91 -13.88
N SER B 636 -26.04 28.59 -13.86
CA SER B 636 -27.26 27.95 -14.33
C SER B 636 -27.31 26.53 -13.80
N ASN B 637 -28.51 25.94 -13.86
CA ASN B 637 -28.76 24.59 -13.38
C ASN B 637 -29.12 23.63 -14.52
N GLN B 638 -28.53 23.83 -15.69
CA GLN B 638 -28.78 22.96 -16.83
C GLN B 638 -27.58 22.05 -17.07
N VAL B 639 -27.87 20.83 -17.53
CA VAL B 639 -26.84 19.85 -17.81
C VAL B 639 -27.15 19.16 -19.13
N ALA B 640 -26.14 18.49 -19.66
CA ALA B 640 -26.29 17.54 -20.75
C ALA B 640 -25.68 16.22 -20.32
N VAL B 641 -26.13 15.13 -20.92
CA VAL B 641 -25.73 13.79 -20.50
C VAL B 641 -25.12 13.06 -21.68
N LEU B 642 -23.99 12.42 -21.45
CA LEU B 642 -23.31 11.62 -22.46
C LEU B 642 -23.28 10.16 -21.99
N TYR B 643 -23.81 9.27 -22.84
CA TYR B 643 -23.77 7.84 -22.60
C TYR B 643 -22.66 7.25 -23.46
N GLN B 644 -21.79 6.46 -22.85
CA GLN B 644 -20.45 6.26 -23.38
C GLN B 644 -20.45 5.49 -24.69
N ASP B 645 -20.99 4.28 -24.69
CA ASP B 645 -20.85 3.41 -25.86
C ASP B 645 -22.18 2.76 -26.21
N VAL B 646 -23.24 3.55 -26.28
CA VAL B 646 -24.55 3.05 -26.63
C VAL B 646 -25.08 3.81 -27.83
N ASN B 647 -25.98 3.17 -28.57
CA ASN B 647 -26.73 3.86 -29.61
C ASN B 647 -27.63 4.93 -28.99
N CYS B 648 -28.24 5.73 -29.85
CA CYS B 648 -29.22 6.71 -29.39
C CYS B 648 -30.64 6.16 -29.39
N THR B 649 -30.83 4.90 -29.75
CA THR B 649 -32.13 4.24 -29.66
C THR B 649 -32.15 3.14 -28.61
N GLU B 650 -31.02 2.86 -27.96
CA GLU B 650 -30.94 1.84 -26.93
C GLU B 650 -30.63 2.44 -25.57
N VAL B 651 -30.69 3.76 -25.43
CA VAL B 651 -30.54 4.42 -24.14
C VAL B 651 -31.69 4.03 -23.21
N PRO B 652 -32.95 4.04 -23.64
CA PRO B 652 -34.03 3.65 -22.72
C PRO B 652 -33.88 2.26 -22.16
N VAL B 653 -33.28 1.34 -22.90
CA VAL B 653 -33.15 -0.02 -22.42
C VAL B 653 -31.83 -0.25 -21.68
N ALA B 654 -30.78 0.52 -22.01
CA ALA B 654 -29.50 0.32 -21.36
C ALA B 654 -29.46 0.85 -19.93
N ILE B 655 -30.16 1.97 -19.67
CA ILE B 655 -30.19 2.54 -18.33
C ILE B 655 -31.44 2.16 -17.56
N HIS B 656 -32.29 1.32 -18.13
CA HIS B 656 -33.57 0.94 -17.53
C HIS B 656 -34.43 2.18 -17.28
N ALA B 657 -34.77 2.86 -18.37
CA ALA B 657 -35.52 4.10 -18.27
C ALA B 657 -37.01 3.83 -18.11
N ASP B 658 -37.36 2.97 -17.17
CA ASP B 658 -38.74 2.79 -16.76
C ASP B 658 -38.90 2.67 -15.26
N GLN B 659 -37.81 2.50 -14.51
CA GLN B 659 -37.83 2.52 -13.06
C GLN B 659 -37.25 3.80 -12.49
N LEU B 660 -36.93 4.77 -13.34
CA LEU B 660 -36.33 6.02 -12.91
C LEU B 660 -37.40 7.06 -12.64
N THR B 661 -37.01 8.11 -11.93
CA THR B 661 -37.92 9.21 -11.65
C THR B 661 -38.25 9.95 -12.95
N PRO B 662 -39.40 10.61 -13.02
CA PRO B 662 -39.74 11.35 -14.24
C PRO B 662 -38.77 12.47 -14.56
N THR B 663 -38.00 12.96 -13.60
CA THR B 663 -36.97 13.95 -13.87
C THR B 663 -35.75 13.35 -14.56
N TRP B 664 -35.39 12.11 -14.21
CA TRP B 664 -34.33 11.41 -14.91
C TRP B 664 -34.77 10.92 -16.27
N ARG B 665 -36.07 10.85 -16.51
CA ARG B 665 -36.61 10.29 -17.74
C ARG B 665 -36.71 11.31 -18.87
N VAL B 666 -36.34 12.57 -18.61
CA VAL B 666 -36.25 13.57 -19.66
C VAL B 666 -34.90 13.53 -20.36
N TYR B 667 -33.89 12.94 -19.73
CA TYR B 667 -32.55 12.80 -20.32
C TYR B 667 -32.39 11.44 -20.96
N SER B 668 -33.47 10.88 -21.51
CA SER B 668 -33.37 9.63 -22.26
C SER B 668 -34.25 9.64 -23.50
N THR B 669 -34.88 10.75 -23.84
CA THR B 669 -35.85 10.81 -24.93
C THR B 669 -35.30 11.67 -26.06
N GLY B 670 -36.11 11.87 -27.08
CA GLY B 670 -35.67 12.48 -28.33
C GLY B 670 -35.78 13.99 -28.37
N SER B 671 -35.78 14.51 -29.59
CA SER B 671 -35.87 15.93 -29.94
C SER B 671 -34.57 16.68 -29.67
N ASN B 672 -33.63 16.02 -28.98
CA ASN B 672 -32.29 16.58 -28.80
C ASN B 672 -31.19 15.53 -28.89
N VAL B 673 -31.52 14.28 -29.22
CA VAL B 673 -30.49 13.25 -29.28
C VAL B 673 -29.48 13.60 -30.36
N PHE B 674 -28.21 13.30 -30.09
CA PHE B 674 -27.14 13.59 -31.03
C PHE B 674 -26.12 12.47 -30.95
N GLN B 675 -25.92 11.78 -32.06
CA GLN B 675 -25.04 10.61 -32.10
C GLN B 675 -23.64 11.07 -32.46
N THR B 676 -22.78 11.22 -31.45
CA THR B 676 -21.38 11.45 -31.67
C THR B 676 -20.67 10.12 -31.85
N ARG B 677 -19.36 10.15 -32.03
CA ARG B 677 -18.58 8.93 -32.13
C ARG B 677 -18.10 8.44 -30.78
N ALA B 678 -18.44 9.14 -29.70
CA ALA B 678 -18.07 8.75 -28.35
C ALA B 678 -19.29 8.45 -27.48
N GLY B 679 -20.44 8.19 -28.09
CA GLY B 679 -21.64 7.84 -27.36
C GLY B 679 -22.82 8.61 -27.89
N CYS B 680 -23.86 8.74 -27.04
CA CYS B 680 -25.04 9.51 -27.36
C CYS B 680 -25.09 10.72 -26.44
N LEU B 681 -25.37 11.89 -26.99
CA LEU B 681 -25.41 13.13 -26.24
C LEU B 681 -26.85 13.64 -26.22
N ILE B 682 -27.38 13.89 -25.03
CA ILE B 682 -28.77 14.30 -24.85
C ILE B 682 -28.81 15.55 -23.99
N GLY B 683 -29.46 16.59 -24.49
CA GLY B 683 -29.59 17.85 -23.78
C GLY B 683 -28.82 18.99 -24.39
N ALA B 684 -28.13 18.80 -25.51
CA ALA B 684 -27.31 19.83 -26.13
C ALA B 684 -27.78 20.09 -27.56
N GLU B 685 -27.83 21.36 -27.92
CA GLU B 685 -28.26 21.78 -29.26
C GLU B 685 -27.08 21.73 -30.21
N HIS B 686 -27.24 21.08 -31.36
CA HIS B 686 -26.16 20.84 -32.30
C HIS B 686 -26.12 21.97 -33.33
N VAL B 687 -25.03 22.72 -33.34
CA VAL B 687 -24.81 23.76 -34.34
C VAL B 687 -23.85 23.23 -35.40
N ASN B 688 -23.76 23.93 -36.53
CA ASN B 688 -22.92 23.46 -37.67
C ASN B 688 -21.67 24.33 -37.84
N ASN B 689 -21.43 25.30 -36.96
CA ASN B 689 -20.23 26.11 -37.06
C ASN B 689 -19.07 25.38 -36.40
N SER B 690 -17.95 26.06 -36.21
CA SER B 690 -16.79 25.49 -35.54
C SER B 690 -16.08 26.60 -34.79
N TYR B 691 -16.09 26.51 -33.46
CA TYR B 691 -15.44 27.49 -32.59
C TYR B 691 -14.27 26.81 -31.88
N GLU B 692 -13.65 27.54 -30.96
CA GLU B 692 -12.61 26.95 -30.14
C GLU B 692 -13.24 26.10 -29.04
N CYS B 693 -12.49 25.12 -28.57
CA CYS B 693 -13.01 24.20 -27.56
C CYS B 693 -13.20 24.94 -26.24
N ASP B 694 -14.35 24.72 -25.60
CA ASP B 694 -14.65 25.30 -24.30
C ASP B 694 -14.75 24.23 -23.22
N ILE B 695 -15.61 23.23 -23.41
CA ILE B 695 -15.66 22.06 -22.55
C ILE B 695 -15.40 20.84 -23.43
N PRO B 696 -14.26 20.18 -23.29
CA PRO B 696 -13.96 19.05 -24.19
C PRO B 696 -14.82 17.84 -23.85
N ILE B 697 -15.52 17.34 -24.86
CA ILE B 697 -16.31 16.12 -24.71
C ILE B 697 -15.48 14.94 -25.19
N GLY B 698 -15.07 14.97 -26.44
CA GLY B 698 -14.19 13.92 -26.93
C GLY B 698 -14.47 13.59 -28.38
N ALA B 699 -13.56 12.82 -28.96
CA ALA B 699 -13.65 12.38 -30.36
C ALA B 699 -13.87 13.55 -31.31
N GLY B 700 -13.34 14.72 -30.95
CA GLY B 700 -13.45 15.89 -31.79
C GLY B 700 -14.64 16.77 -31.53
N ILE B 701 -15.43 16.49 -30.50
CA ILE B 701 -16.64 17.25 -30.20
C ILE B 701 -16.40 18.02 -28.90
N CYS B 702 -16.71 19.31 -28.92
CA CYS B 702 -16.66 20.19 -27.76
C CYS B 702 -18.04 20.76 -27.49
N ALA B 703 -18.20 21.41 -26.33
CA ALA B 703 -19.48 21.97 -25.94
C ALA B 703 -19.29 23.27 -25.19
N SER B 704 -20.29 24.14 -25.25
CA SER B 704 -20.22 25.44 -24.61
C SER B 704 -21.62 25.90 -24.25
N TYR B 705 -21.68 27.03 -23.53
CA TYR B 705 -22.93 27.58 -23.00
C TYR B 705 -23.13 28.95 -23.63
N GLN B 706 -23.97 29.03 -24.66
CA GLN B 706 -24.11 30.24 -25.46
C GLN B 706 -25.48 30.86 -25.25
N THR B 707 -25.64 32.05 -25.82
CA THR B 707 -26.80 32.90 -25.60
C THR B 707 -27.57 33.20 -26.87
N GLN B 708 -27.86 32.16 -27.66
CA GLN B 708 -28.62 32.28 -28.91
C GLN B 708 -29.83 33.21 -28.80
N SER B 716 -33.23 31.53 -24.50
CA SER B 716 -32.20 32.57 -24.55
C SER B 716 -30.81 31.97 -24.42
N GLN B 717 -30.59 31.21 -23.35
CA GLN B 717 -29.31 30.57 -23.09
C GLN B 717 -29.47 29.06 -23.24
N SER B 718 -28.46 28.41 -23.81
CA SER B 718 -28.51 26.97 -23.98
C SER B 718 -27.12 26.42 -24.16
N ILE B 719 -27.00 25.11 -23.98
CA ILE B 719 -25.75 24.39 -24.18
C ILE B 719 -25.71 23.89 -25.61
N ILE B 720 -24.65 24.23 -26.33
CA ILE B 720 -24.48 23.83 -27.73
C ILE B 720 -23.25 22.96 -27.86
N ALA B 721 -23.35 21.92 -28.69
CA ALA B 721 -22.24 21.04 -28.99
C ALA B 721 -21.83 21.22 -30.44
N TYR B 722 -20.54 21.21 -30.69
CA TYR B 722 -20.02 21.50 -32.03
C TYR B 722 -18.71 20.76 -32.23
N THR B 723 -18.17 20.90 -33.44
CA THR B 723 -16.90 20.29 -33.81
C THR B 723 -15.81 21.35 -33.77
N MET B 724 -14.75 21.08 -33.01
CA MET B 724 -13.69 22.06 -32.81
C MET B 724 -12.94 22.31 -34.11
N SER B 725 -12.43 23.54 -34.25
CA SER B 725 -11.70 23.96 -35.43
C SER B 725 -10.21 23.94 -35.15
N LEU B 726 -9.43 23.47 -36.14
CA LEU B 726 -7.99 23.37 -35.95
C LEU B 726 -7.33 24.74 -36.02
N GLY B 727 -7.82 25.61 -36.88
CA GLY B 727 -7.24 26.94 -37.00
C GLY B 727 -7.82 27.66 -38.20
N ALA B 728 -7.15 28.74 -38.59
CA ALA B 728 -7.56 29.56 -39.72
C ALA B 728 -6.91 29.03 -40.99
N GLU B 729 -7.73 28.73 -42.00
CA GLU B 729 -7.20 28.21 -43.25
C GLU B 729 -6.34 29.27 -43.94
N ASN B 730 -5.29 28.82 -44.62
CA ASN B 730 -4.37 29.73 -45.27
C ASN B 730 -3.68 29.02 -46.42
N SER B 731 -3.16 29.82 -47.35
CA SER B 731 -2.44 29.27 -48.51
C SER B 731 -1.33 30.24 -48.88
N VAL B 732 -0.28 29.69 -49.50
CA VAL B 732 0.93 30.44 -49.80
C VAL B 732 1.25 30.27 -51.29
N ALA B 733 1.51 31.38 -51.96
CA ALA B 733 1.71 31.41 -53.40
C ALA B 733 3.12 30.96 -53.74
N TYR B 734 3.25 29.76 -54.30
CA TYR B 734 4.55 29.19 -54.61
C TYR B 734 4.81 29.24 -56.10
N SER B 735 6.06 29.53 -56.46
CA SER B 735 6.49 29.53 -57.85
C SER B 735 8.00 29.32 -57.85
N ASN B 736 8.54 28.97 -59.01
CA ASN B 736 9.95 28.63 -59.11
C ASN B 736 10.85 29.82 -59.41
N ASN B 737 10.30 31.02 -59.55
CA ASN B 737 11.13 32.21 -59.72
C ASN B 737 10.54 33.39 -58.94
N SER B 738 10.13 33.15 -57.69
CA SER B 738 9.47 34.20 -56.93
C SER B 738 9.79 34.06 -55.45
N ILE B 739 10.27 35.14 -54.84
CA ILE B 739 10.53 35.19 -53.40
C ILE B 739 9.74 36.34 -52.80
N ALA B 740 9.69 36.35 -51.47
CA ALA B 740 9.09 37.43 -50.71
C ALA B 740 10.05 37.83 -49.60
N ILE B 741 10.25 39.14 -49.43
CA ILE B 741 11.24 39.65 -48.50
C ILE B 741 10.61 40.72 -47.61
N PRO B 742 10.84 40.68 -46.29
CA PRO B 742 10.28 41.72 -45.42
C PRO B 742 10.99 43.05 -45.58
N THR B 743 10.25 44.12 -45.32
CA THR B 743 10.77 45.47 -45.44
C THR B 743 10.80 46.23 -44.13
N ASN B 744 10.18 45.76 -43.06
CA ASN B 744 10.18 46.45 -41.75
C ASN B 744 10.17 45.33 -40.73
N PHE B 745 10.16 45.63 -39.45
CA PHE B 745 10.28 44.63 -38.40
C PHE B 745 9.42 45.02 -37.21
N THR B 746 9.54 44.23 -36.15
CA THR B 746 8.77 44.44 -34.92
C THR B 746 9.56 43.86 -33.76
N ILE B 747 9.49 44.53 -32.62
CA ILE B 747 10.09 44.06 -31.38
C ILE B 747 8.97 43.57 -30.48
N SER B 748 9.07 42.32 -30.03
CA SER B 748 8.00 41.71 -29.25
C SER B 748 8.55 41.18 -27.93
N VAL B 749 7.87 41.48 -26.83
CA VAL B 749 8.25 41.02 -25.51
C VAL B 749 7.20 40.01 -25.03
N THR B 750 7.66 38.84 -24.63
CA THR B 750 6.81 37.71 -24.27
C THR B 750 7.16 37.23 -22.87
N THR B 751 6.26 36.45 -22.28
CA THR B 751 6.37 36.02 -20.89
C THR B 751 6.32 34.50 -20.80
N GLU B 752 7.16 33.93 -19.93
CA GLU B 752 7.13 32.50 -19.65
C GLU B 752 7.25 32.27 -18.16
N ILE B 753 6.43 31.36 -17.62
CA ILE B 753 6.32 31.14 -16.18
C ILE B 753 6.64 29.68 -15.87
N LEU B 754 7.50 29.45 -14.87
CA LEU B 754 7.97 28.10 -14.54
C LEU B 754 8.01 27.84 -13.04
N PRO B 755 7.44 26.74 -12.55
CA PRO B 755 7.63 26.36 -11.16
C PRO B 755 9.05 25.92 -10.87
N VAL B 756 9.52 26.20 -9.65
CA VAL B 756 10.88 25.82 -9.28
C VAL B 756 10.88 24.92 -8.04
N SER B 757 9.92 25.10 -7.15
CA SER B 757 9.96 24.38 -5.89
C SER B 757 8.57 24.29 -5.29
N MET B 758 8.43 23.40 -4.31
CA MET B 758 7.18 23.26 -3.58
C MET B 758 7.42 23.29 -2.07
N THR B 759 6.38 23.09 -1.28
CA THR B 759 6.49 23.20 0.17
C THR B 759 7.18 21.99 0.78
N LYS B 760 7.82 22.22 1.92
CA LYS B 760 8.54 21.18 2.66
C LYS B 760 7.73 20.86 3.91
N THR B 761 7.48 19.56 4.13
CA THR B 761 6.67 19.14 5.26
C THR B 761 7.39 18.09 6.07
N SER B 762 6.87 17.83 7.26
CA SER B 762 7.35 16.79 8.15
C SER B 762 6.18 16.23 8.93
N VAL B 763 6.22 14.94 9.21
CA VAL B 763 5.12 14.23 9.85
C VAL B 763 5.65 13.52 11.08
N ASP B 764 4.93 13.65 12.19
CA ASP B 764 5.21 12.88 13.40
C ASP B 764 4.36 11.62 13.38
N CYS B 765 5.00 10.47 13.36
CA CYS B 765 4.28 9.21 13.20
C CYS B 765 3.39 8.92 14.41
N THR B 766 3.97 9.00 15.61
CA THR B 766 3.22 8.64 16.81
C THR B 766 2.10 9.62 17.10
N MET B 767 2.32 10.91 16.89
CA MET B 767 1.28 11.89 17.15
C MET B 767 0.12 11.75 16.18
N TYR B 768 0.39 11.39 14.94
CA TYR B 768 -0.69 11.19 13.98
C TYR B 768 -1.46 9.90 14.26
N ILE B 769 -0.75 8.82 14.57
CA ILE B 769 -1.40 7.53 14.75
C ILE B 769 -2.05 7.41 16.12
N CYS B 770 -1.25 7.53 17.17
CA CYS B 770 -1.73 7.28 18.53
C CYS B 770 -2.27 8.54 19.21
N GLY B 771 -1.49 9.62 19.20
CA GLY B 771 -1.98 10.86 19.78
C GLY B 771 -1.96 10.90 21.29
N ASP B 772 -0.75 10.93 21.87
CA ASP B 772 -0.52 11.04 23.32
C ASP B 772 -1.32 10.00 24.10
N SER B 773 -1.35 8.78 23.59
CA SER B 773 -1.90 7.63 24.29
C SER B 773 -0.78 6.67 24.65
N THR B 774 -0.89 6.06 25.82
CA THR B 774 0.14 5.12 26.28
C THR B 774 -0.22 3.67 25.99
N GLU B 775 -1.51 3.34 25.96
CA GLU B 775 -1.93 2.03 25.49
C GLU B 775 -1.55 1.85 24.02
N CYS B 776 -1.93 2.81 23.18
CA CYS B 776 -1.32 2.96 21.88
C CYS B 776 0.11 3.49 22.06
N SER B 777 0.88 3.46 20.99
CA SER B 777 2.30 3.84 21.02
C SER B 777 3.13 2.90 21.87
N ASN B 778 2.46 1.94 22.51
CA ASN B 778 3.11 0.78 23.07
C ASN B 778 2.69 -0.48 22.32
N LEU B 779 1.52 -0.48 21.71
CA LEU B 779 1.15 -1.41 20.65
C LEU B 779 1.79 -1.05 19.32
N LEU B 780 2.00 0.25 19.06
CA LEU B 780 2.77 0.70 17.92
C LEU B 780 4.26 0.71 18.23
N LEU B 781 4.74 -0.40 18.77
CA LEU B 781 6.16 -0.66 18.91
C LEU B 781 6.49 -2.07 18.49
N GLN B 782 5.49 -2.95 18.46
CA GLN B 782 5.60 -4.29 17.91
C GLN B 782 5.33 -4.32 16.41
N TYR B 783 4.83 -3.22 15.84
CA TYR B 783 4.92 -3.03 14.41
C TYR B 783 6.35 -2.68 14.02
N GLY B 784 6.60 -2.62 12.72
CA GLY B 784 7.96 -2.47 12.25
C GLY B 784 8.49 -1.06 12.18
N SER B 785 9.48 -0.85 11.31
CA SER B 785 10.10 0.46 11.14
C SER B 785 9.46 1.19 9.95
N PHE B 786 8.17 1.48 10.11
CA PHE B 786 7.41 2.20 9.11
C PHE B 786 7.28 3.68 9.48
N CYS B 787 8.19 4.18 10.31
CA CYS B 787 8.15 5.58 10.72
C CYS B 787 9.50 6.28 10.59
N THR B 788 10.60 5.54 10.55
CA THR B 788 11.88 6.12 10.15
C THR B 788 12.00 6.17 8.63
N GLN B 789 11.45 5.15 7.95
CA GLN B 789 11.51 5.11 6.50
C GLN B 789 10.63 6.17 5.86
N LEU B 790 9.61 6.65 6.55
CA LEU B 790 8.81 7.77 6.04
C LEU B 790 9.56 9.09 6.16
N ASN B 791 10.20 9.31 7.30
CA ASN B 791 10.92 10.56 7.53
C ASN B 791 12.27 10.61 6.83
N ARG B 792 12.77 9.47 6.33
CA ARG B 792 13.89 9.53 5.41
C ARG B 792 13.44 10.09 4.06
N ALA B 793 12.33 9.58 3.54
CA ALA B 793 11.84 10.04 2.24
C ALA B 793 11.40 11.49 2.28
N LEU B 794 10.66 11.87 3.32
CA LEU B 794 10.23 13.26 3.39
C LEU B 794 11.37 14.24 3.54
N THR B 795 12.42 13.87 4.27
CA THR B 795 13.61 14.74 4.35
C THR B 795 14.38 14.78 3.04
N GLY B 796 14.45 13.65 2.32
CA GLY B 796 15.03 13.69 0.98
C GLY B 796 14.28 14.61 0.05
N ILE B 797 12.95 14.66 0.17
CA ILE B 797 12.17 15.62 -0.60
C ILE B 797 12.47 17.04 -0.15
N ALA B 798 12.50 17.27 1.17
CA ALA B 798 12.60 18.62 1.70
C ALA B 798 13.94 19.26 1.37
N VAL B 799 15.04 18.52 1.48
CA VAL B 799 16.35 19.11 1.27
C VAL B 799 16.69 19.30 -0.20
N GLU B 800 15.87 18.78 -1.12
CA GLU B 800 16.09 18.95 -2.55
C GLU B 800 15.47 20.23 -3.07
N GLN B 801 14.43 20.73 -2.40
CA GLN B 801 13.79 21.96 -2.83
C GLN B 801 14.68 23.18 -2.68
N ASP B 802 15.74 23.08 -1.88
CA ASP B 802 16.73 24.16 -1.78
C ASP B 802 17.80 24.06 -2.85
N LYS B 803 18.21 22.85 -3.23
CA LYS B 803 19.07 22.70 -4.39
C LYS B 803 18.36 23.19 -5.65
N ASN B 804 17.05 22.98 -5.73
CA ASN B 804 16.28 23.49 -6.88
C ASN B 804 16.47 24.99 -7.03
N THR B 805 16.36 25.74 -5.93
CA THR B 805 16.50 27.19 -6.01
C THR B 805 17.95 27.62 -6.21
N GLN B 806 18.88 26.93 -5.56
CA GLN B 806 20.29 27.26 -5.71
C GLN B 806 20.77 27.06 -7.15
N GLU B 807 20.14 26.12 -7.87
CA GLU B 807 20.54 25.84 -9.28
C GLU B 807 20.07 26.95 -10.19
N VAL B 808 18.84 27.44 -10.00
CA VAL B 808 18.28 28.43 -10.91
C VAL B 808 18.85 29.81 -10.63
N PHE B 809 18.86 30.22 -9.35
CA PHE B 809 19.14 31.63 -9.10
C PHE B 809 20.60 31.92 -8.81
N ALA B 810 21.31 31.03 -8.12
CA ALA B 810 22.71 31.29 -7.80
C ALA B 810 23.62 30.91 -8.97
N GLN B 811 23.33 31.45 -10.15
CA GLN B 811 24.17 31.15 -11.32
C GLN B 811 25.53 31.82 -11.22
N VAL B 812 25.55 33.10 -10.82
CA VAL B 812 26.78 33.85 -10.63
C VAL B 812 26.78 34.39 -9.21
N LYS B 813 27.94 34.31 -8.56
CA LYS B 813 28.08 34.68 -7.15
C LYS B 813 28.99 35.88 -6.98
N GLN B 814 28.84 36.87 -7.85
CA GLN B 814 29.39 38.20 -7.66
C GLN B 814 28.22 39.18 -7.77
N ILE B 815 27.86 39.80 -6.66
CA ILE B 815 26.64 40.61 -6.63
C ILE B 815 26.92 41.96 -7.27
N TYR B 816 26.70 42.06 -8.58
CA TYR B 816 26.84 43.33 -9.25
C TYR B 816 25.73 44.29 -8.81
N LYS B 817 26.05 45.58 -8.79
CA LYS B 817 25.14 46.58 -8.28
C LYS B 817 24.53 47.36 -9.44
N THR B 818 23.23 47.62 -9.35
CA THR B 818 22.52 48.38 -10.41
C THR B 818 23.12 49.79 -10.50
N PRO B 819 23.67 50.20 -11.66
CA PRO B 819 24.29 51.52 -11.78
C PRO B 819 23.21 52.62 -11.72
N PRO B 820 23.50 53.82 -11.19
CA PRO B 820 22.53 54.93 -11.21
C PRO B 820 22.02 54.99 -12.65
N ILE B 821 20.71 54.86 -12.88
CA ILE B 821 20.17 54.77 -14.27
C ILE B 821 20.79 55.87 -15.13
N LYS B 822 21.65 55.53 -16.09
CA LYS B 822 22.16 56.49 -17.03
C LYS B 822 21.39 56.29 -18.33
N ASP B 823 21.86 56.95 -19.39
CA ASP B 823 21.29 56.74 -20.71
C ASP B 823 21.72 55.38 -21.26
N PHE B 824 20.75 54.58 -21.69
CA PHE B 824 21.01 53.29 -22.32
C PHE B 824 20.65 53.33 -23.80
N GLY B 825 20.89 54.47 -24.44
CA GLY B 825 20.57 54.62 -25.84
C GLY B 825 19.13 54.98 -26.14
N GLY B 826 18.27 55.05 -25.13
CA GLY B 826 16.87 55.33 -25.34
C GLY B 826 15.97 54.25 -24.76
N PHE B 827 16.58 53.25 -24.14
CA PHE B 827 15.84 52.17 -23.52
C PHE B 827 15.56 52.51 -22.06
N ASN B 828 14.38 52.17 -21.55
CA ASN B 828 13.95 52.57 -20.18
C ASN B 828 13.65 51.31 -19.41
N PHE B 829 14.62 50.83 -18.66
CA PHE B 829 14.47 49.67 -17.78
C PHE B 829 14.00 50.08 -16.39
N SER B 830 12.91 50.83 -16.29
CA SER B 830 12.49 51.29 -14.98
C SER B 830 11.54 50.31 -14.30
N GLN B 831 10.64 49.69 -15.05
CA GLN B 831 9.66 48.79 -14.46
C GLN B 831 10.25 47.45 -14.05
N ILE B 832 11.50 47.15 -14.41
CA ILE B 832 12.10 45.88 -14.04
C ILE B 832 13.30 46.04 -13.10
N LEU B 833 13.96 47.16 -13.08
CA LEU B 833 15.00 47.39 -12.09
C LEU B 833 14.38 47.75 -10.74
N PRO B 834 14.99 47.31 -9.64
CA PRO B 834 14.37 47.52 -8.33
C PRO B 834 14.27 49.00 -7.99
N ASP B 835 13.21 49.36 -7.25
CA ASP B 835 13.03 50.73 -6.80
C ASP B 835 13.46 50.86 -5.35
N PRO B 836 14.09 51.97 -4.96
CA PRO B 836 14.53 52.11 -3.56
C PRO B 836 13.39 52.08 -2.55
N SER B 837 12.20 52.56 -2.92
CA SER B 837 11.11 52.73 -1.98
C SER B 837 10.15 51.56 -1.92
N LYS B 838 10.11 50.71 -2.94
CA LYS B 838 9.20 49.58 -2.93
C LYS B 838 9.62 48.57 -1.85
N PRO B 839 8.65 47.84 -1.28
CA PRO B 839 8.99 46.92 -0.19
C PRO B 839 9.96 45.83 -0.64
N SER B 840 10.91 45.51 0.24
CA SER B 840 11.87 44.42 0.02
C SER B 840 12.61 44.58 -1.31
N LYS B 841 12.83 45.83 -1.71
CA LYS B 841 13.60 46.21 -2.90
C LYS B 841 13.32 45.32 -4.10
N ARG B 842 12.04 45.12 -4.37
CA ARG B 842 11.63 44.39 -5.57
C ARG B 842 10.94 45.33 -6.54
N SER B 843 10.99 44.97 -7.82
CA SER B 843 10.61 45.88 -8.89
C SER B 843 9.09 45.98 -9.02
N PHE B 844 8.65 46.79 -9.98
CA PHE B 844 7.22 46.99 -10.21
C PHE B 844 6.57 45.70 -10.71
N ILE B 845 7.20 45.03 -11.67
CA ILE B 845 6.62 43.82 -12.25
C ILE B 845 6.53 42.73 -11.20
N GLU B 846 7.56 42.58 -10.37
CA GLU B 846 7.51 41.58 -9.32
C GLU B 846 6.40 41.89 -8.31
N ASP B 847 6.21 43.18 -8.02
CA ASP B 847 5.11 43.58 -7.13
C ASP B 847 3.76 43.22 -7.72
N LEU B 848 3.60 43.38 -9.04
CA LEU B 848 2.39 42.91 -9.69
C LEU B 848 2.24 41.41 -9.58
N LEU B 849 3.36 40.68 -9.69
CA LEU B 849 3.29 39.22 -9.72
C LEU B 849 2.99 38.62 -8.35
N PHE B 850 3.48 39.24 -7.28
CA PHE B 850 3.32 38.62 -5.97
C PHE B 850 1.90 38.74 -5.44
N ASN B 851 1.12 39.71 -5.93
CA ASN B 851 -0.23 39.90 -5.42
C ASN B 851 -1.19 38.85 -5.97
N LYS B 852 -0.99 38.44 -7.23
CA LYS B 852 -1.98 37.58 -7.87
C LYS B 852 -2.03 36.20 -7.20
N VAL B 853 -0.87 35.64 -6.86
CA VAL B 853 -0.82 34.30 -6.30
C VAL B 853 -1.08 34.36 -4.81
N THR B 854 -2.14 33.68 -4.37
CA THR B 854 -2.58 33.71 -2.97
C THR B 854 -2.02 32.49 -2.26
N LEU B 855 -0.99 32.69 -1.45
CA LEU B 855 -0.38 31.59 -0.69
C LEU B 855 -1.27 31.18 0.47
N LYS B 862 0.97 30.63 11.49
CA LYS B 862 0.24 30.91 12.72
C LYS B 862 1.10 30.61 13.94
N GLN B 863 1.32 31.63 14.77
CA GLN B 863 2.07 31.44 15.99
C GLN B 863 1.31 30.52 16.95
N TYR B 864 2.07 29.81 17.78
CA TYR B 864 1.46 28.91 18.75
C TYR B 864 0.61 29.65 19.77
N GLY B 865 0.79 30.96 19.91
CA GLY B 865 -0.09 31.73 20.76
C GLY B 865 -1.48 31.90 20.17
N ASP B 866 -1.61 31.77 18.85
CA ASP B 866 -2.90 31.93 18.21
C ASP B 866 -3.72 30.65 18.17
N CYS B 867 -3.06 29.49 18.02
CA CYS B 867 -3.81 28.24 18.00
C CYS B 867 -4.42 27.93 19.35
N LEU B 868 -3.78 28.37 20.43
CA LEU B 868 -4.31 28.15 21.77
C LEU B 868 -5.55 29.00 22.02
N ASP B 875 -9.71 26.56 13.29
CA ASP B 875 -9.57 26.49 11.85
C ASP B 875 -8.94 25.16 11.43
N LEU B 876 -8.31 25.15 10.26
CA LEU B 876 -7.78 23.92 9.70
C LEU B 876 -6.27 23.80 9.82
N ILE B 877 -5.56 24.89 10.08
CA ILE B 877 -4.12 24.82 10.30
C ILE B 877 -3.81 24.31 11.70
N CYS B 878 -4.57 24.77 12.71
CA CYS B 878 -4.36 24.26 14.06
C CYS B 878 -4.86 22.84 14.21
N ALA B 879 -5.83 22.43 13.39
CA ALA B 879 -6.29 21.05 13.44
C ALA B 879 -5.25 20.08 12.91
N GLN B 880 -4.42 20.51 11.97
CA GLN B 880 -3.34 19.68 11.46
C GLN B 880 -2.02 19.91 12.18
N LYS B 881 -1.90 20.98 12.95
CA LYS B 881 -0.71 21.16 13.77
C LYS B 881 -0.72 20.26 14.99
N PHE B 882 -1.90 19.98 15.54
CA PHE B 882 -2.01 19.11 16.70
C PHE B 882 -1.90 17.63 16.35
N ASN B 883 -2.03 17.27 15.08
CA ASN B 883 -1.93 15.88 14.64
C ASN B 883 -0.58 15.54 14.03
N GLY B 884 0.42 16.39 14.21
CA GLY B 884 1.78 16.05 13.86
C GLY B 884 2.27 16.58 12.54
N LEU B 885 1.42 17.24 11.76
CA LEU B 885 1.81 17.70 10.42
C LEU B 885 2.38 19.10 10.51
N THR B 886 3.63 19.28 10.08
CA THR B 886 4.33 20.54 10.19
C THR B 886 4.88 20.96 8.84
N VAL B 887 4.89 22.26 8.58
CA VAL B 887 5.40 22.84 7.34
C VAL B 887 6.66 23.64 7.65
N LEU B 888 7.78 23.23 7.08
CA LEU B 888 9.06 23.88 7.32
C LEU B 888 9.23 25.11 6.45
N PRO B 889 10.09 26.05 6.86
CA PRO B 889 10.29 27.26 6.06
C PRO B 889 11.43 27.10 5.08
N PRO B 890 11.35 27.74 3.91
CA PRO B 890 12.44 27.63 2.94
C PRO B 890 13.70 28.35 3.42
N LEU B 891 14.84 27.88 2.93
CA LEU B 891 16.13 28.41 3.38
C LEU B 891 16.37 29.81 2.84
N LEU B 892 16.13 30.03 1.56
CA LEU B 892 16.42 31.30 0.91
C LEU B 892 15.14 32.13 0.87
N THR B 893 15.12 33.21 1.64
CA THR B 893 13.91 34.01 1.77
C THR B 893 13.62 34.78 0.48
N ASP B 894 12.46 35.45 0.46
CA ASP B 894 12.04 36.19 -0.72
C ASP B 894 12.81 37.49 -0.93
N GLU B 895 13.58 37.94 0.06
CA GLU B 895 14.44 39.09 -0.13
C GLU B 895 15.84 38.72 -0.61
N MET B 896 16.24 37.48 -0.44
CA MET B 896 17.52 37.02 -0.94
C MET B 896 17.45 36.53 -2.37
N ILE B 897 16.25 36.35 -2.92
CA ILE B 897 16.10 35.95 -4.30
C ILE B 897 16.02 37.16 -5.22
N ALA B 898 15.33 38.21 -4.76
CA ALA B 898 15.31 39.46 -5.49
C ALA B 898 16.69 40.08 -5.64
N GLN B 899 17.60 39.85 -4.69
CA GLN B 899 18.96 40.35 -4.82
C GLN B 899 19.78 39.57 -5.82
N TYR B 900 19.53 38.26 -5.97
CA TYR B 900 20.13 37.50 -7.06
C TYR B 900 19.59 37.97 -8.41
N THR B 901 18.28 38.16 -8.49
CA THR B 901 17.67 38.59 -9.75
C THR B 901 18.11 39.98 -10.16
N SER B 902 18.22 40.91 -9.22
CA SER B 902 18.66 42.26 -9.56
C SER B 902 20.12 42.33 -9.96
N ALA B 903 20.90 41.30 -9.68
CA ALA B 903 22.28 41.23 -10.14
C ALA B 903 22.40 40.52 -11.48
N LEU B 904 21.62 39.47 -11.69
CA LEU B 904 21.53 38.87 -13.02
C LEU B 904 21.03 39.88 -14.04
N LEU B 905 20.08 40.73 -13.64
CA LEU B 905 19.51 41.73 -14.52
C LEU B 905 20.33 43.01 -14.61
N ALA B 906 21.31 43.20 -13.73
CA ALA B 906 22.18 44.37 -13.78
C ALA B 906 23.57 44.06 -14.31
N GLY B 907 23.90 42.79 -14.49
CA GLY B 907 25.13 42.47 -15.17
C GLY B 907 24.94 42.42 -16.68
N THR B 908 23.72 42.09 -17.11
CA THR B 908 23.46 41.86 -18.53
C THR B 908 23.14 43.14 -19.29
N ILE B 909 22.61 44.17 -18.63
CA ILE B 909 22.37 45.45 -19.30
C ILE B 909 23.60 46.34 -19.24
N THR B 910 24.67 45.90 -18.60
CA THR B 910 25.91 46.66 -18.48
C THR B 910 27.06 45.99 -19.22
N SER B 911 27.26 44.69 -19.04
CA SER B 911 28.37 43.99 -19.68
C SER B 911 27.95 43.16 -20.88
N GLY B 912 26.78 42.56 -20.84
CA GLY B 912 26.29 41.78 -21.97
C GLY B 912 26.40 40.28 -21.70
N TRP B 913 26.95 39.55 -22.66
CA TRP B 913 27.11 38.10 -22.56
C TRP B 913 28.42 37.71 -21.92
N THR B 914 29.24 38.67 -21.51
CA THR B 914 30.63 38.41 -21.12
C THR B 914 30.79 38.08 -19.65
N PHE B 915 29.76 38.29 -18.82
CA PHE B 915 29.88 38.02 -17.40
C PHE B 915 29.43 36.63 -17.02
N GLY B 916 28.95 35.84 -17.98
CA GLY B 916 28.62 34.45 -17.72
C GLY B 916 29.69 33.53 -18.24
N ALA B 917 30.85 34.11 -18.56
CA ALA B 917 31.97 33.34 -19.09
C ALA B 917 33.30 33.77 -18.49
N GLY B 918 33.29 34.55 -17.42
CA GLY B 918 34.50 35.08 -16.84
C GLY B 918 34.27 36.40 -16.16
N ALA B 919 35.16 37.35 -16.38
CA ALA B 919 35.04 38.67 -15.78
C ALA B 919 34.06 39.53 -16.58
N ALA B 920 33.44 40.48 -15.90
CA ALA B 920 32.51 41.38 -16.56
C ALA B 920 33.27 42.48 -17.29
N LEU B 921 32.91 42.71 -18.55
CA LEU B 921 33.53 43.74 -19.38
C LEU B 921 32.44 44.67 -19.89
N GLN B 922 32.54 45.94 -19.54
CA GLN B 922 31.48 46.88 -19.90
C GLN B 922 31.49 47.16 -21.39
N ILE B 923 30.35 47.63 -21.90
CA ILE B 923 30.19 47.96 -23.31
C ILE B 923 28.93 48.81 -23.45
N PRO B 924 28.94 49.84 -24.31
CA PRO B 924 27.72 50.64 -24.50
C PRO B 924 26.56 49.79 -24.99
N PHE B 925 25.36 50.15 -24.55
CA PHE B 925 24.21 49.29 -24.81
C PHE B 925 23.88 49.20 -26.30
N ALA B 926 23.99 50.32 -27.02
CA ALA B 926 23.71 50.28 -28.45
C ALA B 926 24.69 49.36 -29.18
N MET B 927 25.96 49.40 -28.79
CA MET B 927 26.96 48.53 -29.40
C MET B 927 26.85 47.09 -28.96
N GLN B 928 25.99 46.79 -28.00
CA GLN B 928 25.64 45.42 -27.65
C GLN B 928 24.43 44.95 -28.45
N MET B 929 23.41 45.81 -28.57
CA MET B 929 22.26 45.46 -29.41
C MET B 929 22.66 45.32 -30.87
N ALA B 930 23.69 46.04 -31.31
CA ALA B 930 24.15 45.88 -32.68
C ALA B 930 24.72 44.48 -32.92
N TYR B 931 25.50 43.96 -31.97
CA TYR B 931 26.03 42.61 -32.14
C TYR B 931 24.91 41.57 -32.03
N ARG B 932 23.94 41.83 -31.16
CA ARG B 932 22.81 40.91 -31.06
C ARG B 932 22.00 40.88 -32.35
N PHE B 933 21.83 42.03 -33.00
CA PHE B 933 21.21 42.07 -34.32
C PHE B 933 22.05 41.32 -35.33
N ASN B 934 23.37 41.53 -35.32
CA ASN B 934 24.25 40.84 -36.24
C ASN B 934 24.28 39.34 -36.03
N GLY B 935 23.84 38.86 -34.86
CA GLY B 935 23.78 37.44 -34.63
C GLY B 935 22.58 36.72 -35.18
N ILE B 936 21.53 37.45 -35.60
CA ILE B 936 20.35 36.83 -36.17
C ILE B 936 20.29 36.97 -37.68
N GLY B 937 21.30 37.60 -38.30
CA GLY B 937 21.36 37.71 -39.74
C GLY B 937 21.45 39.13 -40.25
N VAL B 938 20.73 40.05 -39.61
CA VAL B 938 20.69 41.45 -40.06
C VAL B 938 22.04 42.10 -39.76
N THR B 939 22.27 43.29 -40.31
CA THR B 939 23.55 43.96 -40.17
C THR B 939 23.44 45.13 -39.19
N GLN B 940 24.57 45.78 -38.94
CA GLN B 940 24.63 46.79 -37.88
C GLN B 940 23.93 48.08 -38.29
N ASN B 941 24.10 48.52 -39.54
CA ASN B 941 23.54 49.81 -39.94
C ASN B 941 22.02 49.83 -39.79
N VAL B 942 21.38 48.67 -39.87
CA VAL B 942 19.93 48.61 -39.70
C VAL B 942 19.53 49.04 -38.29
N LEU B 943 20.34 48.71 -37.29
CA LEU B 943 20.05 49.20 -35.95
C LEU B 943 20.55 50.63 -35.77
N TYR B 944 21.76 50.91 -36.25
CA TYR B 944 22.34 52.23 -36.00
C TYR B 944 21.59 53.36 -36.68
N GLU B 945 20.75 53.05 -37.67
CA GLU B 945 20.02 54.13 -38.39
C GLU B 945 18.57 54.19 -37.92
N ASN B 946 18.10 53.17 -37.20
CA ASN B 946 16.71 53.10 -36.73
C ASN B 946 16.65 52.95 -35.22
N GLN B 947 17.50 53.69 -34.51
CA GLN B 947 17.63 53.44 -33.07
C GLN B 947 16.43 53.95 -32.30
N LYS B 948 15.92 55.13 -32.64
CA LYS B 948 14.79 55.68 -31.90
C LYS B 948 13.54 54.83 -32.06
N LEU B 949 13.28 54.34 -33.27
CA LEU B 949 12.11 53.51 -33.50
C LEU B 949 12.16 52.24 -32.67
N ILE B 950 13.32 51.59 -32.61
CA ILE B 950 13.44 50.35 -31.86
C ILE B 950 13.34 50.61 -30.37
N ALA B 951 13.94 51.70 -29.89
CA ALA B 951 13.81 52.04 -28.47
C ALA B 951 12.35 52.29 -28.12
N ASN B 952 11.61 53.02 -28.97
CA ASN B 952 10.20 53.26 -28.70
C ASN B 952 9.40 51.97 -28.73
N GLN B 953 9.68 51.07 -29.67
CA GLN B 953 8.95 49.80 -29.72
C GLN B 953 9.19 48.98 -28.45
N PHE B 954 10.45 48.89 -27.99
CA PHE B 954 10.70 48.15 -26.77
C PHE B 954 10.02 48.79 -25.57
N ASN B 955 10.07 50.12 -25.46
CA ASN B 955 9.45 50.79 -24.32
C ASN B 955 7.94 50.65 -24.33
N SER B 956 7.33 50.61 -25.52
CA SER B 956 5.89 50.42 -25.61
C SER B 956 5.48 48.96 -25.46
N ALA B 957 6.39 48.01 -25.68
CA ALA B 957 6.10 46.62 -25.43
C ALA B 957 6.29 46.22 -23.98
N ILE B 958 7.17 46.90 -23.25
CA ILE B 958 7.28 46.64 -21.82
C ILE B 958 6.06 47.17 -21.08
N GLY B 959 5.45 48.23 -21.58
CA GLY B 959 4.32 48.85 -20.92
C GLY B 959 2.99 48.18 -21.24
N LYS B 960 3.04 47.00 -21.84
CA LYS B 960 1.85 46.20 -22.09
C LYS B 960 1.81 44.93 -21.27
N ILE B 961 2.96 44.39 -20.88
CA ILE B 961 3.00 43.22 -19.99
C ILE B 961 2.34 43.54 -18.66
N GLN B 962 2.66 44.71 -18.09
CA GLN B 962 2.08 45.07 -16.81
C GLN B 962 0.58 45.29 -16.92
N ASP B 963 0.12 45.86 -18.03
CA ASP B 963 -1.32 46.02 -18.23
C ASP B 963 -2.00 44.65 -18.35
N SER B 964 -1.36 43.71 -19.03
CA SER B 964 -1.91 42.35 -19.09
C SER B 964 -1.98 41.72 -17.70
N LEU B 965 -0.94 41.91 -16.89
CA LEU B 965 -0.91 41.31 -15.56
C LEU B 965 -1.91 41.96 -14.60
N SER B 966 -2.40 43.16 -14.90
CA SER B 966 -3.26 43.88 -13.96
C SER B 966 -4.74 43.56 -14.13
N SER B 967 -5.14 42.95 -15.24
CA SER B 967 -6.55 42.67 -15.48
C SER B 967 -6.75 41.27 -16.05
N THR B 968 -6.04 40.29 -15.49
CA THR B 968 -6.21 38.90 -15.91
C THR B 968 -5.90 38.01 -14.71
N ALA B 969 -6.95 37.46 -14.10
CA ALA B 969 -6.78 36.68 -12.88
C ALA B 969 -5.95 35.43 -13.14
N SER B 970 -6.27 34.69 -14.20
CA SER B 970 -5.59 33.43 -14.49
C SER B 970 -4.29 33.66 -15.27
N ALA B 971 -3.43 34.53 -14.74
CA ALA B 971 -2.14 34.77 -15.36
C ALA B 971 -1.12 33.73 -14.93
N LEU B 972 -0.92 33.58 -13.63
CA LEU B 972 0.04 32.63 -13.08
C LEU B 972 -0.72 31.37 -12.67
N GLY B 973 -1.09 30.57 -13.66
CA GLY B 973 -1.88 29.39 -13.41
C GLY B 973 -1.07 28.18 -13.03
N LYS B 974 0.19 28.12 -13.48
CA LYS B 974 1.04 27.00 -13.11
C LYS B 974 1.52 27.11 -11.67
N LEU B 975 1.71 28.32 -11.17
CA LEU B 975 2.25 28.55 -9.83
C LEU B 975 1.19 28.47 -8.74
N GLN B 976 -0.10 28.50 -9.10
CA GLN B 976 -1.16 28.34 -8.12
C GLN B 976 -1.55 26.89 -7.92
N ASP B 977 -1.38 26.06 -8.94
CA ASP B 977 -1.71 24.65 -8.84
C ASP B 977 -0.65 23.84 -8.13
N VAL B 978 0.44 24.46 -7.70
CA VAL B 978 1.42 23.74 -6.90
C VAL B 978 1.15 24.06 -5.43
N VAL B 979 0.53 25.21 -5.18
CA VAL B 979 0.16 25.55 -3.81
C VAL B 979 -1.23 25.07 -3.45
N ASN B 980 -2.08 24.78 -4.44
CA ASN B 980 -3.37 24.18 -4.15
C ASN B 980 -3.24 22.71 -3.77
N GLN B 981 -2.42 21.96 -4.53
CA GLN B 981 -2.31 20.52 -4.30
C GLN B 981 -1.62 20.19 -2.98
N ASN B 982 -0.60 20.95 -2.61
CA ASN B 982 0.10 20.70 -1.37
C ASN B 982 -0.72 21.06 -0.15
N ALA B 983 -1.80 21.80 -0.31
CA ALA B 983 -2.77 22.02 0.75
C ALA B 983 -3.88 20.98 0.73
N GLN B 984 -4.28 20.56 -0.47
CA GLN B 984 -5.29 19.51 -0.60
C GLN B 984 -4.80 18.21 0.03
N ALA B 985 -3.54 17.86 -0.17
CA ALA B 985 -3.01 16.63 0.40
C ALA B 985 -3.04 16.65 1.93
N LEU B 986 -2.56 17.74 2.53
CA LEU B 986 -2.58 17.84 3.98
C LEU B 986 -3.99 17.98 4.55
N ASN B 987 -4.95 18.48 3.77
CA ASN B 987 -6.33 18.50 4.24
C ASN B 987 -7.00 17.13 4.16
N THR B 988 -6.68 16.35 3.13
CA THR B 988 -7.13 14.96 3.05
C THR B 988 -6.54 14.09 4.14
N LEU B 989 -5.26 14.30 4.47
CA LEU B 989 -4.62 13.50 5.51
C LEU B 989 -5.27 13.69 6.87
N VAL B 990 -5.88 14.83 7.13
CA VAL B 990 -6.57 15.06 8.40
C VAL B 990 -8.01 14.57 8.36
N LYS B 991 -8.71 14.78 7.25
CA LYS B 991 -10.04 14.21 7.09
C LYS B 991 -10.04 12.70 7.13
N GLN B 992 -8.91 12.07 6.85
CA GLN B 992 -8.81 10.61 6.89
C GLN B 992 -8.79 10.04 8.30
N LEU B 993 -8.89 10.88 9.33
CA LEU B 993 -8.90 10.43 10.71
C LEU B 993 -10.29 10.17 11.24
N SER B 994 -11.32 10.31 10.41
CA SER B 994 -12.68 10.00 10.79
C SER B 994 -13.11 8.60 10.37
N SER B 995 -12.19 7.82 9.80
CA SER B 995 -12.51 6.51 9.26
C SER B 995 -12.19 5.44 10.27
N ASN B 996 -13.15 4.54 10.50
CA ASN B 996 -12.91 3.35 11.30
C ASN B 996 -12.75 2.18 10.34
N PHE B 997 -11.51 1.72 10.18
CA PHE B 997 -11.18 0.73 9.16
C PHE B 997 -11.63 -0.67 9.59
N GLY B 998 -12.94 -0.79 9.81
CA GLY B 998 -13.52 -2.01 10.32
C GLY B 998 -13.63 -2.07 11.82
N ALA B 999 -13.06 -1.11 12.54
CA ALA B 999 -13.16 -1.10 13.99
C ALA B 999 -14.56 -0.70 14.43
N ILE B 1000 -14.82 -0.80 15.72
CA ILE B 1000 -16.15 -0.45 16.23
C ILE B 1000 -16.35 1.05 16.23
N SER B 1001 -15.27 1.83 16.32
CA SER B 1001 -15.37 3.28 16.29
C SER B 1001 -14.06 3.85 15.78
N SER B 1002 -14.12 5.09 15.29
CA SER B 1002 -12.93 5.78 14.82
C SER B 1002 -12.23 6.59 15.89
N VAL B 1003 -12.85 6.73 17.06
CA VAL B 1003 -12.25 7.49 18.16
C VAL B 1003 -11.51 6.52 19.05
N LEU B 1004 -10.26 6.86 19.38
CA LEU B 1004 -9.41 5.96 20.14
C LEU B 1004 -9.71 5.97 21.63
N ASN B 1005 -10.43 6.97 22.13
CA ASN B 1005 -10.76 7.02 23.55
C ASN B 1005 -12.10 6.37 23.88
N ASP B 1006 -12.90 6.04 22.87
CA ASP B 1006 -14.11 5.27 23.08
C ASP B 1006 -13.88 3.77 22.94
N ILE B 1007 -12.70 3.36 22.51
CA ILE B 1007 -12.35 1.95 22.54
C ILE B 1007 -11.61 1.61 23.83
N LEU B 1008 -10.80 2.53 24.35
CA LEU B 1008 -10.05 2.30 25.57
C LEU B 1008 -10.88 2.52 26.83
N SER B 1009 -12.09 3.08 26.70
CA SER B 1009 -12.95 3.32 27.85
C SER B 1009 -14.09 2.33 27.96
N ARG B 1010 -14.21 1.41 27.00
CA ARG B 1010 -15.30 0.43 27.00
C ARG B 1010 -14.82 -1.00 26.90
N LEU B 1011 -13.56 -1.25 26.56
CA LEU B 1011 -13.05 -2.60 26.43
C LEU B 1011 -11.73 -2.72 27.19
N ASP B 1012 -11.46 -3.93 27.65
CA ASP B 1012 -10.22 -4.28 28.35
C ASP B 1012 -9.16 -4.73 27.36
N PRO B 1013 -7.88 -4.64 27.73
CA PRO B 1013 -6.78 -4.73 26.74
C PRO B 1013 -6.92 -5.90 25.77
N PRO B 1014 -7.16 -7.13 26.23
CA PRO B 1014 -7.24 -8.23 25.26
C PRO B 1014 -8.33 -8.04 24.24
N GLU B 1015 -9.45 -7.43 24.62
CA GLU B 1015 -10.54 -7.15 23.70
C GLU B 1015 -10.38 -5.83 22.95
N ALA B 1016 -9.44 -4.99 23.36
CA ALA B 1016 -9.23 -3.71 22.69
C ALA B 1016 -8.14 -3.77 21.64
N GLU B 1017 -7.17 -4.67 21.82
CA GLU B 1017 -6.04 -4.79 20.91
C GLU B 1017 -6.45 -5.27 19.54
N VAL B 1018 -7.68 -5.79 19.39
CA VAL B 1018 -8.14 -6.20 18.08
C VAL B 1018 -8.67 -5.01 17.27
N GLN B 1019 -9.22 -4.00 17.94
CA GLN B 1019 -9.65 -2.77 17.27
C GLN B 1019 -8.51 -1.77 17.10
N ILE B 1020 -7.64 -1.67 18.11
CA ILE B 1020 -6.49 -0.78 17.98
C ILE B 1020 -5.58 -1.24 16.85
N ASP B 1021 -5.41 -2.55 16.66
CA ASP B 1021 -4.59 -3.07 15.58
C ASP B 1021 -5.23 -2.92 14.21
N ARG B 1022 -6.53 -2.65 14.15
CA ARG B 1022 -7.14 -2.28 12.88
C ARG B 1022 -6.98 -0.80 12.59
N LEU B 1023 -7.15 0.05 13.61
CA LEU B 1023 -6.93 1.48 13.41
C LEU B 1023 -5.48 1.78 13.05
N ILE B 1024 -4.53 1.09 13.69
CA ILE B 1024 -3.12 1.32 13.38
C ILE B 1024 -2.82 0.98 11.93
N THR B 1025 -3.30 -0.18 11.47
CA THR B 1025 -3.04 -0.62 10.11
C THR B 1025 -3.71 0.32 9.11
N GLY B 1026 -4.90 0.80 9.41
CA GLY B 1026 -5.56 1.71 8.50
C GLY B 1026 -4.96 3.09 8.48
N ARG B 1027 -4.36 3.53 9.57
CA ARG B 1027 -3.76 4.86 9.62
C ARG B 1027 -2.32 4.89 9.13
N LEU B 1028 -1.65 3.75 9.04
CA LEU B 1028 -0.36 3.71 8.36
C LEU B 1028 -0.48 3.79 6.83
N GLN B 1029 -1.56 3.24 6.28
CA GLN B 1029 -1.72 3.24 4.82
C GLN B 1029 -1.89 4.66 4.28
N SER B 1030 -2.58 5.52 5.03
CA SER B 1030 -2.76 6.89 4.59
C SER B 1030 -1.44 7.64 4.55
N LEU B 1031 -0.60 7.44 5.57
CA LEU B 1031 0.73 8.05 5.56
C LEU B 1031 1.56 7.55 4.38
N GLN B 1032 1.51 6.24 4.12
CA GLN B 1032 2.30 5.72 3.00
C GLN B 1032 1.81 6.26 1.67
N THR B 1033 0.50 6.36 1.48
CA THR B 1033 -0.02 6.94 0.25
C THR B 1033 0.41 8.39 0.08
N TYR B 1034 0.33 9.17 1.17
CA TYR B 1034 0.77 10.56 1.11
C TYR B 1034 2.23 10.66 0.70
N VAL B 1035 3.09 9.84 1.31
CA VAL B 1035 4.51 9.91 1.00
C VAL B 1035 4.77 9.52 -0.45
N THR B 1036 4.10 8.48 -0.95
CA THR B 1036 4.30 8.08 -2.34
C THR B 1036 3.89 9.18 -3.31
N GLN B 1037 2.73 9.81 -3.07
CA GLN B 1037 2.31 10.89 -3.95
C GLN B 1037 3.26 12.10 -3.89
N GLN B 1038 3.77 12.44 -2.71
CA GLN B 1038 4.76 13.52 -2.64
C GLN B 1038 6.02 13.18 -3.39
N LEU B 1039 6.52 11.95 -3.27
CA LEU B 1039 7.66 11.51 -4.04
C LEU B 1039 7.41 11.60 -5.54
N ILE B 1040 6.21 11.31 -5.98
CA ILE B 1040 5.89 11.40 -7.40
C ILE B 1040 5.83 12.85 -7.90
N ARG B 1041 5.31 13.78 -7.08
CA ARG B 1041 5.24 15.17 -7.53
C ARG B 1041 6.60 15.88 -7.48
N ALA B 1042 7.46 15.52 -6.53
CA ALA B 1042 8.79 16.10 -6.49
C ALA B 1042 9.58 15.85 -7.75
N ALA B 1043 9.35 14.73 -8.43
CA ALA B 1043 10.05 14.39 -9.66
C ALA B 1043 9.64 15.25 -10.85
N GLU B 1044 8.44 15.83 -10.84
CA GLU B 1044 8.06 16.82 -11.83
C GLU B 1044 8.57 18.21 -11.50
N ILE B 1045 8.51 18.58 -10.22
CA ILE B 1045 9.06 19.88 -9.85
C ILE B 1045 10.56 19.92 -10.15
N ARG B 1046 11.26 18.81 -9.95
CA ARG B 1046 12.69 18.75 -10.26
C ARG B 1046 12.95 18.97 -11.74
N ALA B 1047 12.13 18.36 -12.61
CA ALA B 1047 12.32 18.54 -14.04
C ALA B 1047 12.06 19.98 -14.46
N SER B 1048 11.03 20.61 -13.89
CA SER B 1048 10.80 22.01 -14.18
C SER B 1048 11.93 22.90 -13.70
N ALA B 1049 12.51 22.61 -12.54
CA ALA B 1049 13.67 23.36 -12.08
C ALA B 1049 14.88 23.20 -12.99
N ASN B 1050 15.12 21.98 -13.49
CA ASN B 1050 16.22 21.79 -14.43
C ASN B 1050 16.00 22.54 -15.74
N LEU B 1051 14.76 22.52 -16.26
CA LEU B 1051 14.47 23.30 -17.45
C LEU B 1051 14.68 24.78 -17.22
N ALA B 1052 14.23 25.29 -16.07
CA ALA B 1052 14.44 26.70 -15.76
C ALA B 1052 15.91 27.05 -15.62
N ALA B 1053 16.72 26.17 -15.05
CA ALA B 1053 18.16 26.43 -14.97
C ALA B 1053 18.81 26.48 -16.34
N THR B 1054 18.47 25.54 -17.22
CA THR B 1054 19.02 25.59 -18.58
C THR B 1054 18.58 26.85 -19.30
N LYS B 1055 17.31 27.23 -19.16
CA LYS B 1055 16.80 28.43 -19.80
C LYS B 1055 17.45 29.69 -19.25
N MET B 1056 17.75 29.74 -17.95
CA MET B 1056 18.49 30.86 -17.39
C MET B 1056 19.90 30.91 -17.94
N SER B 1057 20.56 29.76 -18.06
CA SER B 1057 21.94 29.76 -18.56
C SER B 1057 22.03 30.18 -20.02
N GLU B 1058 21.05 29.78 -20.85
CA GLU B 1058 21.17 29.99 -22.29
C GLU B 1058 20.42 31.20 -22.83
N CYS B 1059 19.23 31.52 -22.31
CA CYS B 1059 18.53 32.68 -22.82
C CYS B 1059 18.97 33.98 -22.16
N VAL B 1060 19.36 33.95 -20.89
CA VAL B 1060 19.70 35.19 -20.17
C VAL B 1060 21.19 35.48 -20.24
N LEU B 1061 22.03 34.50 -19.97
CA LEU B 1061 23.47 34.72 -19.98
C LEU B 1061 24.08 34.63 -21.37
N GLY B 1062 23.29 34.35 -22.40
CA GLY B 1062 23.81 34.28 -23.75
C GLY B 1062 22.77 34.67 -24.78
N GLN B 1063 22.84 34.05 -25.96
CA GLN B 1063 21.85 34.24 -27.00
C GLN B 1063 21.74 32.95 -27.78
N SER B 1064 20.56 32.33 -27.76
CA SER B 1064 20.39 30.99 -28.28
C SER B 1064 19.99 31.01 -29.75
N LYS B 1065 20.50 30.04 -30.50
CA LYS B 1065 20.08 29.79 -31.86
C LYS B 1065 18.95 28.76 -31.95
N ARG B 1066 18.63 28.08 -30.85
CA ARG B 1066 17.59 27.07 -30.86
C ARG B 1066 16.24 27.72 -31.10
N VAL B 1067 15.45 27.13 -31.98
CA VAL B 1067 14.19 27.74 -32.43
C VAL B 1067 13.12 27.53 -31.37
N ASP B 1068 12.39 28.59 -31.05
CA ASP B 1068 11.26 28.61 -30.11
C ASP B 1068 11.66 28.20 -28.70
N PHE B 1069 12.95 28.18 -28.39
CA PHE B 1069 13.39 27.89 -27.03
C PHE B 1069 13.21 29.11 -26.13
N CYS B 1070 13.50 30.30 -26.65
CA CYS B 1070 13.39 31.51 -25.84
C CYS B 1070 12.40 32.49 -26.48
N GLY B 1071 11.24 32.00 -26.92
CA GLY B 1071 10.18 32.86 -27.40
C GLY B 1071 9.77 32.50 -28.80
N LYS B 1072 9.06 33.43 -29.43
CA LYS B 1072 8.60 33.28 -30.82
C LYS B 1072 9.28 34.34 -31.68
N GLY B 1073 10.01 33.90 -32.69
CA GLY B 1073 10.76 34.80 -33.55
C GLY B 1073 12.25 34.52 -33.47
N TYR B 1074 13.03 35.60 -33.54
CA TYR B 1074 14.48 35.52 -33.40
C TYR B 1074 14.88 36.15 -32.07
N HIS B 1075 15.69 35.44 -31.31
CA HIS B 1075 15.97 35.83 -29.94
C HIS B 1075 17.01 36.93 -29.88
N LEU B 1076 16.76 37.94 -29.06
CA LEU B 1076 17.71 39.02 -28.81
C LEU B 1076 18.24 38.99 -27.37
N MET B 1077 17.36 39.03 -26.38
CA MET B 1077 17.78 39.00 -24.98
C MET B 1077 16.60 38.59 -24.12
N SER B 1078 16.89 38.33 -22.84
CA SER B 1078 15.87 37.97 -21.87
C SER B 1078 16.18 38.63 -20.54
N PHE B 1079 15.15 38.79 -19.73
CA PHE B 1079 15.28 39.35 -18.39
C PHE B 1079 14.51 38.48 -17.41
N PRO B 1080 15.10 38.09 -16.29
CA PRO B 1080 14.38 37.29 -15.30
C PRO B 1080 13.70 38.13 -14.23
N GLN B 1081 12.60 37.59 -13.72
CA GLN B 1081 11.89 38.14 -12.58
C GLN B 1081 11.49 36.98 -11.68
N SER B 1082 11.43 37.24 -10.39
CA SER B 1082 11.10 36.20 -9.42
C SER B 1082 9.63 36.25 -9.06
N ALA B 1083 9.02 35.08 -9.02
CA ALA B 1083 7.64 34.89 -8.59
C ALA B 1083 7.61 33.84 -7.50
N PRO B 1084 6.61 33.88 -6.62
CA PRO B 1084 6.59 32.93 -5.49
C PRO B 1084 6.55 31.49 -5.97
N HIS B 1085 7.57 30.73 -5.56
CA HIS B 1085 7.74 29.32 -5.96
C HIS B 1085 7.96 29.18 -7.46
N GLY B 1086 8.60 30.15 -8.10
CA GLY B 1086 8.78 30.05 -9.52
C GLY B 1086 9.66 31.13 -10.08
N VAL B 1087 9.67 31.21 -11.42
CA VAL B 1087 10.46 32.18 -12.15
C VAL B 1087 9.67 32.63 -13.37
N VAL B 1088 9.90 33.86 -13.81
CA VAL B 1088 9.24 34.42 -14.98
C VAL B 1088 10.29 35.06 -15.87
N PHE B 1089 10.32 34.64 -17.13
CA PHE B 1089 11.25 35.18 -18.12
C PHE B 1089 10.52 36.12 -19.06
N LEU B 1090 11.12 37.28 -19.33
CA LEU B 1090 10.65 38.22 -20.32
C LEU B 1090 11.60 38.14 -21.50
N HIS B 1091 11.12 37.57 -22.61
CA HIS B 1091 11.92 37.36 -23.81
C HIS B 1091 11.67 38.49 -24.80
N VAL B 1092 12.74 38.98 -25.43
CA VAL B 1092 12.65 40.01 -26.45
C VAL B 1092 13.03 39.37 -27.79
N THR B 1093 12.16 39.53 -28.79
CA THR B 1093 12.34 38.87 -30.07
C THR B 1093 12.11 39.84 -31.22
N TYR B 1094 12.74 39.52 -32.34
CA TYR B 1094 12.68 40.30 -33.57
C TYR B 1094 11.79 39.55 -34.56
N VAL B 1095 10.70 40.17 -34.98
CA VAL B 1095 9.72 39.55 -35.87
C VAL B 1095 9.70 40.33 -37.17
N PRO B 1096 9.94 39.69 -38.32
CA PRO B 1096 9.79 40.39 -39.60
C PRO B 1096 8.35 40.83 -39.85
N ALA B 1097 8.20 41.75 -40.79
CA ALA B 1097 6.99 42.54 -40.94
C ALA B 1097 6.66 42.66 -42.42
N GLN B 1098 5.86 43.66 -42.77
CA GLN B 1098 5.30 43.87 -44.10
C GLN B 1098 6.31 43.58 -45.20
N GLU B 1099 5.99 42.62 -46.05
CA GLU B 1099 6.91 42.08 -47.03
C GLU B 1099 6.44 42.37 -48.45
N LYS B 1100 7.32 42.11 -49.42
CA LYS B 1100 7.04 42.37 -50.82
C LYS B 1100 7.49 41.20 -51.67
N ASN B 1101 6.89 41.10 -52.86
CA ASN B 1101 7.21 40.07 -53.83
C ASN B 1101 8.34 40.52 -54.75
N PHE B 1102 9.18 39.57 -55.16
CA PHE B 1102 10.26 39.85 -56.10
C PHE B 1102 10.53 38.61 -56.94
N THR B 1103 11.20 38.83 -58.06
CA THR B 1103 11.65 37.77 -58.96
C THR B 1103 13.11 37.45 -58.68
N THR B 1104 13.44 36.16 -58.62
CA THR B 1104 14.74 35.73 -58.15
C THR B 1104 15.41 34.82 -59.16
N ALA B 1105 16.73 34.71 -59.04
CA ALA B 1105 17.56 33.84 -59.85
C ALA B 1105 18.62 33.20 -58.97
N PRO B 1106 19.11 32.02 -59.35
CA PRO B 1106 20.20 31.40 -58.59
C PRO B 1106 21.58 31.98 -58.87
N ALA B 1107 21.84 32.41 -60.10
CA ALA B 1107 23.17 32.88 -60.47
C ALA B 1107 23.05 33.93 -61.56
N ILE B 1108 24.19 34.54 -61.88
CA ILE B 1108 24.29 35.56 -62.91
C ILE B 1108 25.37 35.12 -63.89
N CYS B 1109 25.05 35.14 -65.18
CA CYS B 1109 25.99 34.79 -66.24
C CYS B 1109 26.46 36.07 -66.91
N HIS B 1110 27.68 36.49 -66.62
CA HIS B 1110 28.17 37.76 -67.16
C HIS B 1110 28.68 37.62 -68.59
N ASP B 1111 29.79 36.90 -68.77
CA ASP B 1111 30.36 36.74 -70.11
C ASP B 1111 30.96 35.37 -70.32
N GLY B 1112 30.57 34.36 -69.55
CA GLY B 1112 31.22 33.07 -69.59
C GLY B 1112 31.59 32.60 -68.21
N LYS B 1113 31.05 33.27 -67.20
CA LYS B 1113 31.26 32.91 -65.81
C LYS B 1113 29.93 32.96 -65.08
N ALA B 1114 29.89 32.34 -63.90
CA ALA B 1114 28.69 32.30 -63.09
C ALA B 1114 29.01 32.90 -61.72
N HIS B 1115 28.38 34.03 -61.40
CA HIS B 1115 28.61 34.73 -60.15
C HIS B 1115 27.53 34.37 -59.15
N PHE B 1116 27.93 33.99 -57.93
CA PHE B 1116 27.03 33.68 -56.85
C PHE B 1116 27.17 34.70 -55.73
N PRO B 1117 26.10 35.00 -55.00
CA PRO B 1117 26.18 36.04 -53.96
C PRO B 1117 26.89 35.54 -52.72
N ARG B 1118 27.67 36.43 -52.10
CA ARG B 1118 28.38 36.06 -50.88
C ARG B 1118 27.43 35.82 -49.73
N GLU B 1119 26.53 36.77 -49.47
CA GLU B 1119 25.61 36.69 -48.34
C GLU B 1119 24.16 36.61 -48.76
N GLY B 1120 23.67 37.57 -49.53
CA GLY B 1120 22.25 37.71 -49.74
C GLY B 1120 21.65 36.92 -50.89
N VAL B 1121 20.68 37.52 -51.58
CA VAL B 1121 19.98 36.90 -52.70
C VAL B 1121 19.91 37.92 -53.83
N PHE B 1122 19.62 37.41 -55.03
CA PHE B 1122 19.43 38.24 -56.21
C PHE B 1122 17.94 38.53 -56.38
N VAL B 1123 17.59 39.79 -56.58
CA VAL B 1123 16.20 40.18 -56.76
C VAL B 1123 16.10 41.13 -57.95
N SER B 1124 14.86 41.29 -58.43
CA SER B 1124 14.60 42.20 -59.55
C SER B 1124 13.33 42.99 -59.27
N ASN B 1125 13.42 44.28 -59.55
CA ASN B 1125 12.27 45.23 -59.44
C ASN B 1125 11.57 45.34 -60.77
N GLY B 1126 11.73 44.33 -61.65
CA GLY B 1126 11.07 44.33 -62.93
C GLY B 1126 12.01 44.54 -64.09
N THR B 1127 12.97 45.46 -63.95
CA THR B 1127 13.90 45.77 -65.01
C THR B 1127 15.35 45.89 -64.58
N HIS B 1128 15.65 45.91 -63.29
CA HIS B 1128 17.01 45.95 -62.79
C HIS B 1128 17.21 44.82 -61.79
N TRP B 1129 18.47 44.43 -61.59
CA TRP B 1129 18.82 43.36 -60.68
C TRP B 1129 19.67 43.90 -59.55
N PHE B 1130 19.31 43.55 -58.32
CA PHE B 1130 20.04 43.97 -57.13
C PHE B 1130 20.34 42.76 -56.27
N VAL B 1131 21.17 42.98 -55.25
CA VAL B 1131 21.49 41.96 -54.24
C VAL B 1131 21.03 42.49 -52.90
N THR B 1132 20.28 41.68 -52.16
CA THR B 1132 19.82 42.07 -50.84
C THR B 1132 20.27 41.06 -49.79
N GLN B 1133 20.09 41.44 -48.53
CA GLN B 1133 20.17 40.48 -47.44
C GLN B 1133 18.78 39.89 -47.22
N ARG B 1134 18.74 38.61 -46.86
CA ARG B 1134 17.50 37.85 -46.96
C ARG B 1134 16.48 38.22 -45.89
N ASN B 1135 16.87 38.88 -44.81
CA ASN B 1135 15.96 39.17 -43.71
C ASN B 1135 15.54 40.63 -43.63
N PHE B 1136 15.91 41.44 -44.61
CA PHE B 1136 15.55 42.86 -44.62
C PHE B 1136 15.83 43.43 -46.01
N TYR B 1137 14.86 44.10 -46.61
CA TYR B 1137 15.02 44.59 -47.97
C TYR B 1137 15.91 45.82 -47.96
N GLU B 1138 17.16 45.66 -48.43
CA GLU B 1138 18.10 46.77 -48.54
C GLU B 1138 18.95 46.53 -49.78
N PRO B 1139 18.53 47.01 -50.94
CA PRO B 1139 19.19 46.62 -52.19
C PRO B 1139 20.51 47.33 -52.41
N GLN B 1140 21.35 46.70 -53.24
CA GLN B 1140 22.66 47.22 -53.60
C GLN B 1140 22.90 46.91 -55.07
N ILE B 1141 24.14 47.08 -55.52
CA ILE B 1141 24.52 46.91 -56.91
C ILE B 1141 25.42 45.69 -57.03
N ILE B 1142 25.16 44.86 -58.03
CA ILE B 1142 25.94 43.63 -58.21
C ILE B 1142 27.34 44.00 -58.67
N THR B 1143 28.33 43.74 -57.82
CA THR B 1143 29.72 43.97 -58.19
C THR B 1143 30.55 42.72 -57.94
N THR B 1144 31.86 42.84 -58.03
CA THR B 1144 32.75 41.70 -57.80
C THR B 1144 33.11 41.52 -56.34
N ASP B 1145 32.64 42.39 -55.45
CA ASP B 1145 32.80 42.20 -54.00
C ASP B 1145 31.48 41.89 -53.32
N ASN B 1146 30.43 41.61 -54.09
CA ASN B 1146 29.21 40.99 -53.58
C ASN B 1146 29.10 39.53 -54.00
N THR B 1147 29.90 39.09 -54.96
CA THR B 1147 29.75 37.80 -55.60
C THR B 1147 31.09 37.09 -55.66
N PHE B 1148 31.05 35.83 -56.07
CA PHE B 1148 32.24 35.05 -56.36
C PHE B 1148 31.97 34.16 -57.56
N VAL B 1149 33.03 33.81 -58.27
CA VAL B 1149 32.93 33.13 -59.56
C VAL B 1149 33.20 31.64 -59.38
N SER B 1150 32.43 30.81 -60.07
CA SER B 1150 32.67 29.37 -60.07
C SER B 1150 32.02 28.76 -61.30
N GLY B 1151 32.84 28.23 -62.21
CA GLY B 1151 32.32 27.45 -63.31
C GLY B 1151 31.86 28.27 -64.50
N SER B 1152 30.97 27.67 -65.29
CA SER B 1152 30.45 28.28 -66.49
C SER B 1152 28.92 28.19 -66.51
N CYS B 1153 28.31 28.82 -67.51
CA CYS B 1153 26.87 29.00 -67.55
C CYS B 1153 26.16 27.86 -68.28
N ASP B 1154 26.39 26.61 -67.85
CA ASP B 1154 25.65 25.48 -68.42
C ASP B 1154 25.13 24.50 -67.38
N VAL B 1155 25.71 24.45 -66.19
CA VAL B 1155 25.26 23.52 -65.17
C VAL B 1155 24.13 24.11 -64.33
N VAL B 1156 24.19 25.40 -64.04
CA VAL B 1156 23.13 26.05 -63.27
C VAL B 1156 21.87 26.13 -64.12
N ILE B 1157 20.74 25.76 -63.54
CA ILE B 1157 19.51 25.57 -64.30
C ILE B 1157 18.91 26.91 -64.70
N GLY B 1158 18.53 27.73 -63.73
CA GLY B 1158 17.88 28.99 -64.02
C GLY B 1158 18.78 30.20 -64.00
N ILE B 1159 19.84 30.20 -64.81
CA ILE B 1159 20.82 31.27 -64.79
C ILE B 1159 20.39 32.35 -65.78
N VAL B 1160 20.54 33.61 -65.38
CA VAL B 1160 20.09 34.74 -66.18
C VAL B 1160 21.30 35.55 -66.64
N ASN B 1161 21.05 36.50 -67.51
CA ASN B 1161 22.20 37.25 -68.06
C ASN B 1161 22.03 38.67 -67.62
N ASN B 1162 23.09 39.24 -67.11
CA ASN B 1162 23.13 40.61 -66.63
C ASN B 1162 24.57 41.08 -66.67
N THR B 1163 24.84 42.22 -66.02
CA THR B 1163 26.16 42.80 -65.99
C THR B 1163 26.65 42.90 -64.54
N VAL B 1164 27.96 42.78 -64.36
CA VAL B 1164 28.60 42.94 -63.07
C VAL B 1164 29.60 44.09 -63.18
N TYR B 1165 29.49 45.05 -62.27
CA TYR B 1165 30.27 46.28 -62.37
C TYR B 1165 31.57 46.13 -61.62
N ASP B 1166 32.68 46.26 -62.34
CA ASP B 1166 33.99 46.22 -61.69
C ASP B 1166 34.20 47.51 -60.90
N PRO B 1167 34.57 47.42 -59.62
CA PRO B 1167 34.66 48.64 -58.80
C PRO B 1167 35.84 49.53 -59.11
N LEU B 1168 36.96 48.97 -59.58
CA LEU B 1168 38.17 49.76 -59.80
C LEU B 1168 38.45 50.01 -61.28
N GLN B 1169 37.51 49.70 -62.16
CA GLN B 1169 37.73 49.89 -63.58
C GLN B 1169 37.63 51.37 -63.98
N PRO B 1170 36.71 52.16 -63.41
CA PRO B 1170 36.74 53.61 -63.69
C PRO B 1170 38.09 54.26 -63.40
N GLU B 1171 38.78 53.84 -62.35
CA GLU B 1171 40.05 54.45 -61.98
C GLU B 1171 41.16 54.03 -62.94
N GLN C 45 -13.18 -74.10 2.11
CA GLN C 45 -13.95 -73.69 0.95
C GLN C 45 -13.06 -73.15 -0.15
N CYS C 46 -11.77 -73.05 0.13
CA CYS C 46 -10.79 -72.55 -0.83
C CYS C 46 -9.54 -73.41 -0.81
N VAL C 47 -8.80 -73.35 -1.91
CA VAL C 47 -7.65 -74.20 -2.14
C VAL C 47 -6.43 -73.31 -2.38
N ASN C 48 -5.25 -73.92 -2.30
CA ASN C 48 -3.98 -73.25 -2.57
C ASN C 48 -3.46 -73.68 -3.93
N LEU C 49 -3.08 -72.71 -4.75
CA LEU C 49 -2.55 -73.00 -6.07
C LEU C 49 -1.03 -73.11 -6.04
N THR C 53 9.25 -70.48 -8.60
CA THR C 53 8.85 -70.37 -9.99
C THR C 53 8.62 -68.92 -10.36
N GLN C 54 8.44 -68.07 -9.34
CA GLN C 54 8.20 -66.66 -9.58
C GLN C 54 9.47 -65.98 -10.09
N LEU C 55 9.28 -64.85 -10.77
CA LEU C 55 10.37 -64.08 -11.33
C LEU C 55 10.27 -62.64 -10.87
N PRO C 56 11.39 -61.93 -10.76
CA PRO C 56 11.35 -60.52 -10.36
C PRO C 56 10.59 -59.70 -11.40
N PRO C 57 9.57 -58.96 -10.99
CA PRO C 57 8.77 -58.21 -11.96
C PRO C 57 9.58 -57.09 -12.61
N ALA C 58 9.24 -56.82 -13.86
CA ALA C 58 9.90 -55.77 -14.61
C ALA C 58 9.30 -54.41 -14.25
N TYR C 59 9.89 -53.35 -14.79
CA TYR C 59 9.50 -52.00 -14.48
C TYR C 59 9.29 -51.21 -15.76
N THR C 60 8.51 -50.14 -15.64
CA THR C 60 8.34 -49.19 -16.74
C THR C 60 8.10 -47.82 -16.14
N ASN C 61 7.67 -46.89 -16.98
CA ASN C 61 7.47 -45.47 -16.61
C ASN C 61 6.06 -45.04 -17.04
N SER C 62 5.33 -44.41 -16.15
CA SER C 62 4.07 -43.79 -16.53
C SER C 62 4.40 -42.41 -17.09
N SER C 63 4.43 -42.33 -18.42
CA SER C 63 4.98 -41.16 -19.07
C SER C 63 4.29 -39.88 -18.63
N THR C 64 3.02 -39.73 -19.00
CA THR C 64 2.25 -38.58 -18.54
C THR C 64 0.84 -38.99 -18.15
N ARG C 65 0.70 -40.17 -17.55
CA ARG C 65 -0.60 -40.71 -17.17
C ARG C 65 -0.87 -40.49 -15.70
N GLY C 66 -2.13 -40.65 -15.32
CA GLY C 66 -2.52 -40.67 -13.93
C GLY C 66 -2.96 -39.36 -13.33
N VAL C 67 -3.56 -38.46 -14.11
CA VAL C 67 -4.04 -37.20 -13.58
C VAL C 67 -5.52 -37.32 -13.28
N TYR C 68 -5.92 -36.97 -12.06
CA TYR C 68 -7.31 -37.01 -11.65
C TYR C 68 -7.75 -35.60 -11.25
N TYR C 69 -8.97 -35.48 -10.77
CA TYR C 69 -9.50 -34.20 -10.32
C TYR C 69 -9.25 -34.03 -8.83
N PRO C 70 -8.46 -33.04 -8.42
CA PRO C 70 -8.09 -32.96 -6.99
C PRO C 70 -9.26 -32.72 -6.07
N ASP C 71 -10.20 -31.85 -6.44
CA ASP C 71 -11.32 -31.49 -5.59
C ASP C 71 -12.60 -31.46 -6.41
N LYS C 72 -13.72 -31.19 -5.72
CA LYS C 72 -15.05 -31.26 -6.31
C LYS C 72 -15.54 -29.91 -6.84
N VAL C 73 -14.74 -28.86 -6.73
CA VAL C 73 -15.16 -27.56 -7.25
C VAL C 73 -15.20 -27.60 -8.77
N PHE C 74 -15.93 -26.66 -9.35
CA PHE C 74 -16.12 -26.56 -10.79
C PHE C 74 -15.37 -25.33 -11.29
N ARG C 75 -14.45 -25.54 -12.23
CA ARG C 75 -13.68 -24.46 -12.83
C ARG C 75 -13.70 -24.61 -14.34
N SER C 76 -13.89 -23.49 -15.05
CA SER C 76 -14.00 -23.50 -16.49
C SER C 76 -13.05 -22.47 -17.09
N SER C 77 -12.27 -22.90 -18.08
CA SER C 77 -11.37 -22.03 -18.84
C SER C 77 -10.43 -21.25 -17.92
N VAL C 78 -9.57 -21.98 -17.22
CA VAL C 78 -8.63 -21.37 -16.28
C VAL C 78 -7.39 -22.27 -16.17
N LEU C 79 -6.28 -21.65 -15.78
CA LEU C 79 -5.05 -22.35 -15.43
C LEU C 79 -4.93 -22.33 -13.92
N HIS C 80 -4.79 -23.50 -13.31
CA HIS C 80 -4.84 -23.64 -11.86
C HIS C 80 -3.58 -24.29 -11.34
N LEU C 81 -2.99 -23.70 -10.31
CA LEU C 81 -1.78 -24.24 -9.67
C LEU C 81 -2.19 -24.94 -8.39
N THR C 82 -2.06 -26.27 -8.35
CA THR C 82 -2.53 -27.05 -7.23
C THR C 82 -1.36 -27.76 -6.55
N GLN C 83 -1.53 -28.05 -5.27
CA GLN C 83 -0.58 -28.85 -4.50
C GLN C 83 -1.35 -29.98 -3.84
N ASP C 84 -1.05 -31.22 -4.23
CA ASP C 84 -1.86 -32.34 -3.79
C ASP C 84 -1.08 -33.62 -4.05
N LEU C 85 -1.74 -34.76 -3.82
CA LEU C 85 -1.13 -36.07 -4.05
C LEU C 85 -1.35 -36.46 -5.50
N PHE C 86 -0.28 -36.51 -6.28
CA PHE C 86 -0.36 -36.83 -7.70
C PHE C 86 0.65 -37.91 -8.02
N LEU C 87 0.49 -38.51 -9.20
CA LEU C 87 1.46 -39.46 -9.71
C LEU C 87 2.49 -38.71 -10.54
N PRO C 88 3.76 -38.69 -10.13
CA PRO C 88 4.75 -37.92 -10.88
C PRO C 88 4.97 -38.48 -12.28
N PHE C 89 5.28 -37.58 -13.20
CA PHE C 89 5.50 -37.99 -14.59
C PHE C 89 6.79 -38.77 -14.72
N PHE C 90 6.83 -39.73 -15.63
CA PHE C 90 8.03 -40.55 -15.90
C PHE C 90 8.47 -41.24 -14.65
N SER C 91 7.48 -41.71 -13.87
CA SER C 91 7.77 -42.38 -12.57
C SER C 91 7.73 -43.90 -12.72
N ASN C 92 8.41 -44.61 -11.82
CA ASN C 92 8.54 -46.09 -11.87
C ASN C 92 7.26 -46.83 -11.51
N VAL C 93 6.69 -47.54 -12.46
CA VAL C 93 5.56 -48.43 -12.23
C VAL C 93 6.04 -49.86 -12.33
N THR C 94 5.51 -50.72 -11.47
CA THR C 94 5.87 -52.13 -11.45
C THR C 94 4.90 -52.88 -12.35
N TRP C 95 5.44 -53.69 -13.27
CA TRP C 95 4.66 -54.42 -14.25
C TRP C 95 4.62 -55.88 -13.84
N PHE C 96 3.43 -56.41 -13.55
CA PHE C 96 3.43 -57.71 -12.91
C PHE C 96 3.29 -58.86 -13.91
N HIS C 97 2.19 -58.93 -14.64
CA HIS C 97 2.00 -60.04 -15.56
C HIS C 97 1.06 -59.75 -16.70
N ARG C 109 0.34 -66.29 -16.38
CA ARG C 109 0.84 -66.47 -15.02
C ARG C 109 0.12 -65.52 -14.07
N PHE C 110 -0.15 -65.98 -12.85
CA PHE C 110 -1.01 -65.22 -11.94
C PHE C 110 -0.22 -64.32 -10.98
N ASP C 111 0.57 -64.93 -10.08
CA ASP C 111 1.43 -64.22 -9.13
C ASP C 111 0.71 -63.04 -8.47
N ASN C 112 -0.28 -63.38 -7.64
CA ASN C 112 -1.00 -62.39 -6.83
C ASN C 112 -0.26 -62.06 -5.54
N PRO C 113 0.45 -60.95 -5.46
CA PRO C 113 1.06 -60.56 -4.19
C PRO C 113 0.21 -59.56 -3.42
N VAL C 114 0.45 -59.40 -2.13
CA VAL C 114 -0.12 -58.30 -1.36
C VAL C 114 0.86 -57.14 -1.39
N LEU C 115 0.37 -55.96 -1.74
CA LEU C 115 1.23 -54.82 -2.00
C LEU C 115 0.88 -53.67 -1.07
N PRO C 116 1.83 -52.80 -0.76
CA PRO C 116 1.52 -51.65 0.09
C PRO C 116 0.59 -50.67 -0.60
N PHE C 117 -0.06 -49.85 0.23
CA PHE C 117 -1.03 -48.84 -0.19
C PHE C 117 -0.59 -47.53 0.48
N ASN C 118 0.29 -46.79 -0.18
CA ASN C 118 0.85 -45.56 0.38
C ASN C 118 0.11 -44.38 -0.23
N ASP C 119 -0.79 -43.78 0.56
CA ASP C 119 -1.40 -42.49 0.24
C ASP C 119 -2.32 -42.54 -0.97
N GLY C 120 -2.39 -43.67 -1.65
CA GLY C 120 -3.15 -43.79 -2.86
C GLY C 120 -2.43 -44.68 -3.84
N VAL C 121 -3.15 -45.11 -4.87
CA VAL C 121 -2.58 -46.05 -5.82
C VAL C 121 -3.16 -45.80 -7.20
N TYR C 122 -2.28 -45.78 -8.20
CA TYR C 122 -2.67 -45.79 -9.61
C TYR C 122 -2.52 -47.21 -10.13
N PHE C 123 -3.60 -47.78 -10.65
CA PHE C 123 -3.66 -49.16 -11.09
C PHE C 123 -4.12 -49.18 -12.53
N ALA C 124 -3.34 -49.81 -13.41
CA ALA C 124 -3.68 -49.83 -14.82
C ALA C 124 -3.65 -51.26 -15.35
N SER C 125 -4.63 -51.61 -16.16
CA SER C 125 -4.74 -52.97 -16.67
C SER C 125 -5.05 -52.95 -18.17
N THR C 126 -4.38 -53.83 -18.90
CA THR C 126 -4.66 -54.08 -20.30
C THR C 126 -5.07 -55.53 -20.44
N GLU C 127 -6.19 -55.77 -21.13
CA GLU C 127 -6.77 -57.09 -21.15
C GLU C 127 -7.59 -57.28 -22.43
N LYS C 128 -7.94 -58.53 -22.70
CA LYS C 128 -8.81 -58.87 -23.81
C LYS C 128 -9.94 -59.81 -23.46
N SER C 129 -9.92 -60.45 -22.28
CA SER C 129 -10.93 -61.46 -21.97
C SER C 129 -11.45 -61.36 -20.54
N ASN C 130 -11.39 -60.18 -19.92
CA ASN C 130 -11.96 -59.95 -18.59
C ASN C 130 -11.37 -60.90 -17.55
N ILE C 131 -10.06 -60.77 -17.31
CA ILE C 131 -9.43 -61.56 -16.26
C ILE C 131 -9.51 -60.82 -14.93
N ILE C 132 -9.14 -59.54 -14.91
CA ILE C 132 -9.19 -58.75 -13.69
C ILE C 132 -10.64 -58.53 -13.29
N ARG C 133 -10.96 -58.80 -12.02
CA ARG C 133 -12.33 -58.77 -11.56
C ARG C 133 -12.58 -57.71 -10.50
N GLY C 134 -11.72 -57.60 -9.50
CA GLY C 134 -11.95 -56.63 -8.44
C GLY C 134 -10.79 -56.64 -7.47
N TRP C 135 -11.01 -55.99 -6.32
CA TRP C 135 -9.94 -55.81 -5.35
C TRP C 135 -10.45 -56.01 -3.94
N ILE C 136 -9.49 -56.22 -3.03
CA ILE C 136 -9.72 -56.22 -1.59
C ILE C 136 -8.70 -55.30 -0.94
N PHE C 137 -9.17 -54.50 0.02
CA PHE C 137 -8.34 -53.54 0.73
C PHE C 137 -8.49 -53.75 2.22
N GLY C 138 -7.40 -53.58 2.97
CA GLY C 138 -7.48 -53.73 4.40
C GLY C 138 -6.15 -53.48 5.08
N THR C 139 -6.02 -53.96 6.30
CA THR C 139 -4.77 -53.87 7.05
C THR C 139 -4.15 -55.23 7.30
N THR C 140 -4.89 -56.16 7.91
CA THR C 140 -4.39 -57.50 8.15
C THR C 140 -5.07 -58.56 7.30
N LEU C 141 -6.27 -58.27 6.78
CA LEU C 141 -6.98 -59.20 5.92
C LEU C 141 -7.16 -60.56 6.60
N ASP C 142 -7.40 -60.54 7.91
CA ASP C 142 -7.34 -61.75 8.72
C ASP C 142 -8.46 -61.81 9.75
N SER C 143 -9.63 -61.26 9.43
CA SER C 143 -10.85 -61.41 10.23
C SER C 143 -10.75 -60.80 11.62
N LYS C 144 -9.68 -60.09 11.93
CA LYS C 144 -9.59 -59.35 13.18
C LYS C 144 -9.86 -57.87 12.99
N THR C 145 -9.93 -57.40 11.75
CA THR C 145 -10.24 -56.02 11.43
C THR C 145 -11.23 -56.01 10.27
N GLN C 146 -11.70 -54.83 9.92
CA GLN C 146 -12.63 -54.69 8.80
C GLN C 146 -11.87 -54.53 7.49
N SER C 147 -12.47 -55.06 6.43
CA SER C 147 -11.88 -55.03 5.10
C SER C 147 -12.94 -54.61 4.09
N LEU C 148 -12.49 -54.04 2.98
CA LEU C 148 -13.36 -53.60 1.90
C LEU C 148 -13.17 -54.53 0.71
N LEU C 149 -14.29 -54.99 0.16
CA LEU C 149 -14.25 -55.92 -0.98
C LEU C 149 -15.09 -55.36 -2.11
N ILE C 150 -14.49 -55.27 -3.30
CA ILE C 150 -15.16 -54.79 -4.50
C ILE C 150 -15.04 -55.87 -5.56
N VAL C 151 -16.18 -56.41 -5.99
CA VAL C 151 -16.22 -57.54 -6.93
C VAL C 151 -17.22 -57.21 -8.03
N ASN C 152 -16.99 -57.81 -9.21
CA ASN C 152 -17.84 -57.63 -10.39
C ASN C 152 -18.12 -59.03 -10.96
N ASN C 153 -19.25 -59.60 -10.65
CA ASN C 153 -19.49 -61.04 -10.88
C ASN C 153 -20.21 -61.19 -12.20
N ALA C 154 -19.80 -60.41 -13.19
CA ALA C 154 -20.30 -60.41 -14.57
C ALA C 154 -21.70 -59.82 -14.71
N THR C 155 -22.34 -59.44 -13.61
CA THR C 155 -23.68 -58.82 -13.75
C THR C 155 -23.71 -57.51 -12.95
N ASN C 156 -23.21 -57.54 -11.71
CA ASN C 156 -23.40 -56.44 -10.78
C ASN C 156 -22.05 -55.97 -10.25
N VAL C 157 -22.09 -54.96 -9.40
CA VAL C 157 -20.94 -54.48 -8.66
C VAL C 157 -21.27 -54.63 -7.19
N VAL C 158 -20.52 -55.48 -6.49
CA VAL C 158 -20.74 -55.75 -5.08
C VAL C 158 -19.65 -55.06 -4.29
N ILE C 159 -20.05 -54.24 -3.31
CA ILE C 159 -19.14 -53.52 -2.44
C ILE C 159 -19.54 -53.83 -1.01
N LYS C 160 -18.61 -54.37 -0.24
CA LYS C 160 -18.94 -54.78 1.13
C LYS C 160 -17.84 -54.38 2.08
N VAL C 161 -18.21 -53.68 3.15
CA VAL C 161 -17.33 -53.43 4.28
C VAL C 161 -17.84 -54.29 5.42
N CYS C 162 -17.05 -55.29 5.78
CA CYS C 162 -17.43 -56.38 6.66
C CYS C 162 -16.17 -56.84 7.40
N GLU C 163 -16.22 -58.05 7.96
CA GLU C 163 -15.05 -58.66 8.59
C GLU C 163 -14.84 -60.04 7.98
N PHE C 164 -14.12 -60.10 6.87
CA PHE C 164 -13.91 -61.34 6.17
C PHE C 164 -12.68 -62.07 6.68
N GLN C 165 -12.72 -63.39 6.57
CA GLN C 165 -11.55 -64.24 6.79
C GLN C 165 -11.09 -64.69 5.40
N PHE C 166 -10.18 -63.92 4.82
CA PHE C 166 -9.82 -64.13 3.43
C PHE C 166 -8.93 -65.36 3.26
N CYS C 167 -9.10 -66.03 2.14
CA CYS C 167 -8.24 -67.13 1.77
C CYS C 167 -6.89 -66.60 1.29
N ASN C 168 -5.89 -67.48 1.29
CA ASN C 168 -4.53 -67.03 1.01
C ASN C 168 -4.40 -66.52 -0.42
N ASP C 169 -5.06 -67.16 -1.37
CA ASP C 169 -5.01 -66.78 -2.78
C ASP C 169 -6.42 -66.69 -3.33
N PRO C 170 -7.09 -65.56 -3.13
CA PRO C 170 -8.46 -65.41 -3.63
C PRO C 170 -8.53 -65.43 -5.15
N PHE C 171 -9.64 -65.94 -5.67
CA PHE C 171 -9.92 -65.92 -7.09
C PHE C 171 -11.37 -66.32 -7.32
N LEU C 172 -11.99 -65.71 -8.31
CA LEU C 172 -13.31 -66.15 -8.76
C LEU C 172 -13.13 -67.33 -9.69
N GLY C 173 -14.22 -67.83 -10.26
CA GLY C 173 -14.12 -69.00 -11.12
C GLY C 173 -14.94 -68.96 -12.38
N VAL C 174 -14.31 -69.32 -13.50
CA VAL C 174 -14.97 -69.43 -14.79
C VAL C 174 -14.50 -70.71 -15.46
N TYR C 175 -15.44 -71.47 -16.02
CA TYR C 175 -15.10 -72.70 -16.72
C TYR C 175 -15.81 -72.77 -18.07
N TRP C 183 -20.16 -73.35 -19.17
CA TRP C 183 -19.46 -72.08 -19.06
C TRP C 183 -20.29 -71.05 -18.30
N MET C 184 -21.05 -71.49 -17.31
CA MET C 184 -21.92 -70.56 -16.59
C MET C 184 -21.16 -69.80 -15.51
N GLU C 185 -20.68 -70.51 -14.50
CA GLU C 185 -19.98 -69.91 -13.36
C GLU C 185 -19.57 -71.02 -12.41
N SER C 186 -18.59 -70.73 -11.55
CA SER C 186 -18.15 -71.65 -10.51
C SER C 186 -17.15 -70.93 -9.61
N GLU C 187 -16.77 -71.61 -8.54
CA GLU C 187 -15.53 -71.34 -7.78
C GLU C 187 -15.49 -69.91 -7.25
N PHE C 188 -16.40 -69.61 -6.31
CA PHE C 188 -16.37 -68.34 -5.59
CA PHE C 188 -16.38 -68.35 -5.58
C PHE C 188 -15.56 -68.52 -4.31
N ARG C 189 -14.26 -68.74 -4.53
CA ARG C 189 -13.31 -69.10 -3.44
C ARG C 189 -12.58 -67.83 -2.97
N VAL C 190 -13.32 -66.82 -2.51
CA VAL C 190 -12.69 -65.58 -2.06
C VAL C 190 -12.42 -65.66 -0.57
N TYR C 191 -13.47 -65.78 0.23
CA TYR C 191 -13.34 -65.81 1.69
C TYR C 191 -13.97 -67.08 2.25
N SER C 192 -14.02 -67.15 3.57
CA SER C 192 -14.64 -68.25 4.30
C SER C 192 -15.87 -67.84 5.08
N SER C 193 -15.86 -66.67 5.73
CA SER C 193 -17.00 -66.22 6.51
C SER C 193 -16.91 -64.71 6.70
N ALA C 194 -18.08 -64.09 6.78
CA ALA C 194 -18.21 -62.65 7.02
C ALA C 194 -19.15 -62.43 8.19
N ASN C 195 -18.81 -61.51 9.09
CA ASN C 195 -19.50 -61.42 10.37
C ASN C 195 -20.30 -60.14 10.56
N ASN C 196 -19.69 -58.95 10.39
CA ASN C 196 -20.30 -57.72 10.95
C ASN C 196 -20.90 -56.79 9.91
N CYS C 197 -20.30 -56.64 8.77
CA CYS C 197 -20.90 -56.08 7.55
C CYS C 197 -21.63 -54.75 7.83
N THR C 198 -20.82 -53.75 8.17
CA THR C 198 -21.37 -52.41 8.37
C THR C 198 -21.80 -51.73 7.07
N PHE C 199 -21.26 -52.12 5.92
CA PHE C 199 -21.60 -51.39 4.70
C PHE C 199 -21.86 -52.36 3.57
N GLU C 200 -22.91 -52.10 2.80
CA GLU C 200 -23.33 -52.95 1.69
C GLU C 200 -23.81 -52.11 0.53
N TYR C 201 -23.39 -52.46 -0.67
CA TYR C 201 -23.69 -51.65 -1.86
C TYR C 201 -23.74 -52.59 -3.06
N VAL C 202 -24.85 -52.55 -3.81
CA VAL C 202 -25.00 -53.35 -5.00
C VAL C 202 -25.41 -52.43 -6.15
N SER C 203 -25.26 -52.95 -7.37
CA SER C 203 -25.75 -52.25 -8.56
C SER C 203 -26.01 -53.30 -9.64
N GLN C 204 -27.28 -53.64 -9.82
CA GLN C 204 -27.67 -54.59 -10.85
C GLN C 204 -27.93 -53.85 -12.16
N PHE C 217 -4.61 -57.08 -27.34
CA PHE C 217 -5.21 -56.27 -26.28
C PHE C 217 -5.98 -55.10 -26.88
N LYS C 218 -7.22 -54.93 -26.45
CA LYS C 218 -8.10 -53.93 -27.03
C LYS C 218 -8.60 -52.90 -26.03
N ASN C 219 -8.44 -53.12 -24.73
CA ASN C 219 -8.98 -52.23 -23.72
C ASN C 219 -7.90 -51.86 -22.71
N LEU C 220 -7.87 -50.60 -22.32
CA LEU C 220 -7.01 -50.08 -21.27
C LEU C 220 -7.89 -49.47 -20.20
N ARG C 221 -7.75 -49.97 -18.96
CA ARG C 221 -8.57 -49.49 -17.81
C ARG C 221 -7.64 -48.89 -16.75
N GLU C 222 -7.87 -47.65 -16.35
CA GLU C 222 -7.04 -46.96 -15.38
C GLU C 222 -7.89 -46.54 -14.18
N PHE C 223 -7.33 -46.72 -12.99
CA PHE C 223 -8.02 -46.38 -11.75
C PHE C 223 -7.05 -45.67 -10.82
N VAL C 224 -7.58 -44.73 -10.04
CA VAL C 224 -6.87 -44.13 -8.93
C VAL C 224 -7.71 -44.29 -7.67
N PHE C 225 -7.10 -44.86 -6.64
CA PHE C 225 -7.74 -45.08 -5.35
C PHE C 225 -7.12 -44.14 -4.31
N LYS C 226 -7.98 -43.46 -3.55
CA LYS C 226 -7.56 -42.68 -2.40
C LYS C 226 -8.52 -42.93 -1.26
N ASN C 227 -8.09 -42.65 -0.03
CA ASN C 227 -9.05 -42.57 1.06
C ASN C 227 -8.59 -41.52 2.07
N ILE C 228 -9.46 -40.57 2.34
CA ILE C 228 -9.16 -39.45 3.24
C ILE C 228 -10.44 -39.04 3.96
N ASP C 229 -10.30 -38.71 5.24
CA ASP C 229 -11.42 -38.25 6.07
C ASP C 229 -12.60 -39.20 6.00
N GLY C 230 -12.31 -40.50 6.00
CA GLY C 230 -13.35 -41.50 6.02
C GLY C 230 -14.04 -41.73 4.70
N TYR C 231 -13.58 -41.12 3.61
CA TYR C 231 -14.15 -41.35 2.29
C TYR C 231 -13.15 -42.11 1.44
N PHE C 232 -13.61 -43.16 0.78
CA PHE C 232 -12.83 -43.89 -0.20
C PHE C 232 -13.26 -43.44 -1.58
N LYS C 233 -12.34 -42.80 -2.29
CA LYS C 233 -12.63 -42.18 -3.58
C LYS C 233 -11.97 -42.98 -4.70
N ILE C 234 -12.75 -43.30 -5.72
CA ILE C 234 -12.27 -44.04 -6.89
C ILE C 234 -12.51 -43.19 -8.11
N TYR C 235 -11.44 -42.95 -8.88
CA TYR C 235 -11.49 -42.29 -10.17
C TYR C 235 -11.09 -43.31 -11.25
N SER C 236 -11.67 -43.19 -12.43
CA SER C 236 -11.42 -44.22 -13.45
C SER C 236 -11.49 -43.65 -14.84
N LYS C 237 -10.88 -44.37 -15.78
CA LYS C 237 -11.00 -44.08 -17.21
C LYS C 237 -10.85 -45.37 -17.99
N HIS C 238 -11.45 -45.39 -19.19
CA HIS C 238 -11.54 -46.59 -20.02
C HIS C 238 -11.35 -46.18 -21.47
N THR C 239 -10.23 -46.60 -22.07
CA THR C 239 -9.93 -46.21 -23.44
C THR C 239 -9.58 -47.42 -24.29
N PRO C 240 -9.88 -47.38 -25.58
CA PRO C 240 -9.47 -48.47 -26.47
C PRO C 240 -8.06 -48.27 -27.00
N ILE C 241 -7.30 -49.38 -27.03
CA ILE C 241 -5.91 -49.35 -27.47
C ILE C 241 -5.69 -50.53 -28.40
N ASN C 242 -4.59 -50.46 -29.16
CA ASN C 242 -4.26 -51.54 -30.11
C ASN C 242 -2.84 -52.03 -29.90
N LEU C 243 -1.94 -51.16 -29.46
CA LEU C 243 -0.58 -51.58 -29.13
C LEU C 243 -0.64 -52.59 -27.99
N VAL C 244 0.09 -53.69 -28.14
CA VAL C 244 -0.21 -54.86 -27.33
C VAL C 244 0.56 -54.92 -26.01
N ARG C 245 1.88 -55.11 -26.08
CA ARG C 245 2.63 -55.51 -24.89
C ARG C 245 3.39 -54.36 -24.25
N ASP C 246 2.65 -53.34 -23.80
CA ASP C 246 3.20 -52.31 -22.90
C ASP C 246 2.11 -51.30 -22.56
N LEU C 247 2.35 -50.55 -21.50
CA LEU C 247 1.52 -49.40 -21.18
C LEU C 247 1.82 -48.29 -22.17
N PRO C 248 0.85 -47.84 -22.97
CA PRO C 248 1.17 -46.87 -24.01
C PRO C 248 1.53 -45.53 -23.40
N PRO C 249 2.42 -44.79 -24.04
CA PRO C 249 2.63 -43.39 -23.66
C PRO C 249 1.46 -42.53 -24.11
N GLY C 250 1.22 -41.45 -23.38
CA GLY C 250 0.12 -40.57 -23.71
C GLY C 250 -0.23 -39.69 -22.52
N PHE C 251 -1.48 -39.22 -22.52
CA PHE C 251 -2.00 -38.36 -21.46
C PHE C 251 -3.42 -38.77 -21.16
N SER C 252 -3.74 -38.89 -19.87
CA SER C 252 -5.07 -39.31 -19.44
C SER C 252 -5.52 -38.51 -18.23
N ALA C 253 -6.78 -38.10 -18.22
CA ALA C 253 -7.40 -37.41 -17.10
C ALA C 253 -8.62 -38.22 -16.67
N LEU C 254 -8.57 -38.75 -15.44
CA LEU C 254 -9.57 -39.70 -14.98
C LEU C 254 -10.72 -38.96 -14.30
N GLU C 255 -11.95 -39.30 -14.71
CA GLU C 255 -13.15 -38.71 -14.15
C GLU C 255 -13.55 -39.40 -12.84
N PRO C 256 -14.17 -38.67 -11.91
CA PRO C 256 -14.61 -39.30 -10.66
C PRO C 256 -15.60 -40.42 -10.92
N LEU C 257 -15.46 -41.50 -10.17
CA LEU C 257 -16.36 -42.64 -10.31
C LEU C 257 -17.23 -42.85 -9.09
N VAL C 258 -16.64 -43.05 -7.90
CA VAL C 258 -17.41 -43.23 -6.68
C VAL C 258 -16.72 -42.56 -5.50
N ASP C 259 -17.49 -42.37 -4.43
CA ASP C 259 -17.02 -41.77 -3.19
C ASP C 259 -17.82 -42.42 -2.06
N LEU C 260 -17.25 -43.46 -1.45
CA LEU C 260 -17.96 -44.27 -0.47
C LEU C 260 -17.58 -43.88 0.95
N PRO C 261 -18.54 -43.64 1.85
CA PRO C 261 -18.20 -43.36 3.26
C PRO C 261 -18.04 -44.62 4.10
N ILE C 262 -16.88 -45.27 3.95
CA ILE C 262 -16.65 -46.54 4.63
C ILE C 262 -15.96 -46.35 5.97
N GLY C 263 -15.04 -45.40 6.07
CA GLY C 263 -14.41 -45.07 7.35
C GLY C 263 -13.54 -46.14 7.97
N ILE C 264 -12.70 -46.82 7.19
CA ILE C 264 -11.80 -47.82 7.73
C ILE C 264 -10.35 -47.40 7.50
N ASN C 265 -9.44 -48.20 8.07
CA ASN C 265 -7.98 -47.96 7.91
C ASN C 265 -7.50 -48.95 6.85
N ILE C 266 -6.72 -48.49 5.87
CA ILE C 266 -6.24 -49.31 4.77
C ILE C 266 -4.72 -49.18 4.68
N THR C 267 -4.04 -50.31 4.58
CA THR C 267 -2.59 -50.34 4.41
C THR C 267 -2.12 -51.31 3.33
N ARG C 268 -2.90 -52.31 2.96
CA ARG C 268 -2.51 -53.27 1.94
C ARG C 268 -3.73 -53.59 1.08
N PHE C 269 -3.47 -54.11 -0.12
CA PHE C 269 -4.53 -54.46 -1.03
C PHE C 269 -4.08 -55.59 -1.94
N GLN C 270 -5.04 -56.18 -2.64
CA GLN C 270 -4.78 -57.33 -3.49
C GLN C 270 -5.88 -57.42 -4.53
N THR C 271 -5.57 -58.06 -5.67
CA THR C 271 -6.49 -58.13 -6.79
C THR C 271 -6.99 -59.56 -6.98
N LEU C 272 -8.20 -59.68 -7.51
CA LEU C 272 -8.85 -60.97 -7.72
C LEU C 272 -8.86 -61.30 -9.20
N LEU C 273 -8.42 -62.51 -9.54
CA LEU C 273 -8.35 -62.97 -10.92
C LEU C 273 -9.43 -64.01 -11.17
N ALA C 274 -9.97 -64.01 -12.38
CA ALA C 274 -11.01 -64.96 -12.78
C ALA C 274 -10.38 -66.05 -13.64
N LEU C 275 -10.21 -67.24 -13.06
CA LEU C 275 -9.48 -68.30 -13.71
C LEU C 275 -10.33 -69.00 -14.77
N HIS C 276 -9.65 -69.77 -15.63
CA HIS C 276 -10.27 -70.52 -16.70
C HIS C 276 -9.81 -71.98 -16.60
N ARG C 277 -10.64 -72.82 -16.00
CA ARG C 277 -10.37 -74.26 -15.96
C ARG C 277 -11.63 -75.02 -15.55
N ALA C 293 -4.62 -64.20 -20.91
CA ALA C 293 -3.64 -63.55 -20.05
C ALA C 293 -3.78 -62.04 -20.12
N ALA C 294 -3.45 -61.37 -19.03
CA ALA C 294 -3.54 -59.91 -18.96
C ALA C 294 -2.52 -59.41 -17.95
N ALA C 295 -2.27 -58.10 -17.99
CA ALA C 295 -1.21 -57.48 -17.21
C ALA C 295 -1.76 -56.33 -16.39
N TYR C 296 -1.09 -56.03 -15.28
CA TYR C 296 -1.39 -54.81 -14.56
C TYR C 296 -0.10 -54.14 -14.09
N TYR C 297 -0.17 -52.81 -14.05
CA TYR C 297 0.92 -51.94 -13.65
C TYR C 297 0.47 -51.15 -12.44
N VAL C 298 1.33 -51.08 -11.43
CA VAL C 298 1.02 -50.44 -10.15
C VAL C 298 2.00 -49.31 -9.92
N GLY C 299 1.48 -48.12 -9.59
CA GLY C 299 2.31 -47.01 -9.20
C GLY C 299 1.69 -46.29 -8.02
N TYR C 300 2.51 -45.52 -7.31
CA TYR C 300 2.08 -44.89 -6.08
C TYR C 300 2.08 -43.37 -6.20
N LEU C 301 1.17 -42.74 -5.46
CA LEU C 301 1.00 -41.30 -5.45
C LEU C 301 1.94 -40.66 -4.44
N GLN C 302 2.38 -39.44 -4.75
CA GLN C 302 3.29 -38.68 -3.91
C GLN C 302 2.90 -37.21 -3.95
N PRO C 303 3.24 -36.45 -2.92
CA PRO C 303 2.84 -35.03 -2.89
C PRO C 303 3.63 -34.19 -3.88
N ARG C 304 2.91 -33.47 -4.74
CA ARG C 304 3.51 -32.70 -5.80
C ARG C 304 2.67 -31.46 -6.09
N THR C 305 3.30 -30.48 -6.74
CA THR C 305 2.65 -29.30 -7.25
C THR C 305 2.49 -29.44 -8.76
N PHE C 306 1.27 -29.27 -9.24
CA PHE C 306 0.94 -29.40 -10.66
C PHE C 306 0.34 -28.11 -11.17
N LEU C 307 0.47 -27.89 -12.47
CA LEU C 307 -0.23 -26.82 -13.17
C LEU C 307 -1.22 -27.46 -14.12
N LEU C 308 -2.50 -27.13 -13.97
CA LEU C 308 -3.56 -27.80 -14.70
C LEU C 308 -4.27 -26.81 -15.61
N LYS C 309 -4.75 -27.31 -16.76
CA LYS C 309 -5.51 -26.51 -17.72
C LYS C 309 -6.91 -27.09 -17.81
N TYR C 310 -7.91 -26.22 -17.66
CA TYR C 310 -9.31 -26.62 -17.65
C TYR C 310 -10.00 -26.20 -18.94
N ASN C 311 -10.71 -27.14 -19.56
CA ASN C 311 -11.44 -26.91 -20.79
C ASN C 311 -12.71 -26.12 -20.50
N GLU C 312 -13.48 -25.83 -21.56
CA GLU C 312 -14.78 -25.20 -21.39
C GLU C 312 -15.72 -26.12 -20.61
N ASN C 313 -15.72 -27.41 -20.93
CA ASN C 313 -16.53 -28.40 -20.23
C ASN C 313 -15.92 -28.84 -18.90
N GLY C 314 -14.94 -28.10 -18.40
CA GLY C 314 -14.24 -28.43 -17.16
C GLY C 314 -13.64 -29.83 -17.20
N THR C 315 -13.07 -30.18 -18.35
CA THR C 315 -12.31 -31.41 -18.52
C THR C 315 -10.84 -31.04 -18.62
N ILE C 316 -10.03 -31.62 -17.73
CA ILE C 316 -8.60 -31.27 -17.72
C ILE C 316 -7.98 -31.74 -19.02
N THR C 317 -7.40 -30.80 -19.76
CA THR C 317 -6.84 -31.07 -21.08
C THR C 317 -5.32 -31.14 -21.08
N ASP C 318 -4.65 -30.44 -20.17
CA ASP C 318 -3.19 -30.48 -20.10
C ASP C 318 -2.74 -30.28 -18.66
N ALA C 319 -1.53 -30.76 -18.37
CA ALA C 319 -0.97 -30.65 -17.04
C ALA C 319 0.55 -30.61 -17.14
N VAL C 320 1.16 -29.92 -16.18
CA VAL C 320 2.61 -29.78 -16.09
C VAL C 320 3.05 -30.17 -14.69
N ASP C 321 3.98 -31.11 -14.61
CA ASP C 321 4.61 -31.52 -13.35
C ASP C 321 5.81 -30.62 -13.10
N CYS C 322 5.75 -29.83 -12.04
CA CYS C 322 6.64 -28.71 -11.87
C CYS C 322 7.95 -29.07 -11.18
N ALA C 323 8.20 -30.35 -10.93
CA ALA C 323 9.45 -30.80 -10.33
C ALA C 323 10.21 -31.75 -11.24
N LEU C 324 9.95 -31.71 -12.53
CA LEU C 324 10.55 -32.68 -13.45
C LEU C 324 11.90 -32.21 -13.99
N ASP C 325 11.92 -31.06 -14.65
CA ASP C 325 13.13 -30.51 -15.24
C ASP C 325 13.07 -28.99 -15.20
N PRO C 326 14.13 -28.26 -15.56
CA PRO C 326 14.06 -26.79 -15.50
C PRO C 326 13.00 -26.18 -16.38
N LEU C 327 12.71 -26.75 -17.55
CA LEU C 327 11.68 -26.19 -18.41
C LEU C 327 10.31 -26.25 -17.73
N SER C 328 10.03 -27.34 -17.02
CA SER C 328 8.76 -27.45 -16.30
C SER C 328 8.69 -26.43 -15.18
N GLU C 329 9.81 -26.21 -14.49
CA GLU C 329 9.84 -25.24 -13.39
C GLU C 329 9.62 -23.82 -13.91
N THR C 330 10.18 -23.48 -15.06
CA THR C 330 9.95 -22.14 -15.60
C THR C 330 8.56 -21.99 -16.21
N LYS C 331 7.97 -23.07 -16.72
CA LYS C 331 6.56 -23.00 -17.09
C LYS C 331 5.69 -22.76 -15.86
N CYS C 332 6.02 -23.42 -14.75
CA CYS C 332 5.26 -23.25 -13.52
C CYS C 332 5.39 -21.83 -12.97
N THR C 333 6.60 -21.27 -13.02
CA THR C 333 6.83 -19.94 -12.44
C THR C 333 6.02 -18.88 -13.16
N LEU C 334 5.94 -18.96 -14.48
CA LEU C 334 5.22 -17.97 -15.27
C LEU C 334 3.72 -18.26 -15.37
N LYS C 335 3.28 -19.44 -14.96
CA LYS C 335 1.91 -19.90 -15.13
C LYS C 335 1.48 -19.84 -16.59
N SER C 336 2.20 -20.59 -17.42
CA SER C 336 1.91 -20.66 -18.84
C SER C 336 2.48 -21.94 -19.39
N PHE C 337 1.97 -22.34 -20.55
CA PHE C 337 2.44 -23.53 -21.25
C PHE C 337 3.41 -23.22 -22.37
N THR C 338 3.74 -21.95 -22.59
CA THR C 338 4.68 -21.54 -23.62
C THR C 338 5.60 -20.46 -23.07
N VAL C 339 6.83 -20.42 -23.58
CA VAL C 339 7.81 -19.42 -23.19
C VAL C 339 8.59 -18.99 -24.43
N GLU C 340 8.90 -17.70 -24.50
CA GLU C 340 9.75 -17.15 -25.56
C GLU C 340 11.19 -17.05 -25.08
N LYS C 341 12.06 -16.51 -25.92
CA LYS C 341 13.47 -16.39 -25.57
C LYS C 341 13.66 -15.47 -24.37
N GLY C 342 14.57 -15.85 -23.48
CA GLY C 342 14.80 -15.06 -22.29
C GLY C 342 15.72 -15.79 -21.32
N ILE C 343 15.79 -15.25 -20.11
CA ILE C 343 16.69 -15.74 -19.09
C ILE C 343 15.95 -16.35 -17.90
N TYR C 344 14.84 -15.74 -17.48
CA TYR C 344 13.83 -16.41 -16.64
C TYR C 344 14.41 -16.94 -15.33
N GLN C 345 14.61 -16.00 -14.39
CA GLN C 345 15.01 -16.40 -13.03
C GLN C 345 13.83 -17.18 -12.48
N THR C 346 14.07 -18.36 -11.91
CA THR C 346 12.99 -19.26 -11.51
C THR C 346 12.91 -19.41 -10.00
N SER C 347 11.84 -20.05 -9.56
CA SER C 347 11.58 -20.34 -8.15
C SER C 347 11.95 -21.79 -7.84
N ASN C 348 11.62 -22.24 -6.63
CA ASN C 348 12.03 -23.56 -6.16
C ASN C 348 10.81 -24.47 -6.07
N PHE C 349 10.76 -25.48 -6.96
CA PHE C 349 9.75 -26.53 -6.90
C PHE C 349 10.37 -27.92 -6.88
N ARG C 350 11.69 -28.03 -6.70
CA ARG C 350 12.39 -29.26 -7.04
C ARG C 350 12.74 -30.14 -5.84
N VAL C 351 12.68 -29.63 -4.61
CA VAL C 351 13.09 -30.38 -3.43
C VAL C 351 11.92 -30.42 -2.44
N GLN C 352 11.59 -31.62 -1.98
CA GLN C 352 10.56 -31.81 -0.98
C GLN C 352 11.15 -32.51 0.24
N PRO C 353 10.95 -31.98 1.45
CA PRO C 353 11.41 -32.69 2.65
C PRO C 353 10.76 -34.05 2.77
N THR C 354 11.53 -35.03 3.26
CA THR C 354 11.08 -36.41 3.29
C THR C 354 10.90 -36.94 4.72
N ASP C 355 11.94 -36.86 5.54
CA ASP C 355 11.91 -37.45 6.87
C ASP C 355 11.52 -36.43 7.92
N SER C 356 11.18 -36.94 9.11
CA SER C 356 10.83 -36.10 10.25
C SER C 356 11.44 -36.71 11.50
N ILE C 357 12.31 -35.95 12.16
CA ILE C 357 13.03 -36.46 13.33
C ILE C 357 12.56 -35.71 14.57
N VAL C 358 12.63 -36.39 15.70
CA VAL C 358 12.21 -35.86 16.99
C VAL C 358 13.35 -36.10 17.98
N ARG C 359 13.67 -35.08 18.77
CA ARG C 359 14.71 -35.20 19.79
C ARG C 359 14.23 -34.58 21.08
N PHE C 360 14.03 -35.43 22.10
CA PHE C 360 13.59 -35.03 23.42
C PHE C 360 14.57 -35.51 24.47
N PRO C 361 14.67 -34.83 25.61
CA PRO C 361 15.65 -35.24 26.63
C PRO C 361 15.22 -36.52 27.34
N ASN C 362 16.12 -37.12 28.10
CA ASN C 362 15.83 -38.47 28.65
C ASN C 362 15.13 -38.34 30.01
N ILE C 363 13.81 -38.14 30.03
CA ILE C 363 12.93 -38.10 31.19
C ILE C 363 12.07 -39.35 31.16
N THR C 364 11.99 -40.05 32.29
CA THR C 364 11.31 -41.33 32.34
C THR C 364 10.12 -41.35 33.29
N ASN C 365 10.29 -40.88 34.53
CA ASN C 365 9.21 -40.95 35.50
C ASN C 365 8.04 -40.08 35.09
N LEU C 366 6.83 -40.58 35.33
CA LEU C 366 5.63 -39.85 34.95
C LEU C 366 5.28 -38.81 36.00
N CYS C 367 4.38 -37.92 35.64
CA CYS C 367 4.02 -36.81 36.48
C CYS C 367 3.08 -37.26 37.60
N PRO C 368 3.10 -36.59 38.75
CA PRO C 368 2.21 -36.98 39.87
C PRO C 368 0.78 -36.50 39.67
N PHE C 369 0.15 -36.94 38.60
CA PHE C 369 -1.28 -36.70 38.39
C PHE C 369 -2.03 -37.81 39.10
N GLY C 370 -2.45 -37.54 40.32
CA GLY C 370 -3.04 -38.55 41.18
C GLY C 370 -2.66 -38.30 42.62
N GLU C 371 -1.60 -37.53 42.83
CA GLU C 371 -1.33 -36.93 44.13
C GLU C 371 -1.71 -35.47 44.20
N VAL C 372 -1.93 -34.84 43.05
CA VAL C 372 -2.51 -33.51 42.97
C VAL C 372 -3.89 -33.56 42.33
N PHE C 373 -4.51 -34.74 42.26
CA PHE C 373 -5.80 -34.86 41.61
C PHE C 373 -6.82 -35.63 42.44
N ASN C 374 -6.39 -36.41 43.44
CA ASN C 374 -7.36 -36.96 44.37
C ASN C 374 -7.13 -36.44 45.79
N ALA C 375 -5.91 -36.56 46.32
CA ALA C 375 -5.42 -35.63 47.34
C ALA C 375 -6.44 -35.29 48.41
N THR C 376 -6.75 -36.24 49.30
CA THR C 376 -7.97 -36.27 50.09
C THR C 376 -8.54 -34.90 50.48
N THR C 377 -7.71 -33.97 50.93
CA THR C 377 -8.19 -32.63 51.28
C THR C 377 -7.55 -31.59 50.36
N PHE C 378 -8.38 -30.74 49.76
CA PHE C 378 -7.91 -29.63 48.95
C PHE C 378 -7.77 -28.38 49.83
N ALA C 379 -7.62 -27.22 49.21
CA ALA C 379 -7.38 -25.98 49.93
C ALA C 379 -8.55 -25.02 49.72
N SER C 380 -8.74 -24.13 50.70
CA SER C 380 -9.77 -23.11 50.59
C SER C 380 -9.41 -22.13 49.48
N VAL C 381 -10.45 -21.52 48.88
CA VAL C 381 -10.21 -20.67 47.73
C VAL C 381 -9.45 -19.41 48.13
N TYR C 382 -9.72 -18.87 49.31
CA TYR C 382 -9.06 -17.64 49.73
C TYR C 382 -7.62 -17.86 50.14
N ALA C 383 -7.21 -19.10 50.37
CA ALA C 383 -5.84 -19.48 50.71
C ALA C 383 -5.35 -20.59 49.80
N TRP C 384 -5.57 -20.42 48.50
CA TRP C 384 -5.33 -21.46 47.51
C TRP C 384 -3.90 -21.96 47.55
N ASN C 385 -3.68 -23.14 46.99
CA ASN C 385 -2.40 -23.82 47.13
C ASN C 385 -1.65 -23.81 45.80
N ARG C 386 -0.37 -23.46 45.85
CA ARG C 386 0.49 -23.39 44.67
C ARG C 386 1.65 -24.36 44.83
N LYS C 387 1.90 -25.16 43.79
CA LYS C 387 2.93 -26.19 43.84
C LYS C 387 3.68 -26.25 42.53
N ARG C 388 4.99 -26.46 42.58
CA ARG C 388 5.83 -26.54 41.40
C ARG C 388 5.93 -27.98 40.90
N ILE C 389 6.02 -28.14 39.58
CA ILE C 389 6.12 -29.45 38.95
C ILE C 389 7.37 -29.48 38.08
N SER C 390 8.21 -30.49 38.28
CA SER C 390 9.46 -30.58 37.53
C SER C 390 9.84 -32.03 37.32
N ASN C 391 10.64 -32.27 36.27
CA ASN C 391 11.13 -33.60 35.90
C ASN C 391 9.97 -34.57 35.67
N CYS C 392 9.19 -34.28 34.64
CA CYS C 392 7.96 -35.01 34.37
C CYS C 392 7.87 -35.41 32.91
N VAL C 393 7.21 -36.53 32.67
CA VAL C 393 6.61 -36.84 31.39
C VAL C 393 5.12 -36.61 31.57
N ALA C 394 4.64 -35.44 31.18
CA ALA C 394 3.27 -35.02 31.46
C ALA C 394 2.30 -35.77 30.57
N ASP C 395 1.86 -36.93 31.03
CA ASP C 395 0.89 -37.75 30.30
C ASP C 395 -0.50 -37.50 30.89
N TYR C 396 -1.40 -36.96 30.07
CA TYR C 396 -2.78 -36.75 30.51
C TYR C 396 -3.64 -37.99 30.34
N SER C 397 -3.12 -39.03 29.70
CA SER C 397 -3.93 -40.20 29.38
C SER C 397 -4.05 -41.19 30.52
N VAL C 398 -3.42 -40.93 31.65
CA VAL C 398 -3.51 -41.85 32.79
C VAL C 398 -4.65 -41.41 33.69
N LEU C 399 -5.43 -40.44 33.24
CA LEU C 399 -6.57 -39.92 33.98
C LEU C 399 -7.90 -40.18 33.29
N TYR C 400 -7.92 -40.99 32.24
CA TYR C 400 -9.16 -41.20 31.50
C TYR C 400 -10.16 -42.02 32.29
N ASN C 401 -9.69 -42.95 33.10
CA ASN C 401 -10.55 -43.93 33.80
C ASN C 401 -10.75 -43.52 35.25
N SER C 402 -10.34 -42.32 35.65
CA SER C 402 -10.56 -41.87 37.01
C SER C 402 -11.47 -40.66 37.09
N THR C 403 -11.14 -39.57 36.41
CA THR C 403 -11.89 -38.33 36.52
C THR C 403 -12.52 -37.97 35.18
N SER C 404 -13.63 -37.25 35.25
CA SER C 404 -14.32 -36.74 34.07
C SER C 404 -14.44 -35.23 34.25
N PHE C 405 -13.60 -34.49 33.55
CA PHE C 405 -13.55 -33.05 33.73
C PHE C 405 -14.74 -32.38 33.07
N SER C 406 -15.46 -31.57 33.85
CA SER C 406 -16.54 -30.77 33.28
C SER C 406 -16.01 -29.59 32.50
N THR C 407 -14.79 -29.16 32.78
CA THR C 407 -14.21 -27.97 32.16
C THR C 407 -12.73 -28.21 31.96
N PHE C 408 -12.26 -28.03 30.72
CA PHE C 408 -10.85 -28.14 30.37
C PHE C 408 -10.60 -27.07 29.31
N LYS C 409 -9.93 -25.98 29.68
CA LYS C 409 -9.81 -24.83 28.79
C LYS C 409 -8.37 -24.33 28.80
N CYS C 410 -7.71 -24.41 27.64
CA CYS C 410 -6.34 -23.95 27.49
C CYS C 410 -6.32 -22.64 26.71
N TYR C 411 -5.38 -21.76 27.05
CA TYR C 411 -5.46 -20.37 26.61
C TYR C 411 -4.33 -19.94 25.69
N GLY C 412 -3.09 -20.29 25.98
CA GLY C 412 -2.01 -19.83 25.13
C GLY C 412 -1.58 -20.84 24.09
N VAL C 413 -2.14 -22.04 24.14
CA VAL C 413 -1.76 -23.15 23.30
C VAL C 413 -3.03 -23.83 22.78
N SER C 414 -2.84 -24.92 22.07
CA SER C 414 -3.94 -25.73 21.57
C SER C 414 -3.95 -27.09 22.26
N PRO C 415 -5.12 -27.59 22.64
CA PRO C 415 -5.16 -28.86 23.39
C PRO C 415 -4.64 -30.05 22.60
N THR C 416 -4.59 -29.98 21.28
CA THR C 416 -4.07 -31.07 20.47
C THR C 416 -2.57 -30.99 20.26
N LYS C 417 -1.89 -30.01 20.83
CA LYS C 417 -0.45 -29.84 20.67
C LYS C 417 0.27 -29.89 22.00
N LEU C 418 -0.35 -30.47 23.02
CA LEU C 418 0.28 -30.64 24.32
C LEU C 418 1.15 -31.89 24.39
N ASN C 419 1.01 -32.79 23.44
CA ASN C 419 1.81 -34.01 23.40
C ASN C 419 3.13 -33.82 22.66
N ASP C 420 3.37 -32.64 22.07
CA ASP C 420 4.56 -32.39 21.29
C ASP C 420 5.45 -31.33 21.89
N LEU C 421 5.07 -30.73 23.01
CA LEU C 421 5.77 -29.59 23.59
C LEU C 421 6.51 -30.02 24.84
N CYS C 422 7.70 -29.46 25.03
CA CYS C 422 8.38 -29.47 26.31
C CYS C 422 8.27 -28.08 26.93
N PHE C 423 7.91 -28.03 28.20
CA PHE C 423 7.80 -26.77 28.93
C PHE C 423 9.01 -26.61 29.84
N THR C 424 9.26 -25.36 30.23
CA THR C 424 10.41 -25.06 31.08
C THR C 424 10.03 -24.97 32.56
N ASN C 425 8.91 -24.35 32.87
CA ASN C 425 8.48 -24.17 34.25
C ASN C 425 6.97 -24.38 34.31
N VAL C 426 6.51 -25.17 35.28
CA VAL C 426 5.10 -25.47 35.43
C VAL C 426 4.70 -25.36 36.89
N TYR C 427 3.62 -24.64 37.16
CA TYR C 427 3.02 -24.55 38.48
C TYR C 427 1.61 -25.13 38.44
N ALA C 428 1.02 -25.28 39.62
CA ALA C 428 -0.35 -25.77 39.73
C ALA C 428 -0.98 -25.12 40.96
N ASP C 429 -2.08 -24.40 40.74
CA ASP C 429 -2.88 -23.82 41.82
C ASP C 429 -4.15 -24.64 41.96
N SER C 430 -4.45 -25.04 43.18
CA SER C 430 -5.61 -25.86 43.45
C SER C 430 -6.45 -25.24 44.55
N PHE C 431 -7.77 -25.37 44.41
CA PHE C 431 -8.72 -24.94 45.44
C PHE C 431 -10.09 -25.54 45.13
N VAL C 432 -11.08 -25.19 45.95
CA VAL C 432 -12.44 -25.71 45.85
C VAL C 432 -13.41 -24.55 45.90
N ILE C 433 -14.35 -24.52 44.96
CA ILE C 433 -15.38 -23.49 44.89
C ILE C 433 -16.73 -24.14 44.62
N THR C 434 -17.73 -23.31 44.41
CA THR C 434 -19.08 -23.75 44.14
C THR C 434 -19.30 -23.89 42.64
N GLY C 435 -20.28 -24.72 42.27
CA GLY C 435 -20.46 -25.07 40.87
C GLY C 435 -20.71 -23.89 39.95
N ASP C 436 -21.43 -22.88 40.44
CA ASP C 436 -21.78 -21.74 39.60
C ASP C 436 -20.65 -20.73 39.47
N GLU C 437 -19.59 -20.84 40.26
CA GLU C 437 -18.49 -19.89 40.21
C GLU C 437 -17.31 -20.41 39.40
N VAL C 438 -17.48 -21.51 38.66
CA VAL C 438 -16.42 -22.00 37.80
C VAL C 438 -16.31 -21.18 36.53
N ARG C 439 -17.32 -20.38 36.21
CA ARG C 439 -17.24 -19.50 35.05
C ARG C 439 -16.38 -18.28 35.31
N GLN C 440 -16.11 -17.96 36.57
CA GLN C 440 -15.30 -16.80 36.92
C GLN C 440 -13.81 -17.08 36.90
N ILE C 441 -13.40 -18.32 36.69
CA ILE C 441 -11.96 -18.65 36.61
C ILE C 441 -11.58 -18.51 35.14
N ALA C 442 -11.34 -17.27 34.73
CA ALA C 442 -10.99 -16.96 33.36
C ALA C 442 -10.40 -15.57 33.32
N PRO C 443 -9.55 -15.25 32.34
CA PRO C 443 -9.01 -13.89 32.26
C PRO C 443 -10.08 -12.90 31.85
N GLY C 444 -10.24 -11.85 32.65
CA GLY C 444 -11.17 -10.80 32.34
C GLY C 444 -12.54 -10.90 32.99
N GLN C 445 -12.75 -11.87 33.88
CA GLN C 445 -14.04 -12.04 34.52
C GLN C 445 -14.15 -11.20 35.78
N THR C 446 -15.37 -11.07 36.27
CA THR C 446 -15.64 -10.34 37.51
C THR C 446 -16.74 -11.06 38.28
N GLY C 447 -16.82 -10.77 39.56
CA GLY C 447 -17.78 -11.40 40.42
C GLY C 447 -17.28 -11.37 41.86
N LYS C 448 -17.49 -12.48 42.57
CA LYS C 448 -17.02 -12.58 43.94
C LYS C 448 -15.69 -13.31 44.04
N ILE C 449 -15.53 -14.40 43.29
CA ILE C 449 -14.28 -15.14 43.32
C ILE C 449 -13.17 -14.37 42.63
N ALA C 450 -13.47 -13.77 41.48
CA ALA C 450 -12.43 -13.09 40.71
C ALA C 450 -12.07 -11.71 41.26
N ASP C 451 -12.84 -11.18 42.19
CA ASP C 451 -12.57 -9.86 42.74
C ASP C 451 -11.86 -9.91 44.09
N TYR C 452 -12.16 -10.90 44.92
CA TYR C 452 -11.65 -10.94 46.28
C TYR C 452 -10.85 -12.18 46.62
N ASN C 453 -10.89 -13.23 45.81
CA ASN C 453 -10.27 -14.49 46.17
C ASN C 453 -9.15 -14.92 45.23
N TYR C 454 -9.40 -14.98 43.93
CA TYR C 454 -8.42 -15.52 43.00
C TYR C 454 -8.57 -14.81 41.66
N LYS C 455 -7.49 -14.23 41.15
CA LYS C 455 -7.53 -13.47 39.91
C LYS C 455 -6.45 -13.96 38.95
N LEU C 456 -6.79 -14.01 37.65
CA LEU C 456 -5.90 -14.43 36.56
C LEU C 456 -5.48 -13.24 35.71
N PRO C 457 -4.25 -13.23 35.20
CA PRO C 457 -3.80 -12.12 34.36
C PRO C 457 -4.49 -12.13 33.01
N ASP C 458 -4.33 -11.01 32.29
CA ASP C 458 -4.89 -10.92 30.94
C ASP C 458 -4.07 -11.72 29.95
N ASP C 459 -2.75 -11.67 30.06
CA ASP C 459 -1.86 -12.43 29.18
C ASP C 459 -1.44 -13.69 29.92
N PHE C 460 -2.34 -14.66 29.95
CA PHE C 460 -2.14 -15.90 30.69
C PHE C 460 -2.01 -17.06 29.72
N THR C 461 -0.95 -17.85 29.88
CA THR C 461 -0.72 -19.03 29.05
C THR C 461 -0.75 -20.25 29.97
N GLY C 462 -1.74 -21.12 29.74
CA GLY C 462 -1.95 -22.25 30.63
C GLY C 462 -3.31 -22.86 30.36
N CYS C 463 -3.70 -23.75 31.28
CA CYS C 463 -4.98 -24.44 31.18
C CYS C 463 -5.67 -24.40 32.53
N VAL C 464 -7.00 -24.44 32.51
CA VAL C 464 -7.81 -24.51 33.72
C VAL C 464 -8.69 -25.75 33.64
N ILE C 465 -8.70 -26.54 34.70
CA ILE C 465 -9.39 -27.82 34.78
C ILE C 465 -10.29 -27.81 35.99
N ALA C 466 -11.51 -28.30 35.83
CA ALA C 466 -12.44 -28.38 36.95
C ALA C 466 -13.20 -29.69 36.91
N TRP C 467 -13.56 -30.20 38.09
CA TRP C 467 -14.42 -31.37 38.12
C TRP C 467 -15.27 -31.40 39.38
N ASN C 468 -16.44 -32.02 39.27
CA ASN C 468 -17.39 -32.10 40.37
C ASN C 468 -16.96 -33.17 41.36
N SER C 469 -17.06 -32.84 42.65
CA SER C 469 -16.61 -33.75 43.70
C SER C 469 -17.63 -33.82 44.82
N LYS C 470 -18.91 -34.02 44.47
CA LYS C 470 -19.93 -34.16 45.50
C LYS C 470 -19.74 -35.43 46.33
N HIS C 471 -19.05 -36.44 45.80
CA HIS C 471 -18.89 -37.71 46.48
C HIS C 471 -17.76 -37.70 47.51
N ILE C 472 -16.91 -36.69 47.52
CA ILE C 472 -15.74 -36.69 48.37
C ILE C 472 -15.79 -35.51 49.34
N ASP C 473 -16.44 -34.43 48.93
CA ASP C 473 -16.45 -33.20 49.71
C ASP C 473 -17.75 -32.94 50.45
N ALA C 474 -18.81 -33.70 50.17
CA ALA C 474 -20.10 -33.51 50.80
C ALA C 474 -20.34 -34.61 51.82
N LYS C 475 -20.89 -34.24 52.98
CA LYS C 475 -21.16 -35.17 54.05
C LYS C 475 -22.61 -34.99 54.51
N GLU C 476 -23.02 -35.83 55.47
CA GLU C 476 -24.40 -35.81 55.92
C GLU C 476 -24.74 -34.52 56.66
N GLY C 477 -24.05 -34.25 57.76
CA GLY C 477 -24.29 -33.03 58.48
C GLY C 477 -23.53 -31.85 57.91
N GLY C 478 -23.43 -31.78 56.60
CA GLY C 478 -22.72 -30.69 55.94
C GLY C 478 -21.21 -30.85 56.04
N ASN C 479 -20.48 -30.04 55.26
CA ASN C 479 -19.03 -30.03 55.29
C ASN C 479 -18.60 -28.57 55.40
N PHE C 480 -18.52 -28.08 56.63
CA PHE C 480 -18.20 -26.66 56.87
C PHE C 480 -16.69 -26.48 57.09
N ASN C 481 -15.92 -26.93 56.11
CA ASN C 481 -14.47 -26.85 56.19
C ASN C 481 -13.82 -25.96 55.15
N TYR C 482 -14.58 -25.45 54.18
CA TYR C 482 -14.05 -24.56 53.16
C TYR C 482 -14.64 -23.17 53.36
N LEU C 483 -13.78 -22.16 53.33
CA LEU C 483 -14.20 -20.77 53.53
C LEU C 483 -13.95 -19.97 52.27
N TYR C 484 -14.45 -18.73 52.30
CA TYR C 484 -14.20 -17.76 51.22
C TYR C 484 -14.33 -16.37 51.78
N ARG C 485 -13.80 -15.40 51.05
CA ARG C 485 -13.79 -14.00 51.45
C ARG C 485 -14.90 -13.25 50.74
N LEU C 486 -15.66 -12.46 51.50
CA LEU C 486 -16.82 -11.76 50.97
C LEU C 486 -16.67 -10.25 50.93
N PHE C 487 -15.96 -9.66 51.88
CA PHE C 487 -15.77 -8.21 51.95
C PHE C 487 -14.29 -7.89 51.84
N ARG C 488 -13.96 -6.99 50.93
CA ARG C 488 -12.59 -6.47 50.83
C ARG C 488 -12.66 -5.01 50.47
N LYS C 489 -11.61 -4.27 50.84
CA LYS C 489 -11.61 -2.83 50.61
C LYS C 489 -11.35 -2.50 49.15
N ALA C 490 -10.58 -3.32 48.45
CA ALA C 490 -10.26 -3.09 47.05
C ALA C 490 -10.01 -4.43 46.36
N ASN C 491 -10.10 -4.42 45.04
CA ASN C 491 -9.95 -5.63 44.26
C ASN C 491 -8.52 -6.15 44.31
N LEU C 492 -8.38 -7.45 44.12
CA LEU C 492 -7.07 -8.08 44.09
C LEU C 492 -6.33 -7.71 42.80
N LYS C 493 -5.05 -8.03 42.79
CA LYS C 493 -4.22 -8.01 41.60
C LYS C 493 -3.88 -9.44 41.21
N PRO C 494 -3.51 -9.69 39.95
CA PRO C 494 -3.34 -11.07 39.49
C PRO C 494 -2.37 -11.86 40.36
N PHE C 495 -2.76 -13.08 40.70
CA PHE C 495 -1.95 -14.03 41.47
C PHE C 495 -1.53 -13.45 42.82
N GLU C 496 -2.45 -12.72 43.46
CA GLU C 496 -2.24 -12.21 44.80
C GLU C 496 -3.07 -13.02 45.79
N ARG C 497 -2.57 -13.11 47.03
CA ARG C 497 -3.29 -13.85 48.10
C ARG C 497 -3.49 -12.91 49.29
N ASP C 498 -4.61 -13.05 50.00
CA ASP C 498 -4.95 -12.20 51.14
C ASP C 498 -5.58 -13.07 52.23
N ILE C 499 -4.80 -13.40 53.26
CA ILE C 499 -5.26 -14.28 54.32
C ILE C 499 -5.59 -13.53 55.60
N SER C 500 -5.65 -12.20 55.55
CA SER C 500 -5.92 -11.42 56.75
C SER C 500 -7.35 -11.63 57.21
N THR C 501 -7.57 -11.41 58.51
CA THR C 501 -8.89 -11.62 59.13
C THR C 501 -9.25 -10.43 60.01
N GLU C 502 -9.08 -9.23 59.51
CA GLU C 502 -9.47 -8.03 60.25
C GLU C 502 -10.98 -7.89 60.21
N ILE C 503 -11.49 -6.79 60.75
CA ILE C 503 -12.93 -6.53 60.81
C ILE C 503 -13.24 -5.48 59.77
N TYR C 504 -13.98 -5.86 58.73
CA TYR C 504 -14.29 -4.93 57.65
C TYR C 504 -15.25 -3.87 58.14
N GLN C 505 -14.90 -2.60 57.91
CA GLN C 505 -15.70 -1.46 58.34
C GLN C 505 -16.52 -0.95 57.16
N ALA C 506 -17.83 -1.22 57.19
CA ALA C 506 -18.71 -0.82 56.10
C ALA C 506 -19.41 0.50 56.37
N GLY C 507 -19.49 0.95 57.63
CA GLY C 507 -20.17 2.18 57.94
C GLY C 507 -19.23 3.37 58.05
N SER C 508 -19.35 4.13 59.14
CA SER C 508 -18.51 5.31 59.35
C SER C 508 -17.62 5.19 60.58
N LYS C 509 -18.19 4.86 61.73
CA LYS C 509 -17.42 4.81 62.96
C LYS C 509 -16.43 3.64 62.93
N PRO C 510 -15.26 3.80 63.54
CA PRO C 510 -14.28 2.71 63.56
C PRO C 510 -14.81 1.50 64.32
N CYS C 511 -14.33 0.32 63.90
CA CYS C 511 -14.79 -0.93 64.49
C CYS C 511 -13.94 -1.35 65.69
N ASN C 512 -12.63 -1.42 65.51
CA ASN C 512 -11.67 -1.91 66.51
C ASN C 512 -12.18 -3.18 67.18
N GLY C 513 -12.33 -4.22 66.37
CA GLY C 513 -12.95 -5.43 66.85
C GLY C 513 -14.43 -5.20 67.05
N GLN C 514 -15.06 -6.09 67.83
CA GLN C 514 -16.43 -5.89 68.30
C GLN C 514 -17.39 -5.70 67.13
N THR C 515 -17.59 -6.79 66.39
CA THR C 515 -18.37 -6.74 65.16
C THR C 515 -19.82 -6.44 65.47
N GLY C 516 -20.19 -5.16 65.38
CA GLY C 516 -21.51 -4.71 65.77
C GLY C 516 -22.48 -4.49 64.62
N LEU C 517 -22.82 -3.24 64.37
CA LEU C 517 -23.88 -2.94 63.41
C LEU C 517 -23.36 -2.91 61.98
N ASN C 518 -22.35 -2.09 61.72
CA ASN C 518 -21.75 -1.97 60.39
C ASN C 518 -20.30 -2.44 60.39
N CYS C 519 -20.03 -3.50 61.15
CA CYS C 519 -18.73 -4.15 61.15
C CYS C 519 -18.95 -5.64 60.95
N TYR C 520 -18.23 -6.22 59.99
CA TYR C 520 -18.43 -7.61 59.62
C TYR C 520 -17.12 -8.37 59.67
N TYR C 521 -17.21 -9.64 60.04
CA TYR C 521 -16.10 -10.56 59.84
C TYR C 521 -16.09 -10.99 58.38
N PRO C 522 -14.94 -10.92 57.70
CA PRO C 522 -14.92 -11.01 56.24
C PRO C 522 -14.88 -12.40 55.64
N LEU C 523 -14.85 -13.47 56.44
CA LEU C 523 -14.73 -14.83 55.93
C LEU C 523 -15.99 -15.63 56.27
N TYR C 524 -16.53 -16.33 55.29
CA TYR C 524 -17.75 -17.11 55.47
C TYR C 524 -17.55 -18.53 54.97
N ARG C 525 -18.35 -19.44 55.51
CA ARG C 525 -18.17 -20.87 55.29
C ARG C 525 -19.12 -21.42 54.24
N TYR C 526 -18.60 -22.26 53.36
CA TYR C 526 -19.42 -23.03 52.45
C TYR C 526 -20.06 -24.19 53.18
N GLY C 527 -21.34 -24.43 52.91
CA GLY C 527 -22.00 -25.60 53.46
C GLY C 527 -22.44 -26.56 52.38
N PHE C 528 -21.79 -27.72 52.31
CA PHE C 528 -21.98 -28.67 51.22
C PHE C 528 -22.75 -29.88 51.74
N TYR C 529 -24.03 -29.93 51.44
CA TYR C 529 -24.89 -31.06 51.74
C TYR C 529 -25.05 -31.95 50.51
N PRO C 530 -25.32 -33.25 50.68
CA PRO C 530 -25.39 -34.14 49.52
C PRO C 530 -26.72 -34.09 48.77
N THR C 531 -27.62 -33.17 49.13
CA THR C 531 -28.89 -33.01 48.43
C THR C 531 -28.99 -31.66 47.72
N ASP C 532 -27.86 -30.99 47.53
CA ASP C 532 -27.87 -29.68 46.92
C ASP C 532 -28.15 -29.76 45.42
N GLY C 533 -28.70 -28.68 44.89
CA GLY C 533 -28.79 -28.54 43.46
C GLY C 533 -27.42 -28.33 42.85
N VAL C 534 -27.31 -28.63 41.55
CA VAL C 534 -26.02 -28.60 40.88
C VAL C 534 -25.37 -27.22 40.89
N GLY C 535 -26.13 -26.18 41.21
CA GLY C 535 -25.56 -24.84 41.22
C GLY C 535 -24.65 -24.55 42.39
N HIS C 536 -24.84 -25.24 43.52
CA HIS C 536 -24.01 -25.01 44.70
C HIS C 536 -23.55 -26.34 45.30
N GLN C 537 -23.04 -27.21 44.45
CA GLN C 537 -22.28 -28.39 44.83
C GLN C 537 -20.79 -28.13 44.71
N PRO C 538 -19.94 -28.85 45.44
CA PRO C 538 -18.51 -28.54 45.42
C PRO C 538 -17.86 -28.92 44.09
N TYR C 539 -16.91 -28.08 43.67
CA TYR C 539 -16.11 -28.32 42.49
C TYR C 539 -14.65 -28.08 42.82
N ARG C 540 -13.78 -28.97 42.36
CA ARG C 540 -12.35 -28.84 42.54
C ARG C 540 -11.73 -28.26 41.28
N VAL C 541 -10.86 -27.26 41.46
CA VAL C 541 -10.29 -26.51 40.35
C VAL C 541 -8.77 -26.55 40.46
N VAL C 542 -8.11 -26.83 39.33
CA VAL C 542 -6.65 -26.83 39.21
C VAL C 542 -6.27 -25.98 38.00
N VAL C 543 -5.36 -25.03 38.19
CA VAL C 543 -4.91 -24.12 37.14
C VAL C 543 -3.43 -24.34 36.90
N LEU C 544 -3.07 -24.71 35.67
CA LEU C 544 -1.69 -24.94 35.28
C LEU C 544 -1.20 -23.77 34.45
N SER C 545 -0.03 -23.24 34.79
CA SER C 545 0.56 -22.10 34.10
C SER C 545 2.00 -22.41 33.77
N PHE C 546 2.25 -22.55 32.46
CA PHE C 546 3.60 -22.94 32.01
C PHE C 546 4.21 -21.88 31.10
N GLU C 547 5.52 -21.94 30.91
CA GLU C 547 6.24 -21.00 30.06
C GLU C 547 7.25 -21.75 29.20
N LEU C 548 7.54 -21.18 28.03
CA LEU C 548 8.51 -21.74 27.10
C LEU C 548 9.52 -20.64 26.75
N LEU C 549 10.79 -20.87 27.08
CA LEU C 549 11.82 -19.88 26.82
C LEU C 549 13.17 -20.59 26.72
N ASN C 550 14.21 -19.81 26.44
CA ASN C 550 15.53 -20.35 26.10
C ASN C 550 16.20 -20.87 27.36
N ALA C 551 15.91 -22.13 27.69
CA ALA C 551 16.42 -22.77 28.89
C ALA C 551 16.16 -24.26 28.76
N PRO C 552 16.83 -25.09 29.57
CA PRO C 552 16.57 -26.53 29.52
C PRO C 552 15.14 -26.86 29.88
N ALA C 553 14.61 -27.91 29.25
CA ALA C 553 13.25 -28.34 29.51
C ALA C 553 13.19 -29.22 30.74
N THR C 554 12.19 -28.99 31.59
CA THR C 554 12.01 -29.78 32.79
C THR C 554 10.93 -30.85 32.62
N VAL C 555 9.71 -30.46 32.26
CA VAL C 555 8.62 -31.40 32.05
C VAL C 555 8.26 -31.39 30.58
N CYS C 556 8.15 -32.57 29.98
CA CYS C 556 7.90 -32.67 28.56
C CYS C 556 6.81 -33.71 28.28
N GLY C 557 6.31 -33.69 27.06
CA GLY C 557 5.21 -34.56 26.67
C GLY C 557 5.68 -35.96 26.33
N PRO C 558 4.71 -36.85 26.13
CA PRO C 558 5.01 -38.27 25.89
C PRO C 558 5.19 -38.59 24.41
N LYS C 559 6.23 -38.03 23.80
CA LYS C 559 6.56 -38.30 22.40
C LYS C 559 7.89 -39.03 22.34
N LYS C 560 7.96 -40.06 21.50
CA LYS C 560 9.16 -40.89 21.43
C LYS C 560 10.17 -40.27 20.48
N SER C 561 11.43 -40.22 20.92
CA SER C 561 12.51 -39.70 20.11
C SER C 561 12.90 -40.69 19.03
N THR C 562 13.75 -40.24 18.11
CA THR C 562 14.23 -41.08 17.02
C THR C 562 15.63 -40.64 16.64
N ASN C 563 16.13 -41.18 15.52
CA ASN C 563 17.52 -40.99 15.14
C ASN C 563 17.73 -39.66 14.44
N LEU C 564 18.99 -39.22 14.44
CA LEU C 564 19.38 -37.94 13.86
C LEU C 564 19.89 -38.16 12.44
N VAL C 565 19.34 -37.39 11.49
CA VAL C 565 19.70 -37.46 10.09
C VAL C 565 20.34 -36.15 9.70
N LYS C 566 21.57 -36.22 9.17
CA LYS C 566 22.35 -35.03 8.89
C LYS C 566 22.60 -34.91 7.39
N ASN C 567 22.73 -33.66 6.93
CA ASN C 567 23.00 -33.33 5.53
C ASN C 567 21.86 -33.78 4.62
N LYS C 568 20.63 -33.54 5.07
CA LYS C 568 19.45 -33.87 4.29
C LYS C 568 18.34 -32.89 4.65
N CYS C 569 17.37 -32.77 3.75
CA CYS C 569 16.21 -31.91 3.99
C CYS C 569 15.18 -32.69 4.79
N VAL C 570 15.02 -32.33 6.06
CA VAL C 570 14.12 -33.02 6.95
C VAL C 570 13.32 -31.99 7.76
N ASN C 571 12.18 -32.44 8.26
CA ASN C 571 11.50 -31.73 9.34
C ASN C 571 12.08 -32.21 10.65
N PHE C 572 12.25 -31.28 11.58
CA PHE C 572 12.85 -31.59 12.86
C PHE C 572 12.02 -31.01 13.99
N ASN C 573 12.06 -31.70 15.13
CA ASN C 573 11.35 -31.28 16.33
C ASN C 573 12.32 -31.41 17.50
N PHE C 574 12.98 -30.32 17.87
CA PHE C 574 13.92 -30.29 18.98
C PHE C 574 13.27 -29.61 20.17
N ASN C 575 12.94 -30.39 21.20
CA ASN C 575 12.36 -29.86 22.44
C ASN C 575 11.10 -29.05 22.17
N GLY C 576 10.28 -29.54 21.25
CA GLY C 576 9.05 -28.83 20.92
C GLY C 576 9.24 -27.65 20.00
N LEU C 577 10.43 -27.47 19.45
CA LEU C 577 10.71 -26.43 18.47
C LEU C 577 10.77 -27.11 17.11
N THR C 578 9.80 -26.80 16.26
CA THR C 578 9.67 -27.45 14.97
C THR C 578 10.31 -26.60 13.87
N GLY C 579 10.70 -27.28 12.80
CA GLY C 579 11.28 -26.56 11.67
C GLY C 579 11.57 -27.49 10.52
N THR C 580 12.04 -26.90 9.43
CA THR C 580 12.41 -27.63 8.23
C THR C 580 13.76 -27.16 7.75
N GLY C 581 14.59 -28.07 7.26
CA GLY C 581 15.85 -27.64 6.70
C GLY C 581 16.88 -28.76 6.71
N VAL C 582 18.14 -28.36 6.61
CA VAL C 582 19.28 -29.26 6.54
C VAL C 582 20.08 -29.12 7.81
N LEU C 583 20.38 -30.24 8.45
CA LEU C 583 21.13 -30.27 9.70
C LEU C 583 22.56 -30.68 9.45
N THR C 584 23.50 -29.81 9.80
CA THR C 584 24.93 -30.08 9.67
C THR C 584 25.63 -29.65 10.94
N GLU C 585 26.82 -30.19 11.16
CA GLU C 585 27.60 -29.83 12.33
C GLU C 585 28.14 -28.42 12.20
N SER C 586 28.43 -27.79 13.34
CA SER C 586 28.92 -26.42 13.34
C SER C 586 29.81 -26.22 14.56
N ASN C 587 30.20 -24.97 14.81
CA ASN C 587 31.15 -24.63 15.87
C ASN C 587 30.69 -23.45 16.71
N LYS C 588 29.47 -22.97 16.56
CA LYS C 588 29.02 -21.78 17.28
C LYS C 588 28.82 -22.13 18.75
N LYS C 589 29.88 -22.04 19.55
CA LYS C 589 29.80 -22.43 20.95
C LYS C 589 28.79 -21.56 21.70
N PHE C 590 27.91 -22.20 22.45
CA PHE C 590 26.81 -21.55 23.14
C PHE C 590 27.20 -21.24 24.58
N LEU C 591 26.26 -20.63 25.30
CA LEU C 591 26.34 -20.52 26.74
C LEU C 591 25.95 -21.85 27.38
N PRO C 592 26.27 -22.06 28.66
CA PRO C 592 25.91 -23.34 29.28
C PRO C 592 24.43 -23.67 29.22
N PHE C 593 23.56 -22.68 29.38
CA PHE C 593 22.12 -22.92 29.42
C PHE C 593 21.46 -22.78 28.05
N GLN C 594 22.08 -22.06 27.13
CA GLN C 594 21.44 -21.72 25.87
C GLN C 594 21.04 -22.97 25.11
N GLN C 595 19.84 -22.95 24.54
CA GLN C 595 19.31 -24.06 23.77
C GLN C 595 19.36 -23.82 22.27
N PHE C 596 19.00 -22.64 21.81
CA PHE C 596 19.05 -22.31 20.39
C PHE C 596 19.52 -20.88 20.23
N GLY C 597 19.98 -20.57 19.03
CA GLY C 597 20.38 -19.22 18.69
C GLY C 597 19.80 -18.79 17.35
N ARG C 598 19.29 -17.57 17.32
CA ARG C 598 18.69 -16.99 16.12
C ARG C 598 19.71 -16.13 15.39
N ASP C 599 19.24 -15.45 14.34
CA ASP C 599 20.09 -14.53 13.59
C ASP C 599 19.42 -13.17 13.48
N ILE C 600 19.95 -12.30 12.61
CA ILE C 600 19.43 -10.94 12.53
C ILE C 600 17.99 -10.93 12.04
N ALA C 601 17.62 -11.86 11.16
CA ALA C 601 16.27 -11.91 10.62
C ALA C 601 15.27 -12.54 11.56
N ASP C 602 15.65 -12.78 12.82
CA ASP C 602 14.78 -13.42 13.82
C ASP C 602 14.26 -14.77 13.33
N THR C 603 15.16 -15.56 12.76
CA THR C 603 14.88 -16.93 12.38
C THR C 603 15.93 -17.82 13.02
N THR C 604 15.52 -19.01 13.45
CA THR C 604 16.44 -19.89 14.16
C THR C 604 17.61 -20.27 13.27
N ASP C 605 18.81 -20.18 13.82
CA ASP C 605 20.04 -20.42 13.07
C ASP C 605 20.82 -21.63 13.56
N ALA C 606 20.88 -21.85 14.87
CA ALA C 606 21.55 -23.02 15.40
C ALA C 606 20.74 -23.58 16.57
N VAL C 607 20.88 -24.88 16.80
CA VAL C 607 20.14 -25.57 17.85
C VAL C 607 21.05 -26.57 18.52
N ARG C 608 20.72 -26.92 19.76
CA ARG C 608 21.50 -27.87 20.55
C ARG C 608 20.75 -29.19 20.65
N ASP C 609 21.43 -30.29 20.36
CA ASP C 609 20.82 -31.60 20.48
C ASP C 609 20.59 -31.92 21.96
N PRO C 610 19.38 -32.35 22.34
CA PRO C 610 19.11 -32.54 23.77
C PRO C 610 19.79 -33.76 24.37
N GLN C 611 19.87 -34.87 23.63
CA GLN C 611 20.40 -36.10 24.21
C GLN C 611 21.92 -36.10 24.25
N THR C 612 22.56 -35.72 23.14
CA THR C 612 24.01 -35.56 23.08
C THR C 612 24.29 -34.08 22.86
N LEU C 613 24.87 -33.42 23.87
CA LEU C 613 24.89 -31.96 23.92
C LEU C 613 25.87 -31.44 22.87
N GLU C 614 25.43 -31.52 21.62
CA GLU C 614 26.23 -31.15 20.45
C GLU C 614 25.49 -30.11 19.63
N ILE C 615 26.20 -29.06 19.23
CA ILE C 615 25.59 -27.97 18.48
C ILE C 615 25.41 -28.40 17.02
N LEU C 616 24.30 -27.99 16.43
CA LEU C 616 24.03 -28.13 15.01
C LEU C 616 23.54 -26.80 14.48
N ASP C 617 23.53 -26.65 13.16
CA ASP C 617 23.00 -25.42 12.56
C ASP C 617 22.13 -25.76 11.36
N ILE C 618 21.24 -24.84 11.04
CA ILE C 618 20.16 -25.07 10.10
C ILE C 618 20.32 -24.12 8.92
N THR C 619 20.32 -24.68 7.72
CA THR C 619 20.37 -23.91 6.48
C THR C 619 19.16 -24.23 5.63
N PRO C 620 18.73 -23.29 4.78
CA PRO C 620 17.52 -23.53 3.98
C PRO C 620 17.72 -24.66 2.99
N CYS C 621 16.59 -25.30 2.65
CA CYS C 621 16.58 -26.33 1.62
C CYS C 621 16.62 -25.76 0.21
N SER C 622 16.30 -24.48 0.04
CA SER C 622 16.08 -23.89 -1.27
C SER C 622 17.31 -23.14 -1.74
N PHE C 623 17.72 -23.41 -2.97
CA PHE C 623 18.73 -22.62 -3.66
C PHE C 623 18.01 -21.63 -4.56
N GLY C 624 18.27 -20.34 -4.35
CA GLY C 624 17.49 -19.31 -5.02
C GLY C 624 18.28 -18.43 -5.97
N GLY C 625 19.17 -19.04 -6.74
CA GLY C 625 19.93 -18.29 -7.72
C GLY C 625 20.05 -18.98 -9.06
N VAL C 626 19.02 -19.72 -9.46
CA VAL C 626 19.05 -20.53 -10.67
C VAL C 626 18.28 -19.81 -11.76
N SER C 627 18.85 -19.76 -12.97
CA SER C 627 18.22 -19.12 -14.11
C SER C 627 18.27 -20.06 -15.31
N VAL C 628 17.25 -20.02 -16.16
CA VAL C 628 17.08 -20.98 -17.24
C VAL C 628 17.15 -20.25 -18.57
N ILE C 629 18.22 -20.49 -19.33
CA ILE C 629 18.36 -19.95 -20.67
C ILE C 629 17.60 -20.85 -21.64
N THR C 630 16.65 -20.27 -22.37
CA THR C 630 15.87 -21.05 -23.31
C THR C 630 15.64 -20.27 -24.59
N PRO C 631 15.69 -20.94 -25.74
CA PRO C 631 15.08 -20.37 -26.95
C PRO C 631 13.57 -20.49 -26.84
N GLY C 632 12.84 -20.14 -27.89
CA GLY C 632 11.40 -20.32 -27.84
C GLY C 632 11.03 -21.78 -27.62
N THR C 633 10.05 -22.02 -26.75
CA THR C 633 9.57 -23.42 -26.53
C THR C 633 8.92 -23.93 -27.82
N ASN C 634 8.48 -23.02 -28.69
CA ASN C 634 7.98 -23.36 -30.06
C ASN C 634 9.09 -24.00 -30.91
N THR C 635 10.29 -23.44 -30.90
CA THR C 635 11.39 -23.93 -31.77
C THR C 635 11.91 -25.27 -31.25
N SER C 636 12.13 -25.40 -29.93
CA SER C 636 12.85 -26.53 -29.36
C SER C 636 12.57 -26.57 -27.86
N ASN C 637 12.89 -27.73 -27.26
CA ASN C 637 12.67 -27.98 -25.84
C ASN C 637 13.99 -28.16 -25.09
N GLN C 638 15.03 -27.44 -25.49
CA GLN C 638 16.32 -27.51 -24.84
C GLN C 638 16.55 -26.26 -24.01
N VAL C 639 17.24 -26.43 -22.88
CA VAL C 639 17.54 -25.33 -21.97
C VAL C 639 18.99 -25.45 -21.51
N ALA C 640 19.49 -24.35 -20.97
CA ALA C 640 20.73 -24.34 -20.21
C ALA C 640 20.45 -23.72 -18.85
N VAL C 641 21.29 -24.05 -17.87
CA VAL C 641 21.04 -23.65 -16.49
C VAL C 641 22.24 -22.87 -15.98
N LEU C 642 21.97 -21.74 -15.34
CA LEU C 642 23.01 -20.91 -14.73
C LEU C 642 22.79 -20.88 -13.23
N TYR C 643 23.83 -21.26 -12.48
CA TYR C 643 23.82 -21.19 -11.02
C TYR C 643 24.63 -19.96 -10.61
N GLN C 644 24.04 -19.14 -9.75
CA GLN C 644 24.43 -17.74 -9.68
C GLN C 644 25.84 -17.55 -9.14
N ASP C 645 26.11 -18.02 -7.93
CA ASP C 645 27.38 -17.71 -7.28
C ASP C 645 28.00 -18.95 -6.66
N VAL C 646 28.08 -20.03 -7.44
CA VAL C 646 28.67 -21.27 -6.97
C VAL C 646 29.78 -21.68 -7.92
N ASN C 647 30.72 -22.46 -7.39
CA ASN C 647 31.72 -23.10 -8.23
C ASN C 647 31.06 -24.12 -9.15
N CYS C 648 31.84 -24.65 -10.08
CA CYS C 648 31.34 -25.72 -10.94
C CYS C 648 31.61 -27.10 -10.37
N THR C 649 32.22 -27.19 -9.18
CA THR C 649 32.38 -28.47 -8.50
C THR C 649 31.55 -28.56 -7.22
N GLU C 650 30.82 -27.51 -6.87
CA GLU C 650 29.96 -27.52 -5.69
C GLU C 650 28.49 -27.39 -6.06
N VAL C 651 28.15 -27.52 -7.33
CA VAL C 651 26.75 -27.57 -7.77
C VAL C 651 26.06 -28.80 -7.20
N PRO C 652 26.64 -30.00 -7.26
CA PRO C 652 25.94 -31.16 -6.69
C PRO C 652 25.60 -31.02 -5.23
N VAL C 653 26.41 -30.30 -4.46
CA VAL C 653 26.14 -30.16 -3.04
C VAL C 653 25.29 -28.94 -2.72
N ALA C 654 25.35 -27.90 -3.55
CA ALA C 654 24.58 -26.69 -3.28
C ALA C 654 23.10 -26.86 -3.56
N ILE C 655 22.74 -27.62 -4.60
CA ILE C 655 21.34 -27.84 -4.94
C ILE C 655 20.81 -29.16 -4.41
N HIS C 656 21.62 -29.90 -3.65
CA HIS C 656 21.25 -31.23 -3.15
C HIS C 656 20.91 -32.15 -4.30
N ALA C 657 21.92 -32.39 -5.15
CA ALA C 657 21.70 -33.20 -6.34
C ALA C 657 21.78 -34.69 -6.02
N ASP C 658 21.04 -35.11 -5.01
CA ASP C 658 20.85 -36.52 -4.73
C ASP C 658 19.43 -36.87 -4.35
N GLN C 659 18.58 -35.87 -4.08
CA GLN C 659 17.16 -36.06 -3.85
C GLN C 659 16.31 -35.60 -5.03
N LEU C 660 16.95 -35.22 -6.13
CA LEU C 660 16.24 -34.74 -7.31
C LEU C 660 15.94 -35.88 -8.27
N THR C 661 15.02 -35.63 -9.19
CA THR C 661 14.69 -36.60 -10.20
C THR C 661 15.87 -36.80 -11.14
N PRO C 662 15.97 -37.98 -11.78
CA PRO C 662 17.09 -38.19 -12.71
C PRO C 662 17.10 -37.24 -13.89
N THR C 663 15.98 -36.62 -14.23
CA THR C 663 15.95 -35.60 -15.27
C THR C 663 16.56 -34.28 -14.82
N TRP C 664 16.39 -33.92 -13.55
CA TRP C 664 17.05 -32.74 -13.00
C TRP C 664 18.52 -32.99 -12.73
N ARG C 665 18.94 -34.25 -12.68
CA ARG C 665 20.30 -34.61 -12.32
C ARG C 665 21.24 -34.62 -13.52
N VAL C 666 20.73 -34.35 -14.72
CA VAL C 666 21.58 -34.16 -15.89
C VAL C 666 22.10 -32.75 -16.00
N TYR C 667 21.46 -31.78 -15.34
CA TYR C 667 21.89 -30.39 -15.33
C TYR C 667 22.72 -30.09 -14.10
N SER C 668 23.49 -31.07 -13.62
CA SER C 668 24.41 -30.83 -12.53
C SER C 668 25.74 -31.56 -12.71
N THR C 669 25.97 -32.18 -13.86
CA THR C 669 27.14 -33.01 -14.08
C THR C 669 28.04 -32.36 -15.12
N GLY C 670 29.11 -33.06 -15.48
CA GLY C 670 30.17 -32.49 -16.30
C GLY C 670 29.97 -32.67 -17.80
N SER C 671 31.08 -32.54 -18.52
CA SER C 671 31.20 -32.65 -19.97
C SER C 671 30.65 -31.42 -20.69
N ASN C 672 29.96 -30.55 -19.95
CA ASN C 672 29.52 -29.27 -20.49
C ASN C 672 29.64 -28.12 -19.50
N VAL C 673 30.21 -28.35 -18.33
CA VAL C 673 30.31 -27.28 -17.34
C VAL C 673 31.18 -26.16 -17.89
N PHE C 674 30.81 -24.93 -17.57
CA PHE C 674 31.55 -23.76 -18.05
C PHE C 674 31.52 -22.71 -16.96
N GLN C 675 32.70 -22.34 -16.46
CA GLN C 675 32.82 -21.42 -15.34
C GLN C 675 32.91 -20.00 -15.88
N THR C 676 31.79 -19.29 -15.88
CA THR C 676 31.80 -17.87 -16.18
C THR C 676 32.10 -17.09 -14.90
N ARG C 677 32.11 -15.77 -15.01
CA ARG C 677 32.31 -14.93 -13.83
C ARG C 677 31.00 -14.60 -13.13
N ALA C 678 29.89 -15.10 -13.63
CA ALA C 678 28.57 -14.88 -13.03
C ALA C 678 27.94 -16.18 -12.55
N GLY C 679 28.72 -17.23 -12.37
CA GLY C 679 28.21 -18.50 -11.88
C GLY C 679 28.75 -19.65 -12.69
N CYS C 680 28.04 -20.76 -12.65
CA CYS C 680 28.37 -21.94 -13.45
C CYS C 680 27.27 -22.16 -14.48
N LEU C 681 27.66 -22.42 -15.72
CA LEU C 681 26.72 -22.61 -16.82
C LEU C 681 26.80 -24.06 -17.28
N ILE C 682 25.66 -24.74 -17.31
CA ILE C 682 25.59 -26.15 -17.66
C ILE C 682 24.55 -26.35 -18.75
N GLY C 683 24.95 -26.99 -19.84
CA GLY C 683 24.06 -27.24 -20.96
C GLY C 683 24.37 -26.45 -22.20
N ALA C 684 25.42 -25.64 -22.23
CA ALA C 684 25.75 -24.80 -23.37
C ALA C 684 27.16 -25.09 -23.84
N GLU C 685 27.32 -25.16 -25.16
CA GLU C 685 28.60 -25.44 -25.79
C GLU C 685 29.39 -24.14 -25.93
N HIS C 686 30.65 -24.15 -25.47
CA HIS C 686 31.46 -22.95 -25.43
C HIS C 686 32.28 -22.82 -26.71
N VAL C 687 32.02 -21.77 -27.48
CA VAL C 687 32.80 -21.49 -28.67
C VAL C 687 33.80 -20.38 -28.35
N ASN C 688 34.78 -20.19 -29.25
CA ASN C 688 35.86 -19.19 -28.99
C ASN C 688 35.74 -17.97 -29.90
N ASN C 689 34.68 -17.88 -30.72
CA ASN C 689 34.50 -16.72 -31.56
C ASN C 689 33.82 -15.61 -30.75
N SER C 690 33.38 -14.56 -31.42
CA SER C 690 32.67 -13.46 -30.77
C SER C 690 31.66 -12.90 -31.75
N TYR C 691 30.38 -13.07 -31.44
CA TYR C 691 29.29 -12.58 -32.26
C TYR C 691 28.56 -11.47 -31.51
N GLU C 692 27.46 -10.99 -32.09
CA GLU C 692 26.62 -10.04 -31.37
C GLU C 692 25.77 -10.76 -30.35
N CYS C 693 25.37 -10.03 -29.31
CA CYS C 693 24.61 -10.63 -28.23
C CYS C 693 23.20 -11.00 -28.72
N ASP C 694 22.77 -12.21 -28.37
CA ASP C 694 21.44 -12.69 -28.71
C ASP C 694 20.58 -12.88 -27.47
N ILE C 695 21.04 -13.66 -26.51
CA ILE C 695 20.40 -13.77 -25.20
C ILE C 695 21.42 -13.35 -24.16
N PRO C 696 21.26 -12.21 -23.51
CA PRO C 696 22.28 -11.76 -22.56
C PRO C 696 22.27 -12.60 -21.29
N ILE C 697 23.42 -13.15 -20.95
CA ILE C 697 23.57 -13.89 -19.71
C ILE C 697 24.13 -12.96 -18.64
N GLY C 698 25.30 -12.40 -18.90
CA GLY C 698 25.84 -11.43 -17.97
C GLY C 698 27.35 -11.52 -17.88
N ALA C 699 27.93 -10.51 -17.23
CA ALA C 699 29.38 -10.41 -17.04
C ALA C 699 30.14 -10.57 -18.35
N GLY C 700 29.54 -10.13 -19.45
CA GLY C 700 30.18 -10.19 -20.74
C GLY C 700 29.92 -11.43 -21.54
N ILE C 701 29.06 -12.33 -21.07
CA ILE C 701 28.79 -13.60 -21.75
C ILE C 701 27.36 -13.56 -22.27
N CYS C 702 27.20 -13.92 -23.55
CA CYS C 702 25.92 -14.05 -24.22
C CYS C 702 25.74 -15.47 -24.71
N ALA C 703 24.53 -15.80 -25.15
CA ALA C 703 24.21 -17.14 -25.61
C ALA C 703 23.24 -17.09 -26.76
N SER C 704 23.28 -18.12 -27.61
CA SER C 704 22.43 -18.18 -28.79
C SER C 704 22.17 -19.63 -29.15
N TYR C 705 21.29 -19.83 -30.12
CA TYR C 705 20.85 -21.16 -30.56
C TYR C 705 21.25 -21.34 -32.03
N GLN C 706 22.36 -22.05 -32.25
CA GLN C 706 22.95 -22.14 -33.57
C GLN C 706 22.82 -23.55 -34.12
N THR C 707 23.21 -23.70 -35.39
CA THR C 707 22.99 -24.92 -36.15
C THR C 707 24.29 -25.53 -36.65
N GLN C 708 25.26 -25.69 -35.75
CA GLN C 708 26.56 -26.29 -36.07
C GLN C 708 26.46 -27.54 -36.94
N SER C 716 22.96 -31.36 -34.48
CA SER C 716 22.71 -30.38 -35.53
C SER C 716 22.51 -28.99 -34.95
N GLN C 717 21.55 -28.87 -34.03
CA GLN C 717 21.24 -27.62 -33.37
C GLN C 717 21.65 -27.68 -31.91
N SER C 718 22.19 -26.58 -31.39
CA SER C 718 22.61 -26.56 -30.00
C SER C 718 22.70 -25.12 -29.52
N ILE C 719 22.73 -24.97 -28.19
CA ILE C 719 22.88 -23.67 -27.56
C ILE C 719 24.36 -23.44 -27.31
N ILE C 720 24.87 -22.31 -27.79
CA ILE C 720 26.28 -21.96 -27.63
C ILE C 720 26.40 -20.69 -26.82
N ALA C 721 27.40 -20.64 -25.95
CA ALA C 721 27.70 -19.47 -25.14
C ALA C 721 29.04 -18.90 -25.58
N TYR C 722 29.12 -17.58 -25.65
CA TYR C 722 30.31 -16.92 -26.16
C TYR C 722 30.47 -15.56 -25.50
N THR C 723 31.55 -14.88 -25.85
CA THR C 723 31.87 -13.55 -25.34
C THR C 723 31.51 -12.52 -26.40
N MET C 724 30.67 -11.56 -26.03
CA MET C 724 30.18 -10.58 -26.99
C MET C 724 31.32 -9.69 -27.48
N SER C 725 31.19 -9.21 -28.72
CA SER C 725 32.18 -8.37 -29.34
C SER C 725 31.72 -6.91 -29.32
N LEU C 726 32.66 -6.00 -29.04
CA LEU C 726 32.31 -4.59 -28.94
C LEU C 726 32.07 -3.99 -30.31
N GLY C 727 32.83 -4.41 -31.32
CA GLY C 727 32.65 -3.87 -32.65
C GLY C 727 33.77 -4.33 -33.56
N ALA C 728 33.89 -3.67 -34.71
CA ALA C 728 34.92 -3.98 -35.69
C ALA C 728 36.16 -3.16 -35.40
N GLU C 729 37.30 -3.83 -35.25
CA GLU C 729 38.55 -3.13 -34.97
C GLU C 729 38.93 -2.25 -36.14
N ASN C 730 39.54 -1.10 -35.84
CA ASN C 730 39.91 -0.14 -36.87
C ASN C 730 41.06 0.70 -36.38
N SER C 731 41.78 1.31 -37.33
CA SER C 731 42.90 2.17 -37.01
C SER C 731 42.97 3.29 -38.04
N VAL C 732 43.54 4.42 -37.64
CA VAL C 732 43.56 5.63 -38.45
C VAL C 732 44.99 6.13 -38.55
N ALA C 733 45.44 6.42 -39.77
CA ALA C 733 46.82 6.79 -40.04
C ALA C 733 47.04 8.25 -39.69
N TYR C 734 47.76 8.50 -38.60
CA TYR C 734 48.00 9.85 -38.12
C TYR C 734 49.42 10.29 -38.42
N SER C 735 49.57 11.56 -38.80
CA SER C 735 50.87 12.17 -39.05
C SER C 735 50.72 13.66 -38.88
N ASN C 736 51.85 14.35 -38.74
CA ASN C 736 51.82 15.78 -38.45
C ASN C 736 51.80 16.66 -39.70
N ASN C 737 51.80 16.08 -40.89
CA ASN C 737 51.67 16.86 -42.11
C ASN C 737 50.79 16.13 -43.12
N SER C 738 49.67 15.59 -42.67
CA SER C 738 48.82 14.80 -43.56
C SER C 738 47.35 14.94 -43.18
N ILE C 739 46.53 15.30 -44.15
CA ILE C 739 45.08 15.37 -43.97
C ILE C 739 44.40 14.47 -44.98
N ALA C 740 43.11 14.26 -44.76
CA ALA C 740 42.25 13.53 -45.69
C ALA C 740 40.98 14.32 -45.91
N ILE C 741 40.58 14.44 -47.17
CA ILE C 741 39.45 15.29 -47.54
C ILE C 741 38.48 14.51 -48.43
N PRO C 742 37.17 14.58 -48.16
CA PRO C 742 36.22 13.88 -49.02
C PRO C 742 36.07 14.55 -50.38
N THR C 743 35.73 13.74 -51.37
CA THR C 743 35.56 14.20 -52.74
C THR C 743 34.14 14.04 -53.27
N ASN C 744 33.25 13.32 -52.61
CA ASN C 744 31.86 13.13 -53.07
C ASN C 744 31.05 13.05 -51.80
N PHE C 745 29.75 12.87 -51.87
CA PHE C 745 28.87 12.90 -50.71
C PHE C 745 27.75 11.90 -50.88
N THR C 746 26.82 11.92 -49.92
CA THR C 746 25.70 11.00 -49.90
C THR C 746 24.55 11.66 -49.15
N ILE C 747 23.34 11.42 -49.62
CA ILE C 747 22.12 11.89 -48.95
C ILE C 747 21.47 10.69 -48.29
N SER C 748 21.22 10.79 -46.99
CA SER C 748 20.69 9.66 -46.24
C SER C 748 19.43 10.06 -45.49
N VAL C 749 18.39 9.25 -45.59
CA VAL C 749 17.12 9.49 -44.91
C VAL C 749 16.95 8.43 -43.82
N THR C 750 16.70 8.89 -42.61
CA THR C 750 16.63 8.05 -41.42
C THR C 750 15.30 8.25 -40.71
N THR C 751 14.97 7.32 -39.82
CA THR C 751 13.67 7.27 -39.17
C THR C 751 13.84 7.29 -37.66
N GLU C 752 12.97 8.04 -36.97
CA GLU C 752 12.94 8.03 -35.51
C GLU C 752 11.51 7.98 -35.02
N ILE C 753 11.23 7.14 -34.02
CA ILE C 753 9.88 6.88 -33.56
C ILE C 753 9.78 7.22 -32.08
N LEU C 754 8.72 7.95 -31.70
CA LEU C 754 8.56 8.44 -30.32
C LEU C 754 7.13 8.31 -29.82
N PRO C 755 6.92 7.74 -28.64
CA PRO C 755 5.58 7.76 -28.03
C PRO C 755 5.20 9.16 -27.58
N VAL C 756 3.90 9.46 -27.65
CA VAL C 756 3.43 10.79 -27.24
C VAL C 756 2.37 10.68 -26.15
N SER C 757 1.59 9.60 -26.15
CA SER C 757 0.47 9.52 -25.23
C SER C 757 0.07 8.08 -25.01
N MET C 758 -0.72 7.85 -23.97
CA MET C 758 -1.26 6.53 -23.68
C MET C 758 -2.76 6.59 -23.45
N THR C 759 -3.37 5.47 -23.09
CA THR C 759 -4.82 5.39 -22.97
C THR C 759 -5.30 6.06 -21.68
N LYS C 760 -6.53 6.54 -21.73
CA LYS C 760 -7.18 7.21 -20.61
C LYS C 760 -8.24 6.28 -20.04
N THR C 761 -8.22 6.05 -18.73
CA THR C 761 -9.14 5.13 -18.11
C THR C 761 -9.85 5.80 -16.94
N SER C 762 -10.92 5.15 -16.48
CA SER C 762 -11.67 5.57 -15.31
C SER C 762 -12.20 4.33 -14.62
N VAL C 763 -12.27 4.39 -13.28
CA VAL C 763 -12.62 3.25 -12.46
C VAL C 763 -13.79 3.66 -11.57
N ASP C 764 -14.80 2.81 -11.48
CA ASP C 764 -15.89 2.97 -10.53
C ASP C 764 -15.55 2.18 -9.27
N CYS C 765 -15.42 2.87 -8.15
CA CYS C 765 -14.97 2.22 -6.93
C CYS C 765 -15.99 1.21 -6.42
N THR C 766 -17.25 1.62 -6.30
CA THR C 766 -18.28 0.76 -5.72
C THR C 766 -18.57 -0.43 -6.61
N MET C 767 -18.60 -0.23 -7.93
CA MET C 767 -18.90 -1.34 -8.82
C MET C 767 -17.78 -2.37 -8.83
N TYR C 768 -16.53 -1.93 -8.68
CA TYR C 768 -15.43 -2.88 -8.63
C TYR C 768 -15.39 -3.62 -7.29
N ILE C 769 -15.62 -2.90 -6.19
CA ILE C 769 -15.48 -3.51 -4.88
C ILE C 769 -16.72 -4.32 -4.51
N CYS C 770 -17.87 -3.66 -4.47
CA CYS C 770 -19.10 -4.29 -3.98
C CYS C 770 -19.90 -4.95 -5.09
N GLY C 771 -20.17 -4.24 -6.18
CA GLY C 771 -20.88 -4.84 -7.28
C GLY C 771 -22.38 -5.01 -7.07
N ASP C 772 -23.09 -3.88 -7.04
CA ASP C 772 -24.56 -3.83 -6.89
C ASP C 772 -25.06 -4.67 -5.72
N SER C 773 -24.34 -4.59 -4.61
CA SER C 773 -24.77 -5.18 -3.35
C SER C 773 -25.10 -4.06 -2.37
N THR C 774 -26.14 -4.28 -1.56
CA THR C 774 -26.55 -3.29 -0.58
C THR C 774 -25.99 -3.55 0.80
N GLU C 775 -25.74 -4.81 1.16
CA GLU C 775 -25.00 -5.10 2.38
C GLU C 775 -23.59 -4.54 2.30
N CYS C 776 -22.88 -4.86 1.23
CA CYS C 776 -21.71 -4.10 0.84
C CYS C 776 -22.15 -2.73 0.32
N SER C 777 -21.20 -1.83 0.14
CA SER C 777 -21.47 -0.44 -0.26
C SER C 777 -22.25 0.31 0.79
N ASN C 778 -22.64 -0.38 1.86
CA ASN C 778 -23.07 0.25 3.09
C ASN C 778 -22.08 -0.02 4.21
N LEU C 779 -21.33 -1.12 4.13
CA LEU C 779 -20.09 -1.32 4.88
C LEU C 779 -18.93 -0.54 4.28
N LEU C 780 -18.93 -0.36 2.96
CA LEU C 780 -17.97 0.53 2.30
C LEU C 780 -18.48 1.97 2.30
N LEU C 781 -18.88 2.44 3.48
CA LEU C 781 -19.15 3.84 3.73
C LEU C 781 -18.55 4.27 5.05
N GLN C 782 -18.25 3.32 5.93
CA GLN C 782 -17.50 3.56 7.15
C GLN C 782 -16.00 3.47 6.93
N TYR C 783 -15.56 3.00 5.76
CA TYR C 783 -14.21 3.25 5.33
C TYR C 783 -14.07 4.70 4.89
N GLY C 784 -12.83 5.10 4.61
CA GLY C 784 -12.56 6.51 4.35
C GLY C 784 -12.80 6.98 2.93
N SER C 785 -12.11 8.05 2.55
CA SER C 785 -12.23 8.63 1.22
C SER C 785 -11.12 8.10 0.32
N PHE C 786 -11.16 6.80 0.09
CA PHE C 786 -10.21 6.14 -0.78
C PHE C 786 -10.78 5.89 -2.16
N CYS C 787 -11.79 6.67 -2.55
CA CYS C 787 -12.43 6.53 -3.85
C CYS C 787 -12.59 7.85 -4.59
N THR C 788 -12.57 8.98 -3.90
CA THR C 788 -12.43 10.27 -4.57
C THR C 788 -10.97 10.58 -4.86
N GLN C 789 -10.07 10.16 -3.97
CA GLN C 789 -8.65 10.39 -4.18
C GLN C 789 -8.08 9.55 -5.31
N LEU C 790 -8.71 8.43 -5.65
CA LEU C 790 -8.30 7.66 -6.81
C LEU C 790 -8.73 8.33 -8.11
N ASN C 791 -9.96 8.82 -8.16
CA ASN C 791 -10.48 9.44 -9.36
C ASN C 791 -9.98 10.86 -9.55
N ARG C 792 -9.37 11.47 -8.54
CA ARG C 792 -8.62 12.69 -8.78
C ARG C 792 -7.34 12.39 -9.54
N ALA C 793 -6.59 11.37 -9.10
CA ALA C 793 -5.34 11.02 -9.76
C ALA C 793 -5.56 10.52 -11.18
N LEU C 794 -6.56 9.65 -11.37
CA LEU C 794 -6.80 9.13 -12.71
C LEU C 794 -7.25 10.22 -13.67
N THR C 795 -8.04 11.20 -13.21
CA THR C 795 -8.40 12.31 -14.07
C THR C 795 -7.23 13.24 -14.35
N GLY C 796 -6.35 13.45 -13.37
CA GLY C 796 -5.12 14.18 -13.64
C GLY C 796 -4.26 13.51 -14.69
N ILE C 797 -4.22 12.17 -14.69
CA ILE C 797 -3.53 11.46 -15.76
C ILE C 797 -4.25 11.62 -17.08
N ALA C 798 -5.58 11.50 -17.08
CA ALA C 798 -6.33 11.47 -18.33
C ALA C 798 -6.29 12.80 -19.05
N VAL C 799 -6.40 13.92 -18.32
CA VAL C 799 -6.47 15.23 -18.97
C VAL C 799 -5.10 15.72 -19.42
N GLU C 800 -4.02 15.05 -19.03
CA GLU C 800 -2.68 15.44 -19.45
C GLU C 800 -2.30 14.82 -20.79
N GLN C 801 -2.91 13.70 -21.14
CA GLN C 801 -2.61 13.05 -22.41
C GLN C 801 -3.07 13.87 -23.61
N ASP C 802 -3.98 14.83 -23.40
CA ASP C 802 -4.37 15.75 -24.46
C ASP C 802 -3.44 16.95 -24.58
N LYS C 803 -2.93 17.45 -23.46
CA LYS C 803 -1.87 18.44 -23.53
C LYS C 803 -0.63 17.87 -24.20
N ASN C 804 -0.35 16.59 -23.98
CA ASN C 804 0.78 15.95 -24.67
C ASN C 804 0.66 16.09 -26.18
N THR C 805 -0.52 15.82 -26.73
CA THR C 805 -0.70 15.90 -28.17
C THR C 805 -0.76 17.34 -28.65
N GLN C 806 -1.41 18.22 -27.89
CA GLN C 806 -1.48 19.62 -28.27
C GLN C 806 -0.11 20.27 -28.32
N GLU C 807 0.83 19.78 -27.51
CA GLU C 807 2.20 20.36 -27.47
C GLU C 807 2.97 19.95 -28.72
N VAL C 808 2.86 18.69 -29.14
CA VAL C 808 3.66 18.20 -30.26
C VAL C 808 3.08 18.68 -31.58
N PHE C 809 1.77 18.51 -31.77
CA PHE C 809 1.25 18.70 -33.12
C PHE C 809 0.73 20.11 -33.40
N ALA C 810 0.12 20.76 -32.42
CA ALA C 810 -0.41 22.10 -32.65
C ALA C 810 0.67 23.15 -32.49
N GLN C 811 1.77 23.00 -33.22
CA GLN C 811 2.86 23.98 -33.14
C GLN C 811 2.47 25.29 -33.82
N VAL C 812 1.88 25.20 -35.01
CA VAL C 812 1.41 26.37 -35.74
C VAL C 812 -0.08 26.18 -36.02
N LYS C 813 -0.84 27.25 -35.86
CA LYS C 813 -2.29 27.20 -35.99
C LYS C 813 -2.77 28.04 -37.17
N GLN C 814 -2.07 27.94 -38.29
CA GLN C 814 -2.55 28.41 -39.59
C GLN C 814 -2.46 27.22 -40.53
N ILE C 815 -3.61 26.70 -40.95
CA ILE C 815 -3.60 25.46 -41.72
C ILE C 815 -3.23 25.75 -43.16
N TYR C 816 -1.95 25.67 -43.48
CA TYR C 816 -1.52 25.85 -44.85
C TYR C 816 -1.97 24.66 -45.69
N LYS C 817 -2.25 24.92 -46.96
CA LYS C 817 -2.79 23.91 -47.85
C LYS C 817 -1.71 23.41 -48.81
N THR C 818 -1.68 22.09 -49.01
CA THR C 818 -0.67 21.49 -49.93
C THR C 818 -0.89 22.03 -51.34
N PRO C 819 0.10 22.70 -51.96
CA PRO C 819 -0.07 23.27 -53.30
C PRO C 819 -0.18 22.15 -54.33
N PRO C 820 -0.94 22.32 -55.45
CA PRO C 820 -0.98 21.31 -56.52
C PRO C 820 0.49 20.99 -56.80
N ILE C 821 0.90 19.72 -56.69
CA ILE C 821 2.34 19.34 -56.82
C ILE C 821 2.91 20.02 -58.08
N LYS C 822 3.80 21.00 -57.90
CA LYS C 822 4.50 21.59 -59.04
C LYS C 822 5.90 20.99 -59.04
N ASP C 823 6.77 21.56 -59.87
CA ASP C 823 8.17 21.15 -59.88
C ASP C 823 8.87 21.71 -58.65
N PHE C 824 9.55 20.84 -57.91
CA PHE C 824 10.35 21.22 -56.75
C PHE C 824 11.83 21.04 -57.04
N GLY C 825 12.25 21.31 -58.27
CA GLY C 825 13.63 21.15 -58.66
C GLY C 825 14.04 19.76 -59.02
N GLY C 826 13.15 18.78 -58.90
CA GLY C 826 13.49 17.40 -59.18
C GLY C 826 13.22 16.48 -58.01
N PHE C 827 12.71 17.05 -56.91
CA PHE C 827 12.36 16.29 -55.73
C PHE C 827 10.92 15.82 -55.82
N ASN C 828 10.62 14.60 -55.37
CA ASN C 828 9.28 13.99 -55.52
C ASN C 828 8.76 13.65 -54.15
N PHE C 829 7.99 14.54 -53.57
CA PHE C 829 7.34 14.35 -52.27
C PHE C 829 5.97 13.69 -52.43
N SER C 830 5.89 12.57 -53.12
CA SER C 830 4.58 11.96 -53.34
C SER C 830 4.20 10.98 -52.25
N GLN C 831 5.16 10.21 -51.74
CA GLN C 831 4.84 9.21 -50.73
C GLN C 831 4.59 9.80 -49.35
N ILE C 832 4.83 11.10 -49.15
CA ILE C 832 4.61 11.70 -47.84
C ILE C 832 3.52 12.76 -47.86
N LEU C 833 3.23 13.38 -48.99
CA LEU C 833 2.09 14.28 -49.06
C LEU C 833 0.79 13.49 -49.18
N PRO C 834 -0.30 13.97 -48.57
CA PRO C 834 -1.54 13.20 -48.55
C PRO C 834 -2.10 12.99 -49.95
N ASP C 835 -2.74 11.83 -50.14
CA ASP C 835 -3.39 11.54 -51.42
C ASP C 835 -4.89 11.78 -51.30
N PRO C 836 -5.54 12.32 -52.34
CA PRO C 836 -6.99 12.57 -52.25
C PRO C 836 -7.82 11.33 -52.03
N SER C 837 -7.38 10.18 -52.54
CA SER C 837 -8.20 8.97 -52.53
C SER C 837 -7.94 8.06 -51.34
N LYS C 838 -6.79 8.19 -50.67
CA LYS C 838 -6.50 7.32 -49.54
C LYS C 838 -7.44 7.64 -48.38
N PRO C 839 -7.75 6.66 -47.54
CA PRO C 839 -8.72 6.90 -46.44
C PRO C 839 -8.21 7.96 -45.47
N SER C 840 -9.14 8.81 -45.03
CA SER C 840 -8.86 9.83 -44.02
C SER C 840 -7.69 10.73 -44.41
N LYS C 841 -7.54 10.94 -45.73
CA LYS C 841 -6.54 11.83 -46.32
C LYS C 841 -5.18 11.73 -45.63
N ARG C 842 -4.70 10.50 -45.45
CA ARG C 842 -3.37 10.27 -44.93
C ARG C 842 -2.49 9.67 -46.01
N SER C 843 -1.19 9.89 -45.87
CA SER C 843 -0.23 9.60 -46.94
C SER C 843 0.07 8.11 -47.02
N PHE C 844 0.92 7.75 -47.98
CA PHE C 844 1.30 6.36 -48.18
C PHE C 844 2.08 5.82 -46.98
N ILE C 845 3.06 6.59 -46.50
CA ILE C 845 3.89 6.13 -45.39
C ILE C 845 3.06 5.97 -44.13
N GLU C 846 2.14 6.90 -43.87
CA GLU C 846 1.29 6.75 -42.70
C GLU C 846 0.38 5.54 -42.82
N ASP C 847 -0.09 5.25 -44.04
CA ASP C 847 -0.88 4.03 -44.25
C ASP C 847 -0.07 2.78 -43.96
N LEU C 848 1.21 2.78 -44.35
CA LEU C 848 2.08 1.67 -43.97
C LEU C 848 2.23 1.58 -42.46
N LEU C 849 2.32 2.73 -41.79
CA LEU C 849 2.60 2.73 -40.35
C LEU C 849 1.40 2.29 -39.53
N PHE C 850 0.20 2.62 -39.96
CA PHE C 850 -0.97 2.33 -39.13
C PHE C 850 -1.31 0.86 -39.12
N ASN C 851 -0.91 0.11 -40.14
CA ASN C 851 -1.27 -1.30 -40.21
C ASN C 851 -0.44 -2.14 -39.26
N LYS C 852 0.83 -1.79 -39.08
CA LYS C 852 1.73 -2.64 -38.30
C LYS C 852 1.31 -2.72 -36.84
N VAL C 853 0.93 -1.59 -36.25
CA VAL C 853 0.60 -1.54 -34.83
C VAL C 853 -0.85 -2.00 -34.63
N THR C 854 -1.03 -3.07 -33.87
CA THR C 854 -2.34 -3.67 -33.65
C THR C 854 -2.90 -3.15 -32.33
N LEU C 855 -3.86 -2.23 -32.42
CA LEU C 855 -4.50 -1.67 -31.23
C LEU C 855 -5.45 -2.68 -30.60
N LYS C 862 -16.43 -1.78 -28.23
CA LYS C 862 -17.58 -2.65 -28.29
C LYS C 862 -18.84 -1.94 -27.80
N GLN C 863 -19.83 -1.86 -28.68
CA GLN C 863 -21.10 -1.25 -28.30
C GLN C 863 -21.79 -2.08 -27.22
N TYR C 864 -22.59 -1.40 -26.39
CA TYR C 864 -23.30 -2.09 -25.32
C TYR C 864 -24.30 -3.08 -25.85
N GLY C 865 -24.69 -2.97 -27.13
CA GLY C 865 -25.53 -3.99 -27.73
C GLY C 865 -24.82 -5.30 -27.97
N ASP C 866 -23.48 -5.27 -28.05
CA ASP C 866 -22.71 -6.48 -28.30
C ASP C 866 -22.37 -7.22 -27.02
N CYS C 867 -22.10 -6.51 -25.92
CA CYS C 867 -21.78 -7.19 -24.67
C CYS C 867 -22.97 -7.95 -24.12
N LEU C 868 -24.19 -7.47 -24.38
CA LEU C 868 -25.40 -8.15 -23.93
C LEU C 868 -25.62 -9.44 -24.71
N ASP C 875 -16.16 -12.41 -23.68
CA ASP C 875 -14.75 -12.08 -23.86
C ASP C 875 -14.21 -11.35 -22.65
N LEU C 876 -13.13 -10.59 -22.84
CA LEU C 876 -12.45 -9.94 -21.74
C LEU C 876 -12.74 -8.45 -21.63
N ILE C 877 -13.27 -7.83 -22.68
CA ILE C 877 -13.66 -6.42 -22.60
C ILE C 877 -14.98 -6.27 -21.87
N CYS C 878 -15.94 -7.15 -22.13
CA CYS C 878 -17.21 -7.09 -21.41
C CYS C 878 -17.05 -7.54 -19.97
N ALA C 879 -16.06 -8.38 -19.69
CA ALA C 879 -15.82 -8.80 -18.31
C ALA C 879 -15.27 -7.65 -17.47
N GLN C 880 -14.53 -6.74 -18.07
CA GLN C 880 -14.03 -5.57 -17.36
C GLN C 880 -14.94 -4.36 -17.49
N LYS C 881 -15.89 -4.37 -18.42
CA LYS C 881 -16.86 -3.30 -18.48
C LYS C 881 -17.92 -3.42 -17.40
N PHE C 882 -18.25 -4.64 -16.99
CA PHE C 882 -19.23 -4.86 -15.93
C PHE C 882 -18.66 -4.64 -14.55
N ASN C 883 -17.34 -4.59 -14.40
CA ASN C 883 -16.70 -4.40 -13.11
C ASN C 883 -16.22 -2.97 -12.90
N GLY C 884 -16.65 -2.03 -13.73
CA GLY C 884 -16.43 -0.62 -13.48
C GLY C 884 -15.28 0.00 -14.25
N LEU C 885 -14.52 -0.78 -15.01
CA LEU C 885 -13.35 -0.26 -15.70
C LEU C 885 -13.73 0.24 -17.08
N THR C 886 -13.50 1.52 -17.35
CA THR C 886 -13.91 2.16 -18.60
C THR C 886 -12.72 2.85 -19.25
N VAL C 887 -12.69 2.84 -20.58
CA VAL C 887 -11.63 3.47 -21.37
C VAL C 887 -12.23 4.63 -22.13
N LEU C 888 -11.75 5.84 -21.86
CA LEU C 888 -12.26 7.05 -22.47
C LEU C 888 -11.62 7.28 -23.84
N PRO C 889 -12.29 8.03 -24.72
CA PRO C 889 -11.74 8.28 -26.05
C PRO C 889 -10.89 9.53 -26.08
N PRO C 890 -9.85 9.57 -26.91
CA PRO C 890 -9.02 10.78 -27.00
C PRO C 890 -9.76 11.93 -27.65
N LEU C 891 -9.35 13.15 -27.29
CA LEU C 891 -10.04 14.34 -27.77
C LEU C 891 -9.78 14.59 -29.24
N LEU C 892 -8.53 14.48 -29.67
CA LEU C 892 -8.14 14.80 -31.04
C LEU C 892 -8.08 13.51 -31.84
N THR C 893 -9.00 13.34 -32.77
CA THR C 893 -9.11 12.09 -33.51
C THR C 893 -7.95 11.93 -34.48
N ASP C 894 -7.89 10.76 -35.12
CA ASP C 894 -6.81 10.44 -36.04
C ASP C 894 -6.91 11.18 -37.37
N GLU C 895 -8.05 11.80 -37.67
CA GLU C 895 -8.17 12.63 -38.86
C GLU C 895 -7.82 14.09 -38.60
N MET C 896 -7.83 14.52 -37.35
CA MET C 896 -7.43 15.87 -37.00
C MET C 896 -5.93 16.00 -36.77
N ILE C 897 -5.22 14.89 -36.66
CA ILE C 897 -3.77 14.92 -36.49
C ILE C 897 -3.08 14.89 -37.84
N ALA C 898 -3.60 14.12 -38.78
CA ALA C 898 -3.09 14.12 -40.15
C ALA C 898 -3.22 15.49 -40.80
N GLN C 899 -4.24 16.28 -40.45
CA GLN C 899 -4.36 17.63 -40.99
C GLN C 899 -3.35 18.60 -40.40
N TYR C 900 -2.96 18.42 -39.14
CA TYR C 900 -1.85 19.18 -38.59
C TYR C 900 -0.54 18.79 -39.26
N THR C 901 -0.32 17.49 -39.44
CA THR C 901 0.92 17.02 -40.05
C THR C 901 1.03 17.45 -41.51
N SER C 902 -0.06 17.41 -42.26
CA SER C 902 -0.01 17.82 -43.66
C SER C 902 0.19 19.31 -43.83
N ALA C 903 -0.02 20.11 -42.79
CA ALA C 903 0.28 21.53 -42.83
C ALA C 903 1.69 21.84 -42.36
N LEU C 904 2.17 21.14 -41.34
CA LEU C 904 3.58 21.24 -40.98
C LEU C 904 4.47 20.81 -42.13
N LEU C 905 4.07 19.80 -42.88
CA LEU C 905 4.83 19.29 -44.01
C LEU C 905 4.60 20.06 -45.30
N ALA C 906 3.58 20.91 -45.36
CA ALA C 906 3.33 21.73 -46.54
C ALA C 906 3.72 23.18 -46.35
N GLY C 907 4.06 23.59 -45.14
CA GLY C 907 4.63 24.91 -44.97
C GLY C 907 6.13 24.90 -45.17
N THR C 908 6.77 23.77 -44.89
CA THR C 908 8.22 23.69 -44.90
C THR C 908 8.80 23.40 -46.28
N ILE C 909 8.05 22.75 -47.18
CA ILE C 909 8.52 22.55 -48.53
C ILE C 909 8.16 23.72 -49.44
N THR C 910 7.46 24.72 -48.91
CA THR C 910 7.08 25.90 -49.68
C THR C 910 7.76 27.16 -49.17
N SER C 911 7.78 27.40 -47.86
CA SER C 911 8.37 28.61 -47.31
C SER C 911 9.74 28.37 -46.68
N GLY C 912 9.96 27.23 -46.05
CA GLY C 912 11.25 26.92 -45.46
C GLY C 912 11.22 27.06 -43.95
N TRP C 913 12.21 27.74 -43.40
CA TRP C 913 12.32 27.96 -41.97
C TRP C 913 11.59 29.20 -41.49
N THR C 914 10.94 29.92 -42.39
CA THR C 914 10.42 31.25 -42.10
C THR C 914 9.02 31.25 -41.53
N PHE C 915 8.30 30.13 -41.57
CA PHE C 915 6.94 30.08 -41.07
C PHE C 915 6.86 29.65 -39.62
N GLY C 916 7.98 29.33 -38.99
CA GLY C 916 8.00 29.02 -37.58
C GLY C 916 8.53 30.20 -36.78
N ALA C 917 8.61 31.35 -37.43
CA ALA C 917 9.11 32.55 -36.78
C ALA C 917 8.28 33.78 -37.13
N GLY C 918 7.11 33.61 -37.72
CA GLY C 918 6.31 34.73 -38.17
C GLY C 918 5.44 34.36 -39.36
N ALA C 919 5.38 35.23 -40.36
CA ALA C 919 4.60 34.97 -41.55
C ALA C 919 5.36 34.06 -42.51
N ALA C 920 4.62 33.32 -43.32
CA ALA C 920 5.24 32.44 -44.30
C ALA C 920 5.67 33.24 -45.52
N LEU C 921 6.91 33.02 -45.96
CA LEU C 921 7.47 33.70 -47.12
C LEU C 921 7.95 32.64 -48.10
N GLN C 922 7.38 32.64 -49.30
CA GLN C 922 7.72 31.58 -50.25
C GLN C 922 9.13 31.76 -50.79
N ILE C 923 9.69 30.67 -51.31
CA ILE C 923 11.03 30.67 -51.86
C ILE C 923 11.20 29.41 -52.71
N PRO C 924 11.87 29.48 -53.86
CA PRO C 924 12.07 28.26 -54.65
C PRO C 924 12.83 27.21 -53.88
N PHE C 925 12.51 25.93 -54.12
CA PHE C 925 13.05 24.87 -53.30
C PHE C 925 14.56 24.73 -53.45
N ALA C 926 15.06 24.88 -54.67
CA ALA C 926 16.50 24.77 -54.88
C ALA C 926 17.25 25.87 -54.13
N MET C 927 16.71 27.08 -54.12
CA MET C 927 17.31 28.19 -53.40
C MET C 927 17.14 28.08 -51.89
N GLN C 928 16.34 27.13 -51.42
CA GLN C 928 16.29 26.79 -50.01
C GLN C 928 17.29 25.71 -49.65
N MET C 929 17.40 24.67 -50.49
CA MET C 929 18.42 23.66 -50.26
C MET C 929 19.82 24.23 -50.38
N ALA C 930 20.00 25.28 -51.20
CA ALA C 930 21.31 25.92 -51.28
C ALA C 930 21.70 26.56 -49.96
N TYR C 931 20.77 27.25 -49.29
CA TYR C 931 21.09 27.84 -48.00
C TYR C 931 21.29 26.78 -46.95
N ARG C 932 20.52 25.69 -47.02
CA ARG C 932 20.72 24.59 -46.07
C ARG C 932 22.09 23.95 -46.25
N PHE C 933 22.55 23.82 -47.50
CA PHE C 933 23.92 23.36 -47.74
C PHE C 933 24.93 24.35 -47.19
N ASN C 934 24.72 25.64 -47.42
CA ASN C 934 25.62 26.67 -46.92
C ASN C 934 25.66 26.72 -45.40
N GLY C 935 24.65 26.18 -44.73
CA GLY C 935 24.66 26.15 -43.28
C GLY C 935 25.47 25.05 -42.64
N ILE C 936 25.89 24.04 -43.40
CA ILE C 936 26.71 22.96 -42.87
C ILE C 936 28.17 23.08 -43.27
N GLY C 937 28.53 24.12 -44.01
CA GLY C 937 29.92 24.34 -44.36
C GLY C 937 30.18 24.44 -45.84
N VAL C 938 29.50 23.62 -46.64
CA VAL C 938 29.70 23.57 -48.08
C VAL C 938 29.13 24.84 -48.71
N THR C 939 29.45 25.09 -49.97
CA THR C 939 29.03 26.31 -50.65
C THR C 939 27.90 26.02 -51.63
N GLN C 940 27.40 27.09 -52.25
CA GLN C 940 26.19 26.98 -53.07
C GLN C 940 26.46 26.28 -54.39
N ASN C 941 27.59 26.58 -55.04
CA ASN C 941 27.84 26.01 -56.36
C ASN C 941 27.88 24.50 -56.32
N VAL C 942 28.24 23.91 -55.18
CA VAL C 942 28.26 22.46 -55.06
C VAL C 942 26.87 21.87 -55.25
N LEU C 943 25.83 22.57 -54.76
CA LEU C 943 24.48 22.10 -55.02
C LEU C 943 24.00 22.52 -56.40
N TYR C 944 24.28 23.75 -56.80
CA TYR C 944 23.74 24.25 -58.06
C TYR C 944 24.31 23.53 -59.27
N GLU C 945 25.44 22.84 -59.11
CA GLU C 945 26.06 22.15 -60.28
C GLU C 945 25.76 20.65 -60.23
N ASN C 946 25.29 20.14 -59.09
CA ASN C 946 25.02 18.71 -58.91
C ASN C 946 23.57 18.48 -58.51
N GLN C 947 22.65 19.20 -59.13
CA GLN C 947 21.27 19.16 -58.65
C GLN C 947 20.59 17.86 -58.98
N LYS C 948 20.79 17.34 -60.20
CA LYS C 948 20.12 16.11 -60.60
C LYS C 948 20.56 14.93 -59.75
N LEU C 949 21.87 14.84 -59.47
CA LEU C 949 22.37 13.74 -58.67
C LEU C 949 21.77 13.74 -57.27
N ILE C 950 21.67 14.92 -56.65
CA ILE C 950 21.13 15.00 -55.30
C ILE C 950 19.63 14.71 -55.31
N ALA C 951 18.92 15.20 -56.32
CA ALA C 951 17.50 14.88 -56.41
C ALA C 951 17.29 13.38 -56.56
N ASN C 952 18.08 12.73 -57.40
CA ASN C 952 17.96 11.28 -57.55
C ASN C 952 18.31 10.53 -56.28
N GLN C 953 19.34 10.97 -55.56
CA GLN C 953 19.69 10.31 -54.30
C GLN C 953 18.56 10.43 -53.28
N PHE C 954 17.96 11.62 -53.15
CA PHE C 954 16.85 11.76 -52.21
C PHE C 954 15.66 10.91 -52.62
N ASN C 955 15.34 10.89 -53.91
CA ASN C 955 14.19 10.12 -54.36
C ASN C 955 14.42 8.62 -54.20
N SER C 956 15.65 8.16 -54.35
CA SER C 956 15.96 6.75 -54.14
C SER C 956 16.10 6.39 -52.67
N ALA C 957 16.36 7.36 -51.80
CA ALA C 957 16.39 7.11 -50.37
C ALA C 957 15.02 7.12 -49.74
N ILE C 958 14.08 7.89 -50.30
CA ILE C 958 12.70 7.83 -49.81
C ILE C 958 12.04 6.50 -50.18
N GLY C 959 12.43 5.92 -51.30
CA GLY C 959 11.83 4.69 -51.76
C GLY C 959 12.43 3.44 -51.13
N LYS C 960 13.19 3.62 -50.07
CA LYS C 960 13.72 2.50 -49.30
C LYS C 960 13.14 2.42 -47.90
N ILE C 961 12.70 3.54 -47.34
CA ILE C 961 12.03 3.52 -46.04
C ILE C 961 10.75 2.68 -46.11
N GLN C 962 9.97 2.89 -47.17
CA GLN C 962 8.72 2.14 -47.30
C GLN C 962 8.98 0.65 -47.50
N ASP C 963 10.03 0.31 -48.24
CA ASP C 963 10.39 -1.11 -48.39
C ASP C 963 10.82 -1.71 -47.06
N SER C 964 11.55 -0.94 -46.25
CA SER C 964 11.91 -1.42 -44.92
C SER C 964 10.67 -1.64 -44.05
N LEU C 965 9.71 -0.72 -44.13
CA LEU C 965 8.50 -0.82 -43.31
C LEU C 965 7.57 -1.95 -43.77
N SER C 966 7.74 -2.45 -44.99
CA SER C 966 6.81 -3.45 -45.51
C SER C 966 7.22 -4.88 -45.19
N SER C 967 8.45 -5.12 -44.78
CA SER C 967 8.91 -6.49 -44.51
C SER C 967 9.72 -6.54 -43.23
N THR C 968 9.26 -5.88 -42.18
CA THR C 968 9.92 -5.93 -40.87
C THR C 968 8.86 -5.73 -39.81
N ALA C 969 8.48 -6.82 -39.14
CA ALA C 969 7.39 -6.76 -38.16
C ALA C 969 7.75 -5.85 -36.99
N SER C 970 8.95 -6.01 -36.44
CA SER C 970 9.36 -5.25 -35.27
C SER C 970 9.92 -3.88 -35.64
N ALA C 971 9.14 -3.13 -36.43
CA ALA C 971 9.55 -1.78 -36.81
C ALA C 971 9.17 -0.77 -35.73
N LEU C 972 7.89 -0.73 -35.37
CA LEU C 972 7.39 0.20 -34.36
C LEU C 972 7.30 -0.55 -33.04
N GLY C 973 8.45 -0.76 -32.42
CA GLY C 973 8.49 -1.53 -31.19
C GLY C 973 8.22 -0.71 -29.94
N LYS C 974 8.51 0.59 -29.99
CA LYS C 974 8.23 1.44 -28.84
C LYS C 974 6.74 1.73 -28.71
N LEU C 975 6.03 1.80 -29.83
CA LEU C 975 4.61 2.17 -29.84
C LEU C 975 3.69 0.99 -29.55
N GLN C 976 4.20 -0.24 -29.61
CA GLN C 976 3.41 -1.41 -29.26
C GLN C 976 3.50 -1.76 -27.79
N ASP C 977 4.61 -1.43 -27.16
CA ASP C 977 4.79 -1.71 -25.74
C ASP C 977 4.10 -0.70 -24.84
N VAL C 978 3.43 0.30 -25.40
CA VAL C 978 2.64 1.20 -24.58
C VAL C 978 1.19 0.76 -24.65
N VAL C 979 0.83 0.04 -25.72
CA VAL C 979 -0.52 -0.49 -25.81
C VAL C 979 -0.61 -1.90 -25.25
N ASN C 980 0.51 -2.61 -25.11
CA ASN C 980 0.50 -3.90 -24.44
C ASN C 980 0.35 -3.75 -22.93
N GLN C 981 1.11 -2.81 -22.34
CA GLN C 981 1.11 -2.68 -20.89
C GLN C 981 -0.21 -2.14 -20.36
N ASN C 982 -0.83 -1.19 -21.07
CA ASN C 982 -2.09 -0.64 -20.61
C ASN C 982 -3.24 -1.62 -20.74
N ALA C 983 -3.07 -2.71 -21.48
CA ALA C 983 -4.02 -3.80 -21.49
C ALA C 983 -3.68 -4.85 -20.45
N GLN C 984 -2.39 -5.10 -20.23
CA GLN C 984 -1.96 -6.02 -19.20
C GLN C 984 -2.43 -5.57 -17.82
N ALA C 985 -2.33 -4.27 -17.54
CA ALA C 985 -2.76 -3.77 -16.24
C ALA C 985 -4.24 -3.99 -16.00
N LEU C 986 -5.07 -3.64 -16.98
CA LEU C 986 -6.51 -3.83 -16.84
C LEU C 986 -6.92 -5.29 -16.84
N ASN C 987 -6.12 -6.17 -17.45
CA ASN C 987 -6.40 -7.60 -17.35
C ASN C 987 -6.00 -8.20 -16.01
N THR C 988 -4.91 -7.73 -15.41
CA THR C 988 -4.55 -8.11 -14.06
C THR C 988 -5.54 -7.61 -13.02
N LEU C 989 -6.06 -6.39 -13.20
CA LEU C 989 -7.03 -5.84 -12.26
C LEU C 989 -8.32 -6.66 -12.20
N VAL C 990 -8.66 -7.36 -13.26
CA VAL C 990 -9.87 -8.20 -13.25
C VAL C 990 -9.57 -9.60 -12.75
N LYS C 991 -8.42 -10.17 -13.12
CA LYS C 991 -8.01 -11.44 -12.57
C LYS C 991 -7.79 -11.38 -11.07
N GLN C 992 -7.56 -10.20 -10.51
CA GLN C 992 -7.37 -10.04 -9.08
C GLN C 992 -8.66 -10.17 -8.29
N LEU C 993 -9.79 -10.43 -8.94
CA LEU C 993 -11.07 -10.59 -8.25
C LEU C 993 -11.37 -12.02 -7.87
N SER C 994 -10.44 -12.94 -8.13
CA SER C 994 -10.59 -14.33 -7.73
C SER C 994 -9.90 -14.64 -6.41
N SER C 995 -9.32 -13.63 -5.76
CA SER C 995 -8.53 -13.82 -4.57
C SER C 995 -9.39 -13.58 -3.33
N ASN C 996 -9.35 -14.52 -2.40
CA ASN C 996 -9.96 -14.33 -1.09
C ASN C 996 -8.84 -14.01 -0.10
N PHE C 997 -8.77 -12.74 0.30
CA PHE C 997 -7.64 -12.24 1.09
C PHE C 997 -7.78 -12.68 2.55
N GLY C 998 -7.80 -14.01 2.74
CA GLY C 998 -8.03 -14.59 4.03
C GLY C 998 -9.48 -14.87 4.36
N ALA C 999 -10.43 -14.44 3.52
CA ALA C 999 -11.83 -14.71 3.76
C ALA C 999 -12.14 -16.18 3.47
N ILE C 1000 -13.37 -16.58 3.79
CA ILE C 1000 -13.75 -17.98 3.57
C ILE C 1000 -13.96 -18.24 2.09
N SER C 1001 -14.32 -17.21 1.31
CA SER C 1001 -14.51 -17.37 -0.12
C SER C 1001 -14.27 -16.04 -0.79
N SER C 1002 -14.00 -16.09 -2.10
CA SER C 1002 -13.79 -14.89 -2.88
C SER C 1002 -15.07 -14.36 -3.51
N VAL C 1003 -16.17 -15.11 -3.44
CA VAL C 1003 -17.43 -14.69 -4.02
C VAL C 1003 -18.25 -14.02 -2.93
N LEU C 1004 -18.78 -12.83 -3.23
CA LEU C 1004 -19.49 -12.05 -2.23
C LEU C 1004 -20.90 -12.52 -1.98
N ASN C 1005 -21.47 -13.33 -2.87
CA ASN C 1005 -22.82 -13.84 -2.68
C ASN C 1005 -22.87 -15.18 -1.95
N ASP C 1006 -21.72 -15.84 -1.77
CA ASP C 1006 -21.65 -17.03 -0.94
C ASP C 1006 -21.28 -16.73 0.50
N ILE C 1007 -20.95 -15.48 0.80
CA ILE C 1007 -20.79 -15.07 2.19
C ILE C 1007 -22.10 -14.49 2.72
N LEU C 1008 -22.85 -13.79 1.89
CA LEU C 1008 -24.10 -13.18 2.31
C LEU C 1008 -25.26 -14.17 2.32
N SER C 1009 -25.08 -15.37 1.78
CA SER C 1009 -26.13 -16.37 1.75
C SER C 1009 -25.93 -17.48 2.77
N ARG C 1010 -24.82 -17.44 3.52
CA ARG C 1010 -24.53 -18.47 4.50
C ARG C 1010 -24.25 -17.93 5.89
N LEU C 1011 -24.04 -16.63 6.05
CA LEU C 1011 -23.75 -16.04 7.34
C LEU C 1011 -24.64 -14.83 7.56
N ASP C 1012 -24.92 -14.55 8.84
CA ASP C 1012 -25.71 -13.40 9.26
C ASP C 1012 -24.80 -12.21 9.52
N PRO C 1013 -25.34 -10.99 9.47
CA PRO C 1013 -24.51 -9.78 9.36
C PRO C 1013 -23.34 -9.74 10.34
N PRO C 1014 -23.56 -9.98 11.64
CA PRO C 1014 -22.41 -9.90 12.57
C PRO C 1014 -21.31 -10.88 12.23
N GLU C 1015 -21.64 -12.05 11.71
CA GLU C 1015 -20.64 -13.04 11.31
C GLU C 1015 -20.15 -12.84 9.88
N ALA C 1016 -20.81 -11.98 9.09
CA ALA C 1016 -20.40 -11.76 7.71
C ALA C 1016 -19.50 -10.54 7.58
N GLU C 1017 -19.65 -9.57 8.47
CA GLU C 1017 -18.89 -8.33 8.40
C GLU C 1017 -17.40 -8.56 8.66
N VAL C 1018 -17.02 -9.72 9.16
CA VAL C 1018 -15.62 -10.01 9.36
C VAL C 1018 -14.96 -10.49 8.07
N GLN C 1019 -15.70 -11.17 7.19
CA GLN C 1019 -15.19 -11.55 5.89
C GLN C 1019 -15.34 -10.45 4.85
N ILE C 1020 -16.46 -9.71 4.89
CA ILE C 1020 -16.62 -8.59 3.98
C ILE C 1020 -15.56 -7.53 4.21
N ASP C 1021 -15.18 -7.29 5.46
CA ASP C 1021 -14.14 -6.31 5.77
C ASP C 1021 -12.74 -6.79 5.41
N ARG C 1022 -12.56 -8.08 5.17
CA ARG C 1022 -11.30 -8.56 4.60
C ARG C 1022 -11.28 -8.43 3.09
N LEU C 1023 -12.39 -8.75 2.44
CA LEU C 1023 -12.46 -8.58 0.99
C LEU C 1023 -12.35 -7.11 0.59
N ILE C 1024 -12.99 -6.21 1.35
CA ILE C 1024 -12.90 -4.79 1.04
C ILE C 1024 -11.45 -4.31 1.13
N THR C 1025 -10.77 -4.67 2.21
CA THR C 1025 -9.38 -4.23 2.40
C THR C 1025 -8.48 -4.80 1.32
N GLY C 1026 -8.71 -6.05 0.93
CA GLY C 1026 -7.88 -6.64 -0.11
C GLY C 1026 -8.17 -6.10 -1.49
N ARG C 1027 -9.39 -5.64 -1.74
CA ARG C 1027 -9.73 -5.12 -3.06
C ARG C 1027 -9.43 -3.63 -3.22
N LEU C 1028 -9.24 -2.90 -2.12
CA LEU C 1028 -8.73 -1.54 -2.22
C LEU C 1028 -7.24 -1.48 -2.55
N GLN C 1029 -6.47 -2.46 -2.09
CA GLN C 1029 -5.03 -2.45 -2.33
C GLN C 1029 -4.71 -2.61 -3.81
N SER C 1030 -5.49 -3.43 -4.51
CA SER C 1030 -5.28 -3.61 -5.95
C SER C 1030 -5.52 -2.32 -6.71
N LEU C 1031 -6.59 -1.60 -6.36
CA LEU C 1031 -6.85 -0.32 -7.01
C LEU C 1031 -5.73 0.67 -6.73
N GLN C 1032 -5.25 0.71 -5.48
CA GLN C 1032 -4.17 1.65 -5.17
C GLN C 1032 -2.88 1.31 -5.91
N THR C 1033 -2.55 0.03 -6.02
CA THR C 1033 -1.37 -0.37 -6.79
C THR C 1033 -1.51 0.01 -8.25
N TYR C 1034 -2.69 -0.23 -8.84
CA TYR C 1034 -2.93 0.16 -10.22
C TYR C 1034 -2.73 1.65 -10.43
N VAL C 1035 -3.29 2.46 -9.53
CA VAL C 1035 -3.18 3.91 -9.68
C VAL C 1035 -1.72 4.36 -9.55
N THR C 1036 -0.99 3.79 -8.60
CA THR C 1036 0.41 4.18 -8.45
C THR C 1036 1.23 3.85 -9.68
N GLN C 1037 1.04 2.65 -10.24
CA GLN C 1037 1.77 2.29 -11.45
C GLN C 1037 1.41 3.17 -12.64
N GLN C 1038 0.12 3.51 -12.79
CA GLN C 1038 -0.25 4.43 -13.87
C GLN C 1038 0.39 5.80 -13.68
N LEU C 1039 0.41 6.32 -12.46
CA LEU C 1039 1.09 7.57 -12.19
C LEU C 1039 2.56 7.51 -12.53
N ILE C 1040 3.20 6.38 -12.29
CA ILE C 1040 4.62 6.23 -12.61
C ILE C 1040 4.87 6.17 -14.12
N ARG C 1041 3.99 5.51 -14.88
CA ARG C 1041 4.20 5.44 -16.34
C ARG C 1041 3.86 6.75 -17.05
N ALA C 1042 2.88 7.50 -16.55
CA ALA C 1042 2.57 8.79 -17.15
C ALA C 1042 3.75 9.74 -17.14
N ALA C 1043 4.63 9.64 -16.14
CA ALA C 1043 5.80 10.50 -16.04
C ALA C 1043 6.87 10.20 -17.08
N GLU C 1044 6.91 8.98 -17.62
CA GLU C 1044 7.78 8.68 -18.75
C GLU C 1044 7.15 9.10 -20.07
N ILE C 1045 5.85 8.86 -20.22
CA ILE C 1045 5.21 9.31 -21.45
C ILE C 1045 5.30 10.83 -21.58
N ARG C 1046 5.20 11.54 -20.46
CA ARG C 1046 5.32 13.00 -20.50
C ARG C 1046 6.71 13.42 -20.96
N ALA C 1047 7.76 12.76 -20.49
CA ALA C 1047 9.11 13.10 -20.91
C ALA C 1047 9.31 12.84 -22.40
N SER C 1048 8.79 11.71 -22.90
CA SER C 1048 8.87 11.46 -24.33
C SER C 1048 8.10 12.50 -25.14
N ALA C 1049 6.95 12.94 -24.66
CA ALA C 1049 6.22 14.00 -25.37
C ALA C 1049 7.00 15.31 -25.38
N ASN C 1050 7.64 15.67 -24.27
CA ASN C 1050 8.46 16.88 -24.27
C ASN C 1050 9.64 16.78 -25.22
N LEU C 1051 10.31 15.63 -25.26
CA LEU C 1051 11.39 15.44 -26.22
C LEU C 1051 10.89 15.55 -27.65
N ALA C 1052 9.74 14.95 -27.96
CA ALA C 1052 9.18 15.05 -29.29
C ALA C 1052 8.79 16.49 -29.65
N ALA C 1053 8.28 17.25 -28.70
CA ALA C 1053 7.98 18.66 -28.97
C ALA C 1053 9.22 19.47 -29.27
N THR C 1054 10.28 19.28 -28.49
CA THR C 1054 11.53 19.99 -28.78
C THR C 1054 12.09 19.59 -30.13
N LYS C 1055 12.06 18.29 -30.45
CA LYS C 1055 12.54 17.82 -31.74
C LYS C 1055 11.71 18.35 -32.90
N MET C 1056 10.39 18.47 -32.74
CA MET C 1056 9.57 19.09 -33.76
C MET C 1056 9.91 20.57 -33.93
N SER C 1057 10.15 21.28 -32.83
CA SER C 1057 10.46 22.71 -32.95
C SER C 1057 11.81 22.95 -33.61
N GLU C 1058 12.80 22.09 -33.34
CA GLU C 1058 14.16 22.38 -33.79
C GLU C 1058 14.58 21.65 -35.06
N CYS C 1059 14.18 20.40 -35.26
CA CYS C 1059 14.56 19.71 -36.48
C CYS C 1059 13.65 20.02 -37.66
N VAL C 1060 12.36 20.24 -37.43
CA VAL C 1060 11.42 20.44 -38.52
C VAL C 1060 11.24 21.92 -38.86
N LEU C 1061 11.04 22.77 -37.85
CA LEU C 1061 10.83 24.18 -38.11
C LEU C 1061 12.12 24.96 -38.27
N GLY C 1062 13.28 24.31 -38.16
CA GLY C 1062 14.54 24.98 -38.32
C GLY C 1062 15.62 24.08 -38.86
N GLN C 1063 16.87 24.31 -38.45
CA GLN C 1063 17.98 23.45 -38.80
C GLN C 1063 18.98 23.49 -37.65
N SER C 1064 19.20 22.34 -37.01
CA SER C 1064 19.96 22.31 -35.78
C SER C 1064 21.44 22.07 -36.04
N LYS C 1065 22.26 22.71 -35.22
CA LYS C 1065 23.69 22.46 -35.20
C LYS C 1065 24.10 21.42 -34.17
N ARG C 1066 23.17 20.99 -33.32
CA ARG C 1066 23.48 20.00 -32.29
C ARG C 1066 23.77 18.65 -32.94
N VAL C 1067 24.84 18.00 -32.49
CA VAL C 1067 25.33 16.79 -33.14
C VAL C 1067 24.46 15.61 -32.72
N ASP C 1068 24.07 14.80 -33.70
CA ASP C 1068 23.30 13.57 -33.54
C ASP C 1068 21.93 13.80 -32.91
N PHE C 1069 21.47 15.06 -32.86
CA PHE C 1069 20.13 15.33 -32.36
C PHE C 1069 19.07 14.99 -33.40
N CYS C 1070 19.34 15.30 -34.67
CA CYS C 1070 18.38 15.03 -35.73
C CYS C 1070 18.95 14.09 -36.77
N GLY C 1071 19.61 13.02 -36.34
CA GLY C 1071 20.07 11.98 -37.24
C GLY C 1071 21.56 11.75 -37.12
N LYS C 1072 22.12 11.09 -38.13
CA LYS C 1072 23.54 10.81 -38.20
C LYS C 1072 24.12 11.53 -39.41
N GLY C 1073 25.10 12.40 -39.17
CA GLY C 1073 25.69 13.22 -40.21
C GLY C 1073 25.47 14.69 -39.96
N TYR C 1074 25.26 15.43 -41.04
CA TYR C 1074 24.96 16.85 -40.98
C TYR C 1074 23.51 17.07 -41.39
N HIS C 1075 22.78 17.80 -40.57
CA HIS C 1075 21.34 17.90 -40.73
C HIS C 1075 20.96 18.89 -41.82
N LEU C 1076 20.02 18.49 -42.68
CA LEU C 1076 19.48 19.35 -43.71
C LEU C 1076 18.02 19.70 -43.45
N MET C 1077 17.15 18.71 -43.31
CA MET C 1077 15.73 18.96 -43.05
C MET C 1077 15.10 17.70 -42.48
N SER C 1078 13.86 17.85 -42.01
CA SER C 1078 13.10 16.73 -41.47
C SER C 1078 11.65 16.86 -41.89
N PHE C 1079 10.96 15.72 -41.89
CA PHE C 1079 9.54 15.67 -42.22
C PHE C 1079 8.82 14.82 -41.18
N PRO C 1080 7.72 15.28 -40.62
CA PRO C 1080 6.98 14.48 -39.65
C PRO C 1080 5.88 13.65 -40.28
N GLN C 1081 5.61 12.51 -39.64
CA GLN C 1081 4.50 11.65 -39.96
C GLN C 1081 3.86 11.20 -38.66
N SER C 1082 2.56 10.97 -38.70
CA SER C 1082 1.82 10.58 -37.51
C SER C 1082 1.65 9.07 -37.46
N ALA C 1083 1.89 8.50 -36.29
CA ALA C 1083 1.66 7.10 -36.00
C ALA C 1083 0.77 6.98 -34.78
N PRO C 1084 0.03 5.88 -34.64
CA PRO C 1084 -0.91 5.77 -33.51
C PRO C 1084 -0.20 5.85 -32.18
N HIS C 1085 -0.60 6.84 -31.37
CA HIS C 1085 0.00 7.12 -30.07
C HIS C 1085 1.47 7.52 -30.18
N GLY C 1086 1.85 8.19 -31.26
CA GLY C 1086 3.25 8.54 -31.40
C GLY C 1086 3.49 9.44 -32.59
N VAL C 1087 4.78 9.60 -32.90
CA VAL C 1087 5.24 10.43 -34.00
C VAL C 1087 6.46 9.77 -34.63
N VAL C 1088 6.66 10.02 -35.92
CA VAL C 1088 7.79 9.47 -36.66
C VAL C 1088 8.43 10.60 -37.45
N PHE C 1089 9.72 10.80 -37.26
CA PHE C 1089 10.48 11.82 -37.98
C PHE C 1089 11.34 11.17 -39.04
N LEU C 1090 11.32 11.75 -40.25
CA LEU C 1090 12.21 11.36 -41.34
C LEU C 1090 13.26 12.45 -41.47
N HIS C 1091 14.49 12.13 -41.08
CA HIS C 1091 15.61 13.07 -41.11
C HIS C 1091 16.42 12.90 -42.38
N VAL C 1092 16.81 14.01 -42.99
CA VAL C 1092 17.65 14.00 -44.18
C VAL C 1092 19.02 14.56 -43.79
N THR C 1093 20.08 13.83 -44.10
CA THR C 1093 21.42 14.20 -43.66
C THR C 1093 22.41 14.06 -44.80
N TYR C 1094 23.48 14.84 -44.71
CA TYR C 1094 24.57 14.88 -45.67
C TYR C 1094 25.76 14.16 -45.08
N VAL C 1095 26.21 13.10 -45.75
CA VAL C 1095 27.31 12.26 -45.26
C VAL C 1095 28.46 12.37 -46.24
N PRO C 1096 29.65 12.76 -45.82
CA PRO C 1096 30.81 12.75 -46.73
C PRO C 1096 31.16 11.33 -47.16
N ALA C 1097 31.95 11.26 -48.23
CA ALA C 1097 32.11 10.03 -49.01
C ALA C 1097 33.59 9.89 -49.37
N GLN C 1098 33.86 9.09 -50.40
CA GLN C 1098 35.20 8.69 -50.82
C GLN C 1098 36.20 9.84 -50.74
N GLU C 1099 37.24 9.66 -49.93
CA GLU C 1099 38.16 10.73 -49.59
C GLU C 1099 39.57 10.40 -50.10
N LYS C 1100 40.44 11.41 -50.02
CA LYS C 1100 41.80 11.30 -50.52
C LYS C 1100 42.77 11.90 -49.52
N ASN C 1101 44.02 11.45 -49.61
CA ASN C 1101 45.11 11.93 -48.77
C ASN C 1101 45.78 13.14 -49.39
N PHE C 1102 46.24 14.06 -48.54
CA PHE C 1102 46.98 15.23 -49.00
C PHE C 1102 47.96 15.66 -47.93
N THR C 1103 48.94 16.45 -48.35
CA THR C 1103 49.94 17.04 -47.46
C THR C 1103 49.54 18.47 -47.14
N THR C 1104 49.66 18.84 -45.87
CA THR C 1104 49.09 20.10 -45.39
C THR C 1104 50.15 20.94 -44.68
N ALA C 1105 49.87 22.23 -44.58
CA ALA C 1105 50.71 23.18 -43.88
C ALA C 1105 49.84 24.17 -43.12
N PRO C 1106 50.33 24.75 -42.04
CA PRO C 1106 49.55 25.76 -41.32
C PRO C 1106 49.56 27.14 -41.97
N ALA C 1107 50.66 27.52 -42.61
CA ALA C 1107 50.77 28.86 -43.16
C ALA C 1107 51.68 28.84 -44.38
N ILE C 1108 51.75 29.98 -45.06
CA ILE C 1108 52.57 30.18 -46.25
C ILE C 1108 53.47 31.37 -46.01
N CYS C 1109 54.77 31.20 -46.23
CA CYS C 1109 55.74 32.28 -46.09
C CYS C 1109 56.13 32.77 -47.48
N HIS C 1110 55.61 33.93 -47.86
CA HIS C 1110 55.86 34.42 -49.22
C HIS C 1110 57.22 35.11 -49.33
N ASP C 1111 57.38 36.27 -48.68
CA ASP C 1111 58.64 37.00 -48.77
C ASP C 1111 59.01 37.69 -47.46
N GLY C 1112 58.47 37.24 -46.34
CA GLY C 1112 58.64 37.95 -45.08
C GLY C 1112 57.32 38.17 -44.38
N LYS C 1113 56.29 37.48 -44.86
CA LYS C 1113 54.96 37.54 -44.29
C LYS C 1113 54.41 36.13 -44.18
N ALA C 1114 53.36 35.97 -43.37
CA ALA C 1114 52.71 34.68 -43.17
C ALA C 1114 51.24 34.81 -43.53
N HIS C 1115 50.82 34.10 -44.56
CA HIS C 1115 49.46 34.14 -45.06
C HIS C 1115 48.67 32.96 -44.51
N PHE C 1116 47.50 33.24 -43.94
CA PHE C 1116 46.60 32.22 -43.42
C PHE C 1116 45.31 32.19 -44.24
N PRO C 1117 44.70 31.02 -44.39
CA PRO C 1117 43.50 30.93 -45.23
C PRO C 1117 42.27 31.51 -44.55
N ARG C 1118 41.42 32.17 -45.35
CA ARG C 1118 40.20 32.74 -44.79
C ARG C 1118 39.24 31.66 -44.33
N GLU C 1119 38.94 30.70 -45.20
CA GLU C 1119 37.96 29.66 -44.90
C GLU C 1119 38.57 28.27 -44.87
N GLY C 1120 39.23 27.84 -45.95
CA GLY C 1120 39.59 26.44 -46.08
C GLY C 1120 40.92 26.03 -45.49
N VAL C 1121 41.61 25.12 -46.17
CA VAL C 1121 42.91 24.60 -45.74
C VAL C 1121 43.85 24.61 -46.92
N PHE C 1122 45.14 24.49 -46.63
CA PHE C 1122 46.19 24.40 -47.64
C PHE C 1122 46.50 22.94 -47.92
N VAL C 1123 46.53 22.56 -49.19
CA VAL C 1123 46.82 21.18 -49.57
C VAL C 1123 47.84 21.19 -50.70
N SER C 1124 48.43 20.02 -50.93
CA SER C 1124 49.42 19.85 -51.99
C SER C 1124 49.17 18.53 -52.70
N ASN C 1125 49.22 18.59 -54.02
CA ASN C 1125 49.09 17.40 -54.90
C ASN C 1125 50.48 16.86 -55.23
N GLY C 1126 51.47 17.16 -54.39
CA GLY C 1126 52.81 16.67 -54.60
C GLY C 1126 53.79 17.74 -55.02
N THR C 1127 53.38 18.63 -55.92
CA THR C 1127 54.26 19.67 -56.43
C THR C 1127 53.63 21.05 -56.51
N HIS C 1128 52.32 21.17 -56.31
CA HIS C 1128 51.65 22.47 -56.29
C HIS C 1128 50.84 22.59 -55.01
N TRP C 1129 50.55 23.84 -54.63
CA TRP C 1129 49.79 24.12 -53.43
C TRP C 1129 48.48 24.82 -53.79
N PHE C 1130 47.39 24.32 -53.23
CA PHE C 1130 46.06 24.87 -53.46
C PHE C 1130 45.39 25.13 -52.12
N VAL C 1131 44.24 25.81 -52.18
CA VAL C 1131 43.39 26.06 -51.02
C VAL C 1131 42.04 25.41 -51.30
N THR C 1132 41.55 24.62 -50.36
CA THR C 1132 40.25 23.97 -50.51
C THR C 1132 39.34 24.35 -49.35
N GLN C 1133 38.07 23.99 -49.50
CA GLN C 1133 37.14 23.98 -48.37
C GLN C 1133 37.21 22.61 -47.72
N ARG C 1134 37.06 22.58 -46.39
CA ARG C 1134 37.45 21.40 -45.64
C ARG C 1134 36.48 20.23 -45.79
N ASN C 1135 35.26 20.46 -46.28
CA ASN C 1135 34.25 19.41 -46.35
C ASN C 1135 33.98 18.92 -47.77
N PHE C 1136 34.77 19.38 -48.75
CA PHE C 1136 34.59 18.96 -50.13
C PHE C 1136 35.81 19.38 -50.94
N TYR C 1137 36.40 18.46 -51.68
CA TYR C 1137 37.64 18.77 -52.40
C TYR C 1137 37.30 19.60 -53.63
N GLU C 1138 37.63 20.89 -53.58
CA GLU C 1138 37.45 21.79 -54.72
C GLU C 1138 38.59 22.80 -54.70
N PRO C 1139 39.70 22.50 -55.36
CA PRO C 1139 40.90 23.32 -55.21
C PRO C 1139 40.83 24.63 -55.97
N GLN C 1140 41.64 25.59 -55.51
CA GLN C 1140 41.74 26.91 -56.12
C GLN C 1140 43.20 27.34 -56.06
N ILE C 1141 43.45 28.62 -56.33
CA ILE C 1141 44.80 29.17 -56.41
C ILE C 1141 45.00 30.13 -55.26
N ILE C 1142 46.15 30.03 -54.59
CA ILE C 1142 46.43 30.87 -53.43
C ILE C 1142 46.64 32.30 -53.90
N THR C 1143 45.73 33.20 -53.53
CA THR C 1143 45.86 34.61 -53.85
C THR C 1143 45.74 35.45 -52.59
N THR C 1144 45.63 36.77 -52.75
CA THR C 1144 45.48 37.66 -51.61
C THR C 1144 44.04 37.85 -51.19
N ASP C 1145 43.08 37.24 -51.89
CA ASP C 1145 41.68 37.23 -51.46
C ASP C 1145 41.23 35.85 -51.00
N ASN C 1146 42.16 34.91 -50.84
CA ASN C 1146 41.92 33.68 -50.11
C ASN C 1146 42.58 33.68 -48.75
N THR C 1147 43.50 34.62 -48.50
CA THR C 1147 44.36 34.59 -47.34
C THR C 1147 44.37 35.96 -46.68
N PHE C 1148 44.97 36.02 -45.49
CA PHE C 1148 45.24 37.27 -44.80
C PHE C 1148 46.59 37.19 -44.13
N VAL C 1149 47.21 38.34 -43.92
CA VAL C 1149 48.60 38.43 -43.47
C VAL C 1149 48.64 38.74 -41.99
N SER C 1150 49.56 38.10 -41.27
CA SER C 1150 49.75 38.39 -39.85
C SER C 1150 51.14 37.92 -39.44
N GLY C 1151 52.01 38.87 -39.10
CA GLY C 1151 53.29 38.53 -38.50
C GLY C 1151 54.37 38.17 -39.51
N SER C 1152 55.35 37.42 -39.03
CA SER C 1152 56.51 37.01 -39.82
C SER C 1152 56.71 35.51 -39.69
N CYS C 1153 57.67 35.00 -40.48
CA CYS C 1153 57.87 33.56 -40.62
C CYS C 1153 58.85 32.99 -39.60
N ASP C 1154 58.62 33.22 -38.32
CA ASP C 1154 59.45 32.61 -37.29
C ASP C 1154 58.67 32.01 -36.12
N VAL C 1155 57.44 32.44 -35.89
CA VAL C 1155 56.65 31.91 -34.78
C VAL C 1155 55.88 30.67 -35.20
N VAL C 1156 55.37 30.63 -36.43
CA VAL C 1156 54.64 29.46 -36.90
C VAL C 1156 55.61 28.32 -37.11
N ILE C 1157 55.25 27.13 -36.61
CA ILE C 1157 56.18 26.02 -36.52
C ILE C 1157 56.44 25.41 -37.90
N GLY C 1158 55.40 24.89 -38.54
CA GLY C 1158 55.56 24.23 -39.81
C GLY C 1158 55.23 25.06 -41.03
N ILE C 1159 55.88 26.21 -41.19
CA ILE C 1159 55.56 27.13 -42.26
C ILE C 1159 56.41 26.78 -43.48
N VAL C 1160 55.79 26.83 -44.66
CA VAL C 1160 56.44 26.43 -45.90
C VAL C 1160 56.60 27.64 -46.80
N ASN C 1161 57.33 27.47 -47.88
CA ASN C 1161 57.58 28.63 -48.73
C ASN C 1161 56.95 28.35 -50.06
N ASN C 1162 56.22 29.33 -50.55
CA ASN C 1162 55.52 29.24 -51.82
C ASN C 1162 55.29 30.66 -52.33
N THR C 1163 54.44 30.79 -53.35
CA THR C 1163 54.14 32.08 -53.95
C THR C 1163 52.65 32.37 -53.80
N VAL C 1164 52.33 33.66 -53.69
CA VAL C 1164 50.95 34.14 -53.64
C VAL C 1164 50.75 35.09 -54.81
N TYR C 1165 49.72 34.83 -55.61
CA TYR C 1165 49.50 35.55 -56.85
C TYR C 1165 48.63 36.77 -56.60
N ASP C 1166 49.17 37.95 -56.87
CA ASP C 1166 48.38 39.17 -56.75
C ASP C 1166 47.37 39.24 -57.89
N PRO C 1167 46.09 39.44 -57.60
CA PRO C 1167 45.07 39.37 -58.66
C PRO C 1167 45.09 40.56 -59.62
N LEU C 1168 45.48 41.75 -59.17
CA LEU C 1168 45.42 42.93 -60.02
C LEU C 1168 46.79 43.38 -60.52
N GLN C 1169 47.82 42.56 -60.34
CA GLN C 1169 49.15 42.94 -60.78
C GLN C 1169 49.32 42.84 -62.30
N PRO C 1170 48.74 41.82 -62.96
CA PRO C 1170 48.77 41.82 -64.43
C PRO C 1170 48.21 43.09 -65.06
N GLU C 1171 47.16 43.67 -64.48
CA GLU C 1171 46.54 44.85 -65.06
C GLU C 1171 47.40 46.09 -64.81
C1 NAG D . 26.33 14.03 40.25
C2 NAG D . 26.82 15.44 40.14
C3 NAG D . 28.29 15.38 39.77
C4 NAG D . 29.06 14.62 40.83
C5 NAG D . 28.46 13.23 40.92
C6 NAG D . 29.07 12.37 42.01
C7 NAG D . 25.60 15.87 38.01
C8 NAG D . 24.17 16.24 37.76
N2 NAG D . 26.08 16.25 39.19
O3 NAG D . 28.73 16.73 39.62
O4 NAG D . 30.44 14.45 40.48
O5 NAG D . 27.10 13.37 41.23
O6 NAG D . 29.00 13.08 43.26
O7 NAG D . 26.26 15.29 37.16
C1 NAG D . 31.28 15.41 41.15
C2 NAG D . 32.62 14.79 41.54
C3 NAG D . 33.48 15.87 42.16
C4 NAG D . 33.64 17.03 41.18
C5 NAG D . 32.25 17.55 40.81
C6 NAG D . 32.32 18.65 39.76
C7 NAG D . 32.71 12.47 42.26
C8 NAG D . 32.84 11.56 43.45
N2 NAG D . 32.45 13.75 42.52
O3 NAG D . 34.76 15.33 42.46
O4 NAG D . 34.40 18.07 41.80
O5 NAG D . 31.49 16.50 40.26
O6 NAG D . 32.38 18.02 38.48
O7 NAG D . 32.83 12.05 41.12
C1 NAG E . 21.53 -19.92 59.80
C2 NAG E . 22.12 -20.90 60.80
C3 NAG E . 21.05 -21.72 61.48
C4 NAG E . 19.97 -22.20 60.52
C5 NAG E . 19.45 -21.16 59.51
C6 NAG E . 18.35 -20.29 60.11
C7 NAG E . 23.92 -22.49 60.70
C8 NAG E . 24.15 -23.89 60.21
N2 NAG E . 22.96 -21.82 60.08
O3 NAG E . 20.47 -20.91 62.53
O4 NAG E . 20.48 -23.31 59.77
O5 NAG E . 20.52 -20.40 58.92
O6 NAG E . 17.39 -21.14 60.74
O7 NAG E . 24.58 -21.98 61.58
C1 NAG E . 19.57 -24.41 59.91
C2 NAG E . 20.37 -25.68 60.13
C3 NAG E . 19.43 -26.85 60.34
C4 NAG E . 18.50 -26.55 61.51
C5 NAG E . 17.76 -25.25 61.24
C6 NAG E . 16.95 -24.86 62.46
C7 NAG E . 21.19 -25.64 57.76
C8 NAG E . 20.51 -26.61 56.83
N2 NAG E . 21.30 -25.99 59.04
O3 NAG E . 20.20 -28.03 60.65
O4 NAG E . 17.57 -27.62 61.66
O5 NAG E . 18.69 -24.20 61.01
O6 NAG E . 17.85 -24.49 63.50
O7 NAG E . 21.64 -24.58 57.35
C1 NAG F . -2.46 -18.71 60.99
C2 NAG F . -3.85 -18.84 60.39
C3 NAG F . -4.71 -18.09 61.36
C4 NAG F . -4.62 -18.84 62.68
C5 NAG F . -3.21 -18.69 63.19
C6 NAG F . -2.97 -19.28 64.56
C7 NAG F . -4.59 -18.87 58.02
C8 NAG F . -5.76 -18.13 57.51
N2 NAG F . -4.02 -18.28 59.08
O3 NAG F . -6.05 -18.01 60.91
O4 NAG F . -5.68 -18.38 63.51
O5 NAG F . -2.43 -19.39 62.23
O6 NAG F . -3.58 -18.45 65.56
O7 NAG F . -4.20 -19.91 57.51
C1 NAG F . -6.68 -19.37 63.89
C2 NAG F . -6.64 -20.77 63.26
C3 NAG F . -7.69 -21.65 63.90
C4 NAG F . -7.56 -21.67 65.41
C5 NAG F . -7.58 -20.25 65.96
C6 NAG F . -7.30 -20.23 67.45
C7 NAG F . -6.30 -21.49 60.94
C8 NAG F . -7.04 -21.76 59.66
N2 NAG F . -6.98 -20.79 61.85
O3 NAG F . -7.56 -23.00 63.45
O4 NAG F . -8.65 -22.40 65.96
O5 NAG F . -6.60 -19.46 65.31
O6 NAG F . -7.35 -18.86 67.90
O7 NAG F . -5.18 -21.89 61.12
C1 NAG G . -1.80 -2.77 49.03
C2 NAG G . -3.24 -2.62 48.61
C3 NAG G . -3.63 -1.18 48.73
C4 NAG G . -3.35 -0.55 50.07
C5 NAG G . -1.91 -0.78 50.42
C6 NAG G . -1.63 -0.45 51.87
C7 NAG G . -4.30 -3.90 46.80
C8 NAG G . -3.88 -4.76 45.68
N2 NAG G . -3.42 -3.01 47.24
O3 NAG G . -5.04 -1.12 48.55
O4 NAG G . -3.40 0.83 49.76
O5 NAG G . -1.60 -2.14 50.26
O6 NAG G . -2.42 -1.25 52.73
O7 NAG G . -5.40 -4.02 47.25
C1 NAG G . -4.28 1.73 50.54
C2 NAG G . -3.83 3.17 50.48
C3 NAG G . -4.64 3.96 51.47
C4 NAG G . -6.10 3.85 51.09
C5 NAG G . -6.48 2.38 51.12
C6 NAG G . -7.92 2.20 50.70
C7 NAG G . -1.52 3.48 49.88
C8 NAG G . -0.11 3.53 50.38
N2 NAG G . -2.42 3.30 50.82
O3 NAG G . -4.24 5.32 51.42
O4 NAG G . -6.88 4.56 52.03
O5 NAG G . -5.66 1.68 50.19
O6 NAG G . -8.14 0.79 50.51
O7 NAG G . -1.81 3.60 48.71
C1 NAG H . -22.37 18.55 43.37
C2 NAG H . -23.09 19.87 43.17
C3 NAG H . -22.12 21.00 43.41
C4 NAG H . -21.48 20.91 44.77
C5 NAG H . -20.81 19.55 44.91
C6 NAG H . -20.35 19.25 46.31
C7 NAG H . -24.65 20.37 41.37
C8 NAG H . -25.64 19.30 40.99
N2 NAG H . -23.48 19.95 41.79
O3 NAG H . -22.89 22.19 43.35
O4 NAG H . -20.47 21.93 44.87
O5 NAG H . -21.76 18.53 44.65
O6 NAG H . -21.53 18.94 47.03
O7 NAG H . -24.92 21.55 41.25
C1 NAG H . -20.75 22.86 45.92
C2 NAG H . -19.44 23.41 46.49
C3 NAG H . -19.77 24.32 47.65
C4 NAG H . -20.65 25.44 47.14
C5 NAG H . -21.90 24.82 46.56
C6 NAG H . -22.87 25.88 46.07
C7 NAG H . -17.54 21.91 46.33
C8 NAG H . -16.71 20.88 47.04
N2 NAG H . -18.60 22.35 47.00
O3 NAG H . -18.56 24.86 48.19
O4 NAG H . -21.03 26.30 48.21
O5 NAG H . -21.54 23.95 45.49
O6 NAG H . -24.15 25.26 45.95
O7 NAG H . -17.26 22.33 45.22
C1 FUC H . -21.43 19.44 48.37
C2 FUC H . -22.76 20.04 48.79
C3 FUC H . -23.83 18.97 48.78
C4 FUC H . -23.42 17.86 49.70
C5 FUC H . -22.07 17.33 49.27
C6 FUC H . -21.59 16.21 50.18
O2 FUC H . -23.16 21.09 47.90
O3 FUC H . -25.07 19.55 49.21
O4 FUC H . -23.34 18.36 51.05
O5 FUC H . -21.10 18.38 49.27
C1 NAG I . 50.00 35.80 -20.79
C2 NAG I . 51.32 36.53 -20.88
C3 NAG I . 52.42 35.53 -20.76
C4 NAG I . 52.33 34.77 -19.45
C5 NAG I . 50.97 34.11 -19.42
C6 NAG I . 50.67 33.40 -18.12
C7 NAG I . 51.19 38.44 -22.33
C8 NAG I . 50.97 38.87 -23.75
N2 NAG I . 51.46 37.17 -22.15
O3 NAG I . 53.65 36.23 -20.84
O4 NAG I . 53.27 33.71 -19.53
O5 NAG I . 49.96 35.09 -19.56
O6 NAG I . 49.44 32.70 -18.32
O7 NAG I . 51.12 39.21 -21.38
C1 NAG I . 54.29 33.86 -18.53
C2 NAG I . 54.80 32.54 -17.99
C3 NAG I . 55.61 32.88 -16.76
C4 NAG I . 56.76 33.79 -17.21
C5 NAG I . 56.14 35.04 -17.80
C6 NAG I . 57.17 36.05 -18.28
C7 NAG I . 53.53 30.55 -18.42
C8 NAG I . 52.47 29.59 -17.97
N2 NAG I . 53.73 31.62 -17.66
O3 NAG I . 56.06 31.66 -16.18
O4 NAG I . 57.55 34.15 -16.09
O5 NAG I . 55.36 34.68 -18.93
O6 NAG I . 57.74 35.54 -19.49
O7 NAG I . 54.18 30.36 -19.42
C1 BMA I . 58.80 33.43 -16.12
C2 BMA I . 59.98 34.41 -16.07
C3 BMA I . 61.27 33.62 -16.17
C4 BMA I . 61.30 32.57 -15.06
C5 BMA I . 60.08 31.68 -15.14
C6 BMA I . 60.07 30.67 -14.00
O2 BMA I . 59.94 35.15 -14.85
O3 BMA I . 62.38 34.49 -16.03
O4 BMA I . 62.49 31.78 -15.18
O5 BMA I . 58.89 32.47 -15.08
O6 BMA I . 58.88 29.86 -14.10
C1 NAG J . 48.77 55.32 -30.05
C2 NAG J . 49.86 56.12 -29.39
C3 NAG J . 50.60 56.85 -30.48
C4 NAG J . 51.23 55.82 -31.39
C5 NAG J . 50.08 55.02 -31.97
C6 NAG J . 50.53 53.95 -32.97
C7 NAG J . 49.47 56.94 -27.18
C8 NAG J . 49.01 58.07 -26.30
N2 NAG J . 49.30 57.09 -28.48
O3 NAG J . 51.56 57.68 -29.84
O4 NAG J . 51.96 56.44 -32.43
O5 NAG J . 49.40 54.39 -30.90
O6 NAG J . 51.31 52.97 -32.28
O7 NAG J . 49.98 55.93 -26.71
C1 NAG J . 53.37 56.16 -32.30
C2 NAG J . 54.03 56.45 -33.63
C3 NAG J . 55.53 56.23 -33.55
C4 NAG J . 56.11 57.03 -32.41
C5 NAG J . 55.37 56.71 -31.11
C6 NAG J . 55.85 57.60 -29.96
C7 NAG J . 53.72 54.39 -34.95
C8 NAG J . 54.01 54.12 -36.40
N2 NAG J . 53.42 55.66 -34.68
O3 NAG J . 56.15 56.64 -34.77
O4 NAG J . 57.50 56.70 -32.31
O5 NAG J . 53.98 56.92 -31.26
O6 NAG J . 57.19 57.28 -29.60
O7 NAG J . 53.76 53.49 -34.13
C1 NAG K . 33.24 66.06 -38.50
C2 NAG K . 33.32 67.31 -37.65
C3 NAG K . 32.13 68.20 -37.92
C4 NAG K . 32.10 68.56 -39.39
C5 NAG K . 32.07 67.27 -40.19
C6 NAG K . 32.12 67.51 -41.68
C7 NAG K . 34.41 66.94 -35.51
C8 NAG K . 35.39 68.05 -35.73
N2 NAG K . 33.30 66.98 -36.24
O3 NAG K . 32.31 69.34 -37.10
O4 NAG K . 30.88 69.25 -39.68
O5 NAG K . 33.18 66.46 -39.85
O6 NAG K . 31.83 66.29 -42.37
O7 NAG K . 34.63 66.05 -34.72
C1 NAG K . 30.92 70.70 -39.93
C2 NAG K . 29.79 71.10 -40.87
C3 NAG K . 29.80 72.60 -41.13
C4 NAG K . 29.74 73.33 -39.80
C5 NAG K . 30.88 72.87 -38.91
C6 NAG K . 30.82 73.54 -37.54
C7 NAG K . 30.75 70.58 -43.11
C8 NAG K . 30.14 70.65 -44.47
N2 NAG K . 29.88 70.35 -42.12
O3 NAG K . 28.66 72.94 -41.91
O4 NAG K . 29.87 74.73 -40.05
O5 NAG K . 30.83 71.46 -38.73
O6 NAG K . 31.98 73.14 -36.81
O7 NAG K . 31.96 70.69 -42.96
C1 NAG L . 53.88 13.45 -19.98
C2 NAG L . 55.36 13.26 -20.28
C3 NAG L . 55.77 12.04 -19.50
C4 NAG L . 55.54 12.22 -18.03
C5 NAG L . 54.06 12.46 -17.83
C6 NAG L . 53.62 12.72 -16.39
C7 NAG L . 56.40 13.59 -22.42
C8 NAG L . 56.31 13.33 -23.89
N2 NAG L . 55.56 12.91 -21.66
O3 NAG L . 57.15 11.82 -19.77
O4 NAG L . 55.91 10.99 -17.39
O5 NAG L . 53.71 13.60 -18.59
O6 NAG L . 54.29 13.86 -15.88
O7 NAG L . 57.21 14.36 -21.95
C1 NAG L . 56.88 11.22 -16.33
C2 NAG L . 58.26 10.74 -16.75
C3 NAG L . 59.22 10.93 -15.59
C4 NAG L . 59.19 12.38 -15.14
C5 NAG L . 57.77 12.79 -14.80
C6 NAG L . 57.66 14.28 -14.47
C7 NAG L . 57.80 8.28 -16.69
C8 NAG L . 58.85 7.25 -16.38
N2 NAG L . 58.27 9.39 -17.28
O3 NAG L . 60.54 10.58 -16.03
O4 NAG L . 60.03 12.53 -14.00
O5 NAG L . 56.92 12.57 -15.90
O6 NAG L . 57.09 14.95 -15.59
O7 NAG L . 56.63 8.07 -16.45
C1 NAG M . -25.44 -12.83 54.07
C2 NAG M . -25.17 -11.90 55.24
C3 NAG M . -25.49 -12.64 56.52
C4 NAG M . -26.98 -12.94 56.50
C5 NAG M . -27.18 -13.83 55.30
C6 NAG M . -28.57 -14.41 55.10
C7 NAG M . -23.48 -10.23 55.55
C8 NAG M . -24.30 -9.15 54.91
N2 NAG M . -23.80 -11.48 55.23
O3 NAG M . -25.18 -11.85 57.67
O4 NAG M . -27.36 -13.64 57.68
O5 NAG M . -26.83 -13.10 54.14
O6 NAG M . -28.52 -15.03 53.81
O7 NAG M . -22.60 -10.01 56.35
C1 FUC M . -28.34 -16.47 53.88
C2 FUC M . -28.81 -17.06 52.57
C3 FUC M . -27.82 -16.72 51.46
C4 FUC M . -26.44 -17.22 51.84
C5 FUC M . -26.04 -16.62 53.17
C6 FUC M . -24.68 -17.10 53.63
O2 FUC M . -30.09 -16.51 52.24
O3 FUC M . -28.20 -17.39 50.26
O4 FUC M . -26.50 -18.63 51.94
O5 FUC M . -27.03 -16.94 54.16
C1 NAG N . -45.03 20.65 -7.58
C2 NAG N . -45.22 21.10 -9.00
C3 NAG N . -45.02 22.60 -9.04
C4 NAG N . -46.03 23.26 -8.12
C5 NAG N . -45.81 22.73 -6.73
C6 NAG N . -46.81 23.23 -5.71
C7 NAG N . -43.04 20.12 -9.74
C8 NAG N . -42.68 18.72 -10.13
N2 NAG N . -44.32 20.43 -9.93
O3 NAG N . -45.16 22.99 -10.41
O4 NAG N . -45.84 24.68 -8.04
O5 NAG N . -45.97 21.33 -6.77
O6 NAG N . -48.13 22.97 -6.19
O7 NAG N . -42.20 20.90 -9.34
C1 NAG N . -46.76 25.39 -8.89
C2 NAG N . -47.20 26.70 -8.26
C3 NAG N . -48.10 27.43 -9.23
C4 NAG N . -47.36 27.65 -10.54
C5 NAG N . -46.90 26.31 -11.09
C6 NAG N . -46.07 26.45 -12.35
C7 NAG N . -47.54 26.80 -5.83
C8 NAG N . -48.56 26.84 -4.75
N2 NAG N . -47.98 26.46 -7.04
O3 NAG N . -48.47 28.70 -8.67
O4 NAG N . -48.22 28.29 -11.48
O5 NAG N . -46.11 25.66 -10.12
O6 NAG N . -44.72 26.70 -11.95
O7 NAG N . -46.37 27.08 -5.62
C1 NAG O . -57.91 15.01 29.30
C2 NAG O . -58.80 15.51 30.43
C3 NAG O . -59.20 14.40 31.36
C4 NAG O . -58.04 13.47 31.70
C5 NAG O . -57.16 13.03 30.52
C6 NAG O . -57.76 11.83 29.79
C7 NAG O . -58.67 17.38 31.93
C8 NAG O . -57.99 17.73 33.22
N2 NAG O . -58.05 16.47 31.19
O3 NAG O . -60.28 13.67 30.77
O4 NAG O . -57.19 14.11 32.66
O5 NAG O . -56.84 14.13 29.64
O6 NAG O . -58.11 10.84 30.76
O7 NAG O . -59.70 17.90 31.56
C1 NAG O . -57.02 13.24 33.79
C2 NAG O . -57.13 14.06 35.06
C3 NAG O . -57.03 13.16 36.27
C4 NAG O . -58.10 12.09 36.19
C5 NAG O . -57.96 11.32 34.88
C6 NAG O . -59.11 10.35 34.72
C7 NAG O . -54.93 15.16 34.59
C8 NAG O . -53.77 14.65 35.41
N2 NAG O . -56.14 15.13 35.15
O3 NAG O . -57.23 13.94 37.46
O4 NAG O . -57.96 11.19 37.29
O5 NAG O . -58.03 12.22 33.78
O6 NAG O . -60.31 11.11 34.51
O7 NAG O . -54.76 15.62 33.48
C1 NAG P . -56.23 -8.99 28.84
C2 NAG P . -55.46 -10.28 28.92
C3 NAG P . -56.42 -11.28 28.35
C4 NAG P . -57.59 -11.33 29.31
C5 NAG P . -58.30 -9.99 29.21
C6 NAG P . -59.57 -9.90 30.03
C7 NAG P . -53.04 -10.73 28.55
C8 NAG P . -52.51 -11.86 27.76
N2 NAG P . -54.24 -10.32 28.13
O3 NAG P . -55.81 -12.56 28.23
O4 NAG P . -58.35 -12.50 29.03
O5 NAG P . -57.34 -9.07 29.74
O6 NAG P . -60.60 -10.66 29.40
O7 NAG P . -52.41 -10.23 29.47
C1 NAG P . -58.44 -13.50 30.09
C2 NAG P . -57.59 -13.31 31.36
C3 NAG P . -57.94 -14.40 32.37
C4 NAG P . -59.43 -14.46 32.63
C5 NAG P . -60.20 -14.60 31.32
C6 NAG P . -61.69 -14.49 31.55
C7 NAG P . -55.23 -12.67 31.67
C8 NAG P . -53.85 -13.22 31.73
N2 NAG P . -56.15 -13.49 31.14
O3 NAG P . -57.29 -14.16 33.61
O4 NAG P . -59.71 -15.57 33.47
O5 NAG P . -59.82 -13.58 30.41
O6 NAG P . -62.34 -14.66 30.28
O7 NAG P . -55.50 -11.55 32.07
C1 NAG Q . -47.26 -7.57 11.10
C2 NAG Q . -46.70 -8.96 10.92
C3 NAG Q . -47.00 -9.42 9.52
C4 NAG Q . -48.45 -9.33 9.12
C5 NAG Q . -48.94 -7.94 9.38
C6 NAG Q . -50.45 -7.85 9.29
C7 NAG Q . -44.58 -9.73 11.89
C8 NAG Q . -43.39 -9.13 12.54
N2 NAG Q . -45.27 -8.95 11.07
O3 NAG Q . -46.66 -10.81 9.47
O4 NAG Q . -48.38 -9.41 7.71
O5 NAG Q . -48.60 -7.54 10.68
O6 NAG Q . -51.05 -8.71 10.24
O7 NAG Q . -44.87 -10.88 12.11
C1 NAG Q . -49.18 -10.41 6.98
C2 NAG Q . -49.42 -10.01 5.53
C3 NAG Q . -50.41 -10.98 4.95
C4 NAG Q . -49.83 -12.36 5.02
C5 NAG Q . -49.57 -12.69 6.49
C6 NAG Q . -48.95 -14.06 6.63
C7 NAG Q . -49.16 -7.67 5.08
C8 NAG Q . -49.84 -6.34 5.08
N2 NAG Q . -49.95 -8.68 5.43
O3 NAG Q . -50.63 -10.63 3.59
O4 NAG Q . -50.77 -13.30 4.50
O5 NAG Q . -48.65 -11.74 7.00
O6 NAG Q . -48.50 -14.19 7.98
O7 NAG Q . -47.99 -7.82 4.77
C1 NAG R . -42.65 -28.21 -10.41
C2 NAG R . -42.59 -28.96 -11.72
C3 NAG R . -43.12 -28.08 -12.82
C4 NAG R . -44.53 -27.60 -12.51
C5 NAG R . -44.52 -26.90 -11.16
C6 NAG R . -45.90 -26.59 -10.64
C7 NAG R . -40.70 -30.32 -12.48
C8 NAG R . -40.04 -31.21 -11.47
N2 NAG R . -41.20 -29.18 -12.04
O3 NAG R . -43.18 -28.89 -13.99
O4 NAG R . -44.91 -26.66 -13.52
O5 NAG R . -43.98 -27.77 -10.18
O6 NAG R . -46.40 -27.85 -10.20
O7 NAG R . -40.76 -30.61 -13.66
C1 NAG R . -46.08 -27.10 -14.26
C2 NAG R . -46.88 -25.90 -14.73
C3 NAG R . -48.12 -26.41 -15.42
C4 NAG R . -47.70 -27.27 -16.60
C5 NAG R . -46.87 -28.40 -16.05
C6 NAG R . -46.45 -29.36 -17.15
C7 NAG R . -46.72 -23.92 -13.32
C8 NAG R . -47.34 -23.15 -12.21
N2 NAG R . -47.31 -25.08 -13.62
O3 NAG R . -48.90 -25.30 -15.89
O4 NAG R . -48.85 -27.82 -17.25
O5 NAG R . -45.72 -27.89 -15.39
O6 NAG R . -46.06 -30.59 -16.54
O7 NAG R . -45.74 -23.52 -13.93
C1 FUC R . -47.82 -27.92 -10.45
C2 FUC R . -48.15 -29.32 -10.95
C3 FUC R . -47.82 -30.34 -9.87
C4 FUC R . -48.61 -29.99 -8.63
C5 FUC R . -48.26 -28.57 -8.21
C6 FUC R . -49.02 -28.16 -6.96
O2 FUC R . -47.41 -29.66 -12.12
O3 FUC R . -48.20 -31.64 -10.34
O4 FUC R . -50.01 -30.09 -8.89
O5 FUC R . -48.56 -27.66 -9.27
C1 NAG S . 8.07 50.57 -39.92
C2 NAG S . 7.87 51.85 -40.68
C3 NAG S . 7.78 52.99 -39.69
C4 NAG S . 6.64 52.76 -38.73
C5 NAG S . 6.89 51.44 -38.04
C6 NAG S . 5.77 51.01 -37.12
C7 NAG S . 8.99 51.82 -42.81
C8 NAG S . 10.33 51.76 -43.47
N2 NAG S . 9.00 52.13 -41.53
O3 NAG S . 7.60 54.18 -40.44
O4 NAG S . 6.78 53.75 -37.71
O5 NAG S . 6.99 50.42 -39.01
O6 NAG S . 6.23 49.85 -36.43
O7 NAG S . 7.95 51.61 -43.40
C1 NAG S . 5.65 54.63 -37.72
C2 NAG S . 5.28 55.13 -36.34
C3 NAG S . 3.91 55.77 -36.49
C4 NAG S . 4.05 56.92 -37.48
C5 NAG S . 4.50 56.33 -38.80
C6 NAG S . 4.67 57.36 -39.90
C7 NAG S . 6.17 54.01 -34.42
C8 NAG S . 6.03 52.95 -33.37
N2 NAG S . 5.24 54.07 -35.35
O3 NAG S . 3.49 56.19 -35.20
O4 NAG S . 2.79 57.56 -37.67
O5 NAG S . 5.76 55.72 -38.62
O6 NAG S . 5.86 58.09 -39.62
O7 NAG S . 7.10 54.79 -34.41
C1 BMA S . 2.79 58.83 -36.99
C2 BMA S . 2.43 59.95 -37.97
C3 BMA S . 2.49 61.28 -37.23
C4 BMA S . 1.56 61.22 -36.02
C5 BMA S . 1.96 60.05 -35.12
C6 BMA S . 1.02 59.95 -33.93
O2 BMA S . 1.11 59.73 -38.49
O3 BMA S . 2.07 62.33 -38.10
O4 BMA S . 1.67 62.45 -35.29
O5 BMA S . 1.91 58.85 -35.87
O6 BMA S . 1.40 58.82 -33.13
C1 NAG T . 14.04 49.63 -60.69
C2 NAG T . 13.13 50.59 -61.40
C3 NAG T . 13.98 51.42 -62.31
C4 NAG T . 14.97 52.20 -61.46
C5 NAG T . 15.83 51.16 -60.76
C6 NAG T . 16.91 51.78 -59.89
C7 NAG T . 10.88 49.90 -61.81
C8 NAG T . 9.91 49.30 -62.77
N2 NAG T . 12.16 49.88 -62.18
O3 NAG T . 13.11 52.27 -63.04
O4 NAG T . 15.79 53.03 -62.27
O5 NAG T . 14.96 50.40 -59.94
O6 NAG T . 16.31 52.51 -58.82
O7 NAG T . 10.54 50.39 -60.76
C1 NAG T . 15.53 54.42 -62.01
C2 NAG T . 16.70 55.22 -62.54
C3 NAG T . 16.47 56.71 -62.34
C4 NAG T . 15.15 57.11 -62.94
C5 NAG T . 14.02 56.25 -62.39
C6 NAG T . 12.70 56.53 -63.09
C7 NAG T . 18.37 55.17 -60.72
C8 NAG T . 19.80 55.64 -60.70
N2 NAG T . 17.93 54.78 -61.92
O3 NAG T . 17.52 57.45 -62.96
O4 NAG T . 14.92 58.49 -62.64
O5 NAG T . 14.32 54.87 -62.60
O6 NAG T . 12.22 57.83 -62.74
O7 NAG T . 17.71 55.14 -59.69
C1 NAG U . 22.50 34.78 -72.36
C2 NAG U . 21.45 34.69 -73.45
C3 NAG U . 21.73 33.51 -74.34
C4 NAG U . 23.11 33.65 -74.95
C5 NAG U . 24.10 33.77 -73.81
C6 NAG U . 25.52 33.98 -74.31
C7 NAG U . 19.29 35.54 -72.74
C8 NAG U . 19.19 36.49 -73.91
N2 NAG U . 20.13 34.52 -72.88
O3 NAG U . 20.71 33.54 -75.33
O4 NAG U . 23.43 32.44 -75.65
O5 NAG U . 23.77 34.87 -72.99
O6 NAG U . 26.42 33.84 -73.21
O7 NAG U . 18.64 35.69 -71.73
C1 NAG U . 23.42 32.45 -77.12
C2 NAG U . 24.42 31.42 -77.64
C3 NAG U . 24.43 31.41 -79.16
C4 NAG U . 23.02 31.15 -79.66
C5 NAG U . 22.07 32.19 -79.08
C6 NAG U . 20.64 31.93 -79.51
C7 NAG U . 26.58 32.67 -77.53
C8 NAG U . 27.98 32.23 -77.82
N2 NAG U . 25.76 31.69 -77.13
O3 NAG U . 25.28 30.35 -79.62
O4 NAG U . 23.00 31.24 -81.10
O5 NAG U . 22.14 32.18 -77.66
O6 NAG U . 19.84 33.02 -79.02
O7 NAG U . 26.26 33.85 -77.65
C1 NAG V . 10.49 55.30 -17.85
C2 NAG V . 10.63 56.80 -17.75
C3 NAG V . 10.02 57.17 -16.42
C4 NAG V . 8.57 56.76 -16.34
C5 NAG V . 8.53 55.25 -16.51
C6 NAG V . 7.15 54.62 -16.51
C7 NAG V . 12.54 58.08 -18.45
C8 NAG V . 14.03 58.17 -18.44
N2 NAG V . 12.01 57.18 -17.64
O3 NAG V . 10.14 58.58 -16.29
O4 NAG V . 8.11 57.10 -15.04
O5 NAG V . 9.13 54.95 -17.75
O6 NAG V . 6.36 55.18 -17.56
O7 NAG V . 11.84 58.79 -19.15
C1 NAG V . 6.91 57.91 -15.10
C2 NAG V . 7.22 59.36 -14.73
C3 NAG V . 5.94 60.16 -14.73
C4 NAG V . 5.27 60.02 -16.09
C5 NAG V . 5.04 58.55 -16.41
C6 NAG V . 4.49 58.34 -17.81
C7 NAG V . 7.64 59.01 -12.29
C8 NAG V . 7.37 60.05 -11.24
N2 NAG V . 7.97 59.49 -13.49
O3 NAG V . 6.25 61.54 -14.50
O4 NAG V . 4.01 60.70 -16.07
O5 NAG V . 6.27 57.84 -16.35
O6 NAG V . 5.55 57.88 -18.66
O7 NAG V . 7.58 57.82 -12.01
C1 NAG W . -47.53 -31.19 22.40
C2 NAG W . -48.87 -31.11 21.67
C3 NAG W . -49.95 -31.55 22.63
C4 NAG W . -49.70 -33.01 22.95
C5 NAG W . -48.35 -33.02 23.62
C6 NAG W . -47.87 -34.35 24.20
C7 NAG W . -49.66 -29.55 20.05
C8 NAG W . -49.12 -30.33 18.89
N2 NAG W . -49.10 -29.76 21.22
O3 NAG W . -51.25 -31.41 22.04
O4 NAG W . -50.68 -33.49 23.86
O5 NAG W . -47.38 -32.57 22.70
O6 NAG W . -46.52 -34.12 24.59
O7 NAG W . -50.59 -28.78 19.93
C1 FUC W . -46.38 -33.90 26.01
C2 FUC W . -44.94 -34.17 26.38
C3 FUC W . -44.03 -33.07 25.84
C4 FUC W . -44.50 -31.73 26.36
C5 FUC W . -45.96 -31.52 25.99
C6 FUC W . -46.49 -30.20 26.51
O2 FUC W . -44.54 -35.41 25.82
O3 FUC W . -42.70 -33.27 26.30
O4 FUC W . -44.36 -31.73 27.77
O5 FUC W . -46.74 -32.60 26.51
C1 NAG X . 9.71 -44.64 -20.62
C2 NAG X . 11.05 -44.68 -21.30
C3 NAG X . 10.81 -44.54 -22.80
C4 NAG X . 9.94 -45.69 -23.28
C5 NAG X . 8.63 -45.60 -22.51
C6 NAG X . 7.68 -46.75 -22.82
C7 NAG X . 11.67 -42.39 -20.51
C8 NAG X . 12.23 -41.93 -19.21
N2 NAG X . 11.96 -43.65 -20.83
O3 NAG X . 12.10 -44.53 -23.41
O4 NAG X . 9.59 -45.56 -24.66
O5 NAG X . 8.92 -45.70 -21.14
O6 NAG X . 8.35 -47.99 -22.60
O7 NAG X . 11.04 -41.63 -21.23
C1 NAG X . 10.43 -46.40 -25.48
C2 NAG X . 9.64 -46.98 -26.65
C3 NAG X . 10.59 -47.78 -27.52
C4 NAG X . 11.74 -46.90 -27.97
C5 NAG X . 12.44 -46.32 -26.77
C6 NAG X . 13.54 -45.35 -27.13
C7 NAG X . 7.30 -47.61 -26.34
C8 NAG X . 6.37 -48.77 -26.15
N2 NAG X . 8.59 -47.88 -26.19
O3 NAG X . 9.89 -48.27 -28.66
O4 NAG X . 12.66 -47.67 -28.75
O5 NAG X . 11.50 -45.61 -25.97
O6 NAG X . 12.95 -44.06 -27.33
O7 NAG X . 6.89 -46.48 -26.59
C1 NAG Y . -23.80 -61.65 -8.52
C2 NAG Y . -24.86 -62.68 -8.80
C3 NAG Y . -25.55 -63.15 -7.53
C4 NAG Y . -25.88 -62.00 -6.59
C5 NAG Y . -24.76 -60.96 -6.38
C6 NAG Y . -23.77 -61.41 -5.31
C7 NAG Y . -26.66 -62.81 -10.39
C8 NAG Y . -28.07 -62.31 -10.52
N2 NAG Y . -25.86 -62.07 -9.63
O3 NAG Y . -24.71 -64.12 -6.90
O4 NAG Y . -27.02 -61.29 -7.08
O5 NAG Y . -24.12 -60.59 -7.62
O6 NAG Y . -24.51 -61.83 -4.16
O7 NAG Y . -26.26 -63.82 -10.94
C1 NAG Y . -28.00 -61.23 -6.03
C2 NAG Y . -29.37 -61.52 -6.64
C3 NAG Y . -30.42 -61.54 -5.54
C4 NAG Y . -30.02 -62.54 -4.47
C5 NAG Y . -28.64 -62.21 -3.94
C6 NAG Y . -28.17 -63.29 -2.98
C7 NAG Y . -29.37 -59.33 -7.84
C8 NAG Y . -30.23 -58.27 -7.23
N2 NAG Y . -29.76 -60.60 -7.68
O3 NAG Y . -31.68 -61.91 -6.09
O4 NAG Y . -30.97 -62.50 -3.40
O5 NAG Y . -27.71 -62.19 -5.01
O6 NAG Y . -27.95 -64.48 -3.75
O7 NAG Y . -28.38 -59.05 -8.48
C1 NAG Z . -19.59 -58.90 15.01
C2 NAG Z . -19.54 -58.07 16.28
C3 NAG Z . -18.70 -58.92 17.20
C4 NAG Z . -19.47 -60.19 17.42
C5 NAG Z . -19.52 -60.93 16.09
C6 NAG Z . -20.18 -62.31 16.18
C7 NAG Z . -19.42 -55.61 16.61
C8 NAG Z . -18.53 -54.94 17.57
N2 NAG Z . -18.93 -56.77 16.15
O3 NAG Z . -18.44 -58.24 18.42
O4 NAG Z . -18.91 -60.86 18.55
O5 NAG Z . -20.30 -60.10 15.27
O6 NAG Z . -19.29 -63.21 16.84
O7 NAG Z . -20.48 -55.12 16.25
C1 NAG Z . -19.77 -61.02 19.71
C2 NAG Z . -21.16 -60.35 19.72
C3 NAG Z . -21.91 -60.77 20.97
C4 NAG Z . -21.98 -62.28 21.10
C5 NAG Z . -20.58 -62.87 21.04
C6 NAG Z . -20.63 -64.39 21.01
C7 NAG Z . -21.86 -58.08 19.10
C8 NAG Z . -22.01 -56.69 19.62
N2 NAG Z . -21.10 -58.89 19.82
O3 NAG Z . -23.26 -60.29 20.93
O4 NAG Z . -22.58 -62.61 22.35
O5 NAG Z . -19.91 -62.43 19.87
O6 NAG Z . -19.29 -64.88 20.97
O7 NAG Z . -22.41 -58.44 18.06
C1 NAG AA . -3.60 -47.90 10.39
C2 NAG AA . -3.27 -47.27 11.72
C3 NAG AA . -1.78 -47.38 11.96
C4 NAG AA . -1.23 -48.76 11.82
C5 NAG AA . -1.66 -49.34 10.51
C6 NAG AA . -1.38 -50.83 10.44
C7 NAG AA . -4.36 -45.25 12.62
C8 NAG AA . -5.24 -44.17 12.11
N2 NAG AA . -3.60 -45.87 11.71
O3 NAG AA . -1.55 -46.96 13.29
O4 NAG AA . 0.16 -48.52 11.65
O5 NAG AA . -3.03 -49.18 10.34
O6 NAG AA . -2.10 -51.52 11.46
O7 NAG AA . -4.34 -45.50 13.78
C1 NAG AA . 1.13 -49.18 12.54
C2 NAG AA . 2.52 -49.26 11.91
C3 NAG AA . 3.37 -50.14 12.78
C4 NAG AA . 3.46 -49.51 14.16
C5 NAG AA . 2.06 -49.41 14.71
C6 NAG AA . 2.06 -48.74 16.08
C7 NAG AA . 2.55 -49.06 9.52
C8 NAG AA . 2.41 -49.79 8.23
N2 NAG AA . 2.46 -49.83 10.59
O3 NAG AA . 4.68 -50.20 12.22
O4 NAG AA . 4.25 -50.34 15.00
O5 NAG AA . 1.27 -48.60 13.84
O6 NAG AA . 0.71 -48.46 16.42
O7 NAG AA . 2.72 -47.86 9.58
C1 NAG BA . 20.26 -39.84 26.99
C2 NAG BA . 21.67 -39.59 27.50
C3 NAG BA . 22.66 -40.01 26.46
C4 NAG BA . 22.46 -41.46 26.07
C5 NAG BA . 21.02 -41.64 25.61
C6 NAG BA . 20.64 -43.10 25.41
C7 NAG BA . 22.40 -37.56 28.66
C8 NAG BA . 21.48 -36.98 29.70
N2 NAG BA . 21.83 -38.16 27.63
O3 NAG BA . 23.94 -39.89 27.05
O4 NAG BA . 23.34 -41.77 24.98
O5 NAG BA . 20.15 -41.20 26.61
O6 NAG BA . 20.48 -43.59 26.73
O7 NAG BA . 23.61 -37.46 28.75
C1 NAG BA . 24.28 -42.81 25.32
C2 NAG BA . 24.65 -43.60 24.07
C3 NAG BA . 25.57 -44.73 24.48
C4 NAG BA . 26.79 -44.13 25.12
C5 NAG BA . 26.35 -43.33 26.31
C6 NAG BA . 27.53 -42.73 27.04
C7 NAG BA . 22.92 -43.70 22.35
C8 NAG BA . 21.78 -44.48 21.80
N2 NAG BA . 23.48 -44.20 23.45
O3 NAG BA . 25.93 -45.49 23.32
O4 NAG BA . 27.67 -45.16 25.56
O5 NAG BA . 25.47 -42.29 25.89
O6 NAG BA . 27.09 -42.38 28.36
O7 NAG BA . 23.33 -42.68 21.84
C1 FUC BA . 20.92 -44.96 26.80
C2 FUC BA . 21.68 -45.17 28.11
C3 FUC BA . 20.75 -44.94 29.29
C4 FUC BA . 19.57 -45.88 29.17
C5 FUC BA . 18.88 -45.64 27.84
C6 FUC BA . 17.70 -46.58 27.66
O2 FUC BA . 22.78 -44.27 28.22
O3 FUC BA . 21.47 -45.19 30.50
O4 FUC BA . 20.03 -47.23 29.26
O5 FUC BA . 19.81 -45.85 26.77
C1 NAG CA . 29.65 10.64 -56.77
C2 NAG CA . 30.21 10.48 -58.16
C3 NAG CA . 29.07 10.22 -59.10
C4 NAG CA . 28.30 8.98 -58.69
C5 NAG CA . 27.82 9.20 -57.28
C6 NAG CA . 27.13 8.00 -56.68
C7 NAG CA . 32.16 11.85 -58.51
C8 NAG CA . 32.64 13.27 -58.59
N2 NAG CA . 30.85 11.69 -58.60
O3 NAG CA . 29.63 10.07 -60.41
O4 NAG CA . 27.13 8.95 -59.50
O5 NAG CA . 28.93 9.47 -56.44
O6 NAG CA . 26.61 8.43 -55.43
O7 NAG CA . 32.91 10.90 -58.38
C1 NAG CA . 27.14 7.80 -60.34
C2 NAG CA . 25.75 7.24 -60.59
C3 NAG CA . 25.96 5.88 -61.22
C4 NAG CA . 26.73 6.08 -62.52
C5 NAG CA . 28.06 6.71 -62.17
C6 NAG CA . 28.94 6.97 -63.38
C7 NAG CA . 23.94 7.95 -59.18
C8 NAG CA . 23.11 7.72 -57.96
N2 NAG CA . 24.97 7.12 -59.38
O3 NAG CA . 24.68 5.27 -61.41
O4 NAG CA . 26.96 4.83 -63.16
O5 NAG CA . 27.83 7.98 -61.57
O6 NAG CA . 28.39 8.09 -64.08
O7 NAG CA . 23.69 8.83 -59.97
C1 BMA CA . 26.10 4.69 -64.31
C2 BMA CA . 26.90 4.40 -65.56
C3 BMA CA . 25.96 4.31 -66.74
C4 BMA CA . 24.91 3.26 -66.46
C5 BMA CA . 24.17 3.59 -65.17
C6 BMA CA . 23.14 2.51 -64.84
O2 BMA CA . 27.61 3.17 -65.40
O3 BMA CA . 26.70 3.96 -67.91
O4 BMA CA . 23.97 3.22 -67.54
O5 BMA CA . 25.10 3.68 -64.10
O6 BMA CA . 22.50 2.84 -63.61
C1 NAG DA . 49.37 19.13 -59.50
C2 NAG DA . 50.02 18.26 -60.54
C3 NAG DA . 50.67 19.18 -61.54
C4 NAG DA . 49.58 20.02 -62.18
C5 NAG DA . 48.95 20.82 -61.06
C6 NAG DA . 47.86 21.77 -61.54
C7 NAG DA . 50.82 16.11 -59.88
C8 NAG DA . 51.98 15.28 -59.43
N2 NAG DA . 51.02 17.42 -59.96
O3 NAG DA . 51.34 18.36 -62.48
O4 NAG DA . 50.13 20.90 -63.17
O5 NAG DA . 48.39 19.91 -60.14
O6 NAG DA . 46.77 21.02 -62.08
O7 NAG DA . 49.75 15.62 -60.18
C1 NAG DA . 49.67 20.54 -64.48
C2 NAG DA . 49.92 21.74 -65.39
C3 NAG DA . 49.49 21.42 -66.81
C4 NAG DA . 50.19 20.17 -67.28
C5 NAG DA . 49.94 19.01 -66.31
C6 NAG DA . 50.74 17.77 -66.68
C7 NAG DA . 47.93 23.18 -65.06
C8 NAG DA . 47.65 24.57 -65.56
N2 NAG DA . 49.22 22.91 -64.87
O3 NAG DA . 49.85 22.50 -67.68
O4 NAG DA . 49.69 19.84 -68.58
O5 NAG DA . 50.32 19.40 -64.98
O6 NAG DA . 50.25 17.21 -67.89
O7 NAG DA . 47.01 22.40 -64.85
C1 NAG EA . 62.17 29.56 -47.04
C2 NAG EA . 63.38 28.66 -47.12
C3 NAG EA . 64.41 29.10 -46.11
C4 NAG EA . 64.81 30.53 -46.38
C5 NAG EA . 63.56 31.37 -46.32
C6 NAG EA . 63.82 32.83 -46.65
C7 NAG EA . 62.83 26.39 -47.79
C8 NAG EA . 63.81 26.40 -48.91
N2 NAG EA . 63.02 27.28 -46.83
O3 NAG EA . 65.51 28.20 -46.28
O4 NAG EA . 65.66 30.98 -45.31
O5 NAG EA . 62.60 30.89 -47.27
O6 NAG EA . 62.66 33.60 -46.35
O7 NAG EA . 61.90 25.62 -47.75
C1 NAG EA . 67.10 31.16 -45.57
C2 NAG EA . 67.65 32.25 -44.67
C3 NAG EA . 69.14 32.44 -44.91
C4 NAG EA . 69.85 31.12 -44.72
C5 NAG EA . 69.23 30.07 -45.61
C6 NAG EA . 69.87 28.70 -45.41
C7 NAG EA . 67.06 34.32 -45.93
C8 NAG EA . 67.24 35.77 -45.58
N2 NAG EA . 66.93 33.50 -44.89
O3 NAG EA . 69.65 33.39 -43.96
O4 NAG EA . 71.23 31.27 -45.05
O5 NAG EA . 67.84 29.96 -45.37
O6 NAG EA . 69.31 27.81 -46.37
O7 NAG EA . 67.02 33.97 -47.10
C1 NAG FA . 6.98 10.16 -57.73
C2 NAG FA . 6.61 10.23 -59.20
C3 NAG FA . 5.33 9.45 -59.33
C4 NAG FA . 5.51 8.01 -58.87
C5 NAG FA . 5.92 8.06 -57.41
C6 NAG FA . 6.20 6.71 -56.77
C7 NAG FA . 6.85 12.15 -60.62
C8 NAG FA . 6.64 13.62 -60.75
N2 NAG FA . 6.27 11.56 -59.59
O3 NAG FA . 4.95 9.49 -60.70
O4 NAG FA . 4.23 7.37 -58.99
O5 NAG FA . 7.11 8.81 -57.34
O6 NAG FA . 7.25 6.04 -57.48
O7 NAG FA . 7.50 11.51 -61.43
C1 NAG FA . 4.30 6.17 -59.77
C2 NAG FA . 3.67 6.37 -61.14
C3 NAG FA . 3.70 5.06 -61.90
C4 NAG FA . 5.14 4.57 -61.98
C5 NAG FA . 5.72 4.44 -60.58
C6 NAG FA . 7.20 4.08 -60.59
C7 NAG FA . 1.29 6.50 -60.38
C8 NAG FA . 0.12 6.06 -61.23
N2 NAG FA . 2.34 6.95 -61.07
O3 NAG FA . 3.21 5.28 -63.22
O4 NAG FA . 5.16 3.29 -62.62
O5 NAG FA . 5.63 5.68 -59.90
O6 NAG FA . 7.97 5.25 -60.31
O7 NAG FA . 1.22 6.45 -59.17
C1 NAG GA . -10.70 -48.52 35.60
C2 NAG GA . -9.84 -49.75 35.42
C3 NAG GA . -10.57 -50.93 36.04
C4 NAG GA . -10.67 -50.66 37.52
C5 NAG GA . -11.51 -49.40 37.63
C6 NAG GA . -11.89 -48.94 39.02
C7 NAG GA . -8.40 -50.42 33.62
C8 NAG GA . -7.21 -49.70 34.18
N2 NAG GA . -9.60 -49.99 34.03
O3 NAG GA . -9.85 -52.15 35.83
O4 NAG GA . -11.35 -51.73 38.18
O5 NAG GA . -10.80 -48.34 37.00
O6 NAG GA . -12.49 -47.66 38.84
O7 NAG GA . -8.31 -51.35 32.86
C1 FUC GA . -13.94 -47.69 38.85
C2 FUC GA . -14.44 -46.30 39.14
C3 FUC GA . -14.20 -45.39 37.95
C4 FUC GA . -14.87 -45.96 36.72
C5 FUC GA . -14.37 -47.37 36.50
C6 FUC GA . -15.02 -48.02 35.28
O2 FUC GA . -13.73 -45.78 40.27
O3 FUC GA . -14.79 -44.11 38.20
O4 FUC GA . -16.27 -46.00 36.98
O5 FUC GA . -14.59 -48.17 37.66
C1 NAG HA . 10.24 0.20 71.94
C2 NAG HA . 9.60 -0.38 73.19
C3 NAG HA . 8.16 -0.80 72.93
C4 NAG HA . 7.38 0.37 72.34
C5 NAG HA . 8.10 0.92 71.11
C6 NAG HA . 7.44 2.16 70.54
C7 NAG HA . 11.14 -1.45 74.79
C8 NAG HA . 11.86 -2.72 75.15
N2 NAG HA . 10.38 -1.52 73.69
O3 NAG HA . 7.55 -1.23 74.13
O4 NAG HA . 6.08 -0.06 71.96
O5 NAG HA . 9.44 1.28 71.45
O6 NAG HA . 6.08 2.25 70.95
O7 NAG HA . 11.23 -0.43 75.45
C1 NAG IA . 17.46 16.32 45.13
C2 NAG IA . 17.42 17.43 44.09
C3 NAG IA . 18.03 18.71 44.67
C4 NAG IA . 17.34 19.07 45.97
C5 NAG IA . 17.35 17.89 46.94
C6 NAG IA . 16.55 18.15 48.19
C7 NAG IA . 17.53 17.08 41.66
C8 NAG IA . 18.38 16.64 40.51
N2 NAG IA . 18.10 17.03 42.87
O3 NAG IA . 17.89 19.76 43.72
O4 NAG IA . 18.01 20.17 46.58
O5 NAG IA . 16.77 16.73 46.31
O6 NAG IA . 15.23 17.64 48.07
O7 NAG IA . 16.38 17.47 41.51
C1 NAG JA . 31.35 -13.61 25.74
C2 NAG JA . 32.24 -12.60 25.02
C3 NAG JA . 33.61 -13.20 24.76
C4 NAG JA . 34.22 -13.71 26.06
C5 NAG JA . 33.26 -14.69 26.72
C6 NAG JA . 33.74 -15.17 28.07
C7 NAG JA . 31.63 -10.88 23.37
C8 NAG JA . 32.28 -9.89 24.28
N2 NAG JA . 31.64 -12.15 23.77
O3 NAG JA . 34.47 -12.21 24.19
O4 NAG JA . 35.46 -14.37 25.80
O5 NAG JA . 31.99 -14.07 26.93
O6 NAG JA . 33.08 -16.36 28.47
O7 NAG JA . 31.12 -10.54 22.31
C1 NAG KA . -36.72 -8.78 48.55
C2 NAG KA . -36.58 -9.32 49.98
C3 NAG KA . -37.03 -8.27 50.98
C4 NAG KA . -36.26 -6.97 50.76
C5 NAG KA . -36.39 -6.52 49.31
C6 NAG KA . -35.54 -5.32 48.99
C7 NAG KA . -36.74 -11.75 50.28
C8 NAG KA . -37.65 -12.91 50.46
N2 NAG KA . -37.33 -10.55 50.16
O3 NAG KA . -36.80 -8.75 52.30
O4 NAG KA . -36.76 -5.96 51.62
O5 NAG KA . -35.98 -7.57 48.42
O6 NAG KA . -34.35 -5.31 49.78
O7 NAG KA . -35.52 -11.87 50.25
C1 NAG LA . 6.01 37.99 20.83
C2 NAG LA . 5.80 39.04 21.91
C3 NAG LA . 5.32 40.35 21.27
C4 NAG LA . 6.30 40.78 20.18
C5 NAG LA . 6.51 39.65 19.18
C6 NAG LA . 7.56 39.97 18.15
C7 NAG LA . 5.09 38.64 24.22
C8 NAG LA . 6.41 39.19 24.64
N2 NAG LA . 4.84 38.59 22.91
O3 NAG LA . 5.25 41.36 22.28
O4 NAG LA . 5.77 41.92 19.49
O5 NAG LA . 6.95 38.47 19.86
O6 NAG LA . 7.93 38.82 17.39
O7 NAG LA . 4.26 38.25 25.05
C1 NAG MA . 27.82 60.12 -23.94
C2 NAG MA . 27.57 60.87 -25.24
C3 NAG MA . 27.99 62.33 -25.10
C4 NAG MA . 27.30 62.96 -23.90
C5 NAG MA . 27.57 62.13 -22.65
C6 NAG MA . 26.81 62.63 -21.44
C7 NAG MA . 27.70 59.41 -27.21
C8 NAG MA . 28.57 58.85 -28.29
N2 NAG MA . 28.28 60.24 -26.34
O3 NAG MA . 27.63 63.03 -26.29
O4 NAG MA . 27.80 64.28 -23.70
O5 NAG MA . 27.14 60.78 -22.87
O6 NAG MA . 25.42 62.71 -21.71
O7 NAG MA . 26.50 59.12 -27.12
C1 NAG NA . 38.96 50.68 -16.31
C2 NAG NA . 39.95 50.16 -15.26
C3 NAG NA . 39.26 49.92 -13.93
C4 NAG NA . 38.51 51.17 -13.48
C5 NAG NA . 37.55 51.63 -14.58
C6 NAG NA . 36.87 52.93 -14.26
C7 NAG NA . 40.32 47.75 -16.01
C8 NAG NA . 38.84 47.47 -15.94
N2 NAG NA . 40.73 49.00 -15.70
O3 NAG NA . 40.24 49.57 -12.94
O4 NAG NA . 37.77 50.90 -12.30
O5 NAG NA . 38.28 51.83 -15.81
O6 NAG NA . 37.71 54.03 -14.56
O7 NAG NA . 41.11 46.90 -16.34
C1 NAG OA . 36.57 11.40 16.03
C2 NAG OA . 37.01 11.30 14.58
C3 NAG OA . 38.44 10.78 14.48
C4 NAG OA . 39.38 11.53 15.41
C5 NAG OA . 38.78 11.55 16.80
C6 NAG OA . 39.69 12.27 17.79
C7 NAG OA . 35.06 10.91 13.14
C8 NAG OA . 34.15 9.87 12.54
N2 NAG OA . 36.11 10.45 13.81
O3 NAG OA . 38.87 10.86 13.11
O4 NAG OA . 40.64 10.85 15.56
O5 NAG OA . 37.50 12.17 16.77
O6 NAG OA . 39.74 13.63 17.41
O7 NAG OA . 34.83 12.10 13.00
C1 NAG PA . 25.49 43.16 16.57
C2 NAG PA . 26.22 43.25 17.90
C3 NAG PA . 25.23 43.64 18.99
C4 NAG PA . 24.55 44.95 18.60
C5 NAG PA . 23.87 44.78 17.24
C6 NAG PA . 23.22 46.09 16.81
C7 NAG PA . 28.13 41.78 18.03
C8 NAG PA . 28.54 40.34 17.87
N2 NAG PA . 26.84 41.99 18.22
O3 NAG PA . 25.92 43.81 20.23
O4 NAG PA . 23.57 45.28 19.58
O5 NAG PA . 24.85 44.39 16.27
O6 NAG PA . 24.22 47.10 16.64
O7 NAG PA . 28.94 42.69 17.98
C1 NAG QA . -71.68 1.46 11.79
C2 NAG QA . -72.74 0.71 12.60
C3 NAG QA . -72.21 -0.67 12.99
C4 NAG QA . -71.74 -1.43 11.76
C5 NAG QA . -70.72 -0.60 10.99
C6 NAG QA . -70.29 -1.23 9.69
C7 NAG QA . -74.31 2.08 13.89
C8 NAG QA . -74.55 2.81 15.17
N2 NAG QA . -73.13 1.46 13.77
O3 NAG QA . -73.25 -1.40 13.63
O4 NAG QA . -71.14 -2.66 12.14
O5 NAG QA . -71.28 0.68 10.65
O6 NAG QA . -70.53 -2.64 9.69
O7 NAG QA . -75.14 2.06 12.98
C1 NAG RA . -49.05 11.17 -8.80
C2 NAG RA . -48.21 11.20 -10.08
C3 NAG RA . -49.07 11.68 -11.25
C4 NAG RA . -50.31 10.83 -11.37
C5 NAG RA . -51.07 10.77 -10.04
C6 NAG RA . -52.23 9.81 -10.06
C7 NAG RA . -45.80 11.62 -10.15
C8 NAG RA . -44.71 12.62 -9.92
N2 NAG RA . -47.04 12.06 -9.91
O3 NAG RA . -48.30 11.62 -12.44
O4 NAG RA . -51.18 11.36 -12.37
O5 NAG RA . -50.18 10.32 -8.99
O6 NAG RA . -51.86 8.54 -9.55
O7 NAG RA . -45.57 10.48 -10.53
C1 NAG SA . -26.88 28.59 17.08
C2 NAG SA . -26.47 29.51 15.94
C3 NAG SA . -26.29 30.93 16.46
C4 NAG SA . -27.55 31.40 17.18
C5 NAG SA . -27.91 30.41 18.27
C6 NAG SA . -29.22 30.75 18.95
C7 NAG SA . -25.05 29.04 13.99
C8 NAG SA . -26.20 29.53 13.15
N2 NAG SA . -25.24 29.04 15.31
O3 NAG SA . -25.99 31.81 15.37
O4 NAG SA . -27.34 32.69 17.75
O5 NAG SA . -28.06 29.10 17.72
O6 NAG SA . -29.31 30.10 20.22
O7 NAG SA . -24.01 28.63 13.47
C1 NAG TA . -41.38 -41.89 17.73
C2 NAG TA . -42.70 -41.90 18.49
C3 NAG TA . -43.80 -42.51 17.64
C4 NAG TA . -43.89 -41.78 16.31
C5 NAG TA . -42.53 -41.76 15.62
C6 NAG TA . -42.53 -40.92 14.37
C7 NAG TA . -42.57 -41.99 20.94
C8 NAG TA . -42.44 -42.86 22.15
N2 NAG TA . -42.57 -42.61 19.76
O3 NAG TA . -45.04 -42.42 18.33
O4 NAG TA . -44.84 -42.42 15.46
O5 NAG TA . -41.54 -41.19 16.50
O6 NAG TA . -43.46 -39.84 14.46
O7 NAG TA . -42.67 -40.76 21.03
C1 NAG UA . -27.42 1.82 -34.02
C2 NAG UA . -28.63 1.43 -34.88
C3 NAG UA . -28.17 0.98 -36.25
C4 NAG UA . -27.28 2.05 -36.90
C5 NAG UA . -26.15 2.43 -35.95
C6 NAG UA . -25.32 3.59 -36.46
C7 NAG UA . -30.73 0.46 -34.06
C8 NAG UA . -31.39 1.70 -34.56
N2 NAG UA . -29.41 0.38 -34.24
O3 NAG UA . -29.29 0.73 -37.08
O4 NAG UA . -26.74 1.57 -38.11
O5 NAG UA . -26.68 2.84 -34.68
O6 NAG UA . -24.45 4.09 -35.47
O7 NAG UA . -31.37 -0.44 -33.52
C1 NAG VA . 9.93 27.90 -63.91
C2 NAG VA . 11.12 27.78 -64.87
C3 NAG VA . 10.68 28.11 -66.29
C4 NAG VA . 9.49 27.26 -66.70
C5 NAG VA . 8.37 27.40 -65.67
C6 NAG VA . 7.20 26.49 -65.94
C7 NAG VA . 13.27 28.20 -63.76
C8 NAG VA . 14.30 29.23 -63.42
N2 NAG VA . 12.21 28.65 -64.45
O3 NAG VA . 11.77 27.88 -67.18
O4 NAG VA . 9.01 27.66 -67.97
O5 NAG VA . 8.86 27.06 -64.37
O6 NAG VA . 7.62 25.13 -66.04
O7 NAG VA . 13.38 27.02 -63.44
C1 NAG WA . 2.63 38.43 -53.57
C2 NAG WA . 1.57 39.31 -52.91
C3 NAG WA . 0.38 38.47 -52.42
C4 NAG WA . -0.16 37.62 -53.56
C5 NAG WA . 0.96 36.79 -54.18
C6 NAG WA . 0.51 36.01 -55.39
C7 NAG WA . 2.64 39.87 -50.67
C8 NAG WA . 2.80 38.40 -50.34
N2 NAG WA . 2.07 40.19 -51.86
O3 NAG WA . -0.65 39.34 -51.93
O4 NAG WA . -1.18 36.75 -53.08
O5 NAG WA . 2.02 37.64 -54.60
O6 NAG WA . 0.52 36.83 -56.55
O7 NAG WA . 3.02 40.74 -49.89
C1 NAG XA . -22.21 33.85 -9.33
C2 NAG XA . -20.82 34.47 -9.49
C3 NAG XA . -20.81 35.93 -9.02
C4 NAG XA . -21.97 36.71 -9.62
C5 NAG XA . -23.25 35.95 -9.39
C6 NAG XA . -24.45 36.70 -9.95
C7 NAG XA . -19.09 32.73 -9.30
C8 NAG XA . -18.22 31.94 -8.36
N2 NAG XA . -19.82 33.72 -8.75
O3 NAG XA . -19.54 36.52 -9.35
O4 NAG XA . -22.16 37.97 -8.95
O5 NAG XA . -23.17 34.66 -9.98
O6 NAG XA . -24.32 36.73 -11.36
O7 NAG XA . -19.13 32.47 -10.49
C1 NAG YA . -26.58 21.42 -40.28
C2 NAG YA . -27.99 21.97 -40.16
C3 NAG YA . -28.98 20.85 -40.33
C4 NAG YA . -28.75 20.17 -41.67
C5 NAG YA . -27.31 19.67 -41.73
C6 NAG YA . -27.01 19.01 -43.06
C7 NAG YA . -28.11 23.93 -38.72
C8 NAG YA . -27.77 24.41 -37.34
N2 NAG YA . -28.17 22.61 -38.87
O3 NAG YA . -30.32 21.38 -40.30
O4 NAG YA . -29.64 19.06 -41.81
O5 NAG YA . -26.41 20.76 -41.53
O6 NAG YA . -27.14 19.97 -44.11
O7 NAG YA . -28.32 24.69 -39.65
C1 NAG ZA . -2.68 -72.59 2.16
C2 NAG ZA . -3.21 -73.71 3.06
C3 NAG ZA . -3.43 -73.18 4.47
C4 NAG ZA . -2.17 -72.52 5.00
C5 NAG ZA . -1.68 -71.46 4.03
C6 NAG ZA . -0.35 -70.85 4.43
C7 NAG ZA . -4.50 -75.48 1.96
C8 NAG ZA . -5.85 -75.91 1.47
N2 NAG ZA . -4.44 -74.27 2.53
O3 NAG ZA . -3.81 -74.25 5.33
O4 NAG ZA . -2.42 -71.92 6.27
O5 NAG ZA . -1.48 -72.03 2.73
O6 NAG ZA . -0.10 -71.01 5.82
O7 NAG ZA . -3.50 -76.19 1.85
C1 NAG AB . 12.98 -48.07 -11.40
C2 NAG AB . 14.12 -47.09 -11.67
C3 NAG AB . 15.29 -47.81 -12.32
C4 NAG AB . 15.71 -49.01 -11.47
C5 NAG AB . 14.51 -49.90 -11.17
C6 NAG AB . 14.84 -51.01 -10.21
C7 NAG AB . 13.81 -44.71 -12.15
C8 NAG AB . 13.29 -43.69 -13.12
N2 NAG AB . 13.67 -45.99 -12.51
O3 NAG AB . 16.38 -46.91 -12.47
O4 NAG AB . 16.70 -49.76 -12.16
O5 NAG AB . 13.46 -49.14 -10.58
O6 NAG AB . 14.51 -50.66 -8.88
O7 NAG AB . 14.34 -44.38 -11.09
C1 NAG BB . -18.03 -29.98 -24.66
C2 NAG BB . -17.11 -29.46 -25.78
C3 NAG BB . -17.87 -29.41 -27.10
C4 NAG BB . -18.49 -30.78 -27.40
C5 NAG BB . -19.37 -31.22 -26.24
C6 NAG BB . -19.92 -32.61 -26.42
C7 NAG BB . -15.30 -27.82 -25.67
C8 NAG BB . -14.43 -28.87 -26.27
N2 NAG BB . -16.58 -28.15 -25.45
O3 NAG BB . -16.99 -29.03 -28.15
O4 NAG BB . -19.29 -30.70 -28.58
O5 NAG BB . -18.58 -31.25 -25.03
O6 NAG BB . -21.04 -32.84 -25.56
O7 NAG BB . -14.87 -26.70 -25.38
C1 NAG CB . -5.14 -41.39 45.21
C2 NAG CB . -5.73 -42.79 45.38
C3 NAG CB . -4.65 -43.75 45.85
C4 NAG CB . -3.46 -43.72 44.91
C5 NAG CB . -2.96 -42.28 44.74
C6 NAG CB . -1.87 -42.17 43.70
C7 NAG CB . -8.12 -42.96 45.87
C8 NAG CB . -9.17 -42.93 46.94
N2 NAG CB . -6.86 -42.79 46.28
O3 NAG CB . -5.18 -45.07 45.91
O4 NAG CB . -2.41 -44.52 45.43
O5 NAG CB . -4.04 -41.43 44.31
O6 NAG CB . -2.02 -43.14 42.68
O7 NAG CB . -8.40 -43.13 44.69
C1 NAG DB . 36.46 -23.17 -6.94
C2 NAG DB . 37.51 -24.24 -6.68
C3 NAG DB . 38.88 -23.59 -6.49
C4 NAG DB . 39.20 -22.69 -7.67
C5 NAG DB . 38.08 -21.70 -7.91
C6 NAG DB . 38.28 -20.86 -9.15
C7 NAG DB . 37.14 -26.39 -5.54
C8 NAG DB . 37.51 -27.03 -6.84
N2 NAG DB . 37.15 -25.05 -5.52
O3 NAG DB . 39.87 -24.61 -6.35
O4 NAG DB . 40.41 -21.98 -7.41
O5 NAG DB . 36.84 -22.39 -8.08
O6 NAG DB . 37.12 -20.14 -9.50
O7 NAG DB . 36.84 -27.04 -4.55
C1 NAG EB . 56.64 16.37 -38.55
C2 NAG EB . 57.44 17.67 -38.62
C3 NAG EB . 58.84 17.40 -39.17
C4 NAG EB . 59.52 16.30 -38.37
C5 NAG EB . 58.64 15.05 -38.32
C6 NAG EB . 59.20 13.97 -37.44
C7 NAG EB . 56.02 19.65 -38.89
C8 NAG EB . 55.38 20.59 -39.87
N2 NAG EB . 56.76 18.67 -39.42
O3 NAG EB . 59.60 18.59 -39.12
O4 NAG EB . 60.77 15.96 -38.98
O5 NAG EB . 57.36 15.40 -37.78
O6 NAG EB . 59.47 14.46 -36.13
O7 NAG EB . 55.89 19.78 -37.68
C1 NAG FB . 45.71 7.42 -47.00
C2 NAG FB . 45.04 6.25 -47.73
C3 NAG FB . 44.86 5.05 -46.81
C4 NAG FB . 46.18 4.69 -46.15
C5 NAG FB . 46.78 5.91 -45.45
C6 NAG FB . 48.15 5.65 -44.88
C7 NAG FB . 42.63 7.02 -47.93
C8 NAG FB . 42.53 7.20 -46.44
N2 NAG FB . 43.81 6.59 -48.43
O3 NAG FB . 44.38 3.94 -47.55
O4 NAG FB . 45.98 3.66 -45.18
O5 NAG FB . 46.92 6.98 -46.39
O6 NAG FB . 49.15 5.76 -45.89
O7 NAG FB . 41.67 7.26 -48.66
C1 NAG GB . 6.34 -22.37 -34.44
C2 NAG GB . 6.22 -20.99 -35.11
C3 NAG GB . 5.51 -21.11 -36.45
C4 NAG GB . 6.13 -22.22 -37.31
C5 NAG GB . 6.19 -23.49 -36.49
C6 NAG GB . 6.76 -24.65 -37.29
C7 NAG GB . 6.10 -19.24 -33.39
C8 NAG GB . 5.20 -18.46 -32.47
N2 NAG GB . 5.50 -20.06 -34.25
O3 NAG GB . 5.57 -19.84 -37.12
O4 NAG GB . 5.29 -22.55 -38.43
O5 NAG GB . 6.97 -23.27 -35.32
O6 NAG GB . 8.12 -24.34 -37.58
O7 NAG GB . 7.31 -19.12 -33.34
C1 NAG HB . 39.22 -22.42 -27.34
C2 NAG HB . 39.20 -23.85 -27.84
C3 NAG HB . 39.68 -24.78 -26.74
C4 NAG HB . 41.06 -24.34 -26.30
C5 NAG HB . 41.02 -22.88 -25.84
C6 NAG HB . 42.40 -22.41 -25.43
C7 NAG HB . 37.48 -24.24 -29.52
C8 NAG HB . 36.01 -24.09 -29.77
N2 NAG HB . 37.86 -24.23 -28.24
O3 NAG HB . 39.72 -26.12 -27.24
O4 NAG HB . 41.50 -25.16 -25.21
O5 NAG HB . 40.54 -22.07 -26.91
O6 NAG HB . 43.29 -22.45 -26.56
O7 NAG HB . 38.28 -24.36 -30.42
#